data_6P5T
#
_entry.id   6P5T
#
_cell.length_a   210.729
_cell.length_b   80.564
_cell.length_c   221.833
_cell.angle_alpha   90.000
_cell.angle_beta   117.440
_cell.angle_gamma   90.000
#
_symmetry.space_group_name_H-M   'P 1 21 1'
#
loop_
_entity.id
_entity.type
_entity.pdbx_description
1 polymer 'S-layer protein'
2 non-polymer 'IODIDE ION'
3 non-polymer 'STRONTIUM ION'
4 water water
#
_entity_poly.entity_id   1
_entity_poly.type   'polypeptide(L)'
_entity_poly.pdbx_seq_one_letter_code
;MTMITNSRGSLSDGALSTDNAAGVNLFTAYPSSGVSGSTLSLTTGTDTLTGTANNDTFVAGEVAGAATLTVGDTLSGGAG
TDVLNWVQAAAVTALPTGVTISGIETMNVTSGAAITLNTSSGVTGLTALNTNTSGAAQTVTAGAGQNLTATTAAQAANNV
AVDGGANVTVASTGVTSGTTTVGANSAASGTVSVSVANSSTTTTGAIAVTGGTAVTVAQTAGNAVNTTLTQADVTVTGNS
STTAVTVTQTAAATAGATVAGRVNGAVTITDSAAASATTAGKIATVTLGSFGAATIDSSALTTVNLSGTGTSLGIGRGAL
TATPTANTLTLNVNGLTTTGAITDSEAAADDGFTTINIAGSTASSTIASLVAADATTLNISGDARVTITSHTAAALTGIT
VTNSVGATLGAELATGLVFTGGAGADSILLGATTKAIVMGAGDDTVTVSSATLGAGGSVNGGDGTDVLVANVNGSSFSAD
PAFGGFETLRVAGAAAQGSHNANGFTALQLGATAGATTFTNVAVNVGLTVLAAPTGTTTVTLANATGTSDVFNLTLSSSA
ALAAGTVALAGVETVNIAATDTNTTAHVDTLTLQATSAKSIVVTGNAGLNLTNTGNTAVTSFDASAVTGTGSAVTFVSAN
TTVGEVVTIRGGAGADSLTGSATANDTIIGGAGADTLVYTGGTDTFTGGTGADIFDINAIGTSTAFVTITDAAVGDKLDL
VGISTNGAIADGAFGAAVTLGAAATLAQYLDAAAAGDGSGTSVAKWFQFGGDTYVVVDSSAGATFVSGADAVIKLTGLVT
LTTSAFATEVLTLA
;
_entity_poly.pdbx_strand_id   A,B,C,D,E,F
#
# COMPACT_ATOMS: atom_id res chain seq x y z
N SER A 33 -25.85 2.99 -15.09
CA SER A 33 -26.28 3.48 -16.39
C SER A 33 -27.80 3.53 -16.48
N GLY A 34 -28.37 4.72 -16.28
CA GLY A 34 -29.80 4.88 -16.33
C GLY A 34 -30.28 6.30 -16.49
N VAL A 35 -29.68 7.23 -15.76
CA VAL A 35 -30.14 8.62 -15.70
C VAL A 35 -29.23 9.49 -16.56
N SER A 36 -29.82 10.18 -17.53
CA SER A 36 -29.06 11.00 -18.45
C SER A 36 -28.46 12.21 -17.74
N GLY A 37 -27.19 12.50 -18.04
CA GLY A 37 -26.51 13.66 -17.49
C GLY A 37 -26.21 14.71 -18.53
N SER A 38 -25.07 15.37 -18.40
CA SER A 38 -24.72 16.50 -19.25
C SER A 38 -23.61 16.13 -20.22
N THR A 39 -23.43 16.99 -21.22
CA THR A 39 -22.33 16.87 -22.17
C THR A 39 -21.31 17.97 -21.90
N LEU A 40 -20.05 17.58 -21.78
CA LEU A 40 -18.97 18.45 -21.31
C LEU A 40 -17.94 18.54 -22.42
N SER A 41 -17.91 19.65 -23.13
CA SER A 41 -17.01 19.81 -24.27
C SER A 41 -15.64 20.30 -23.82
N LEU A 42 -14.59 19.55 -24.15
CA LEU A 42 -13.25 20.03 -23.92
C LEU A 42 -12.89 21.10 -24.95
N THR A 43 -11.90 21.92 -24.61
CA THR A 43 -11.44 22.96 -25.51
C THR A 43 -9.96 22.72 -25.82
N THR A 44 -9.43 23.53 -26.75
CA THR A 44 -8.01 23.48 -27.04
C THR A 44 -7.18 24.12 -25.93
N GLY A 45 -7.82 24.70 -24.92
CA GLY A 45 -7.12 25.19 -23.75
C GLY A 45 -7.04 24.13 -22.67
N THR A 46 -6.50 24.55 -21.52
CA THR A 46 -6.42 23.66 -20.36
C THR A 46 -7.75 23.67 -19.65
N ASP A 47 -8.46 22.53 -19.66
CA ASP A 47 -9.80 22.42 -19.11
C ASP A 47 -9.78 21.81 -17.71
N THR A 48 -10.73 22.24 -16.89
CA THR A 48 -10.99 21.66 -15.58
C THR A 48 -12.50 21.41 -15.54
N LEU A 49 -12.91 20.17 -15.84
CA LEU A 49 -14.30 19.83 -16.03
C LEU A 49 -14.74 18.79 -15.01
N THR A 50 -15.84 19.07 -14.31
CA THR A 50 -16.42 18.14 -13.36
C THR A 50 -17.82 17.78 -13.82
N GLY A 51 -18.10 16.48 -13.89
CA GLY A 51 -19.39 16.00 -14.35
C GLY A 51 -20.47 16.15 -13.29
N THR A 52 -21.65 15.64 -13.62
CA THR A 52 -22.80 15.66 -12.72
C THR A 52 -22.87 14.32 -11.98
N ALA A 53 -23.89 14.18 -11.13
CA ALA A 53 -24.11 12.90 -10.47
C ALA A 53 -24.73 11.86 -11.39
N ASN A 54 -25.00 12.23 -12.64
CA ASN A 54 -25.62 11.36 -13.62
C ASN A 54 -24.60 10.96 -14.69
N ASN A 55 -25.10 10.38 -15.76
CA ASN A 55 -24.26 9.83 -16.81
C ASN A 55 -23.83 10.95 -17.75
N ASP A 56 -22.57 11.35 -17.67
CA ASP A 56 -22.06 12.46 -18.45
C ASP A 56 -21.19 11.94 -19.59
N THR A 57 -21.08 12.76 -20.62
CA THR A 57 -20.24 12.46 -21.78
C THR A 57 -19.25 13.61 -21.95
N PHE A 58 -17.96 13.29 -21.83
CA PHE A 58 -16.91 14.26 -22.07
C PHE A 58 -16.49 14.14 -23.51
N VAL A 59 -16.63 15.23 -24.26
CA VAL A 59 -16.41 15.22 -25.71
C VAL A 59 -15.07 15.87 -25.98
N ALA A 60 -14.09 15.05 -26.35
CA ALA A 60 -12.75 15.52 -26.66
C ALA A 60 -12.37 15.22 -28.10
N GLY A 61 -13.14 15.74 -29.04
CA GLY A 61 -12.83 15.58 -30.45
C GLY A 61 -11.97 16.71 -30.93
N GLU A 62 -12.04 16.97 -32.22
CA GLU A 62 -11.23 18.07 -32.73
C GLU A 62 -12.11 19.28 -32.95
N VAL A 63 -11.49 20.44 -32.76
CA VAL A 63 -12.11 21.73 -33.03
C VAL A 63 -11.26 22.37 -34.11
N ALA A 64 -11.80 22.43 -35.34
CA ALA A 64 -11.12 23.02 -36.50
C ALA A 64 -9.73 22.43 -36.69
N GLY A 65 -9.62 21.12 -36.53
CA GLY A 65 -8.36 20.43 -36.76
C GLY A 65 -7.41 20.39 -35.58
N ALA A 66 -7.79 20.96 -34.43
CA ALA A 66 -6.94 20.98 -33.25
C ALA A 66 -7.52 20.07 -32.17
N ALA A 67 -6.65 19.26 -31.54
CA ALA A 67 -7.07 18.35 -30.49
C ALA A 67 -7.54 19.12 -29.26
N THR A 68 -8.50 18.54 -28.53
CA THR A 68 -8.99 19.17 -27.30
C THR A 68 -8.63 18.44 -26.01
N LEU A 69 -8.16 17.19 -26.08
CA LEU A 69 -7.54 16.56 -24.92
C LEU A 69 -6.08 16.98 -24.95
N THR A 70 -5.73 17.91 -24.05
CA THR A 70 -4.51 18.69 -24.19
C THR A 70 -3.86 18.86 -22.84
N VAL A 71 -2.66 19.47 -22.86
CA VAL A 71 -1.81 19.61 -21.69
C VAL A 71 -2.59 20.23 -20.55
N GLY A 72 -2.51 19.61 -19.37
CA GLY A 72 -3.07 20.15 -18.16
C GLY A 72 -4.53 19.84 -17.91
N ASP A 73 -5.24 19.20 -18.85
CA ASP A 73 -6.66 18.94 -18.66
C ASP A 73 -6.89 18.13 -17.38
N THR A 74 -7.94 18.50 -16.63
CA THR A 74 -8.34 17.80 -15.42
C THR A 74 -9.82 17.46 -15.56
N LEU A 75 -10.12 16.16 -15.64
CA LEU A 75 -11.49 15.70 -15.84
C LEU A 75 -11.92 14.83 -14.66
N SER A 76 -13.10 15.11 -14.12
CA SER A 76 -13.66 14.37 -12.98
C SER A 76 -15.11 14.01 -13.30
N GLY A 77 -15.40 12.71 -13.43
CA GLY A 77 -16.72 12.30 -13.86
C GLY A 77 -17.80 12.52 -12.83
N GLY A 78 -17.45 12.45 -11.55
CA GLY A 78 -18.49 12.47 -10.55
C GLY A 78 -19.21 11.13 -10.53
N ALA A 79 -20.31 11.11 -9.78
CA ALA A 79 -21.14 9.92 -9.66
C ALA A 79 -21.81 9.61 -10.99
N GLY A 80 -22.27 8.36 -11.12
CA GLY A 80 -22.89 7.92 -12.35
C GLY A 80 -21.89 7.30 -13.31
N THR A 81 -22.44 6.79 -14.41
CA THR A 81 -21.67 6.10 -15.43
C THR A 81 -21.24 7.12 -16.49
N ASP A 82 -19.94 7.37 -16.58
CA ASP A 82 -19.42 8.49 -17.35
C ASP A 82 -18.55 7.97 -18.50
N VAL A 83 -18.48 8.76 -19.58
CA VAL A 83 -17.77 8.37 -20.80
C VAL A 83 -16.92 9.54 -21.28
N LEU A 84 -15.72 9.23 -21.78
CA LEU A 84 -14.86 10.21 -22.43
C LEU A 84 -14.62 9.74 -23.86
N ASN A 85 -14.98 10.59 -24.84
CA ASN A 85 -14.78 10.28 -26.25
C ASN A 85 -13.65 11.14 -26.81
N TRP A 86 -12.53 10.50 -27.06
CA TRP A 86 -11.31 11.16 -27.53
C TRP A 86 -11.12 10.81 -28.99
N VAL A 87 -11.14 11.83 -29.85
CA VAL A 87 -11.05 11.66 -31.30
C VAL A 87 -10.00 12.63 -31.81
N GLN A 88 -9.09 12.12 -32.65
CA GLN A 88 -8.00 12.94 -33.14
C GLN A 88 -7.57 12.41 -34.49
N ALA A 89 -7.34 13.34 -35.44
CA ALA A 89 -6.94 12.92 -36.78
C ALA A 89 -5.49 12.45 -36.81
N ALA A 90 -4.61 13.22 -36.16
CA ALA A 90 -3.21 12.84 -36.07
C ALA A 90 -3.05 11.62 -35.17
N ALA A 91 -1.94 10.91 -35.34
CA ALA A 91 -1.67 9.78 -34.46
C ALA A 91 -1.69 10.20 -33.00
N VAL A 92 -2.22 9.31 -32.16
CA VAL A 92 -2.15 9.46 -30.72
C VAL A 92 -0.83 8.87 -30.26
N THR A 93 -0.02 9.68 -29.58
CA THR A 93 1.30 9.29 -29.12
C THR A 93 1.45 9.19 -27.60
N ALA A 94 0.58 9.81 -26.83
CA ALA A 94 0.64 9.71 -25.37
C ALA A 94 -0.54 10.47 -24.78
N LEU A 95 -0.77 10.24 -23.50
CA LEU A 95 -1.54 11.18 -22.70
C LEU A 95 -0.77 12.48 -22.62
N PRO A 96 -1.39 13.64 -22.87
CA PRO A 96 -0.64 14.90 -22.80
C PRO A 96 -0.10 15.16 -21.40
N THR A 97 0.95 15.98 -21.34
CA THR A 97 1.55 16.38 -20.07
C THR A 97 0.51 16.94 -19.11
N GLY A 98 0.53 16.46 -17.87
CA GLY A 98 -0.29 17.03 -16.82
C GLY A 98 -1.76 16.67 -16.85
N VAL A 99 -2.17 15.71 -17.69
CA VAL A 99 -3.56 15.30 -17.75
C VAL A 99 -3.86 14.34 -16.61
N THR A 100 -4.96 14.57 -15.91
CA THR A 100 -5.47 13.63 -14.92
C THR A 100 -6.95 13.40 -15.19
N ILE A 101 -7.35 12.14 -15.24
CA ILE A 101 -8.72 11.73 -15.53
C ILE A 101 -9.18 10.81 -14.40
N SER A 102 -10.30 11.14 -13.76
CA SER A 102 -10.82 10.32 -12.68
C SER A 102 -12.34 10.29 -12.72
N GLY A 103 -12.91 9.19 -12.23
CA GLY A 103 -14.36 9.09 -12.15
C GLY A 103 -15.06 8.85 -13.46
N ILE A 104 -14.32 8.57 -14.52
CA ILE A 104 -14.89 8.34 -15.85
C ILE A 104 -14.74 6.86 -16.16
N GLU A 105 -15.88 6.20 -16.35
CA GLU A 105 -15.87 4.74 -16.39
C GLU A 105 -15.42 4.20 -17.74
N THR A 106 -15.70 4.90 -18.84
CA THR A 106 -15.30 4.43 -20.18
C THR A 106 -14.53 5.51 -20.92
N MET A 107 -13.46 5.10 -21.59
CA MET A 107 -12.65 5.99 -22.40
C MET A 107 -12.53 5.40 -23.80
N ASN A 108 -13.08 6.10 -24.79
CA ASN A 108 -12.96 5.72 -26.19
C ASN A 108 -11.93 6.62 -26.86
N VAL A 109 -10.98 5.99 -27.53
CA VAL A 109 -9.89 6.69 -28.22
C VAL A 109 -9.91 6.27 -29.67
N THR A 110 -10.11 7.22 -30.57
CA THR A 110 -10.16 6.96 -32.00
C THR A 110 -9.23 7.91 -32.72
N SER A 111 -8.37 7.37 -33.58
CA SER A 111 -7.43 8.18 -34.35
C SER A 111 -7.54 7.88 -35.84
N GLY A 112 -7.18 8.89 -36.64
CA GLY A 112 -7.03 8.72 -38.06
C GLY A 112 -5.72 8.09 -38.46
N ALA A 113 -4.81 7.93 -37.49
CA ALA A 113 -3.55 7.23 -37.70
C ALA A 113 -3.33 6.25 -36.56
N ALA A 114 -2.09 6.06 -36.12
CA ALA A 114 -1.79 5.07 -35.10
C ALA A 114 -2.16 5.59 -33.71
N ILE A 115 -2.28 4.66 -32.76
CA ILE A 115 -2.50 4.97 -31.36
C ILE A 115 -1.39 4.35 -30.55
N THR A 116 -0.64 5.19 -29.83
CA THR A 116 0.31 4.76 -28.81
C THR A 116 -0.12 5.43 -27.52
N LEU A 117 -0.43 4.63 -26.50
CA LEU A 117 -1.09 5.17 -25.34
C LEU A 117 -0.85 4.29 -24.11
N ASN A 118 -0.53 4.93 -22.99
CA ASN A 118 -0.34 4.24 -21.72
C ASN A 118 -1.26 4.89 -20.72
N THR A 119 -2.27 4.17 -20.24
CA THR A 119 -3.20 4.70 -19.24
C THR A 119 -2.97 4.12 -17.86
N SER A 120 -1.81 3.52 -17.62
CA SER A 120 -1.55 2.95 -16.32
C SER A 120 -1.15 4.00 -15.28
N SER A 121 -1.09 5.27 -15.65
CA SER A 121 -0.89 6.33 -14.67
C SER A 121 -1.63 7.59 -15.10
N GLY A 122 -2.09 8.34 -14.11
CA GLY A 122 -2.91 9.53 -14.29
C GLY A 122 -4.39 9.31 -14.53
N VAL A 123 -4.86 8.06 -14.51
CA VAL A 123 -6.24 7.71 -14.86
C VAL A 123 -6.80 6.80 -13.78
N THR A 124 -7.57 7.37 -12.87
CA THR A 124 -8.16 6.58 -11.80
C THR A 124 -9.64 6.30 -12.05
N GLY A 125 -10.05 5.07 -11.79
CA GLY A 125 -11.45 4.71 -11.87
C GLY A 125 -11.94 4.29 -13.24
N LEU A 126 -11.06 4.18 -14.23
CA LEU A 126 -11.45 3.75 -15.55
C LEU A 126 -11.63 2.23 -15.57
N THR A 127 -12.76 1.76 -16.09
CA THR A 127 -13.00 0.32 -16.18
C THR A 127 -13.04 -0.20 -17.61
N ALA A 128 -13.14 0.66 -18.62
CA ALA A 128 -13.13 0.23 -20.01
C ALA A 128 -12.33 1.21 -20.84
N LEU A 129 -11.30 0.69 -21.52
CA LEU A 129 -10.49 1.48 -22.44
C LEU A 129 -10.66 0.88 -23.83
N ASN A 130 -11.16 1.69 -24.76
CA ASN A 130 -11.42 1.26 -26.13
C ASN A 130 -10.58 2.09 -27.08
N THR A 131 -9.68 1.45 -27.82
CA THR A 131 -8.79 2.14 -28.74
C THR A 131 -9.07 1.64 -30.15
N ASN A 132 -9.21 2.57 -31.10
CA ASN A 132 -9.75 2.27 -32.43
C ASN A 132 -8.89 2.89 -33.52
N THR A 133 -8.41 2.06 -34.43
CA THR A 133 -7.70 2.54 -35.61
C THR A 133 -8.18 1.79 -36.85
N SER A 134 -7.81 2.33 -38.00
CA SER A 134 -8.03 1.67 -39.28
C SER A 134 -6.79 1.90 -40.13
N GLY A 135 -6.18 0.83 -40.58
CA GLY A 135 -4.96 0.92 -41.36
C GLY A 135 -3.79 1.52 -40.60
N ALA A 136 -3.73 1.32 -39.29
CA ALA A 136 -2.63 1.88 -38.52
C ALA A 136 -2.43 1.07 -37.25
N ALA A 137 -1.19 1.12 -36.75
CA ALA A 137 -0.77 0.29 -35.64
C ALA A 137 -1.45 0.73 -34.35
N GLN A 138 -1.43 -0.18 -33.38
CA GLN A 138 -1.83 0.12 -32.01
C GLN A 138 -0.77 -0.40 -31.06
N THR A 139 -0.34 0.45 -30.13
CA THR A 139 0.59 0.07 -29.08
C THR A 139 0.02 0.64 -27.78
N VAL A 140 -0.69 -0.18 -27.02
CA VAL A 140 -1.48 0.31 -25.89
C VAL A 140 -1.09 -0.46 -24.63
N THR A 141 -0.87 0.27 -23.55
CA THR A 141 -0.71 -0.30 -22.21
C THR A 141 -1.83 0.24 -21.34
N ALA A 142 -2.67 -0.64 -20.82
CA ALA A 142 -3.76 -0.25 -19.95
C ALA A 142 -3.40 -0.54 -18.50
N GLY A 143 -4.03 0.19 -17.59
CA GLY A 143 -3.89 -0.11 -16.17
C GLY A 143 -4.49 -1.46 -15.83
N ALA A 144 -3.98 -2.04 -14.74
CA ALA A 144 -4.34 -3.41 -14.39
C ALA A 144 -5.81 -3.59 -14.05
N GLY A 145 -6.54 -2.49 -13.80
CA GLY A 145 -7.97 -2.57 -13.56
C GLY A 145 -8.83 -2.12 -14.72
N GLN A 146 -8.28 -1.94 -15.91
CA GLN A 146 -9.01 -1.40 -17.05
C GLN A 146 -9.21 -2.50 -18.09
N ASN A 147 -10.46 -2.78 -18.41
CA ASN A 147 -10.74 -3.69 -19.53
C ASN A 147 -10.37 -3.00 -20.84
N LEU A 148 -9.48 -3.62 -21.61
CA LEU A 148 -8.96 -3.03 -22.83
C LEU A 148 -9.59 -3.71 -24.05
N THR A 149 -10.10 -2.90 -24.98
CA THR A 149 -10.58 -3.42 -26.27
C THR A 149 -9.92 -2.62 -27.37
N ALA A 150 -8.97 -3.25 -28.06
CA ALA A 150 -8.25 -2.65 -29.17
C ALA A 150 -8.87 -3.18 -30.45
N THR A 151 -9.54 -2.30 -31.20
CA THR A 151 -10.22 -2.66 -32.44
C THR A 151 -9.48 -2.01 -33.60
N THR A 152 -9.01 -2.84 -34.53
CA THR A 152 -8.26 -2.36 -35.69
C THR A 152 -8.92 -2.90 -36.94
N ALA A 153 -9.34 -2.00 -37.82
CA ALA A 153 -9.80 -2.36 -39.15
C ALA A 153 -8.66 -2.21 -40.13
N ALA A 154 -8.71 -2.98 -41.22
CA ALA A 154 -7.73 -2.91 -42.30
C ALA A 154 -6.30 -2.88 -41.76
N GLN A 155 -6.04 -3.77 -40.79
CA GLN A 155 -4.76 -3.75 -40.08
C GLN A 155 -3.59 -3.94 -41.03
N ALA A 156 -3.75 -4.82 -42.01
CA ALA A 156 -2.74 -5.09 -43.02
C ALA A 156 -1.40 -5.43 -42.39
N ALA A 157 -0.35 -4.67 -42.75
CA ALA A 157 1.00 -4.93 -42.30
C ALA A 157 1.34 -4.20 -41.01
N ASN A 158 0.42 -3.43 -40.46
CA ASN A 158 0.64 -2.77 -39.19
C ASN A 158 0.57 -3.79 -38.06
N ASN A 159 1.35 -3.54 -37.01
CA ASN A 159 1.41 -4.43 -35.85
C ASN A 159 0.50 -3.90 -34.74
N VAL A 160 -0.13 -4.82 -34.02
CA VAL A 160 -0.93 -4.48 -32.85
C VAL A 160 -0.26 -5.11 -31.65
N ALA A 161 0.06 -4.29 -30.65
CA ALA A 161 0.68 -4.75 -29.42
C ALA A 161 -0.05 -4.11 -28.24
N VAL A 162 -0.57 -4.93 -27.34
CA VAL A 162 -1.28 -4.47 -26.16
C VAL A 162 -0.66 -5.10 -24.92
N ASP A 163 -0.69 -4.35 -23.82
CA ASP A 163 -0.12 -4.79 -22.55
C ASP A 163 -0.98 -4.31 -21.40
N GLY A 164 -0.83 -4.96 -20.25
CA GLY A 164 -1.58 -4.59 -19.06
C GLY A 164 -3.05 -4.95 -19.17
N GLY A 165 -3.88 -4.18 -18.48
CA GLY A 165 -5.32 -4.36 -18.55
C GLY A 165 -5.83 -5.43 -17.59
N ALA A 166 -7.16 -5.41 -17.43
CA ALA A 166 -7.88 -6.48 -16.74
C ALA A 166 -8.24 -7.54 -17.78
N ASN A 167 -9.48 -7.55 -18.28
CA ASN A 167 -9.79 -8.34 -19.47
C ASN A 167 -9.28 -7.62 -20.71
N VAL A 168 -8.61 -8.33 -21.60
CA VAL A 168 -8.05 -7.74 -22.81
C VAL A 168 -8.75 -8.37 -24.01
N THR A 169 -9.20 -7.53 -24.94
CA THR A 169 -9.86 -7.96 -26.16
C THR A 169 -9.19 -7.28 -27.35
N VAL A 170 -8.79 -8.10 -28.32
CA VAL A 170 -8.20 -7.62 -29.57
C VAL A 170 -9.15 -8.03 -30.68
N ALA A 171 -9.63 -7.04 -31.44
CA ALA A 171 -10.61 -7.25 -32.51
C ALA A 171 -10.01 -6.68 -33.80
N SER A 172 -9.43 -7.54 -34.62
CA SER A 172 -8.65 -7.10 -35.76
C SER A 172 -9.21 -7.72 -37.05
N THR A 173 -9.46 -6.87 -38.05
CA THR A 173 -9.93 -7.31 -39.35
C THR A 173 -9.02 -6.75 -40.43
N GLY A 174 -9.09 -7.36 -41.61
CA GLY A 174 -8.25 -6.94 -42.72
C GLY A 174 -6.77 -7.11 -42.45
N VAL A 175 -6.41 -8.05 -41.57
CA VAL A 175 -5.02 -8.27 -41.22
C VAL A 175 -4.31 -8.94 -42.38
N THR A 176 -3.06 -8.56 -42.63
CA THR A 176 -2.24 -9.37 -43.51
C THR A 176 -1.00 -9.80 -42.75
N SER A 177 0.17 -9.28 -43.10
CA SER A 177 1.41 -9.71 -42.46
C SER A 177 1.61 -9.11 -41.06
N GLY A 178 0.76 -8.18 -40.64
CA GLY A 178 0.92 -7.58 -39.33
C GLY A 178 0.70 -8.56 -38.20
N THR A 179 1.44 -8.37 -37.12
CA THR A 179 1.39 -9.27 -35.98
C THR A 179 0.42 -8.78 -34.92
N THR A 180 0.14 -9.66 -33.96
CA THR A 180 -0.73 -9.39 -32.82
C THR A 180 -0.01 -9.92 -31.58
N THR A 181 0.31 -9.02 -30.64
CA THR A 181 1.11 -9.36 -29.47
C THR A 181 0.37 -8.87 -28.22
N VAL A 182 0.11 -9.78 -27.30
CA VAL A 182 -0.59 -9.45 -26.06
C VAL A 182 0.32 -9.81 -24.88
N GLY A 183 0.58 -8.83 -24.01
CA GLY A 183 1.20 -9.14 -22.73
C GLY A 183 2.69 -9.45 -22.76
N ALA A 184 3.41 -9.03 -23.81
CA ALA A 184 4.85 -9.23 -23.83
C ALA A 184 5.55 -8.43 -22.72
N ASN A 185 4.97 -7.34 -22.27
CA ASN A 185 5.56 -6.52 -21.21
C ASN A 185 4.83 -6.65 -19.89
N SER A 186 3.51 -6.76 -19.92
CA SER A 186 2.70 -6.95 -18.72
C SER A 186 1.44 -7.71 -19.08
N ALA A 187 1.21 -8.82 -18.38
CA ALA A 187 0.09 -9.68 -18.70
C ALA A 187 -1.22 -9.04 -18.28
N ALA A 188 -2.29 -9.41 -18.97
CA ALA A 188 -3.64 -9.05 -18.55
C ALA A 188 -3.96 -9.63 -17.19
N SER A 189 -4.72 -8.89 -16.40
CA SER A 189 -5.18 -9.37 -15.11
C SER A 189 -6.32 -10.38 -15.23
N GLY A 190 -7.16 -10.24 -16.24
CA GLY A 190 -8.26 -11.15 -16.46
C GLY A 190 -8.02 -12.03 -17.67
N THR A 191 -9.05 -12.17 -18.50
CA THR A 191 -9.00 -13.01 -19.68
C THR A 191 -8.42 -12.27 -20.88
N VAL A 192 -8.02 -13.04 -21.87
CA VAL A 192 -7.54 -12.52 -23.14
C VAL A 192 -8.38 -13.14 -24.23
N SER A 193 -8.88 -12.29 -25.14
CA SER A 193 -9.65 -12.74 -26.28
C SER A 193 -9.11 -12.05 -27.52
N VAL A 194 -8.57 -12.82 -28.45
CA VAL A 194 -7.97 -12.27 -29.66
C VAL A 194 -8.75 -12.80 -30.86
N SER A 195 -9.17 -11.89 -31.74
CA SER A 195 -9.80 -12.24 -33.01
C SER A 195 -9.05 -11.57 -34.15
N VAL A 196 -8.61 -12.37 -35.11
CA VAL A 196 -7.81 -11.91 -36.24
C VAL A 196 -8.42 -12.46 -37.52
N ALA A 197 -8.82 -11.57 -38.43
CA ALA A 197 -9.42 -11.96 -39.70
C ALA A 197 -8.55 -11.47 -40.85
N ASN A 198 -8.30 -12.34 -41.82
CA ASN A 198 -7.47 -12.06 -42.98
C ASN A 198 -8.19 -12.57 -44.22
N SER A 199 -8.40 -11.70 -45.20
CA SER A 199 -9.04 -12.08 -46.46
C SER A 199 -8.10 -11.98 -47.65
N SER A 200 -6.83 -11.71 -47.40
CA SER A 200 -5.79 -11.66 -48.41
C SER A 200 -5.19 -13.04 -48.63
N THR A 201 -4.19 -13.12 -49.52
CA THR A 201 -3.36 -14.30 -49.67
C THR A 201 -2.01 -14.17 -48.95
N THR A 202 -1.79 -13.07 -48.24
CA THR A 202 -0.55 -12.88 -47.50
C THR A 202 -0.67 -13.55 -46.14
N THR A 203 0.30 -14.40 -45.82
CA THR A 203 0.28 -15.17 -44.59
C THR A 203 0.06 -14.28 -43.39
N THR A 204 -0.89 -14.66 -42.54
CA THR A 204 -1.26 -13.83 -41.40
C THR A 204 -0.10 -13.70 -40.43
N GLY A 205 0.17 -12.47 -39.97
CA GLY A 205 1.23 -12.27 -39.01
C GLY A 205 0.95 -13.04 -37.72
N ALA A 206 2.04 -13.53 -37.12
CA ALA A 206 1.96 -14.40 -35.95
C ALA A 206 1.22 -13.72 -34.80
N ILE A 207 0.57 -14.54 -33.98
CA ILE A 207 -0.14 -14.08 -32.79
C ILE A 207 0.57 -14.64 -31.57
N ALA A 208 0.91 -13.76 -30.62
CA ALA A 208 1.60 -14.18 -29.40
C ALA A 208 0.86 -13.59 -28.21
N VAL A 209 0.55 -14.43 -27.24
CA VAL A 209 -0.10 -14.03 -26.00
C VAL A 209 0.71 -14.57 -24.84
N THR A 210 0.97 -13.71 -23.86
CA THR A 210 1.65 -14.11 -22.63
C THR A 210 0.76 -13.71 -21.46
N GLY A 211 0.33 -14.71 -20.68
CA GLY A 211 -0.40 -14.46 -19.46
C GLY A 211 -1.89 -14.27 -19.68
N GLY A 212 -2.61 -14.23 -18.56
CA GLY A 212 -4.06 -14.14 -18.53
C GLY A 212 -4.68 -15.30 -17.78
N THR A 213 -5.87 -15.11 -17.20
CA THR A 213 -6.51 -16.20 -16.47
C THR A 213 -7.02 -17.28 -17.41
N ALA A 214 -7.44 -16.89 -18.62
CA ALA A 214 -7.80 -17.82 -19.68
C ALA A 214 -7.61 -17.09 -21.00
N VAL A 215 -7.17 -17.81 -22.03
CA VAL A 215 -6.82 -17.21 -23.31
C VAL A 215 -7.63 -17.89 -24.41
N THR A 216 -8.20 -17.08 -25.30
CA THR A 216 -8.81 -17.56 -26.54
C THR A 216 -8.22 -16.76 -27.69
N VAL A 217 -7.67 -17.45 -28.67
CA VAL A 217 -7.19 -16.83 -29.90
C VAL A 217 -8.00 -17.43 -31.05
N ALA A 218 -8.83 -16.61 -31.70
CA ALA A 218 -9.70 -17.04 -32.79
C ALA A 218 -9.27 -16.37 -34.10
N GLN A 219 -8.88 -17.17 -35.08
CA GLN A 219 -8.46 -16.74 -36.41
C GLN A 219 -9.50 -17.09 -37.45
N THR A 220 -9.61 -16.28 -38.50
CA THR A 220 -10.39 -16.67 -39.68
C THR A 220 -9.65 -16.31 -40.95
N ALA A 221 -9.88 -17.13 -41.99
CA ALA A 221 -9.38 -16.87 -43.33
C ALA A 221 -10.57 -16.65 -44.26
N GLY A 222 -10.55 -15.54 -44.99
CA GLY A 222 -11.63 -15.21 -45.90
C GLY A 222 -11.15 -14.92 -47.31
N ASN A 223 -10.03 -15.52 -47.67
CA ASN A 223 -9.45 -15.33 -49.00
C ASN A 223 -10.36 -15.92 -50.08
N ALA A 224 -10.18 -15.42 -51.30
CA ALA A 224 -11.06 -15.81 -52.40
C ALA A 224 -10.75 -17.23 -52.88
N VAL A 225 -11.68 -17.79 -53.65
CA VAL A 225 -11.48 -19.12 -54.20
C VAL A 225 -10.28 -19.09 -55.16
N ASN A 226 -9.71 -20.27 -55.38
CA ASN A 226 -8.54 -20.43 -56.24
C ASN A 226 -7.34 -19.64 -55.74
N THR A 227 -7.31 -19.30 -54.45
CA THR A 227 -6.14 -18.75 -53.78
C THR A 227 -5.89 -19.54 -52.50
N THR A 228 -4.68 -19.48 -52.00
CA THR A 228 -4.34 -20.16 -50.77
C THR A 228 -3.80 -19.15 -49.77
N LEU A 229 -4.33 -19.19 -48.56
CA LEU A 229 -3.88 -18.36 -47.46
C LEU A 229 -3.38 -19.26 -46.34
N THR A 230 -2.15 -19.02 -45.89
CA THR A 230 -1.62 -19.68 -44.69
C THR A 230 -1.93 -18.79 -43.50
N GLN A 231 -2.60 -19.37 -42.50
CA GLN A 231 -3.03 -18.63 -41.35
C GLN A 231 -1.87 -18.45 -40.37
N ALA A 232 -2.11 -17.65 -39.33
CA ALA A 232 -1.04 -17.24 -38.43
C ALA A 232 -0.61 -18.37 -37.50
N ASP A 233 0.69 -18.48 -37.29
CA ASP A 233 1.20 -19.22 -36.14
C ASP A 233 0.74 -18.53 -34.85
N VAL A 234 0.38 -19.34 -33.86
CA VAL A 234 -0.13 -18.84 -32.58
C VAL A 234 0.76 -19.37 -31.48
N THR A 235 1.21 -18.49 -30.60
CA THR A 235 1.95 -18.87 -29.40
C THR A 235 1.24 -18.31 -28.19
N VAL A 236 0.94 -19.18 -27.23
CA VAL A 236 0.33 -18.77 -25.97
C VAL A 236 1.18 -19.30 -24.83
N THR A 237 1.78 -18.40 -24.07
CA THR A 237 2.55 -18.73 -22.89
C THR A 237 1.75 -18.27 -21.67
N GLY A 238 1.33 -19.23 -20.85
CA GLY A 238 0.55 -18.88 -19.68
C GLY A 238 1.41 -18.20 -18.64
N ASN A 239 0.75 -17.65 -17.64
CA ASN A 239 1.44 -17.27 -16.41
C ASN A 239 0.88 -18.13 -15.30
N SER A 240 1.19 -17.77 -14.06
CA SER A 240 0.75 -18.57 -12.92
C SER A 240 -0.77 -18.61 -12.77
N SER A 241 -1.52 -17.82 -13.54
N SER A 241 -1.52 -17.81 -13.54
CA SER A 241 -2.97 -17.80 -13.43
CA SER A 241 -2.96 -17.79 -13.43
C SER A 241 -3.68 -18.45 -14.60
C SER A 241 -3.69 -18.44 -14.60
N THR A 242 -2.96 -18.86 -15.65
CA THR A 242 -3.60 -19.35 -16.87
C THR A 242 -4.06 -20.80 -16.71
N THR A 243 -5.37 -21.02 -16.64
CA THR A 243 -5.91 -22.37 -16.50
C THR A 243 -6.37 -22.99 -17.80
N ALA A 244 -6.66 -22.20 -18.84
CA ALA A 244 -7.25 -22.74 -20.06
C ALA A 244 -6.80 -21.92 -21.26
N VAL A 245 -6.57 -22.60 -22.38
CA VAL A 245 -6.18 -21.96 -23.64
C VAL A 245 -7.01 -22.54 -24.77
N THR A 246 -7.54 -21.66 -25.63
CA THR A 246 -8.33 -22.03 -26.79
C THR A 246 -7.74 -21.34 -28.02
N VAL A 247 -7.52 -22.09 -29.09
CA VAL A 247 -7.00 -21.57 -30.35
C VAL A 247 -7.79 -22.18 -31.49
N THR A 248 -8.54 -21.36 -32.23
CA THR A 248 -9.36 -21.82 -33.34
C THR A 248 -8.97 -21.07 -34.61
N GLN A 249 -9.09 -21.76 -35.74
CA GLN A 249 -8.78 -21.24 -37.06
C GLN A 249 -9.80 -21.77 -38.06
N THR A 250 -9.74 -21.21 -39.27
CA THR A 250 -10.50 -21.75 -40.39
C THR A 250 -9.90 -23.08 -40.84
N ALA A 251 -10.77 -24.04 -41.14
CA ALA A 251 -10.33 -25.37 -41.55
C ALA A 251 -9.48 -25.30 -42.81
N ALA A 252 -8.47 -26.17 -42.87
CA ALA A 252 -7.62 -26.25 -44.04
C ALA A 252 -8.39 -26.79 -45.24
N ALA A 253 -7.96 -26.41 -46.43
CA ALA A 253 -8.60 -26.83 -47.66
C ALA A 253 -7.64 -26.60 -48.82
N THR A 254 -7.82 -27.38 -49.88
CA THR A 254 -6.99 -27.25 -51.07
C THR A 254 -7.68 -26.35 -52.08
N ALA A 255 -6.93 -25.36 -52.59
CA ALA A 255 -7.51 -24.40 -53.52
C ALA A 255 -7.92 -25.06 -54.83
N GLY A 256 -9.06 -24.62 -55.35
CA GLY A 256 -9.54 -24.99 -56.66
C GLY A 256 -10.36 -23.85 -57.21
N ALA A 257 -10.91 -24.06 -58.41
CA ALA A 257 -11.70 -23.01 -59.04
C ALA A 257 -12.90 -22.63 -58.19
N THR A 258 -13.44 -23.57 -57.43
CA THR A 258 -14.62 -23.36 -56.60
C THR A 258 -14.31 -23.24 -55.10
N VAL A 259 -13.05 -23.43 -54.69
CA VAL A 259 -12.70 -23.61 -53.28
C VAL A 259 -11.59 -22.66 -52.90
N ALA A 260 -11.74 -21.98 -51.76
CA ALA A 260 -10.64 -21.21 -51.20
C ALA A 260 -9.72 -22.14 -50.43
N GLY A 261 -8.43 -22.11 -50.78
CA GLY A 261 -7.46 -22.93 -50.07
C GLY A 261 -7.02 -22.27 -48.77
N ARG A 262 -6.78 -23.11 -47.76
CA ARG A 262 -6.31 -22.62 -46.47
C ARG A 262 -5.31 -23.61 -45.89
N VAL A 263 -4.27 -23.06 -45.29
CA VAL A 263 -3.31 -23.83 -44.50
C VAL A 263 -3.40 -23.32 -43.08
N ASN A 264 -3.33 -24.23 -42.11
CA ASN A 264 -3.42 -23.89 -40.71
C ASN A 264 -2.05 -23.50 -40.18
N GLY A 265 -2.04 -22.54 -39.23
CA GLY A 265 -0.80 -22.15 -38.61
C GLY A 265 -0.41 -23.06 -37.45
N ALA A 266 0.89 -23.04 -37.13
CA ALA A 266 1.40 -23.78 -35.99
C ALA A 266 0.86 -23.19 -34.69
N VAL A 267 0.88 -24.02 -33.64
CA VAL A 267 0.36 -23.64 -32.33
C VAL A 267 1.32 -24.12 -31.26
N THR A 268 1.77 -23.20 -30.41
CA THR A 268 2.65 -23.51 -29.29
C THR A 268 2.01 -22.98 -28.02
N ILE A 269 1.69 -23.87 -27.09
CA ILE A 269 1.07 -23.49 -25.81
C ILE A 269 1.98 -23.98 -24.70
N THR A 270 2.43 -23.05 -23.85
CA THR A 270 3.41 -23.37 -22.82
C THR A 270 2.96 -22.85 -21.48
N ASP A 271 2.83 -23.75 -20.51
CA ASP A 271 2.58 -23.37 -19.14
C ASP A 271 3.82 -22.66 -18.58
N SER A 272 3.59 -21.64 -17.75
CA SER A 272 4.72 -20.88 -17.20
C SER A 272 5.66 -21.73 -16.35
N ALA A 273 5.17 -22.82 -15.76
CA ALA A 273 6.03 -23.65 -14.92
C ALA A 273 6.60 -24.84 -15.68
N ALA A 274 6.52 -24.83 -17.01
CA ALA A 274 6.84 -26.03 -17.79
C ALA A 274 8.28 -26.49 -17.60
N ALA A 275 9.19 -25.56 -17.31
CA ALA A 275 10.59 -25.93 -17.16
C ALA A 275 10.99 -26.25 -15.73
N SER A 276 10.09 -26.09 -14.78
CA SER A 276 10.46 -26.17 -13.37
C SER A 276 10.52 -27.61 -12.89
N ALA A 277 11.39 -27.85 -11.92
CA ALA A 277 11.45 -29.19 -11.33
C ALA A 277 10.44 -29.38 -10.22
N THR A 278 9.90 -28.30 -9.67
CA THR A 278 9.06 -28.42 -8.48
C THR A 278 7.75 -27.66 -8.60
N THR A 279 7.74 -26.56 -9.35
CA THR A 279 6.55 -25.70 -9.37
C THR A 279 5.43 -26.36 -10.18
N ALA A 280 4.25 -26.46 -9.57
CA ALA A 280 3.10 -27.06 -10.23
C ALA A 280 2.63 -26.20 -11.40
N GLY A 281 2.06 -26.86 -12.41
CA GLY A 281 1.53 -26.18 -13.57
C GLY A 281 0.14 -25.62 -13.35
N LYS A 282 -0.37 -24.92 -14.39
CA LYS A 282 -1.68 -24.28 -14.28
C LYS A 282 -2.60 -24.57 -15.47
N ILE A 283 -2.06 -24.69 -16.67
CA ILE A 283 -2.90 -24.94 -17.85
C ILE A 283 -3.38 -26.38 -17.80
N ALA A 284 -4.67 -26.58 -17.51
CA ALA A 284 -5.28 -27.89 -17.39
C ALA A 284 -6.07 -28.31 -18.61
N THR A 285 -6.58 -27.36 -19.41
CA THR A 285 -7.44 -27.63 -20.55
C THR A 285 -6.94 -26.85 -21.76
N VAL A 286 -6.85 -27.51 -22.92
CA VAL A 286 -6.54 -26.86 -24.18
C VAL A 286 -7.59 -27.25 -25.20
N THR A 287 -8.04 -26.27 -25.99
CA THR A 287 -8.99 -26.48 -27.06
C THR A 287 -8.38 -26.00 -28.37
N LEU A 288 -8.35 -26.88 -29.37
CA LEU A 288 -7.85 -26.53 -30.70
C LEU A 288 -8.97 -26.78 -31.72
N GLY A 289 -9.32 -25.74 -32.47
CA GLY A 289 -10.24 -25.88 -33.58
C GLY A 289 -9.52 -25.68 -34.90
N SER A 290 -9.11 -26.79 -35.53
CA SER A 290 -8.18 -26.81 -36.66
C SER A 290 -6.80 -26.29 -36.22
N PHE A 291 -5.72 -26.87 -36.75
CA PHE A 291 -4.39 -26.50 -36.30
C PHE A 291 -3.36 -27.10 -37.24
N GLY A 292 -2.20 -26.45 -37.30
CA GLY A 292 -1.07 -27.01 -38.02
C GLY A 292 -0.29 -27.94 -37.11
N ALA A 293 1.02 -27.78 -37.06
CA ALA A 293 1.85 -28.51 -36.11
C ALA A 293 1.68 -27.87 -34.74
N ALA A 294 1.08 -28.60 -33.80
CA ALA A 294 0.74 -28.06 -32.50
C ALA A 294 1.48 -28.80 -31.39
N THR A 295 1.88 -28.04 -30.38
CA THR A 295 2.49 -28.61 -29.17
C THR A 295 1.89 -27.97 -27.94
N ILE A 296 1.76 -28.78 -26.88
CA ILE A 296 1.36 -28.33 -25.55
C ILE A 296 2.41 -28.85 -24.57
N ASP A 297 2.77 -28.00 -23.59
CA ASP A 297 3.68 -28.41 -22.52
C ASP A 297 3.13 -27.90 -21.20
N SER A 298 2.54 -28.79 -20.42
CA SER A 298 2.00 -28.41 -19.11
C SER A 298 1.85 -29.65 -18.24
N SER A 299 2.51 -29.63 -17.06
CA SER A 299 2.34 -30.67 -16.05
C SER A 299 0.92 -30.73 -15.52
N ALA A 300 0.13 -29.69 -15.75
CA ALA A 300 -1.24 -29.63 -15.27
C ALA A 300 -2.27 -30.11 -16.29
N LEU A 301 -1.85 -30.45 -17.50
CA LEU A 301 -2.81 -30.76 -18.56
C LEU A 301 -3.53 -32.09 -18.29
N THR A 302 -4.85 -32.04 -18.31
CA THR A 302 -5.67 -33.25 -18.25
C THR A 302 -6.62 -33.42 -19.43
N THR A 303 -6.96 -32.35 -20.15
CA THR A 303 -8.03 -32.39 -21.13
C THR A 303 -7.64 -31.62 -22.39
N VAL A 304 -7.84 -32.24 -23.55
CA VAL A 304 -7.61 -31.58 -24.83
C VAL A 304 -8.86 -31.76 -25.70
N ASN A 305 -9.46 -30.65 -26.12
CA ASN A 305 -10.63 -30.67 -26.98
C ASN A 305 -10.19 -30.33 -28.40
N LEU A 306 -10.48 -31.23 -29.33
CA LEU A 306 -9.97 -31.12 -30.70
C LEU A 306 -11.10 -31.20 -31.71
N SER A 307 -11.01 -30.38 -32.74
CA SER A 307 -11.99 -30.32 -33.81
C SER A 307 -11.30 -29.82 -35.07
N GLY A 308 -11.93 -30.05 -36.22
CA GLY A 308 -11.46 -29.49 -37.47
C GLY A 308 -10.26 -30.23 -38.03
N THR A 309 -9.49 -29.52 -38.85
CA THR A 309 -8.36 -30.10 -39.56
C THR A 309 -7.08 -29.86 -38.79
N GLY A 310 -6.44 -30.95 -38.34
CA GLY A 310 -5.19 -30.85 -37.61
C GLY A 310 -4.07 -31.53 -38.37
N THR A 311 -2.85 -31.05 -38.14
CA THR A 311 -1.67 -31.72 -38.69
C THR A 311 -1.09 -32.67 -37.64
N SER A 312 -0.56 -32.13 -36.55
CA SER A 312 0.02 -32.96 -35.50
C SER A 312 -0.13 -32.26 -34.16
N LEU A 313 -0.09 -33.06 -33.10
CA LEU A 313 -0.18 -32.56 -31.74
C LEU A 313 0.79 -33.33 -30.86
N GLY A 314 1.77 -32.62 -30.30
CA GLY A 314 2.66 -33.17 -29.30
C GLY A 314 2.33 -32.61 -27.93
N ILE A 315 2.25 -33.50 -26.95
CA ILE A 315 1.80 -33.16 -25.61
C ILE A 315 2.94 -33.42 -24.64
N GLY A 316 3.44 -32.35 -24.01
CA GLY A 316 4.44 -32.44 -22.97
C GLY A 316 3.82 -32.13 -21.62
N ARG A 317 4.43 -32.62 -20.54
CA ARG A 317 3.85 -32.49 -19.21
C ARG A 317 4.78 -31.75 -18.26
N GLY A 318 5.49 -30.75 -18.76
CA GLY A 318 6.41 -30.04 -17.91
C GLY A 318 7.66 -30.85 -17.63
N ALA A 319 8.32 -30.51 -16.53
CA ALA A 319 9.61 -31.13 -16.20
C ALA A 319 9.74 -31.39 -14.70
N LEU A 320 8.63 -31.72 -14.04
CA LEU A 320 8.70 -32.08 -12.63
C LEU A 320 9.54 -33.36 -12.45
N THR A 321 10.33 -33.37 -11.37
CA THR A 321 11.13 -34.54 -11.04
C THR A 321 10.27 -35.62 -10.38
N ALA A 322 9.33 -35.20 -9.54
CA ALA A 322 8.44 -36.13 -8.87
C ALA A 322 7.64 -36.95 -9.88
N THR A 323 7.32 -38.18 -9.48
CA THR A 323 6.49 -39.05 -10.30
C THR A 323 5.03 -38.63 -10.16
N PRO A 324 4.34 -38.32 -11.26
CA PRO A 324 2.94 -37.91 -11.17
C PRO A 324 2.03 -39.08 -10.81
N THR A 325 0.97 -38.78 -10.06
CA THR A 325 -0.06 -39.76 -9.77
C THR A 325 -1.26 -39.68 -10.69
N ALA A 326 -1.65 -38.48 -11.14
CA ALA A 326 -2.74 -38.31 -12.09
C ALA A 326 -2.17 -38.39 -13.50
N ASN A 327 -2.46 -39.48 -14.19
CA ASN A 327 -1.90 -39.75 -15.52
C ASN A 327 -2.98 -40.15 -16.51
N THR A 328 -4.13 -39.47 -16.45
CA THR A 328 -5.23 -39.70 -17.38
C THR A 328 -5.35 -38.52 -18.32
N LEU A 329 -5.37 -38.80 -19.62
CA LEU A 329 -5.58 -37.79 -20.64
C LEU A 329 -6.93 -38.02 -21.29
N THR A 330 -7.73 -36.97 -21.36
CA THR A 330 -9.03 -36.99 -22.01
C THR A 330 -8.92 -36.19 -23.30
N LEU A 331 -9.14 -36.85 -24.43
CA LEU A 331 -9.19 -36.21 -25.73
C LEU A 331 -10.65 -36.20 -26.17
N ASN A 332 -11.27 -35.03 -26.12
CA ASN A 332 -12.62 -34.86 -26.63
C ASN A 332 -12.52 -34.41 -28.07
N VAL A 333 -12.89 -35.30 -29.01
CA VAL A 333 -12.78 -35.04 -30.42
C VAL A 333 -14.19 -34.86 -30.99
N ASN A 334 -14.31 -33.96 -31.96
CA ASN A 334 -15.59 -33.63 -32.57
C ASN A 334 -15.27 -33.17 -33.98
N GLY A 335 -15.60 -34.01 -34.97
CA GLY A 335 -15.29 -33.65 -36.35
C GLY A 335 -13.83 -33.41 -36.62
N LEU A 336 -12.95 -34.15 -35.94
CA LEU A 336 -11.51 -33.96 -36.08
C LEU A 336 -10.96 -34.87 -37.17
N THR A 337 -10.07 -34.32 -37.99
CA THR A 337 -9.28 -35.12 -38.91
C THR A 337 -7.83 -34.66 -38.79
N THR A 338 -6.95 -35.55 -38.38
CA THR A 338 -5.52 -35.25 -38.39
C THR A 338 -4.84 -36.04 -39.50
N THR A 339 -3.88 -35.40 -40.16
CA THR A 339 -3.03 -36.08 -41.11
C THR A 339 -1.81 -36.70 -40.46
N GLY A 340 -1.42 -36.20 -39.29
CA GLY A 340 -0.28 -36.75 -38.58
C GLY A 340 -0.64 -37.24 -37.21
N ALA A 341 0.34 -37.28 -36.31
CA ALA A 341 0.21 -37.99 -35.05
C ALA A 341 -0.19 -37.08 -33.90
N ILE A 342 -1.01 -37.60 -33.01
CA ILE A 342 -1.14 -37.09 -31.65
C ILE A 342 -0.21 -37.93 -30.78
N THR A 343 0.78 -37.28 -30.18
CA THR A 343 1.87 -37.97 -29.49
C THR A 343 1.97 -37.51 -28.05
N ASP A 344 2.04 -38.47 -27.12
CA ASP A 344 2.46 -38.23 -25.74
C ASP A 344 3.97 -38.06 -25.78
N SER A 345 4.42 -36.82 -25.80
CA SER A 345 5.83 -36.52 -25.91
C SER A 345 6.59 -36.77 -24.60
N GLU A 346 5.89 -36.88 -23.48
CA GLU A 346 6.56 -37.10 -22.20
C GLU A 346 6.92 -38.56 -21.97
N ALA A 347 6.16 -39.48 -22.59
CA ALA A 347 6.15 -40.88 -22.15
C ALA A 347 7.44 -41.61 -22.48
N ALA A 348 8.07 -41.31 -23.63
CA ALA A 348 9.20 -42.12 -24.08
C ALA A 348 10.33 -42.09 -23.05
N ALA A 349 10.69 -40.91 -22.55
CA ALA A 349 11.80 -40.78 -21.62
C ALA A 349 11.40 -40.34 -20.22
N ASP A 350 10.13 -40.06 -19.98
CA ASP A 350 9.67 -39.54 -18.68
C ASP A 350 8.31 -40.20 -18.41
N ASP A 351 7.53 -39.58 -17.54
CA ASP A 351 6.27 -40.14 -17.05
C ASP A 351 5.09 -39.55 -17.81
N GLY A 352 4.62 -40.28 -18.82
CA GLY A 352 3.47 -39.88 -19.62
C GLY A 352 2.16 -40.41 -19.07
N PHE A 353 1.13 -40.35 -19.92
CA PHE A 353 -0.21 -40.77 -19.52
C PHE A 353 -0.33 -42.29 -19.62
N THR A 354 -0.97 -42.88 -18.62
CA THR A 354 -1.15 -44.33 -18.58
C THR A 354 -2.54 -44.77 -19.04
N THR A 355 -3.54 -43.90 -18.95
CA THR A 355 -4.84 -44.17 -19.56
C THR A 355 -5.22 -43.00 -20.46
N ILE A 356 -5.66 -43.31 -21.68
CA ILE A 356 -6.11 -42.33 -22.65
C ILE A 356 -7.60 -42.55 -22.86
N ASN A 357 -8.40 -41.53 -22.59
CA ASN A 357 -9.83 -41.56 -22.83
C ASN A 357 -10.13 -40.67 -24.02
N ILE A 358 -10.64 -41.25 -25.09
CA ILE A 358 -11.03 -40.52 -26.29
C ILE A 358 -12.55 -40.56 -26.40
N ALA A 359 -13.18 -39.38 -26.39
CA ALA A 359 -14.62 -39.25 -26.44
C ALA A 359 -15.00 -38.52 -27.73
N GLY A 360 -15.67 -39.22 -28.62
CA GLY A 360 -16.14 -38.65 -29.89
C GLY A 360 -17.58 -38.18 -29.79
N SER A 361 -17.86 -37.01 -30.36
CA SER A 361 -19.19 -36.43 -30.26
C SER A 361 -19.53 -35.65 -31.54
N THR A 362 -20.84 -35.56 -31.82
CA THR A 362 -21.42 -34.74 -32.88
C THR A 362 -21.00 -35.15 -34.29
N ALA A 363 -19.71 -35.26 -34.57
CA ALA A 363 -19.26 -35.63 -35.90
C ALA A 363 -18.08 -36.61 -35.79
N SER A 364 -18.04 -37.57 -36.71
CA SER A 364 -16.99 -38.58 -36.69
C SER A 364 -15.61 -37.93 -36.78
N SER A 365 -14.62 -38.62 -36.22
CA SER A 365 -13.24 -38.13 -36.25
C SER A 365 -12.31 -39.22 -36.74
N THR A 366 -11.21 -38.80 -37.35
CA THR A 366 -10.16 -39.72 -37.80
C THR A 366 -8.83 -39.19 -37.33
N ILE A 367 -8.16 -39.94 -36.46
CA ILE A 367 -6.82 -39.64 -36.00
C ILE A 367 -5.87 -40.49 -36.81
N ALA A 368 -4.97 -39.84 -37.56
CA ALA A 368 -4.05 -40.60 -38.40
C ALA A 368 -3.18 -41.52 -37.56
N SER A 369 -2.63 -41.01 -36.47
CA SER A 369 -1.73 -41.77 -35.61
C SER A 369 -1.84 -41.34 -34.15
N LEU A 370 -1.95 -42.32 -33.26
CA LEU A 370 -1.95 -42.10 -31.83
C LEU A 370 -0.71 -42.78 -31.26
N VAL A 371 0.19 -41.99 -30.67
CA VAL A 371 1.46 -42.49 -30.15
C VAL A 371 1.52 -42.19 -28.66
N ALA A 372 1.56 -43.24 -27.84
CA ALA A 372 1.52 -43.10 -26.38
C ALA A 372 2.28 -44.27 -25.76
N ALA A 373 3.55 -44.05 -25.44
CA ALA A 373 4.43 -45.13 -25.04
C ALA A 373 4.19 -45.60 -23.60
N ASP A 374 3.46 -44.87 -22.78
CA ASP A 374 3.18 -45.29 -21.41
C ASP A 374 1.73 -45.70 -21.20
N ALA A 375 0.89 -45.62 -22.22
CA ALA A 375 -0.52 -45.92 -22.06
C ALA A 375 -0.72 -47.42 -21.88
N THR A 376 -1.49 -47.79 -20.86
CA THR A 376 -1.87 -49.18 -20.64
C THR A 376 -3.35 -49.43 -20.86
N THR A 377 -4.17 -48.38 -20.85
CA THR A 377 -5.60 -48.47 -21.08
C THR A 377 -6.03 -47.40 -22.08
N LEU A 378 -6.76 -47.81 -23.11
CA LEU A 378 -7.36 -46.89 -24.07
C LEU A 378 -8.87 -47.08 -24.03
N ASN A 379 -9.58 -46.02 -23.66
CA ASN A 379 -11.05 -46.03 -23.60
C ASN A 379 -11.61 -45.11 -24.68
N ILE A 380 -12.52 -45.63 -25.49
CA ILE A 380 -13.12 -44.87 -26.60
C ILE A 380 -14.63 -44.83 -26.37
N SER A 381 -15.13 -43.64 -26.10
CA SER A 381 -16.53 -43.40 -25.75
C SER A 381 -17.15 -42.42 -26.74
N GLY A 382 -18.42 -42.12 -26.53
CA GLY A 382 -19.09 -41.05 -27.24
C GLY A 382 -20.22 -41.53 -28.13
N ASP A 383 -20.73 -40.58 -28.93
CA ASP A 383 -21.87 -40.82 -29.82
C ASP A 383 -21.56 -40.49 -31.27
N ALA A 384 -20.27 -40.47 -31.64
CA ALA A 384 -19.84 -40.23 -33.01
C ALA A 384 -18.60 -41.08 -33.23
N ARG A 385 -18.46 -41.63 -34.44
CA ARG A 385 -17.40 -42.59 -34.68
C ARG A 385 -16.04 -41.97 -34.36
N VAL A 386 -15.16 -42.78 -33.78
CA VAL A 386 -13.76 -42.43 -33.60
C VAL A 386 -12.95 -43.44 -34.39
N THR A 387 -12.14 -42.95 -35.33
CA THR A 387 -11.26 -43.80 -36.12
C THR A 387 -9.82 -43.45 -35.78
N ILE A 388 -9.06 -44.45 -35.37
CA ILE A 388 -7.63 -44.31 -35.14
C ILE A 388 -6.94 -45.15 -36.19
N THR A 389 -6.48 -44.50 -37.26
CA THR A 389 -5.91 -45.22 -38.39
C THR A 389 -4.72 -46.07 -37.97
N SER A 390 -3.88 -45.54 -37.08
CA SER A 390 -2.77 -46.32 -36.56
C SER A 390 -2.48 -45.86 -35.14
N HIS A 391 -1.93 -46.78 -34.34
CA HIS A 391 -1.53 -46.45 -32.98
C HIS A 391 -0.20 -47.13 -32.71
N THR A 392 0.62 -46.45 -31.90
CA THR A 392 1.90 -46.98 -31.43
C THR A 392 1.86 -46.87 -29.91
N ALA A 393 1.53 -47.96 -29.25
CA ALA A 393 1.32 -47.97 -27.81
C ALA A 393 1.53 -49.40 -27.29
N ALA A 394 2.80 -49.82 -27.23
CA ALA A 394 3.13 -51.20 -26.94
C ALA A 394 2.80 -51.61 -25.51
N ALA A 395 2.60 -50.65 -24.61
CA ALA A 395 2.31 -50.97 -23.22
C ALA A 395 0.81 -51.15 -22.96
N LEU A 396 -0.02 -51.08 -24.00
CA LEU A 396 -1.45 -51.26 -23.79
C LEU A 396 -1.75 -52.68 -23.33
N THR A 397 -2.61 -52.80 -22.31
CA THR A 397 -3.13 -54.09 -21.88
C THR A 397 -4.62 -54.25 -22.15
N GLY A 398 -5.33 -53.15 -22.40
CA GLY A 398 -6.74 -53.21 -22.71
C GLY A 398 -7.26 -52.03 -23.50
N ILE A 399 -8.06 -52.29 -24.52
CA ILE A 399 -8.82 -51.30 -25.24
C ILE A 399 -10.29 -51.62 -25.03
N THR A 400 -11.05 -50.64 -24.54
CA THR A 400 -12.48 -50.80 -24.31
C THR A 400 -13.25 -49.72 -25.06
N VAL A 401 -14.28 -50.13 -25.81
CA VAL A 401 -15.09 -49.19 -26.58
C VAL A 401 -16.49 -49.16 -26.01
N THR A 402 -16.93 -47.97 -25.58
CA THR A 402 -18.31 -47.74 -25.19
C THR A 402 -19.03 -46.83 -26.17
N ASN A 403 -18.31 -46.31 -27.18
CA ASN A 403 -18.88 -45.39 -28.16
C ASN A 403 -20.06 -46.04 -28.88
N SER A 404 -21.22 -45.38 -28.83
CA SER A 404 -22.46 -45.94 -29.38
C SER A 404 -22.46 -46.05 -30.90
N VAL A 405 -21.65 -45.26 -31.60
CA VAL A 405 -21.58 -45.40 -33.05
C VAL A 405 -20.56 -46.47 -33.43
N GLY A 406 -19.41 -46.47 -32.76
CA GLY A 406 -18.40 -47.46 -33.00
C GLY A 406 -17.01 -46.88 -33.09
N ALA A 407 -16.00 -47.73 -32.99
CA ALA A 407 -14.62 -47.31 -33.11
C ALA A 407 -13.93 -48.18 -34.16
N THR A 408 -13.03 -47.58 -34.92
CA THR A 408 -12.25 -48.27 -35.93
C THR A 408 -10.77 -48.09 -35.61
N LEU A 409 -10.06 -49.21 -35.49
CA LEU A 409 -8.62 -49.19 -35.28
C LEU A 409 -7.96 -49.90 -36.45
N GLY A 410 -7.07 -49.19 -37.13
CA GLY A 410 -6.50 -49.68 -38.37
C GLY A 410 -5.22 -50.49 -38.19
N ALA A 411 -4.54 -50.30 -37.06
CA ALA A 411 -3.32 -51.04 -36.75
C ALA A 411 -3.69 -52.35 -36.07
N GLU A 412 -3.01 -53.42 -36.46
CA GLU A 412 -3.27 -54.73 -35.86
C GLU A 412 -2.92 -54.73 -34.38
N LEU A 413 -3.84 -55.23 -33.56
CA LEU A 413 -3.62 -55.27 -32.11
C LEU A 413 -2.52 -56.25 -31.74
N ALA A 414 -1.76 -55.90 -30.71
CA ALA A 414 -0.77 -56.83 -30.17
C ALA A 414 -1.48 -58.11 -29.72
N THR A 415 -0.80 -59.25 -29.89
CA THR A 415 -1.45 -60.53 -29.60
C THR A 415 -1.85 -60.64 -28.14
N GLY A 416 -1.16 -59.94 -27.24
CA GLY A 416 -1.50 -59.98 -25.83
C GLY A 416 -2.49 -58.94 -25.37
N LEU A 417 -3.10 -58.18 -26.29
CA LEU A 417 -3.95 -57.06 -25.96
C LEU A 417 -5.43 -57.46 -25.99
N VAL A 418 -6.16 -57.16 -24.94
CA VAL A 418 -7.59 -57.45 -24.89
C VAL A 418 -8.36 -56.27 -25.48
N PHE A 419 -9.33 -56.58 -26.35
CA PHE A 419 -10.24 -55.59 -26.93
C PHE A 419 -11.67 -55.95 -26.56
N THR A 420 -12.43 -54.96 -26.09
CA THR A 420 -13.83 -55.12 -25.73
C THR A 420 -14.63 -54.09 -26.51
N GLY A 421 -15.42 -54.56 -27.49
CA GLY A 421 -16.26 -53.67 -28.27
C GLY A 421 -17.49 -53.24 -27.50
N GLY A 422 -18.23 -52.33 -28.10
CA GLY A 422 -19.46 -51.85 -27.49
C GLY A 422 -20.67 -52.13 -28.35
N ALA A 423 -21.77 -51.42 -28.07
CA ALA A 423 -23.00 -51.64 -28.83
C ALA A 423 -22.93 -51.07 -30.23
N GLY A 424 -21.80 -50.51 -30.65
CA GLY A 424 -21.67 -49.92 -31.95
C GLY A 424 -20.96 -50.83 -32.95
N ALA A 425 -20.77 -50.29 -34.15
CA ALA A 425 -20.12 -50.99 -35.25
C ALA A 425 -18.62 -50.75 -35.13
N ASP A 426 -17.92 -51.69 -34.50
CA ASP A 426 -16.50 -51.57 -34.24
C ASP A 426 -15.70 -52.38 -35.26
N SER A 427 -14.47 -51.93 -35.51
CA SER A 427 -13.62 -52.54 -36.52
C SER A 427 -12.17 -52.60 -36.02
N ILE A 428 -11.59 -53.81 -36.03
CA ILE A 428 -10.23 -54.02 -35.53
C ILE A 428 -9.50 -55.01 -36.44
N LEU A 429 -8.18 -55.06 -36.28
CA LEU A 429 -7.32 -56.04 -36.92
C LEU A 429 -6.67 -56.90 -35.85
N LEU A 430 -6.68 -58.23 -36.04
CA LEU A 430 -6.10 -59.16 -35.08
C LEU A 430 -5.03 -60.00 -35.76
N GLY A 431 -4.03 -60.37 -34.97
CA GLY A 431 -3.09 -61.42 -35.30
C GLY A 431 -3.44 -62.69 -34.55
N ALA A 432 -2.41 -63.50 -34.26
CA ALA A 432 -2.58 -64.74 -33.49
C ALA A 432 -2.76 -64.40 -32.01
N THR A 433 -3.92 -63.81 -31.71
CA THR A 433 -4.15 -63.31 -30.37
C THR A 433 -4.18 -64.45 -29.35
N THR A 434 -3.82 -64.11 -28.11
CA THR A 434 -3.89 -65.04 -27.00
C THR A 434 -4.93 -64.63 -25.97
N LYS A 435 -5.87 -63.78 -26.36
CA LYS A 435 -6.84 -63.19 -25.45
C LYS A 435 -8.23 -63.44 -25.99
N ALA A 436 -9.24 -63.16 -25.14
CA ALA A 436 -10.64 -63.35 -25.50
C ALA A 436 -11.17 -62.02 -26.02
N ILE A 437 -11.10 -61.84 -27.33
CA ILE A 437 -11.60 -60.63 -27.98
C ILE A 437 -13.12 -60.73 -28.09
N VAL A 438 -13.81 -59.68 -27.67
CA VAL A 438 -15.27 -59.66 -27.71
C VAL A 438 -15.70 -58.36 -28.40
N MET A 439 -16.55 -58.49 -29.41
CA MET A 439 -16.94 -57.33 -30.23
C MET A 439 -18.24 -56.68 -29.75
N GLY A 440 -19.06 -57.41 -28.99
CA GLY A 440 -20.30 -56.85 -28.53
C GLY A 440 -21.36 -56.74 -29.62
N ALA A 441 -22.44 -56.05 -29.25
CA ALA A 441 -23.56 -55.84 -30.14
C ALA A 441 -23.15 -54.93 -31.29
N GLY A 442 -24.08 -54.68 -32.20
CA GLY A 442 -23.79 -53.91 -33.39
C GLY A 442 -23.07 -54.73 -34.44
N ASP A 443 -22.98 -54.14 -35.63
CA ASP A 443 -22.43 -54.81 -36.80
C ASP A 443 -20.92 -54.57 -36.81
N ASP A 444 -20.17 -55.53 -36.31
CA ASP A 444 -18.74 -55.39 -36.12
C ASP A 444 -17.97 -56.00 -37.29
N THR A 445 -16.69 -55.65 -37.36
CA THR A 445 -15.79 -56.16 -38.40
C THR A 445 -14.46 -56.52 -37.75
N VAL A 446 -13.98 -57.73 -37.99
CA VAL A 446 -12.69 -58.19 -37.49
C VAL A 446 -11.88 -58.70 -38.67
N THR A 447 -10.66 -58.19 -38.82
CA THR A 447 -9.75 -58.60 -39.88
C THR A 447 -8.60 -59.40 -39.28
N VAL A 448 -8.48 -60.67 -39.67
CA VAL A 448 -7.46 -61.56 -39.13
C VAL A 448 -6.35 -61.76 -40.15
N SER A 449 -5.11 -61.74 -39.67
CA SER A 449 -3.95 -62.02 -40.50
C SER A 449 -3.41 -63.43 -40.26
N SER A 450 -4.00 -64.16 -39.32
CA SER A 450 -3.61 -65.54 -39.05
C SER A 450 -4.90 -66.34 -38.87
N ALA A 451 -5.09 -67.38 -39.68
CA ALA A 451 -6.32 -68.16 -39.57
C ALA A 451 -6.43 -68.82 -38.20
N THR A 452 -5.31 -69.22 -37.62
CA THR A 452 -5.25 -69.85 -36.31
C THR A 452 -4.83 -68.83 -35.26
N LEU A 453 -5.68 -68.61 -34.26
CA LEU A 453 -5.32 -67.74 -33.14
C LEU A 453 -4.28 -68.43 -32.25
N GLY A 454 -3.74 -67.67 -31.29
CA GLY A 454 -2.78 -68.22 -30.35
C GLY A 454 -3.44 -68.99 -29.21
N ALA A 455 -2.61 -69.63 -28.41
CA ALA A 455 -3.09 -70.41 -27.27
C ALA A 455 -3.92 -69.54 -26.34
N GLY A 456 -5.16 -69.96 -26.08
CA GLY A 456 -6.07 -69.18 -25.27
C GLY A 456 -6.83 -68.10 -26.02
N GLY A 457 -6.50 -67.85 -27.28
CA GLY A 457 -7.15 -66.77 -28.01
C GLY A 457 -8.52 -67.16 -28.56
N SER A 458 -9.39 -66.16 -28.62
CA SER A 458 -10.74 -66.34 -29.14
C SER A 458 -11.30 -65.00 -29.59
N VAL A 459 -12.17 -65.02 -30.61
CA VAL A 459 -12.85 -63.81 -31.05
C VAL A 459 -14.31 -64.12 -31.30
N ASN A 460 -15.19 -63.36 -30.67
CA ASN A 460 -16.63 -63.49 -30.83
C ASN A 460 -17.22 -62.22 -31.43
N GLY A 461 -17.97 -62.39 -32.52
CA GLY A 461 -18.61 -61.25 -33.15
C GLY A 461 -19.74 -60.65 -32.34
N GLY A 462 -20.29 -61.41 -31.40
CA GLY A 462 -21.37 -60.91 -30.57
C GLY A 462 -22.67 -60.78 -31.35
N ASP A 463 -23.63 -60.14 -30.72
CA ASP A 463 -24.90 -59.84 -31.37
C ASP A 463 -24.68 -58.92 -32.56
N GLY A 464 -25.61 -59.00 -33.50
CA GLY A 464 -25.53 -58.23 -34.72
C GLY A 464 -25.00 -59.05 -35.88
N THR A 465 -25.00 -58.42 -37.06
CA THR A 465 -24.48 -59.05 -38.27
C THR A 465 -23.02 -58.67 -38.39
N ASP A 466 -22.14 -59.64 -38.19
CA ASP A 466 -20.72 -59.39 -37.97
C ASP A 466 -19.88 -59.96 -39.09
N VAL A 467 -18.86 -59.20 -39.51
CA VAL A 467 -18.04 -59.53 -40.66
C VAL A 467 -16.66 -59.97 -40.18
N LEU A 468 -16.24 -61.15 -40.63
CA LEU A 468 -14.89 -61.65 -40.39
C LEU A 468 -14.13 -61.54 -41.72
N VAL A 469 -13.03 -60.81 -41.71
CA VAL A 469 -12.25 -60.57 -42.93
C VAL A 469 -11.03 -61.48 -42.88
N ALA A 470 -10.91 -62.38 -43.86
CA ALA A 470 -9.85 -63.38 -43.87
C ALA A 470 -8.71 -62.87 -44.75
N ASN A 471 -7.76 -62.18 -44.13
CA ASN A 471 -6.56 -61.72 -44.84
C ASN A 471 -5.44 -62.77 -44.70
N VAL A 472 -5.74 -63.95 -45.23
CA VAL A 472 -4.89 -65.13 -45.09
C VAL A 472 -5.00 -65.96 -46.36
N ASN A 473 -4.06 -66.89 -46.53
CA ASN A 473 -4.09 -67.83 -47.64
C ASN A 473 -4.81 -69.08 -47.17
N GLY A 474 -6.12 -69.11 -47.40
CA GLY A 474 -6.93 -70.24 -46.98
C GLY A 474 -7.48 -70.09 -45.58
N SER A 475 -8.65 -70.67 -45.36
CA SER A 475 -9.32 -70.57 -44.08
C SER A 475 -10.40 -71.64 -43.98
N SER A 476 -10.69 -72.06 -42.74
CA SER A 476 -11.87 -72.89 -42.52
C SER A 476 -12.32 -72.61 -41.08
N PHE A 477 -13.12 -71.54 -40.93
CA PHE A 477 -13.43 -71.00 -39.61
C PHE A 477 -14.45 -71.85 -38.88
N SER A 478 -15.34 -72.52 -39.62
CA SER A 478 -16.35 -73.36 -38.99
C SER A 478 -15.73 -74.55 -38.27
N ALA A 479 -14.51 -74.94 -38.64
CA ALA A 479 -13.81 -76.01 -37.94
C ALA A 479 -13.16 -75.56 -36.65
N ASP A 480 -12.93 -74.25 -36.49
CA ASP A 480 -12.25 -73.71 -35.32
C ASP A 480 -13.21 -73.22 -34.26
N PRO A 481 -13.24 -73.80 -33.06
CA PRO A 481 -14.10 -73.27 -32.00
C PRO A 481 -13.65 -71.91 -31.48
N ALA A 482 -12.44 -71.46 -31.81
CA ALA A 482 -11.98 -70.15 -31.34
C ALA A 482 -12.70 -68.97 -32.02
N PHE A 483 -13.38 -69.19 -33.15
CA PHE A 483 -14.15 -68.13 -33.79
C PHE A 483 -15.64 -68.39 -33.63
N GLY A 484 -16.40 -67.33 -33.36
CA GLY A 484 -17.84 -67.47 -33.23
C GLY A 484 -18.55 -66.15 -33.45
N GLY A 485 -19.81 -66.25 -33.89
CA GLY A 485 -20.69 -65.09 -33.99
C GLY A 485 -20.53 -64.24 -35.23
N PHE A 486 -19.83 -64.72 -36.26
CA PHE A 486 -19.63 -63.98 -37.50
C PHE A 486 -20.55 -64.54 -38.58
N GLU A 487 -21.34 -63.66 -39.17
CA GLU A 487 -22.36 -64.05 -40.15
C GLU A 487 -21.89 -63.86 -41.59
N THR A 488 -20.94 -62.96 -41.83
CA THR A 488 -20.45 -62.67 -43.17
C THR A 488 -18.94 -62.92 -43.24
N LEU A 489 -18.50 -63.52 -44.34
CA LEU A 489 -17.09 -63.83 -44.58
C LEU A 489 -16.60 -62.98 -45.77
N ARG A 490 -15.62 -62.12 -45.51
CA ARG A 490 -14.96 -61.33 -46.55
C ARG A 490 -13.53 -61.82 -46.73
N VAL A 491 -13.12 -62.03 -47.98
CA VAL A 491 -11.73 -62.33 -48.31
C VAL A 491 -11.15 -61.06 -48.94
N ALA A 492 -10.29 -60.36 -48.20
CA ALA A 492 -9.71 -59.11 -48.68
C ALA A 492 -8.43 -58.81 -47.91
N GLY A 493 -7.43 -58.28 -48.61
CA GLY A 493 -6.21 -57.91 -47.94
C GLY A 493 -4.98 -58.26 -48.74
N ALA A 494 -3.83 -57.75 -48.30
CA ALA A 494 -2.56 -57.99 -48.98
C ALA A 494 -2.10 -59.43 -48.93
N ALA A 495 -2.66 -60.27 -48.06
CA ALA A 495 -2.33 -61.67 -48.00
C ALA A 495 -3.53 -62.58 -48.30
N ALA A 496 -4.65 -62.02 -48.71
CA ALA A 496 -5.87 -62.79 -48.91
C ALA A 496 -5.80 -63.57 -50.22
N GLN A 497 -6.15 -64.87 -50.14
CA GLN A 497 -5.83 -65.81 -51.20
C GLN A 497 -6.40 -67.18 -50.80
N GLY A 498 -6.34 -68.12 -51.73
CA GLY A 498 -6.58 -69.51 -51.42
C GLY A 498 -8.05 -69.86 -51.21
N SER A 499 -8.24 -71.06 -50.66
CA SER A 499 -9.56 -71.65 -50.53
C SER A 499 -10.12 -71.36 -49.15
N HIS A 500 -11.29 -70.73 -49.11
CA HIS A 500 -11.94 -70.35 -47.86
C HIS A 500 -13.28 -71.06 -47.73
N ASN A 501 -13.47 -71.72 -46.59
CA ASN A 501 -14.67 -72.48 -46.30
C ASN A 501 -15.81 -71.53 -45.93
N ALA A 502 -16.88 -71.51 -46.74
CA ALA A 502 -18.03 -70.66 -46.47
C ALA A 502 -19.05 -71.31 -45.56
N ASN A 503 -18.81 -72.52 -45.10
CA ASN A 503 -19.72 -73.19 -44.17
C ASN A 503 -19.95 -72.32 -42.95
N GLY A 504 -21.23 -72.11 -42.60
CA GLY A 504 -21.59 -71.33 -41.45
C GLY A 504 -21.65 -69.83 -41.66
N PHE A 505 -21.53 -69.36 -42.90
CA PHE A 505 -21.61 -67.95 -43.21
C PHE A 505 -22.82 -67.72 -44.12
N THR A 506 -23.58 -66.67 -43.86
CA THR A 506 -24.78 -66.38 -44.61
C THR A 506 -24.57 -65.33 -45.71
N ALA A 507 -23.38 -64.73 -45.80
CA ALA A 507 -23.09 -63.80 -46.87
C ALA A 507 -21.59 -63.81 -47.12
N LEU A 508 -21.21 -63.58 -48.37
CA LEU A 508 -19.81 -63.56 -48.75
C LEU A 508 -19.48 -62.20 -49.36
N GLN A 509 -18.26 -61.75 -49.11
CA GLN A 509 -17.77 -60.50 -49.66
C GLN A 509 -16.35 -60.71 -50.15
N LEU A 510 -15.95 -59.90 -51.12
CA LEU A 510 -14.63 -60.01 -51.74
C LEU A 510 -14.09 -58.61 -52.00
N GLY A 511 -12.82 -58.38 -51.65
CA GLY A 511 -12.13 -57.13 -51.91
C GLY A 511 -10.84 -57.38 -52.68
N ALA A 512 -9.87 -56.49 -52.44
CA ALA A 512 -8.54 -56.67 -53.00
C ALA A 512 -7.88 -57.89 -52.37
N THR A 513 -7.15 -58.66 -53.18
CA THR A 513 -6.54 -59.91 -52.73
C THR A 513 -5.14 -60.02 -53.29
N ALA A 514 -4.40 -60.98 -52.76
CA ALA A 514 -3.05 -61.27 -53.26
C ALA A 514 -3.03 -62.29 -54.38
N GLY A 515 -4.11 -63.02 -54.57
CA GLY A 515 -4.17 -64.04 -55.61
C GLY A 515 -5.55 -64.67 -55.61
N ALA A 516 -5.70 -65.67 -56.47
CA ALA A 516 -7.00 -66.29 -56.70
C ALA A 516 -7.62 -66.84 -55.43
N THR A 517 -8.93 -66.63 -55.28
CA THR A 517 -9.71 -67.07 -54.13
C THR A 517 -10.81 -68.05 -54.55
N THR A 518 -11.07 -69.04 -53.70
CA THR A 518 -12.17 -69.98 -53.89
C THR A 518 -13.00 -70.00 -52.60
N PHE A 519 -14.32 -69.83 -52.74
CA PHE A 519 -15.26 -70.06 -51.66
C PHE A 519 -15.84 -71.48 -51.81
N THR A 520 -15.58 -72.34 -50.84
CA THR A 520 -16.16 -73.68 -50.87
C THR A 520 -17.34 -73.75 -49.92
N ASN A 521 -18.17 -74.77 -50.11
CA ASN A 521 -19.31 -75.04 -49.22
C ASN A 521 -20.25 -73.86 -49.13
N VAL A 522 -20.53 -73.21 -50.27
CA VAL A 522 -21.43 -72.07 -50.27
C VAL A 522 -22.86 -72.59 -50.15
N ALA A 523 -23.55 -72.21 -49.09
CA ALA A 523 -24.90 -72.67 -48.86
C ALA A 523 -25.87 -72.04 -49.86
N VAL A 524 -27.04 -72.67 -50.00
CA VAL A 524 -28.08 -72.11 -50.85
C VAL A 524 -28.49 -70.74 -50.30
N ASN A 525 -28.85 -69.84 -51.20
CA ASN A 525 -29.32 -68.49 -50.87
C ASN A 525 -28.23 -67.67 -50.16
N VAL A 526 -26.97 -67.92 -50.50
CA VAL A 526 -25.84 -67.15 -49.99
C VAL A 526 -25.18 -66.48 -51.18
N GLY A 527 -25.06 -65.15 -51.11
CA GLY A 527 -24.56 -64.37 -52.21
C GLY A 527 -23.15 -63.83 -51.96
N LEU A 528 -22.55 -63.36 -53.05
CA LEU A 528 -21.23 -62.76 -53.03
C LEU A 528 -21.34 -61.32 -53.48
N THR A 529 -20.77 -60.41 -52.68
CA THR A 529 -20.68 -58.99 -52.98
C THR A 529 -19.22 -58.63 -53.17
N VAL A 530 -18.86 -58.18 -54.37
CA VAL A 530 -17.50 -57.75 -54.67
C VAL A 530 -17.42 -56.26 -54.39
N LEU A 531 -16.46 -55.87 -53.54
CA LEU A 531 -16.33 -54.49 -53.09
C LEU A 531 -15.13 -53.78 -53.66
N ALA A 532 -14.16 -54.51 -54.19
CA ALA A 532 -12.95 -53.93 -54.76
C ALA A 532 -12.37 -54.95 -55.72
N ALA A 533 -11.52 -54.47 -56.62
CA ALA A 533 -10.97 -55.32 -57.65
C ALA A 533 -10.08 -56.40 -57.04
N PRO A 534 -10.43 -57.68 -57.18
CA PRO A 534 -9.58 -58.76 -56.66
C PRO A 534 -8.47 -59.09 -57.64
N THR A 535 -7.58 -59.99 -57.21
CA THR A 535 -6.51 -60.50 -58.06
C THR A 535 -6.75 -61.99 -58.27
N GLY A 536 -6.65 -62.43 -59.52
CA GLY A 536 -6.90 -63.83 -59.87
C GLY A 536 -8.37 -64.16 -59.94
N THR A 537 -8.64 -65.35 -60.47
CA THR A 537 -10.01 -65.81 -60.65
C THR A 537 -10.65 -66.09 -59.29
N THR A 538 -11.90 -65.66 -59.14
CA THR A 538 -12.70 -66.00 -57.97
C THR A 538 -13.60 -67.18 -58.33
N THR A 539 -13.51 -68.25 -57.56
CA THR A 539 -14.29 -69.46 -57.81
C THR A 539 -15.29 -69.64 -56.68
N VAL A 540 -16.56 -69.77 -57.03
CA VAL A 540 -17.62 -70.04 -56.05
C VAL A 540 -18.08 -71.47 -56.25
N THR A 541 -17.75 -72.33 -55.30
CA THR A 541 -18.11 -73.75 -55.34
C THR A 541 -19.27 -73.98 -54.37
N LEU A 542 -20.45 -74.24 -54.93
CA LEU A 542 -21.63 -74.44 -54.09
C LEU A 542 -21.46 -75.71 -53.28
N ALA A 543 -22.12 -75.74 -52.10
CA ALA A 543 -22.10 -76.97 -51.30
C ALA A 543 -22.85 -78.09 -52.02
N ASN A 544 -23.90 -77.76 -52.77
CA ASN A 544 -24.69 -78.75 -53.50
C ASN A 544 -25.20 -78.07 -54.78
N ALA A 545 -24.55 -78.38 -55.90
CA ALA A 545 -24.96 -77.87 -57.20
C ALA A 545 -25.69 -78.91 -58.05
N THR A 546 -26.10 -80.04 -57.45
CA THR A 546 -26.71 -81.13 -58.22
C THR A 546 -28.09 -80.77 -58.75
N GLY A 547 -28.75 -79.77 -58.16
CA GLY A 547 -30.10 -79.46 -58.56
C GLY A 547 -30.17 -78.95 -59.99
N THR A 548 -31.39 -78.97 -60.51
CA THR A 548 -31.67 -78.52 -61.85
C THR A 548 -31.84 -77.01 -61.96
N SER A 549 -32.11 -76.33 -60.85
CA SER A 549 -32.49 -74.92 -60.91
C SER A 549 -31.77 -74.11 -59.82
N ASP A 550 -30.45 -74.22 -59.76
CA ASP A 550 -29.66 -73.49 -58.78
C ASP A 550 -29.52 -72.03 -59.18
N VAL A 551 -29.68 -71.14 -58.20
CA VAL A 551 -29.66 -69.69 -58.41
C VAL A 551 -28.53 -69.11 -57.58
N PHE A 552 -27.84 -68.10 -58.14
CA PHE A 552 -26.80 -67.39 -57.41
C PHE A 552 -26.97 -65.89 -57.60
N ASN A 553 -26.78 -65.14 -56.52
CA ASN A 553 -26.91 -63.68 -56.50
C ASN A 553 -25.54 -63.06 -56.32
N LEU A 554 -25.00 -62.49 -57.40
CA LEU A 554 -23.71 -61.80 -57.36
C LEU A 554 -23.95 -60.30 -57.41
N THR A 555 -23.34 -59.58 -56.47
CA THR A 555 -23.48 -58.13 -56.36
C THR A 555 -22.11 -57.49 -56.52
N LEU A 556 -22.06 -56.43 -57.32
CA LEU A 556 -20.89 -55.56 -57.39
C LEU A 556 -21.28 -54.22 -56.80
N SER A 557 -20.57 -53.80 -55.75
CA SER A 557 -20.90 -52.60 -55.00
C SER A 557 -19.68 -51.71 -54.90
N SER A 558 -19.80 -50.48 -55.39
CA SER A 558 -18.66 -49.57 -55.41
C SER A 558 -19.15 -48.16 -55.69
N SER A 559 -18.29 -47.19 -55.32
CA SER A 559 -18.56 -45.79 -55.62
C SER A 559 -18.11 -45.41 -57.02
N ALA A 560 -17.02 -46.00 -57.52
CA ALA A 560 -16.51 -45.78 -58.86
C ALA A 560 -16.52 -47.09 -59.64
N ALA A 561 -16.06 -47.02 -60.89
CA ALA A 561 -16.05 -48.20 -61.75
C ALA A 561 -15.28 -49.34 -61.09
N LEU A 562 -15.88 -50.53 -61.10
CA LEU A 562 -15.32 -51.69 -60.42
C LEU A 562 -15.03 -52.79 -61.44
N ALA A 563 -13.76 -53.16 -61.55
CA ALA A 563 -13.38 -54.31 -62.37
C ALA A 563 -13.40 -55.54 -61.45
N ALA A 564 -14.52 -56.25 -61.45
CA ALA A 564 -14.69 -57.40 -60.57
C ALA A 564 -13.84 -58.59 -60.99
N GLY A 565 -13.27 -58.58 -62.19
CA GLY A 565 -12.45 -59.67 -62.63
C GLY A 565 -13.30 -60.88 -63.03
N THR A 566 -12.68 -62.05 -62.96
CA THR A 566 -13.32 -63.31 -63.36
C THR A 566 -13.94 -64.00 -62.14
N VAL A 567 -15.22 -64.34 -62.26
CA VAL A 567 -15.96 -65.05 -61.21
C VAL A 567 -16.52 -66.32 -61.84
N ALA A 568 -16.21 -67.46 -61.25
CA ALA A 568 -16.60 -68.76 -61.78
C ALA A 568 -17.74 -69.33 -60.94
N LEU A 569 -18.89 -69.61 -61.60
CA LEU A 569 -20.09 -70.13 -60.92
C LEU A 569 -20.54 -71.42 -61.60
N ALA A 570 -19.82 -72.51 -61.33
CA ALA A 570 -20.15 -73.78 -61.95
C ALA A 570 -21.45 -74.36 -61.40
N GLY A 571 -22.22 -75.02 -62.28
CA GLY A 571 -23.42 -75.71 -61.82
C GLY A 571 -24.57 -74.83 -61.45
N VAL A 572 -24.46 -73.53 -61.71
CA VAL A 572 -25.50 -72.56 -61.40
C VAL A 572 -26.29 -72.31 -62.66
N GLU A 573 -27.61 -72.47 -62.58
CA GLU A 573 -28.46 -72.34 -63.75
C GLU A 573 -28.99 -70.93 -63.94
N THR A 574 -29.13 -70.15 -62.87
CA THR A 574 -29.59 -68.76 -62.96
C THR A 574 -28.64 -67.87 -62.18
N VAL A 575 -28.03 -66.91 -62.89
CA VAL A 575 -27.09 -65.98 -62.28
C VAL A 575 -27.72 -64.60 -62.28
N ASN A 576 -27.95 -64.05 -61.10
CA ASN A 576 -28.42 -62.69 -60.94
C ASN A 576 -27.23 -61.80 -60.60
N ILE A 577 -27.04 -60.74 -61.39
CA ILE A 577 -25.91 -59.83 -61.22
C ILE A 577 -26.47 -58.44 -60.89
N ALA A 578 -26.12 -57.92 -59.72
CA ALA A 578 -26.53 -56.60 -59.29
C ALA A 578 -25.33 -55.66 -59.39
N ALA A 579 -25.43 -54.66 -60.27
CA ALA A 579 -24.40 -53.63 -60.46
C ALA A 579 -24.85 -52.38 -59.71
N THR A 580 -24.26 -52.14 -58.55
CA THR A 580 -24.74 -51.11 -57.63
C THR A 580 -23.70 -50.01 -57.48
N ASP A 581 -24.14 -48.78 -57.71
CA ASP A 581 -23.33 -47.57 -57.53
C ASP A 581 -23.78 -46.90 -56.24
N THR A 582 -22.82 -46.63 -55.36
CA THR A 582 -23.13 -45.99 -54.08
C THR A 582 -23.19 -44.47 -54.12
N ASN A 583 -22.67 -43.83 -55.17
CA ASN A 583 -22.81 -42.38 -55.30
C ASN A 583 -23.64 -42.05 -56.56
N THR A 584 -23.67 -40.77 -56.92
CA THR A 584 -24.56 -40.26 -57.95
C THR A 584 -23.90 -40.01 -59.30
N THR A 585 -22.61 -40.31 -59.44
CA THR A 585 -21.91 -40.16 -60.71
C THR A 585 -21.93 -41.50 -61.46
N ALA A 586 -22.44 -41.48 -62.68
CA ALA A 586 -22.61 -42.71 -63.45
C ALA A 586 -21.27 -43.42 -63.70
N HIS A 587 -21.28 -44.75 -63.59
CA HIS A 587 -20.10 -45.53 -63.96
C HIS A 587 -20.53 -46.90 -64.47
N VAL A 588 -19.57 -47.61 -65.06
CA VAL A 588 -19.79 -48.92 -65.67
C VAL A 588 -18.81 -49.91 -65.05
N ASP A 589 -19.35 -51.01 -64.51
CA ASP A 589 -18.50 -52.08 -63.98
C ASP A 589 -18.14 -53.05 -65.10
N THR A 590 -17.07 -53.80 -64.88
CA THR A 590 -16.73 -54.91 -65.77
C THR A 590 -16.65 -56.19 -64.95
N LEU A 591 -17.00 -57.30 -65.62
CA LEU A 591 -17.05 -58.61 -64.98
C LEU A 591 -16.88 -59.66 -66.07
N THR A 592 -16.07 -60.68 -65.79
CA THR A 592 -15.94 -61.85 -66.64
C THR A 592 -16.65 -63.01 -65.95
N LEU A 593 -17.81 -63.40 -66.48
CA LEU A 593 -18.62 -64.43 -65.86
C LEU A 593 -18.30 -65.78 -66.49
N GLN A 594 -17.91 -66.74 -65.67
CA GLN A 594 -17.72 -68.10 -66.14
C GLN A 594 -18.80 -68.96 -65.48
N ALA A 595 -19.88 -69.25 -66.25
CA ALA A 595 -21.05 -69.96 -65.72
C ALA A 595 -21.58 -70.90 -66.82
N THR A 596 -20.88 -72.01 -67.03
CA THR A 596 -21.13 -72.86 -68.18
C THR A 596 -22.45 -73.61 -68.10
N SER A 597 -23.12 -73.62 -66.96
CA SER A 597 -24.42 -74.26 -66.82
C SER A 597 -25.54 -73.25 -66.78
N ALA A 598 -25.23 -71.97 -66.88
CA ALA A 598 -26.26 -70.95 -66.75
C ALA A 598 -27.13 -70.93 -67.99
N LYS A 599 -28.44 -70.93 -67.77
CA LYS A 599 -29.41 -70.73 -68.83
C LYS A 599 -30.08 -69.37 -68.76
N SER A 600 -29.97 -68.68 -67.62
CA SER A 600 -30.57 -67.37 -67.45
C SER A 600 -29.60 -66.45 -66.70
N ILE A 601 -29.38 -65.27 -67.26
CA ILE A 601 -28.62 -64.21 -66.61
C ILE A 601 -29.55 -63.01 -66.47
N VAL A 602 -29.68 -62.49 -65.26
CA VAL A 602 -30.48 -61.30 -65.00
C VAL A 602 -29.55 -60.25 -64.41
N VAL A 603 -29.58 -59.04 -64.96
CA VAL A 603 -28.75 -57.94 -64.48
C VAL A 603 -29.67 -56.87 -63.91
N THR A 604 -29.38 -56.43 -62.69
CA THR A 604 -30.11 -55.35 -62.05
C THR A 604 -29.11 -54.29 -61.61
N GLY A 605 -29.64 -53.16 -61.14
CA GLY A 605 -28.84 -52.15 -60.48
C GLY A 605 -28.89 -50.81 -61.18
N ASN A 606 -28.01 -49.91 -60.72
CA ASN A 606 -27.95 -48.53 -61.20
C ASN A 606 -26.58 -48.18 -61.78
N ALA A 607 -25.81 -49.18 -62.21
CA ALA A 607 -24.51 -48.95 -62.85
C ALA A 607 -24.44 -49.81 -64.10
N GLY A 608 -23.56 -49.42 -65.02
CA GLY A 608 -23.36 -50.21 -66.22
C GLY A 608 -22.64 -51.52 -65.92
N LEU A 609 -22.67 -52.41 -66.91
CA LEU A 609 -22.00 -53.70 -66.77
C LEU A 609 -21.54 -54.13 -68.15
N ASN A 610 -20.22 -54.11 -68.36
CA ASN A 610 -19.61 -54.71 -69.53
C ASN A 610 -19.23 -56.15 -69.15
N LEU A 611 -20.05 -57.10 -69.61
CA LEU A 611 -19.96 -58.49 -69.18
C LEU A 611 -19.22 -59.29 -70.24
N THR A 612 -18.07 -59.83 -69.87
CA THR A 612 -17.41 -60.82 -70.72
C THR A 612 -18.08 -62.17 -70.47
N ASN A 613 -18.55 -62.80 -71.55
CA ASN A 613 -19.48 -63.92 -71.47
C ASN A 613 -18.94 -65.17 -72.17
N THR A 614 -17.68 -65.15 -72.60
CA THR A 614 -17.10 -66.25 -73.37
C THR A 614 -17.30 -67.60 -72.68
N GLY A 615 -17.77 -68.58 -73.45
CA GLY A 615 -17.91 -69.95 -72.98
C GLY A 615 -19.23 -70.27 -72.31
N ASN A 616 -20.09 -69.28 -72.08
CA ASN A 616 -21.38 -69.55 -71.42
C ASN A 616 -22.41 -69.95 -72.49
N THR A 617 -22.24 -71.16 -72.99
CA THR A 617 -22.96 -71.61 -74.17
C THR A 617 -24.40 -72.01 -73.90
N ALA A 618 -24.81 -72.15 -72.63
CA ALA A 618 -26.17 -72.57 -72.33
C ALA A 618 -27.13 -71.42 -72.07
N VAL A 619 -26.64 -70.17 -71.98
CA VAL A 619 -27.55 -69.06 -71.73
C VAL A 619 -28.52 -68.89 -72.89
N THR A 620 -29.81 -68.90 -72.58
CA THR A 620 -30.83 -68.57 -73.56
C THR A 620 -31.56 -67.29 -73.21
N SER A 621 -31.23 -66.67 -72.08
CA SER A 621 -31.91 -65.46 -71.63
C SER A 621 -30.91 -64.56 -70.92
N PHE A 622 -30.73 -63.35 -71.45
CA PHE A 622 -29.97 -62.29 -70.80
C PHE A 622 -30.94 -61.13 -70.62
N ASP A 623 -31.26 -60.82 -69.37
CA ASP A 623 -32.25 -59.80 -69.04
C ASP A 623 -31.61 -58.69 -68.20
N ALA A 624 -31.28 -57.58 -68.84
CA ALA A 624 -30.83 -56.39 -68.12
C ALA A 624 -31.88 -55.29 -68.13
N SER A 625 -33.15 -55.66 -68.35
CA SER A 625 -34.21 -54.66 -68.51
C SER A 625 -34.43 -53.82 -67.26
N ALA A 626 -34.09 -54.36 -66.09
CA ALA A 626 -34.30 -53.64 -64.84
C ALA A 626 -33.21 -52.61 -64.55
N VAL A 627 -32.12 -52.60 -65.32
CA VAL A 627 -31.01 -51.69 -65.05
C VAL A 627 -31.44 -50.25 -65.30
N THR A 628 -31.14 -49.36 -64.35
CA THR A 628 -31.55 -47.96 -64.39
C THR A 628 -30.34 -47.04 -64.54
N GLY A 629 -30.62 -45.83 -65.03
CA GLY A 629 -29.57 -44.84 -65.19
C GLY A 629 -29.14 -44.64 -66.63
N THR A 630 -29.14 -43.39 -67.12
CA THR A 630 -28.79 -43.14 -68.52
C THR A 630 -27.36 -43.57 -68.83
N GLY A 631 -26.45 -43.48 -67.86
CA GLY A 631 -25.07 -43.89 -68.09
C GLY A 631 -24.79 -45.36 -67.85
N SER A 632 -25.82 -46.17 -67.53
CA SER A 632 -25.60 -47.56 -67.12
C SER A 632 -25.54 -48.47 -68.36
N ALA A 633 -24.48 -48.30 -69.15
CA ALA A 633 -24.31 -49.05 -70.38
C ALA A 633 -24.03 -50.53 -70.11
N VAL A 634 -24.81 -51.40 -70.75
CA VAL A 634 -24.66 -52.85 -70.60
C VAL A 634 -24.16 -53.43 -71.92
N THR A 635 -23.09 -54.23 -71.84
CA THR A 635 -22.51 -54.85 -73.02
C THR A 635 -22.54 -56.37 -72.84
N PHE A 636 -23.14 -57.06 -73.82
CA PHE A 636 -23.33 -58.50 -73.77
C PHE A 636 -23.19 -59.07 -75.17
N VAL A 637 -22.45 -60.17 -75.28
CA VAL A 637 -22.29 -60.93 -76.51
C VAL A 637 -22.67 -62.37 -76.21
N SER A 638 -23.70 -62.87 -76.88
CA SER A 638 -24.16 -64.23 -76.64
C SER A 638 -23.09 -65.23 -77.07
N ALA A 639 -22.91 -66.28 -76.25
CA ALA A 639 -22.00 -67.37 -76.56
C ALA A 639 -22.76 -68.64 -76.94
N ASN A 640 -24.07 -68.54 -77.17
CA ASN A 640 -24.87 -69.73 -77.41
C ASN A 640 -24.60 -70.29 -78.80
N THR A 641 -24.32 -71.58 -78.87
CA THR A 641 -23.98 -72.26 -80.11
C THR A 641 -24.94 -73.40 -80.43
N THR A 642 -26.06 -73.48 -79.72
CA THR A 642 -27.04 -74.55 -79.92
C THR A 642 -27.79 -74.40 -81.24
N VAL A 643 -27.89 -75.49 -81.99
CA VAL A 643 -28.58 -75.46 -83.29
C VAL A 643 -30.05 -75.12 -83.09
N GLY A 644 -30.53 -74.14 -83.86
CA GLY A 644 -31.93 -73.76 -83.80
C GLY A 644 -32.38 -73.14 -82.49
N GLU A 645 -31.46 -72.62 -81.68
CA GLU A 645 -31.84 -72.10 -80.38
C GLU A 645 -32.49 -70.73 -80.47
N VAL A 646 -33.44 -70.49 -79.58
CA VAL A 646 -34.06 -69.18 -79.39
C VAL A 646 -33.44 -68.54 -78.16
N VAL A 647 -32.93 -67.32 -78.32
CA VAL A 647 -32.26 -66.58 -77.26
C VAL A 647 -32.86 -65.18 -77.19
N THR A 648 -33.12 -64.71 -75.97
CA THR A 648 -33.69 -63.39 -75.74
C THR A 648 -32.70 -62.53 -74.97
N ILE A 649 -32.43 -61.32 -75.49
CA ILE A 649 -31.43 -60.40 -74.96
C ILE A 649 -32.10 -59.04 -74.78
N ARG A 650 -32.17 -58.57 -73.53
CA ARG A 650 -32.83 -57.31 -73.19
C ARG A 650 -31.85 -56.34 -72.54
N GLY A 651 -31.78 -55.12 -73.10
CA GLY A 651 -31.01 -54.06 -72.47
C GLY A 651 -31.80 -53.31 -71.42
N GLY A 652 -31.13 -52.35 -70.80
CA GLY A 652 -31.75 -51.52 -69.79
C GLY A 652 -31.80 -50.06 -70.21
N ALA A 653 -31.77 -49.16 -69.23
CA ALA A 653 -31.89 -47.73 -69.51
C ALA A 653 -30.65 -47.16 -70.19
N GLY A 654 -29.52 -47.87 -70.15
CA GLY A 654 -28.28 -47.33 -70.67
C GLY A 654 -28.15 -47.48 -72.16
N ALA A 655 -27.06 -46.93 -72.68
CA ALA A 655 -26.67 -47.05 -74.08
C ALA A 655 -25.97 -48.39 -74.22
N ASP A 656 -26.74 -49.42 -74.58
CA ASP A 656 -26.29 -50.80 -74.49
C ASP A 656 -25.76 -51.32 -75.83
N SER A 657 -24.90 -52.31 -75.75
CA SER A 657 -24.35 -52.99 -76.92
C SER A 657 -24.68 -54.48 -76.80
N LEU A 658 -25.59 -54.96 -77.63
CA LEU A 658 -26.15 -56.29 -77.50
C LEU A 658 -25.89 -57.08 -78.77
N THR A 659 -25.22 -58.23 -78.64
CA THR A 659 -24.85 -59.07 -79.76
C THR A 659 -25.35 -60.48 -79.51
N GLY A 660 -26.06 -61.05 -80.49
CA GLY A 660 -26.49 -62.44 -80.46
C GLY A 660 -25.41 -63.36 -80.97
N SER A 661 -25.84 -64.50 -81.53
CA SER A 661 -24.90 -65.45 -82.13
C SER A 661 -25.47 -65.95 -83.46
N ALA A 662 -24.55 -66.37 -84.33
CA ALA A 662 -24.93 -66.75 -85.68
C ALA A 662 -25.88 -67.95 -85.70
N THR A 663 -25.69 -68.90 -84.78
CA THR A 663 -26.50 -70.10 -84.77
C THR A 663 -27.88 -69.86 -84.15
N ALA A 664 -28.08 -68.74 -83.47
CA ALA A 664 -29.31 -68.56 -82.70
C ALA A 664 -30.28 -67.62 -83.39
N ASN A 665 -31.58 -67.87 -83.16
CA ASN A 665 -32.64 -66.91 -83.44
C ASN A 665 -32.75 -65.99 -82.23
N ASP A 666 -32.08 -64.84 -82.31
CA ASP A 666 -32.00 -63.90 -81.20
C ASP A 666 -33.11 -62.86 -81.27
N THR A 667 -33.87 -62.73 -80.19
CA THR A 667 -34.75 -61.59 -79.97
C THR A 667 -34.02 -60.59 -79.08
N ILE A 668 -33.66 -59.43 -79.64
CA ILE A 668 -32.88 -58.43 -78.92
C ILE A 668 -33.70 -57.16 -78.76
N ILE A 669 -33.82 -56.69 -77.52
CA ILE A 669 -34.64 -55.54 -77.16
C ILE A 669 -33.76 -54.55 -76.41
N GLY A 670 -33.58 -53.36 -76.98
CA GLY A 670 -32.63 -52.42 -76.44
C GLY A 670 -33.10 -51.67 -75.21
N GLY A 671 -34.40 -51.42 -75.11
CA GLY A 671 -34.92 -50.56 -74.07
C GLY A 671 -34.62 -49.11 -74.37
N ALA A 672 -34.66 -48.28 -73.33
CA ALA A 672 -34.34 -46.87 -73.48
C ALA A 672 -32.87 -46.69 -73.81
N GLY A 673 -32.51 -45.48 -74.23
CA GLY A 673 -31.13 -45.16 -74.52
C GLY A 673 -30.73 -45.52 -75.94
N ALA A 674 -29.56 -45.01 -76.33
CA ALA A 674 -29.01 -45.20 -77.67
C ALA A 674 -28.33 -46.56 -77.74
N ASP A 675 -29.04 -47.56 -78.22
CA ASP A 675 -28.57 -48.93 -78.19
C ASP A 675 -27.96 -49.34 -79.52
N THR A 676 -27.09 -50.34 -79.46
CA THR A 676 -26.49 -50.93 -80.64
C THR A 676 -26.81 -52.42 -80.63
N LEU A 677 -27.53 -52.88 -81.64
CA LEU A 677 -27.98 -54.27 -81.76
C LEU A 677 -27.26 -54.90 -82.95
N VAL A 678 -26.45 -55.93 -82.67
CA VAL A 678 -25.55 -56.49 -83.67
C VAL A 678 -26.10 -57.82 -84.19
N TYR A 679 -26.25 -57.92 -85.51
CA TYR A 679 -26.73 -59.11 -86.19
C TYR A 679 -25.55 -59.91 -86.75
N THR A 680 -25.50 -61.19 -86.42
CA THR A 680 -24.42 -62.08 -86.84
C THR A 680 -24.91 -63.32 -87.58
N GLY A 681 -26.20 -63.47 -87.81
CA GLY A 681 -26.72 -64.65 -88.48
C GLY A 681 -27.95 -65.16 -87.77
N GLY A 682 -28.69 -66.03 -88.47
CA GLY A 682 -29.92 -66.60 -87.94
C GLY A 682 -31.13 -65.75 -88.27
N THR A 683 -32.26 -66.15 -87.67
CA THR A 683 -33.52 -65.43 -87.85
C THR A 683 -33.72 -64.59 -86.60
N ASP A 684 -33.23 -63.36 -86.63
CA ASP A 684 -33.18 -62.51 -85.46
C ASP A 684 -34.26 -61.43 -85.53
N THR A 685 -34.72 -60.98 -84.36
CA THR A 685 -35.77 -59.98 -84.24
C THR A 685 -35.28 -58.85 -83.35
N PHE A 686 -35.02 -57.67 -83.94
CA PHE A 686 -34.45 -56.52 -83.26
C PHE A 686 -35.52 -55.49 -82.94
N THR A 687 -35.53 -55.01 -81.70
CA THR A 687 -36.39 -53.92 -81.26
C THR A 687 -35.52 -52.88 -80.58
N GLY A 688 -35.32 -51.73 -81.24
CA GLY A 688 -34.46 -50.71 -80.69
C GLY A 688 -35.01 -50.05 -79.45
N GLY A 689 -36.34 -49.88 -79.41
CA GLY A 689 -36.96 -49.12 -78.34
C GLY A 689 -36.79 -47.63 -78.56
N THR A 690 -37.15 -46.87 -77.52
CA THR A 690 -36.94 -45.43 -77.55
C THR A 690 -35.45 -45.15 -77.69
N GLY A 691 -35.14 -43.99 -78.25
CA GLY A 691 -33.77 -43.58 -78.45
C GLY A 691 -33.29 -43.83 -79.87
N ALA A 692 -32.23 -43.13 -80.23
CA ALA A 692 -31.56 -43.28 -81.50
C ALA A 692 -30.68 -44.52 -81.43
N ASP A 693 -31.16 -45.61 -82.02
CA ASP A 693 -30.52 -46.91 -81.94
C ASP A 693 -29.77 -47.21 -83.24
N ILE A 694 -28.79 -48.11 -83.13
CA ILE A 694 -28.01 -48.57 -84.28
C ILE A 694 -28.24 -50.06 -84.44
N PHE A 695 -28.57 -50.48 -85.65
CA PHE A 695 -28.70 -51.89 -86.00
C PHE A 695 -27.48 -52.25 -86.84
N ASP A 696 -26.49 -52.89 -86.19
CA ASP A 696 -25.21 -53.21 -86.80
C ASP A 696 -25.32 -54.57 -87.48
N ILE A 697 -25.29 -54.58 -88.81
CA ILE A 697 -25.45 -55.80 -89.58
C ILE A 697 -24.06 -56.30 -89.94
N ASN A 698 -23.64 -57.41 -89.34
CA ASN A 698 -22.32 -57.96 -89.57
C ASN A 698 -22.33 -59.25 -90.36
N ALA A 699 -23.50 -59.81 -90.65
CA ALA A 699 -23.59 -61.02 -91.44
C ALA A 699 -24.66 -60.83 -92.50
N ILE A 700 -24.44 -61.50 -93.63
CA ILE A 700 -25.37 -61.39 -94.75
C ILE A 700 -26.67 -62.12 -94.43
N GLY A 701 -26.57 -63.25 -93.74
CA GLY A 701 -27.74 -64.07 -93.51
C GLY A 701 -28.12 -64.83 -94.76
N THR A 702 -29.38 -65.27 -94.82
CA THR A 702 -29.89 -65.97 -96.00
C THR A 702 -31.21 -65.32 -96.42
N SER A 703 -31.76 -65.81 -97.53
CA SER A 703 -33.03 -65.26 -98.02
C SER A 703 -34.20 -65.62 -97.13
N THR A 704 -34.05 -66.62 -96.25
CA THR A 704 -35.11 -66.99 -95.33
C THR A 704 -34.74 -66.79 -93.87
N ALA A 705 -33.46 -66.66 -93.54
CA ALA A 705 -33.02 -66.43 -92.17
C ALA A 705 -32.31 -65.07 -92.15
N PHE A 706 -33.02 -64.03 -91.72
CA PHE A 706 -32.48 -62.67 -91.73
C PHE A 706 -32.96 -61.93 -90.49
N VAL A 707 -32.54 -60.67 -90.35
CA VAL A 707 -32.95 -59.87 -89.20
C VAL A 707 -34.19 -59.08 -89.58
N THR A 708 -35.13 -58.97 -88.64
CA THR A 708 -36.32 -58.14 -88.77
C THR A 708 -36.27 -57.07 -87.69
N ILE A 709 -36.28 -55.80 -88.11
CA ILE A 709 -36.29 -54.69 -87.17
C ILE A 709 -37.73 -54.22 -87.03
N THR A 710 -38.24 -54.26 -85.79
CA THR A 710 -39.66 -54.08 -85.54
C THR A 710 -40.08 -52.63 -85.34
N ASP A 711 -39.14 -51.72 -85.02
CA ASP A 711 -39.52 -50.35 -84.67
C ASP A 711 -38.54 -49.33 -85.27
N ALA A 712 -38.16 -49.53 -86.53
CA ALA A 712 -37.29 -48.56 -87.19
C ALA A 712 -38.00 -47.21 -87.27
N ALA A 713 -37.31 -46.16 -86.82
CA ALA A 713 -37.92 -44.86 -86.72
C ALA A 713 -36.91 -43.79 -87.12
N VAL A 714 -37.42 -42.58 -87.35
CA VAL A 714 -36.55 -41.47 -87.69
C VAL A 714 -35.52 -41.31 -86.58
N GLY A 715 -34.24 -41.24 -86.97
CA GLY A 715 -33.20 -41.20 -85.98
C GLY A 715 -32.39 -42.49 -85.87
N ASP A 716 -33.07 -43.64 -85.96
CA ASP A 716 -32.37 -44.92 -85.94
C ASP A 716 -31.44 -45.02 -87.13
N LYS A 717 -30.41 -45.87 -87.00
CA LYS A 717 -29.45 -46.06 -88.07
C LYS A 717 -29.34 -47.54 -88.41
N LEU A 718 -28.78 -47.80 -89.59
CA LEU A 718 -28.67 -49.14 -90.15
C LEU A 718 -27.25 -49.23 -90.70
N ASP A 719 -26.38 -49.91 -89.97
CA ASP A 719 -24.95 -49.96 -90.30
C ASP A 719 -24.68 -51.17 -91.16
N LEU A 720 -24.23 -50.95 -92.40
CA LEU A 720 -24.02 -52.04 -93.35
C LEU A 720 -22.57 -52.19 -93.76
N VAL A 721 -21.64 -51.62 -92.98
CA VAL A 721 -20.20 -51.79 -93.26
C VAL A 721 -19.83 -53.27 -93.30
N GLY A 722 -20.44 -54.08 -92.43
CA GLY A 722 -20.04 -55.48 -92.36
C GLY A 722 -20.44 -56.34 -93.56
N ILE A 723 -21.39 -55.91 -94.39
CA ILE A 723 -21.89 -56.77 -95.47
C ILE A 723 -21.61 -56.22 -96.88
N SER A 724 -20.90 -55.11 -97.02
CA SER A 724 -20.54 -54.63 -98.36
C SER A 724 -19.40 -55.49 -98.91
N THR A 725 -19.77 -56.66 -99.43
CA THR A 725 -18.78 -57.63 -99.88
C THR A 725 -17.82 -57.02 -100.88
N ASN A 726 -18.31 -56.16 -101.77
CA ASN A 726 -17.49 -55.60 -102.84
C ASN A 726 -17.49 -54.08 -102.71
N GLY A 727 -16.33 -53.51 -102.38
CA GLY A 727 -16.27 -52.08 -102.23
C GLY A 727 -17.12 -51.63 -101.05
N ALA A 728 -17.73 -50.47 -101.20
CA ALA A 728 -18.57 -49.86 -100.17
C ALA A 728 -19.85 -49.34 -100.79
N ILE A 729 -20.91 -49.31 -100.00
CA ILE A 729 -22.16 -48.71 -100.44
C ILE A 729 -21.96 -47.20 -100.61
N ALA A 730 -22.33 -46.69 -101.79
CA ALA A 730 -22.11 -45.29 -102.12
C ALA A 730 -22.92 -44.35 -101.23
N ASP A 731 -22.32 -43.20 -100.93
CA ASP A 731 -22.95 -42.15 -100.15
C ASP A 731 -24.06 -41.49 -100.96
N GLY A 732 -25.25 -41.40 -100.39
CA GLY A 732 -26.30 -40.63 -101.03
C GLY A 732 -27.64 -40.88 -100.37
N ALA A 733 -28.63 -40.11 -100.80
CA ALA A 733 -30.00 -40.41 -100.45
C ALA A 733 -30.40 -41.73 -101.10
N PHE A 734 -31.29 -42.47 -100.43
CA PHE A 734 -31.63 -43.80 -100.92
C PHE A 734 -32.36 -43.72 -102.25
N GLY A 735 -33.33 -42.82 -102.36
CA GLY A 735 -34.07 -42.64 -103.59
C GLY A 735 -35.39 -43.38 -103.60
N ALA A 736 -35.94 -43.55 -104.79
CA ALA A 736 -37.21 -44.25 -104.92
C ALA A 736 -37.07 -45.73 -104.60
N ALA A 737 -38.14 -46.29 -104.04
CA ALA A 737 -38.19 -47.72 -103.82
C ALA A 737 -38.39 -48.47 -105.14
N VAL A 738 -37.99 -49.74 -105.13
CA VAL A 738 -38.37 -50.63 -106.21
C VAL A 738 -39.86 -50.92 -106.11
N THR A 739 -40.59 -50.69 -107.20
CA THR A 739 -42.04 -50.85 -107.25
C THR A 739 -42.38 -51.83 -108.37
N LEU A 740 -43.19 -52.84 -108.06
CA LEU A 740 -43.59 -53.87 -109.01
C LEU A 740 -45.11 -53.98 -109.08
N GLY A 741 -45.57 -54.93 -109.88
CA GLY A 741 -47.00 -55.09 -110.14
C GLY A 741 -47.81 -55.57 -108.95
N ALA A 742 -49.13 -55.55 -109.13
CA ALA A 742 -50.05 -55.80 -108.02
C ALA A 742 -49.93 -57.22 -107.48
N ALA A 743 -49.46 -58.17 -108.27
CA ALA A 743 -49.31 -59.56 -107.83
C ALA A 743 -47.84 -59.95 -107.66
N ALA A 744 -46.94 -58.99 -107.53
CA ALA A 744 -45.54 -59.33 -107.42
C ALA A 744 -45.28 -60.06 -106.10
N THR A 745 -44.43 -61.08 -106.17
CA THR A 745 -44.08 -61.87 -105.00
C THR A 745 -42.84 -61.29 -104.31
N LEU A 746 -42.58 -61.76 -103.09
CA LEU A 746 -41.35 -61.35 -102.40
C LEU A 746 -40.13 -61.76 -103.19
N ALA A 747 -40.14 -62.97 -103.76
CA ALA A 747 -39.03 -63.43 -104.59
C ALA A 747 -38.85 -62.52 -105.81
N GLN A 748 -39.93 -61.99 -106.36
CA GLN A 748 -39.81 -61.11 -107.52
C GLN A 748 -39.24 -59.75 -107.12
N TYR A 749 -39.64 -59.24 -105.95
CA TYR A 749 -39.04 -58.03 -105.43
C TYR A 749 -37.56 -58.23 -105.14
N LEU A 750 -37.19 -59.38 -104.58
CA LEU A 750 -35.78 -59.63 -104.28
C LEU A 750 -34.95 -59.67 -105.55
N ASP A 751 -35.46 -60.32 -106.60
CA ASP A 751 -34.71 -60.42 -107.85
C ASP A 751 -34.59 -59.06 -108.52
N ALA A 752 -35.65 -58.24 -108.45
CA ALA A 752 -35.59 -56.90 -109.04
C ALA A 752 -34.62 -56.01 -108.27
N ALA A 753 -34.62 -56.09 -106.94
CA ALA A 753 -33.69 -55.30 -106.15
C ALA A 753 -32.25 -55.69 -106.46
N ALA A 754 -32.01 -56.97 -106.75
CA ALA A 754 -30.68 -57.47 -107.03
C ALA A 754 -30.41 -57.62 -108.51
N ALA A 755 -31.20 -56.97 -109.36
CA ALA A 755 -31.09 -57.20 -110.81
C ALA A 755 -29.77 -56.70 -111.39
N GLY A 756 -29.13 -55.72 -110.75
CA GLY A 756 -27.91 -55.14 -111.26
C GLY A 756 -26.69 -56.01 -111.00
N ASP A 757 -25.53 -55.43 -111.31
CA ASP A 757 -24.24 -56.08 -111.12
C ASP A 757 -23.60 -55.49 -109.86
N GLY A 758 -23.55 -56.29 -108.80
CA GLY A 758 -22.89 -55.91 -107.56
C GLY A 758 -21.54 -56.54 -107.33
N SER A 759 -21.00 -57.28 -108.30
CA SER A 759 -19.72 -57.96 -108.12
C SER A 759 -18.57 -56.97 -107.96
N GLY A 760 -18.64 -55.82 -108.65
CA GLY A 760 -17.62 -54.80 -108.55
C GLY A 760 -17.78 -53.92 -107.32
N THR A 761 -18.98 -53.39 -107.12
CA THR A 761 -19.29 -52.61 -105.93
C THR A 761 -20.70 -52.98 -105.51
N SER A 762 -20.86 -53.35 -104.24
CA SER A 762 -22.17 -53.74 -103.75
C SER A 762 -23.11 -52.54 -103.79
N VAL A 763 -24.36 -52.78 -104.16
CA VAL A 763 -25.34 -51.70 -104.27
C VAL A 763 -26.50 -52.01 -103.33
N ALA A 764 -27.11 -50.97 -102.80
CA ALA A 764 -28.25 -51.10 -101.89
C ALA A 764 -29.53 -50.62 -102.58
N LYS A 765 -30.60 -51.40 -102.43
CA LYS A 765 -31.92 -51.03 -102.91
C LYS A 765 -32.93 -51.33 -101.82
N TRP A 766 -34.15 -50.82 -102.00
CA TRP A 766 -35.19 -51.07 -101.02
C TRP A 766 -36.54 -51.17 -101.72
N PHE A 767 -37.49 -51.82 -101.04
CA PHE A 767 -38.85 -51.97 -101.54
C PHE A 767 -39.78 -52.20 -100.37
N GLN A 768 -41.08 -52.21 -100.65
CA GLN A 768 -42.10 -52.51 -99.67
C GLN A 768 -42.99 -53.63 -100.21
N PHE A 769 -43.19 -54.66 -99.41
CA PHE A 769 -43.97 -55.82 -99.83
C PHE A 769 -44.70 -56.38 -98.62
N GLY A 770 -45.97 -56.75 -98.82
CA GLY A 770 -46.74 -57.36 -97.75
C GLY A 770 -46.87 -56.51 -96.51
N GLY A 771 -46.82 -55.19 -96.66
CA GLY A 771 -46.94 -54.31 -95.52
C GLY A 771 -45.66 -54.08 -94.75
N ASP A 772 -44.53 -54.57 -95.23
CA ASP A 772 -43.25 -54.37 -94.57
C ASP A 772 -42.25 -53.76 -95.54
N THR A 773 -41.17 -53.23 -94.98
CA THR A 773 -40.12 -52.59 -95.77
C THR A 773 -38.87 -53.44 -95.71
N TYR A 774 -38.18 -53.53 -96.84
CA TYR A 774 -37.02 -54.39 -97.00
C TYR A 774 -35.85 -53.59 -97.57
N VAL A 775 -34.65 -53.90 -97.11
CA VAL A 775 -33.42 -53.33 -97.65
C VAL A 775 -32.57 -54.48 -98.17
N VAL A 776 -32.03 -54.31 -99.38
CA VAL A 776 -31.27 -55.36 -100.05
C VAL A 776 -29.90 -54.82 -100.39
N VAL A 777 -28.87 -55.64 -100.19
CA VAL A 777 -27.51 -55.34 -100.62
C VAL A 777 -27.13 -56.38 -101.66
N ASP A 778 -26.98 -55.94 -102.90
CA ASP A 778 -26.63 -56.82 -104.02
C ASP A 778 -25.11 -56.84 -104.18
N SER A 779 -24.51 -58.01 -104.02
CA SER A 779 -23.07 -58.13 -104.16
C SER A 779 -22.69 -59.16 -105.22
N SER A 780 -23.57 -59.38 -106.20
CA SER A 780 -23.36 -60.41 -107.20
C SER A 780 -23.78 -59.91 -108.59
N ALA A 781 -23.10 -60.43 -109.61
CA ALA A 781 -23.30 -59.93 -110.96
C ALA A 781 -24.64 -60.37 -111.56
N GLY A 782 -25.15 -61.52 -111.14
CA GLY A 782 -26.37 -62.07 -111.71
C GLY A 782 -27.59 -61.19 -111.46
N ALA A 783 -28.63 -61.47 -112.24
CA ALA A 783 -29.88 -60.72 -112.13
C ALA A 783 -30.82 -61.28 -111.07
N THR A 784 -30.51 -62.40 -110.45
CA THR A 784 -31.36 -62.97 -109.41
C THR A 784 -30.68 -62.84 -108.05
N PHE A 785 -31.48 -62.61 -107.01
CA PHE A 785 -31.00 -62.55 -105.63
C PHE A 785 -30.31 -63.86 -105.25
N VAL A 786 -29.08 -63.76 -104.74
CA VAL A 786 -28.29 -64.92 -104.36
C VAL A 786 -28.28 -65.03 -102.84
N SER A 787 -28.91 -66.10 -102.32
CA SER A 787 -28.98 -66.30 -100.87
C SER A 787 -27.58 -66.55 -100.30
N GLY A 788 -27.27 -65.87 -99.20
CA GLY A 788 -25.98 -66.00 -98.57
C GLY A 788 -24.90 -65.12 -99.13
N ALA A 789 -25.10 -64.52 -100.30
CA ALA A 789 -24.18 -63.56 -100.89
C ALA A 789 -24.75 -62.16 -100.93
N ASP A 790 -25.98 -62.01 -101.42
CA ASP A 790 -26.72 -60.76 -101.31
C ASP A 790 -27.54 -60.80 -100.02
N ALA A 791 -27.78 -59.63 -99.45
CA ALA A 791 -28.39 -59.54 -98.13
C ALA A 791 -29.77 -58.90 -98.23
N VAL A 792 -30.66 -59.32 -97.33
CA VAL A 792 -31.96 -58.69 -97.21
C VAL A 792 -32.23 -58.42 -95.75
N ILE A 793 -32.66 -57.22 -95.44
CA ILE A 793 -32.99 -56.77 -94.10
C ILE A 793 -34.44 -56.31 -94.12
N LYS A 794 -35.21 -56.76 -93.14
CA LYS A 794 -36.64 -56.47 -93.12
C LYS A 794 -36.98 -55.50 -91.99
N LEU A 795 -37.76 -54.48 -92.32
CA LEU A 795 -38.29 -53.55 -91.33
C LEU A 795 -39.79 -53.73 -91.25
N THR A 796 -40.30 -53.95 -90.04
CA THR A 796 -41.73 -54.15 -89.84
C THR A 796 -42.48 -52.87 -90.16
N GLY A 797 -43.58 -52.99 -90.90
CA GLY A 797 -44.37 -51.84 -91.26
C GLY A 797 -43.87 -51.15 -92.51
N LEU A 798 -44.60 -50.10 -92.89
CA LEU A 798 -44.23 -49.26 -94.03
C LEU A 798 -43.38 -48.08 -93.56
N VAL A 799 -42.10 -48.10 -93.90
CA VAL A 799 -41.17 -47.04 -93.54
C VAL A 799 -40.62 -46.42 -94.81
N THR A 800 -40.82 -45.11 -94.98
CA THR A 800 -40.32 -44.40 -96.15
C THR A 800 -38.83 -44.15 -96.02
N LEU A 801 -38.05 -44.69 -96.95
CA LEU A 801 -36.60 -44.53 -96.97
C LEU A 801 -36.12 -43.58 -98.04
N THR A 802 -37.04 -42.89 -98.73
CA THR A 802 -36.64 -42.11 -99.91
C THR A 802 -35.69 -40.97 -99.54
N THR A 803 -35.97 -40.27 -98.45
CA THR A 803 -35.15 -39.15 -98.00
C THR A 803 -34.04 -39.53 -97.04
N SER A 804 -33.87 -40.82 -96.72
CA SER A 804 -32.79 -41.23 -95.82
C SER A 804 -31.52 -41.49 -96.62
N ALA A 805 -30.39 -41.11 -96.05
CA ALA A 805 -29.14 -41.10 -96.78
C ALA A 805 -28.12 -42.07 -96.16
N PHE A 806 -27.27 -42.60 -97.05
CA PHE A 806 -26.13 -43.39 -96.65
C PHE A 806 -24.92 -42.47 -96.47
N ALA A 807 -24.28 -42.57 -95.32
CA ALA A 807 -23.03 -41.89 -95.05
C ALA A 807 -22.04 -42.92 -94.52
N THR A 808 -20.97 -43.17 -95.27
CA THR A 808 -20.02 -44.24 -94.99
C THR A 808 -20.75 -45.52 -94.58
N GLU A 809 -21.63 -45.98 -95.49
CA GLU A 809 -22.38 -47.24 -95.39
C GLU A 809 -23.33 -47.29 -94.20
N VAL A 810 -23.74 -46.14 -93.68
CA VAL A 810 -24.70 -46.07 -92.58
C VAL A 810 -25.92 -45.30 -93.05
N LEU A 811 -27.08 -45.93 -92.94
CA LEU A 811 -28.35 -45.32 -93.34
C LEU A 811 -28.98 -44.73 -92.08
N THR A 812 -29.26 -43.43 -92.10
CA THR A 812 -29.93 -42.77 -91.00
C THR A 812 -31.35 -42.45 -91.43
N LEU A 813 -32.33 -43.04 -90.74
CA LEU A 813 -33.72 -42.87 -91.13
C LEU A 813 -34.13 -41.41 -90.94
N ALA A 814 -34.73 -40.83 -91.98
CA ALA A 814 -35.21 -39.45 -91.91
C ALA A 814 -36.65 -39.38 -92.41
N THR B 39 -58.12 23.10 -2.50
CA THR B 39 -57.64 22.18 -3.51
C THR B 39 -56.14 21.94 -3.37
N LEU B 40 -55.71 20.74 -3.76
CA LEU B 40 -54.36 20.28 -3.46
C LEU B 40 -53.56 20.04 -4.73
N SER B 41 -53.53 21.04 -5.60
CA SER B 41 -52.79 20.99 -6.85
C SER B 41 -51.36 21.47 -6.60
N LEU B 42 -50.38 20.65 -6.95
CA LEU B 42 -49.00 21.08 -6.85
C LEU B 42 -48.66 22.08 -7.95
N THR B 43 -47.58 22.84 -7.72
CA THR B 43 -47.10 23.84 -8.67
C THR B 43 -45.66 23.51 -9.05
N THR B 44 -45.11 24.29 -9.99
CA THR B 44 -43.71 24.19 -10.35
C THR B 44 -42.80 24.82 -9.28
N GLY B 45 -43.38 25.49 -8.29
CA GLY B 45 -42.63 25.95 -7.15
C GLY B 45 -42.63 24.93 -6.03
N THR B 46 -42.06 25.32 -4.90
CA THR B 46 -42.01 24.45 -3.73
C THR B 46 -43.33 24.53 -2.96
N ASP B 47 -44.05 23.42 -2.91
CA ASP B 47 -45.37 23.39 -2.29
C ASP B 47 -45.30 22.83 -0.88
N THR B 48 -46.20 23.33 -0.03
CA THR B 48 -46.37 22.83 1.33
C THR B 48 -47.86 22.59 1.49
N LEU B 49 -48.28 21.34 1.29
CA LEU B 49 -49.69 20.98 1.22
C LEU B 49 -50.04 20.00 2.33
N THR B 50 -51.09 20.31 3.07
CA THR B 50 -51.61 19.44 4.10
C THR B 50 -53.04 19.06 3.75
N GLY B 51 -53.34 17.77 3.78
CA GLY B 51 -54.65 17.27 3.39
C GLY B 51 -55.71 17.52 4.44
N THR B 52 -56.87 16.95 4.18
CA THR B 52 -58.01 16.99 5.09
C THR B 52 -58.03 15.71 5.93
N ALA B 53 -58.94 15.65 6.89
CA ALA B 53 -59.15 14.44 7.67
C ALA B 53 -59.91 13.35 6.89
N ASN B 54 -60.28 13.61 5.65
CA ASN B 54 -60.92 12.63 4.78
C ASN B 54 -59.97 12.33 3.61
N ASN B 55 -60.52 11.66 2.60
CA ASN B 55 -59.77 11.20 1.44
C ASN B 55 -59.43 12.35 0.50
N ASP B 56 -58.15 12.59 0.30
CA ASP B 56 -57.67 13.66 -0.57
C ASP B 56 -56.94 13.11 -1.79
N THR B 57 -56.92 13.92 -2.84
CA THR B 57 -56.11 13.63 -4.02
C THR B 57 -55.13 14.78 -4.18
N PHE B 58 -53.84 14.48 -4.10
CA PHE B 58 -52.80 15.46 -4.35
C PHE B 58 -52.50 15.40 -5.84
N VAL B 59 -52.70 16.50 -6.54
CA VAL B 59 -52.66 16.54 -7.99
C VAL B 59 -51.28 17.06 -8.37
N ALA B 60 -50.41 16.14 -8.80
CA ALA B 60 -49.08 16.54 -9.20
C ALA B 60 -48.83 16.23 -10.67
N GLY B 61 -49.75 16.63 -11.54
CA GLY B 61 -49.56 16.46 -12.96
C GLY B 61 -48.78 17.62 -13.52
N GLU B 62 -48.94 17.85 -14.81
CA GLU B 62 -48.18 18.92 -15.44
C GLU B 62 -48.99 20.20 -15.46
N VAL B 63 -48.27 21.31 -15.40
CA VAL B 63 -48.81 22.65 -15.60
C VAL B 63 -48.03 23.24 -16.77
N ALA B 64 -48.70 23.41 -17.91
CA ALA B 64 -48.09 23.99 -19.10
C ALA B 64 -46.82 23.24 -19.51
N GLY B 65 -46.87 21.91 -19.42
CA GLY B 65 -45.78 21.06 -19.85
C GLY B 65 -44.68 20.83 -18.84
N ALA B 66 -44.77 21.44 -17.65
CA ALA B 66 -43.75 21.35 -16.63
C ALA B 66 -44.23 20.56 -15.42
N ALA B 67 -43.36 19.70 -14.91
CA ALA B 67 -43.66 18.86 -13.75
C ALA B 67 -43.89 19.71 -12.50
N THR B 68 -44.79 19.25 -11.63
CA THR B 68 -45.08 19.94 -10.38
C THR B 68 -44.62 19.20 -9.12
N LEU B 69 -44.19 17.95 -9.23
CA LEU B 69 -43.52 17.25 -8.14
C LEU B 69 -42.05 17.64 -8.24
N THR B 70 -41.62 18.56 -7.38
CA THR B 70 -40.38 19.30 -7.58
C THR B 70 -39.65 19.50 -6.26
N VAL B 71 -38.45 20.07 -6.37
CA VAL B 71 -37.52 20.24 -5.25
C VAL B 71 -38.23 20.88 -4.07
N GLY B 72 -38.07 20.27 -2.89
CA GLY B 72 -38.54 20.85 -1.66
C GLY B 72 -40.00 20.62 -1.30
N ASP B 73 -40.79 19.99 -2.19
CA ASP B 73 -42.22 19.80 -1.92
C ASP B 73 -42.41 19.04 -0.60
N THR B 74 -43.40 19.46 0.19
CA THR B 74 -43.71 18.82 1.46
C THR B 74 -45.21 18.52 1.49
N LEU B 75 -45.56 17.23 1.46
CA LEU B 75 -46.95 16.78 1.40
C LEU B 75 -47.30 15.96 2.63
N SER B 76 -48.41 16.30 3.27
N SER B 76 -48.38 16.33 3.31
CA SER B 76 -48.88 15.61 4.47
CA SER B 76 -48.89 15.61 4.46
C SER B 76 -50.36 15.28 4.29
C SER B 76 -50.35 15.28 4.22
N GLY B 77 -50.66 13.98 4.14
CA GLY B 77 -52.03 13.59 3.80
C GLY B 77 -53.04 13.82 4.90
N GLY B 78 -52.64 13.70 6.15
CA GLY B 78 -53.62 13.71 7.21
C GLY B 78 -54.39 12.39 7.24
N ALA B 79 -55.45 12.39 8.05
CA ALA B 79 -56.29 11.20 8.19
C ALA B 79 -57.02 10.91 6.88
N GLY B 80 -57.52 9.68 6.76
CA GLY B 80 -58.20 9.25 5.56
C GLY B 80 -57.28 8.60 4.53
N THR B 81 -57.89 8.04 3.49
CA THR B 81 -57.16 7.32 2.46
C THR B 81 -56.83 8.31 1.34
N ASP B 82 -55.54 8.58 1.18
CA ASP B 82 -55.09 9.68 0.35
C ASP B 82 -54.23 9.16 -0.79
N VAL B 83 -54.22 9.89 -1.91
CA VAL B 83 -53.50 9.47 -3.11
C VAL B 83 -52.75 10.66 -3.68
N LEU B 84 -51.55 10.40 -4.21
CA LEU B 84 -50.76 11.38 -4.92
C LEU B 84 -50.60 10.91 -6.35
N ASN B 85 -51.06 11.70 -7.30
CA ASN B 85 -50.94 11.39 -8.72
C ASN B 85 -49.86 12.27 -9.33
N TRP B 86 -48.74 11.65 -9.65
CA TRP B 86 -47.55 12.30 -10.18
C TRP B 86 -47.40 11.93 -11.65
N VAL B 87 -47.51 12.92 -12.53
CA VAL B 87 -47.48 12.71 -13.97
C VAL B 87 -46.57 13.76 -14.60
N GLN B 88 -45.64 13.33 -15.46
CA GLN B 88 -44.78 14.25 -16.18
C GLN B 88 -44.29 13.57 -17.45
N ALA B 89 -44.16 14.37 -18.52
CA ALA B 89 -43.70 13.82 -19.80
C ALA B 89 -42.23 13.46 -19.75
N ALA B 90 -41.41 14.29 -19.12
CA ALA B 90 -39.99 14.03 -19.04
C ALA B 90 -39.75 12.81 -18.14
N ALA B 91 -38.62 12.16 -18.35
CA ALA B 91 -38.25 11.04 -17.50
C ALA B 91 -38.25 11.44 -16.03
N VAL B 92 -38.69 10.51 -15.19
CA VAL B 92 -38.52 10.65 -13.74
C VAL B 92 -37.14 10.08 -13.43
N THR B 93 -36.28 10.90 -12.82
CA THR B 93 -34.91 10.50 -12.56
C THR B 93 -34.59 10.27 -11.09
N ALA B 94 -35.40 10.78 -10.18
CA ALA B 94 -35.24 10.57 -8.74
C ALA B 94 -36.39 11.26 -8.03
N LEU B 95 -36.54 10.96 -6.74
CA LEU B 95 -37.27 11.87 -5.87
C LEU B 95 -36.49 13.18 -5.83
N PRO B 96 -37.12 14.33 -6.06
CA PRO B 96 -36.36 15.59 -6.08
C PRO B 96 -35.76 15.93 -4.72
N THR B 97 -34.72 16.76 -4.75
CA THR B 97 -34.05 17.20 -3.52
C THR B 97 -35.07 17.77 -2.54
N GLY B 98 -35.02 17.31 -1.29
CA GLY B 98 -35.79 17.89 -0.21
C GLY B 98 -37.26 17.54 -0.18
N VAL B 99 -37.71 16.60 -1.01
CA VAL B 99 -39.10 16.21 -1.02
C VAL B 99 -39.38 15.25 0.12
N THR B 100 -40.46 15.50 0.86
CA THR B 100 -40.94 14.56 1.87
C THR B 100 -42.44 14.35 1.68
N ILE B 101 -42.86 13.10 1.72
CA ILE B 101 -44.26 12.72 1.55
C ILE B 101 -44.66 11.89 2.77
N SER B 102 -45.77 12.26 3.41
N SER B 102 -45.77 12.26 3.41
CA SER B 102 -46.21 11.63 4.64
CA SER B 102 -46.19 11.56 4.62
C SER B 102 -47.73 11.53 4.69
C SER B 102 -47.71 11.51 4.69
N GLY B 103 -48.24 10.41 5.21
CA GLY B 103 -49.67 10.25 5.35
C GLY B 103 -50.42 9.99 4.06
N ILE B 104 -49.72 9.73 2.97
CA ILE B 104 -50.35 9.48 1.69
C ILE B 104 -50.23 8.00 1.36
N GLU B 105 -51.36 7.33 1.22
CA GLU B 105 -51.38 5.88 1.17
C GLU B 105 -51.01 5.32 -0.20
N THR B 106 -51.35 6.02 -1.29
CA THR B 106 -51.08 5.56 -2.65
C THR B 106 -50.35 6.62 -3.45
N MET B 107 -49.31 6.23 -4.17
CA MET B 107 -48.55 7.12 -5.03
C MET B 107 -48.51 6.54 -6.44
N ASN B 108 -49.11 7.26 -7.39
CA ASN B 108 -49.07 6.88 -8.81
C ASN B 108 -48.06 7.74 -9.53
N VAL B 109 -47.15 7.09 -10.26
CA VAL B 109 -46.08 7.77 -10.98
C VAL B 109 -46.17 7.35 -12.44
N THR B 110 -46.41 8.33 -13.33
CA THR B 110 -46.56 8.10 -14.76
C THR B 110 -45.63 9.03 -15.52
N SER B 111 -44.81 8.46 -16.40
CA SER B 111 -43.90 9.28 -17.19
C SER B 111 -44.05 8.98 -18.67
N GLY B 112 -43.73 9.98 -19.48
CA GLY B 112 -43.64 9.79 -20.91
C GLY B 112 -42.33 9.15 -21.35
N ALA B 113 -41.38 9.04 -20.44
CA ALA B 113 -40.13 8.36 -20.71
C ALA B 113 -39.82 7.38 -19.57
N ALA B 114 -38.56 7.20 -19.22
CA ALA B 114 -38.20 6.22 -18.22
C ALA B 114 -38.57 6.71 -16.83
N ILE B 115 -38.62 5.77 -15.90
CA ILE B 115 -38.81 6.08 -14.48
C ILE B 115 -37.64 5.48 -13.72
N THR B 116 -36.90 6.33 -13.01
CA THR B 116 -35.90 5.92 -12.03
C THR B 116 -36.28 6.57 -10.71
N LEU B 117 -36.56 5.75 -9.70
CA LEU B 117 -37.16 6.27 -8.48
C LEU B 117 -36.85 5.38 -7.29
N ASN B 118 -36.47 6.00 -6.17
CA ASN B 118 -36.20 5.31 -4.91
C ASN B 118 -37.06 5.97 -3.84
N THR B 119 -38.04 5.23 -3.32
CA THR B 119 -38.92 5.77 -2.27
C THR B 119 -38.61 5.19 -0.89
N SER B 120 -37.43 4.58 -0.71
CA SER B 120 -37.14 4.00 0.60
C SER B 120 -36.71 5.04 1.63
N SER B 121 -36.66 6.33 1.27
CA SER B 121 -36.45 7.37 2.27
C SER B 121 -37.19 8.62 1.84
N GLY B 122 -37.58 9.43 2.84
CA GLY B 122 -38.39 10.61 2.62
C GLY B 122 -39.87 10.35 2.50
N VAL B 123 -40.30 9.09 2.42
CA VAL B 123 -41.69 8.75 2.21
C VAL B 123 -42.13 7.85 3.36
N THR B 124 -43.14 8.31 4.12
CA THR B 124 -43.61 7.54 5.26
C THR B 124 -45.11 7.36 5.16
N GLY B 125 -45.56 6.14 5.45
CA GLY B 125 -46.97 5.84 5.44
C GLY B 125 -47.51 5.43 4.09
N LEU B 126 -46.65 5.30 3.08
CA LEU B 126 -47.08 4.87 1.76
C LEU B 126 -47.24 3.35 1.76
N THR B 127 -48.39 2.86 1.32
CA THR B 127 -48.59 1.41 1.25
C THR B 127 -48.69 0.91 -0.18
N ALA B 128 -48.84 1.78 -1.18
CA ALA B 128 -48.86 1.35 -2.57
C ALA B 128 -48.12 2.34 -3.44
N LEU B 129 -47.11 1.85 -4.16
CA LEU B 129 -46.37 2.65 -5.13
C LEU B 129 -46.61 2.01 -6.50
N ASN B 130 -47.18 2.79 -7.43
CA ASN B 130 -47.49 2.33 -8.78
C ASN B 130 -46.73 3.17 -9.79
N THR B 131 -45.85 2.54 -10.57
CA THR B 131 -45.03 3.23 -11.55
C THR B 131 -45.38 2.74 -12.95
N ASN B 132 -45.57 3.68 -13.89
CA ASN B 132 -46.16 3.39 -15.19
C ASN B 132 -45.33 4.03 -16.30
N THR B 133 -44.84 3.20 -17.23
CA THR B 133 -44.17 3.69 -18.42
C THR B 133 -44.71 2.97 -19.65
N SER B 134 -44.36 3.52 -20.82
CA SER B 134 -44.59 2.86 -22.09
C SER B 134 -43.39 3.13 -22.98
N GLY B 135 -42.79 2.05 -23.49
CA GLY B 135 -41.61 2.18 -24.33
C GLY B 135 -40.41 2.77 -23.63
N ALA B 136 -40.29 2.55 -22.33
CA ALA B 136 -39.16 3.09 -21.58
C ALA B 136 -38.93 2.26 -20.32
N ALA B 137 -37.69 2.29 -19.85
CA ALA B 137 -37.24 1.48 -18.74
C ALA B 137 -37.83 1.94 -17.42
N GLN B 138 -37.78 1.04 -16.43
CA GLN B 138 -38.12 1.33 -15.05
C GLN B 138 -37.00 0.81 -14.17
N THR B 139 -36.52 1.65 -13.24
CA THR B 139 -35.52 1.26 -12.24
C THR B 139 -36.03 1.79 -10.91
N VAL B 140 -36.71 0.95 -10.15
CA VAL B 140 -37.48 1.41 -8.99
C VAL B 140 -37.05 0.64 -7.75
N THR B 141 -36.77 1.38 -6.66
CA THR B 141 -36.55 0.79 -5.35
C THR B 141 -37.63 1.33 -4.42
N ALA B 142 -38.43 0.44 -3.86
CA ALA B 142 -39.49 0.81 -2.94
C ALA B 142 -39.10 0.48 -1.50
N GLY B 143 -39.72 1.20 -0.57
CA GLY B 143 -39.55 0.87 0.84
C GLY B 143 -40.15 -0.48 1.18
N ALA B 144 -39.63 -1.08 2.26
CA ALA B 144 -40.00 -2.46 2.60
C ALA B 144 -41.46 -2.62 2.99
N GLY B 145 -42.16 -1.53 3.30
CA GLY B 145 -43.58 -1.59 3.60
C GLY B 145 -44.48 -1.09 2.47
N GLN B 146 -43.95 -0.91 1.27
CA GLN B 146 -44.68 -0.34 0.15
C GLN B 146 -44.94 -1.41 -0.90
N ASN B 147 -46.21 -1.69 -1.19
CA ASN B 147 -46.53 -2.60 -2.29
C ASN B 147 -46.23 -1.93 -3.62
N LEU B 148 -45.36 -2.52 -4.42
CA LEU B 148 -44.92 -1.92 -5.67
C LEU B 148 -45.58 -2.63 -6.85
N THR B 149 -46.15 -1.85 -7.77
CA THR B 149 -46.67 -2.35 -9.04
C THR B 149 -46.03 -1.55 -10.16
N ALA B 150 -45.12 -2.18 -10.90
CA ALA B 150 -44.45 -1.55 -12.03
C ALA B 150 -45.08 -2.07 -13.32
N THR B 151 -45.80 -1.20 -14.03
CA THR B 151 -46.51 -1.54 -15.25
C THR B 151 -45.82 -0.88 -16.43
N THR B 152 -45.37 -1.70 -17.38
CA THR B 152 -44.65 -1.22 -18.57
C THR B 152 -45.33 -1.77 -19.81
N ALA B 153 -45.80 -0.85 -20.68
CA ALA B 153 -46.28 -1.22 -22.00
C ALA B 153 -45.15 -1.03 -23.01
N ALA B 154 -45.20 -1.80 -24.10
CA ALA B 154 -44.23 -1.70 -25.20
C ALA B 154 -42.80 -1.65 -24.67
N GLN B 155 -42.49 -2.55 -23.73
CA GLN B 155 -41.18 -2.53 -23.08
C GLN B 155 -40.06 -2.73 -24.10
N ALA B 156 -40.28 -3.62 -25.07
CA ALA B 156 -39.33 -3.88 -26.15
C ALA B 156 -37.95 -4.19 -25.59
N ALA B 157 -36.93 -3.41 -25.97
CA ALA B 157 -35.57 -3.67 -25.55
C ALA B 157 -35.18 -2.96 -24.26
N ASN B 158 -36.10 -2.19 -23.67
CA ASN B 158 -35.81 -1.53 -22.39
C ASN B 158 -35.84 -2.54 -21.25
N ASN B 159 -35.03 -2.29 -20.22
CA ASN B 159 -34.93 -3.18 -19.08
C ASN B 159 -35.78 -2.69 -17.92
N VAL B 160 -36.37 -3.63 -17.19
CA VAL B 160 -37.15 -3.34 -15.99
C VAL B 160 -36.43 -3.97 -14.81
N ALA B 161 -36.12 -3.16 -13.81
CA ALA B 161 -35.46 -3.62 -12.59
C ALA B 161 -36.15 -2.97 -11.40
N VAL B 162 -36.64 -3.78 -10.48
CA VAL B 162 -37.30 -3.29 -9.28
C VAL B 162 -36.65 -3.93 -8.07
N ASP B 163 -36.63 -3.20 -6.96
CA ASP B 163 -36.01 -3.65 -5.72
C ASP B 163 -36.82 -3.17 -4.53
N GLY B 164 -36.58 -3.82 -3.39
CA GLY B 164 -37.28 -3.45 -2.17
C GLY B 164 -38.75 -3.81 -2.24
N GLY B 165 -39.55 -3.05 -1.51
CA GLY B 165 -40.98 -3.23 -1.53
C GLY B 165 -41.48 -4.31 -0.57
N ALA B 166 -42.79 -4.30 -0.36
CA ALA B 166 -43.47 -5.39 0.34
C ALA B 166 -43.89 -6.43 -0.69
N ASN B 167 -45.15 -6.42 -1.11
CA ASN B 167 -45.53 -7.20 -2.29
C ASN B 167 -45.07 -6.47 -3.53
N VAL B 168 -44.43 -7.18 -4.45
CA VAL B 168 -43.94 -6.60 -5.69
C VAL B 168 -44.68 -7.25 -6.86
N THR B 169 -45.16 -6.41 -7.79
CA THR B 169 -45.85 -6.84 -9.00
C THR B 169 -45.22 -6.16 -10.21
N VAL B 170 -44.82 -6.95 -11.20
CA VAL B 170 -44.30 -6.46 -12.46
C VAL B 170 -45.26 -6.88 -13.58
N ALA B 171 -45.77 -5.91 -14.33
CA ALA B 171 -46.74 -6.18 -15.40
C ALA B 171 -46.21 -5.56 -16.69
N SER B 172 -45.58 -6.39 -17.52
CA SER B 172 -44.87 -5.94 -18.71
C SER B 172 -45.45 -6.58 -19.96
N THR B 173 -45.77 -5.74 -20.95
CA THR B 173 -46.29 -6.18 -22.23
C THR B 173 -45.45 -5.57 -23.35
N GLY B 174 -45.53 -6.19 -24.53
CA GLY B 174 -44.71 -5.75 -25.64
C GLY B 174 -43.24 -5.90 -25.40
N VAL B 175 -42.85 -6.84 -24.54
CA VAL B 175 -41.44 -7.07 -24.22
C VAL B 175 -40.76 -7.72 -25.41
N THR B 176 -39.50 -7.33 -25.68
CA THR B 176 -38.69 -8.11 -26.59
C THR B 176 -37.40 -8.54 -25.87
N SER B 177 -36.25 -7.99 -26.26
CA SER B 177 -35.00 -8.40 -25.64
C SER B 177 -34.77 -7.80 -24.26
N GLY B 178 -35.62 -6.89 -23.81
CA GLY B 178 -35.42 -6.27 -22.50
C GLY B 178 -35.54 -7.26 -21.36
N THR B 179 -34.75 -7.05 -20.32
CA THR B 179 -34.73 -7.97 -19.20
C THR B 179 -35.70 -7.53 -18.10
N THR B 180 -35.96 -8.44 -17.16
CA THR B 180 -36.84 -8.20 -16.02
C THR B 180 -36.13 -8.73 -14.79
N THR B 181 -35.77 -7.85 -13.85
CA THR B 181 -35.00 -8.26 -12.68
C THR B 181 -35.66 -7.74 -11.41
N VAL B 182 -35.95 -8.64 -10.49
CA VAL B 182 -36.58 -8.30 -9.22
C VAL B 182 -35.65 -8.70 -8.08
N GLY B 183 -35.35 -7.75 -7.20
CA GLY B 183 -34.69 -8.06 -5.96
C GLY B 183 -33.22 -8.38 -6.06
N ALA B 184 -32.56 -7.98 -7.15
CA ALA B 184 -31.12 -8.20 -7.26
C ALA B 184 -30.35 -7.42 -6.21
N ASN B 185 -30.90 -6.30 -5.73
CA ASN B 185 -30.24 -5.50 -4.72
C ASN B 185 -30.90 -5.62 -3.36
N SER B 186 -32.22 -5.74 -3.30
CA SER B 186 -32.90 -5.94 -2.03
C SER B 186 -34.20 -6.68 -2.31
N ALA B 187 -34.41 -7.80 -1.61
CA ALA B 187 -35.54 -8.66 -1.91
C ALA B 187 -36.85 -8.02 -1.44
N ALA B 188 -37.94 -8.40 -2.11
CA ALA B 188 -39.26 -8.01 -1.64
C ALA B 188 -39.54 -8.61 -0.27
N SER B 189 -40.18 -7.84 0.59
CA SER B 189 -40.59 -8.39 1.88
C SER B 189 -41.80 -9.31 1.75
N GLY B 190 -42.66 -9.10 0.75
CA GLY B 190 -43.81 -9.97 0.55
C GLY B 190 -43.69 -10.89 -0.65
N THR B 191 -44.76 -11.03 -1.39
CA THR B 191 -44.77 -11.89 -2.57
C THR B 191 -44.22 -11.15 -3.79
N VAL B 192 -43.87 -11.94 -4.80
CA VAL B 192 -43.40 -11.43 -6.09
C VAL B 192 -44.27 -12.02 -7.18
N SER B 193 -44.76 -11.14 -8.07
CA SER B 193 -45.57 -11.50 -9.22
C SER B 193 -45.01 -10.80 -10.45
N VAL B 194 -44.55 -11.58 -11.42
CA VAL B 194 -43.98 -11.05 -12.65
C VAL B 194 -44.81 -11.59 -13.81
N SER B 195 -45.27 -10.68 -14.67
CA SER B 195 -45.95 -11.04 -15.91
C SER B 195 -45.24 -10.37 -17.07
N VAL B 196 -44.81 -11.17 -18.04
CA VAL B 196 -44.05 -10.70 -19.20
C VAL B 196 -44.71 -11.28 -20.45
N ALA B 197 -45.17 -10.41 -21.35
CA ALA B 197 -45.82 -10.81 -22.59
C ALA B 197 -44.99 -10.32 -23.75
N ASN B 198 -44.75 -11.21 -24.72
CA ASN B 198 -43.94 -10.91 -25.90
C ASN B 198 -44.70 -11.41 -27.12
N SER B 199 -44.95 -10.52 -28.08
CA SER B 199 -45.64 -10.87 -29.32
C SER B 199 -44.74 -10.75 -30.54
N SER B 200 -43.45 -10.48 -30.35
CA SER B 200 -42.47 -10.44 -31.40
C SER B 200 -41.90 -11.84 -31.65
N THR B 201 -40.93 -11.93 -32.57
CA THR B 201 -40.09 -13.12 -32.69
C THR B 201 -38.73 -12.96 -32.04
N THR B 202 -38.49 -11.84 -31.34
CA THR B 202 -37.22 -11.63 -30.65
C THR B 202 -37.24 -12.30 -29.27
N THR B 203 -36.22 -13.13 -29.00
CA THR B 203 -36.19 -13.89 -27.76
C THR B 203 -36.37 -12.98 -26.55
N THR B 204 -37.29 -13.36 -25.67
CA THR B 204 -37.60 -12.55 -24.50
C THR B 204 -36.39 -12.45 -23.57
N GLY B 205 -36.10 -11.22 -23.12
CA GLY B 205 -34.98 -11.03 -22.22
C GLY B 205 -35.15 -11.79 -20.92
N ALA B 206 -34.01 -12.19 -20.34
CA ALA B 206 -34.00 -13.05 -19.16
C ALA B 206 -34.77 -12.44 -18.00
N ILE B 207 -35.41 -13.30 -17.22
CA ILE B 207 -36.16 -12.90 -16.03
C ILE B 207 -35.48 -13.51 -14.81
N ALA B 208 -35.18 -12.66 -13.83
CA ALA B 208 -34.52 -13.08 -12.60
C ALA B 208 -35.26 -12.51 -11.41
N VAL B 209 -35.54 -13.36 -10.42
CA VAL B 209 -36.15 -12.95 -9.17
C VAL B 209 -35.30 -13.51 -8.02
N THR B 210 -34.99 -12.66 -7.04
CA THR B 210 -34.29 -13.09 -5.84
C THR B 210 -35.09 -12.70 -4.62
N GLY B 211 -35.53 -13.69 -3.85
CA GLY B 211 -36.21 -13.46 -2.59
C GLY B 211 -37.69 -13.20 -2.76
N GLY B 212 -38.38 -13.15 -1.61
CA GLY B 212 -39.82 -13.01 -1.57
C GLY B 212 -40.42 -14.18 -0.80
N THR B 213 -41.62 -13.99 -0.23
CA THR B 213 -42.24 -15.08 0.51
C THR B 213 -42.77 -16.16 -0.43
N ALA B 214 -43.23 -15.77 -1.62
CA ALA B 214 -43.64 -16.65 -2.70
C ALA B 214 -43.45 -15.90 -4.01
N VAL B 215 -43.02 -16.62 -5.05
CA VAL B 215 -42.67 -16.01 -6.33
C VAL B 215 -43.47 -16.69 -7.43
N THR B 216 -44.05 -15.89 -8.32
CA THR B 216 -44.68 -16.36 -9.55
C THR B 216 -44.12 -15.57 -10.72
N VAL B 217 -43.58 -16.28 -11.71
CA VAL B 217 -43.13 -15.69 -12.97
C VAL B 217 -43.99 -16.30 -14.06
N ALA B 218 -44.84 -15.47 -14.68
CA ALA B 218 -45.77 -15.89 -15.73
C ALA B 218 -45.38 -15.21 -17.03
N GLN B 219 -45.02 -16.01 -18.02
CA GLN B 219 -44.65 -15.56 -19.36
C GLN B 219 -45.75 -15.92 -20.35
N THR B 220 -45.91 -15.10 -21.38
CA THR B 220 -46.76 -15.47 -22.50
C THR B 220 -46.07 -15.10 -23.80
N ALA B 221 -46.33 -15.91 -24.83
CA ALA B 221 -45.84 -15.66 -26.18
C ALA B 221 -47.04 -15.40 -27.09
N GLY B 222 -47.00 -14.29 -27.81
CA GLY B 222 -48.11 -13.92 -28.67
C GLY B 222 -47.73 -13.66 -30.12
N ASN B 223 -46.65 -14.28 -30.58
CA ASN B 223 -46.21 -14.15 -31.95
C ASN B 223 -47.21 -14.77 -32.91
N ALA B 224 -47.14 -14.33 -34.18
CA ALA B 224 -48.12 -14.73 -35.19
C ALA B 224 -47.89 -16.16 -35.66
N VAL B 225 -48.89 -16.68 -36.37
CA VAL B 225 -48.76 -18.03 -36.91
C VAL B 225 -47.63 -18.02 -37.93
N ASN B 226 -46.98 -19.17 -38.07
CA ASN B 226 -45.85 -19.36 -38.97
C ASN B 226 -44.63 -18.53 -38.58
N THR B 227 -44.54 -18.14 -37.31
CA THR B 227 -43.34 -17.54 -36.74
C THR B 227 -43.00 -18.30 -35.47
N THR B 228 -41.74 -18.20 -35.03
CA THR B 228 -41.29 -18.89 -33.83
C THR B 228 -40.67 -17.88 -32.87
N LEU B 229 -41.10 -17.93 -31.61
CA LEU B 229 -40.56 -17.11 -30.53
C LEU B 229 -40.01 -18.02 -29.45
N THR B 230 -38.78 -17.76 -29.03
CA THR B 230 -38.20 -18.42 -27.87
C THR B 230 -38.46 -17.54 -26.64
N GLN B 231 -39.08 -18.12 -25.63
CA GLN B 231 -39.43 -17.39 -24.43
C GLN B 231 -38.22 -17.27 -23.51
N ALA B 232 -38.38 -16.48 -22.44
CA ALA B 232 -37.25 -16.10 -21.59
C ALA B 232 -36.80 -17.23 -20.67
N ASP B 233 -35.48 -17.35 -20.51
CA ASP B 233 -34.94 -18.10 -19.39
C ASP B 233 -35.32 -17.41 -18.09
N VAL B 234 -35.68 -18.21 -17.10
CA VAL B 234 -36.14 -17.70 -15.81
C VAL B 234 -35.22 -18.24 -14.72
N THR B 235 -34.76 -17.34 -13.86
CA THR B 235 -33.99 -17.69 -12.68
C THR B 235 -34.72 -17.15 -11.45
N VAL B 236 -34.98 -18.04 -10.48
CA VAL B 236 -35.60 -17.64 -9.22
C VAL B 236 -34.70 -18.16 -8.10
N THR B 237 -34.12 -17.24 -7.34
CA THR B 237 -33.34 -17.60 -6.16
C THR B 237 -34.13 -17.16 -4.94
N GLY B 238 -34.53 -18.11 -4.11
CA GLY B 238 -35.26 -17.76 -2.92
C GLY B 238 -34.35 -17.12 -1.89
N ASN B 239 -34.97 -16.57 -0.86
CA ASN B 239 -34.23 -16.23 0.35
C ASN B 239 -34.81 -17.09 1.47
N SER B 240 -34.44 -16.78 2.71
CA SER B 240 -34.91 -17.58 3.84
C SER B 240 -36.42 -17.53 4.02
N SER B 241 -37.12 -16.69 3.26
CA SER B 241 -38.56 -16.56 3.37
C SER B 241 -39.34 -17.35 2.32
N THR B 242 -38.67 -17.83 1.27
CA THR B 242 -39.35 -18.27 0.05
C THR B 242 -39.84 -19.72 0.19
N THR B 243 -41.16 -19.90 0.28
CA THR B 243 -41.74 -21.23 0.43
C THR B 243 -42.24 -21.87 -0.86
N ALA B 244 -42.54 -21.09 -1.90
CA ALA B 244 -43.12 -21.61 -3.14
C ALA B 244 -42.67 -20.77 -4.33
N VAL B 245 -42.42 -21.44 -5.46
CA VAL B 245 -42.05 -20.77 -6.70
C VAL B 245 -42.89 -21.38 -7.83
N THR B 246 -43.46 -20.51 -8.67
CA THR B 246 -44.29 -20.89 -9.81
C THR B 246 -43.74 -20.18 -11.04
N VAL B 247 -43.53 -20.94 -12.12
CA VAL B 247 -43.01 -20.39 -13.38
C VAL B 247 -43.82 -21.00 -14.51
N THR B 248 -44.57 -20.16 -15.23
CA THR B 248 -45.43 -20.61 -16.32
C THR B 248 -45.08 -19.87 -17.60
N GLN B 249 -45.28 -20.57 -18.73
CA GLN B 249 -45.00 -20.05 -20.06
C GLN B 249 -46.08 -20.53 -21.01
N THR B 250 -46.06 -19.96 -22.21
CA THR B 250 -46.89 -20.47 -23.29
C THR B 250 -46.34 -21.81 -23.74
N ALA B 251 -47.23 -22.75 -24.02
CA ALA B 251 -46.80 -24.09 -24.43
C ALA B 251 -45.98 -24.03 -25.71
N ALA B 252 -44.97 -24.88 -25.78
CA ALA B 252 -44.15 -24.95 -26.98
C ALA B 252 -44.97 -25.52 -28.13
N ALA B 253 -44.57 -25.15 -29.35
CA ALA B 253 -45.25 -25.62 -30.55
C ALA B 253 -44.32 -25.39 -31.74
N THR B 254 -44.54 -26.18 -32.78
CA THR B 254 -43.78 -26.03 -34.02
C THR B 254 -44.56 -25.16 -35.00
N ALA B 255 -43.88 -24.17 -35.56
CA ALA B 255 -44.54 -23.22 -36.45
C ALA B 255 -45.01 -23.89 -37.73
N GLY B 256 -46.20 -23.50 -38.18
CA GLY B 256 -46.73 -23.88 -39.46
C GLY B 256 -47.63 -22.74 -39.93
N ALA B 257 -48.26 -22.94 -41.09
CA ALA B 257 -49.11 -21.90 -41.64
C ALA B 257 -50.24 -21.54 -40.69
N THR B 258 -50.70 -22.49 -39.90
CA THR B 258 -51.83 -22.31 -38.99
C THR B 258 -51.41 -22.21 -37.53
N VAL B 259 -50.11 -22.37 -37.21
CA VAL B 259 -49.66 -22.55 -35.83
C VAL B 259 -48.53 -21.58 -35.53
N ALA B 260 -48.63 -20.90 -34.40
CA ALA B 260 -47.52 -20.08 -33.92
C ALA B 260 -46.51 -20.98 -33.22
N GLY B 261 -45.24 -20.88 -33.63
CA GLY B 261 -44.20 -21.66 -33.00
C GLY B 261 -43.70 -21.00 -31.71
N ARG B 262 -43.40 -21.83 -30.73
CA ARG B 262 -42.90 -21.37 -29.44
C ARG B 262 -41.87 -22.34 -28.91
N VAL B 263 -40.81 -21.79 -28.33
CA VAL B 263 -39.83 -22.54 -27.57
C VAL B 263 -39.85 -22.03 -26.14
N ASN B 264 -39.76 -22.96 -25.18
CA ASN B 264 -39.77 -22.60 -23.78
C ASN B 264 -38.37 -22.24 -23.29
N GLY B 265 -38.29 -21.28 -22.38
CA GLY B 265 -37.02 -20.94 -21.80
C GLY B 265 -36.63 -21.87 -20.67
N ALA B 266 -35.34 -21.90 -20.37
CA ALA B 266 -34.84 -22.67 -19.24
C ALA B 266 -35.37 -22.09 -17.93
N VAL B 267 -35.36 -22.93 -16.89
CA VAL B 267 -35.85 -22.54 -15.58
C VAL B 267 -34.83 -23.03 -14.55
N THR B 268 -34.36 -22.11 -13.71
CA THR B 268 -33.42 -22.44 -12.64
C THR B 268 -34.02 -21.90 -11.35
N ILE B 269 -34.33 -22.81 -10.41
CA ILE B 269 -34.89 -22.43 -9.12
C ILE B 269 -33.95 -22.95 -8.04
N THR B 270 -33.46 -22.03 -7.18
CA THR B 270 -32.45 -22.35 -6.18
C THR B 270 -32.89 -21.86 -4.80
N ASP B 271 -32.95 -22.78 -3.85
CA ASP B 271 -33.15 -22.39 -2.45
C ASP B 271 -31.91 -21.68 -1.92
N SER B 272 -32.13 -20.67 -1.07
CA SER B 272 -30.99 -19.90 -0.56
C SER B 272 -30.04 -20.76 0.26
N ALA B 273 -30.52 -21.84 0.88
CA ALA B 273 -29.67 -22.69 1.70
C ALA B 273 -29.15 -23.89 0.93
N ALA B 274 -29.26 -23.88 -0.41
CA ALA B 274 -28.99 -25.07 -1.21
C ALA B 274 -27.55 -25.55 -1.06
N ALA B 275 -26.62 -24.65 -0.77
CA ALA B 275 -25.22 -25.05 -0.65
C ALA B 275 -24.82 -25.36 0.79
N SER B 276 -25.72 -25.19 1.75
CA SER B 276 -25.37 -25.30 3.15
C SER B 276 -25.33 -26.76 3.61
N ALA B 277 -24.47 -27.04 4.57
CA ALA B 277 -24.42 -28.35 5.18
C ALA B 277 -25.39 -28.50 6.33
N THR B 278 -25.92 -27.40 6.86
CA THR B 278 -26.71 -27.48 8.09
C THR B 278 -28.01 -26.69 8.00
N THR B 279 -28.04 -25.61 7.24
CA THR B 279 -29.21 -24.73 7.26
C THR B 279 -30.36 -25.36 6.49
N ALA B 280 -31.53 -25.44 7.14
CA ALA B 280 -32.70 -26.03 6.51
C ALA B 280 -33.15 -25.20 5.32
N GLY B 281 -33.74 -25.87 4.33
CA GLY B 281 -34.26 -25.18 3.17
C GLY B 281 -35.63 -24.58 3.43
N LYS B 282 -36.13 -23.87 2.41
CA LYS B 282 -37.40 -23.19 2.55
C LYS B 282 -38.36 -23.45 1.39
N ILE B 283 -37.86 -23.59 0.17
CA ILE B 283 -38.73 -23.81 -0.98
C ILE B 283 -39.26 -25.23 -0.91
N ALA B 284 -40.55 -25.38 -0.61
CA ALA B 284 -41.15 -26.70 -0.48
C ALA B 284 -41.96 -27.11 -1.71
N THR B 285 -42.48 -26.14 -2.47
CA THR B 285 -43.36 -26.40 -3.59
C THR B 285 -42.88 -25.63 -4.82
N VAL B 286 -42.84 -26.31 -5.95
CA VAL B 286 -42.53 -25.68 -7.22
C VAL B 286 -43.63 -26.04 -8.21
N THR B 287 -44.08 -25.06 -8.98
CA THR B 287 -45.08 -25.26 -10.02
C THR B 287 -44.48 -24.79 -11.34
N LEU B 288 -44.49 -25.66 -12.34
CA LEU B 288 -44.02 -25.33 -13.69
C LEU B 288 -45.13 -25.59 -14.68
N GLY B 289 -45.51 -24.55 -15.43
CA GLY B 289 -46.46 -24.67 -16.51
C GLY B 289 -45.78 -24.45 -17.86
N SER B 290 -45.39 -25.56 -18.50
CA SER B 290 -44.50 -25.56 -19.67
C SER B 290 -43.12 -25.08 -19.28
N PHE B 291 -42.06 -25.68 -19.82
CA PHE B 291 -40.71 -25.31 -19.38
C PHE B 291 -39.70 -25.89 -20.36
N GLY B 292 -38.54 -25.24 -20.43
CA GLY B 292 -37.43 -25.81 -21.16
C GLY B 292 -36.65 -26.78 -20.29
N ALA B 293 -35.33 -26.68 -20.30
CA ALA B 293 -34.50 -27.44 -19.37
C ALA B 293 -34.61 -26.77 -18.00
N ALA B 294 -35.21 -27.47 -17.03
CA ALA B 294 -35.50 -26.90 -15.72
C ALA B 294 -34.76 -27.66 -14.64
N THR B 295 -34.30 -26.93 -13.62
CA THR B 295 -33.69 -27.53 -12.43
C THR B 295 -34.25 -26.87 -11.18
N ILE B 296 -34.36 -27.68 -10.12
CA ILE B 296 -34.74 -27.25 -8.77
C ILE B 296 -33.69 -27.78 -7.79
N ASP B 297 -33.31 -26.94 -6.83
CA ASP B 297 -32.38 -27.36 -5.77
C ASP B 297 -32.90 -26.85 -4.44
N SER B 298 -33.51 -27.74 -3.66
CA SER B 298 -34.05 -27.38 -2.35
C SER B 298 -34.16 -28.61 -1.47
N SER B 299 -33.51 -28.57 -0.30
CA SER B 299 -33.66 -29.60 0.72
C SER B 299 -35.08 -29.65 1.27
N ALA B 300 -35.88 -28.61 1.07
CA ALA B 300 -37.24 -28.58 1.57
C ALA B 300 -38.27 -29.02 0.53
N LEU B 301 -37.84 -29.31 -0.70
CA LEU B 301 -38.80 -29.62 -1.76
C LEU B 301 -39.51 -30.94 -1.49
N THR B 302 -40.85 -30.89 -1.48
CA THR B 302 -41.67 -32.08 -1.37
C THR B 302 -42.65 -32.24 -2.53
N THR B 303 -43.02 -31.16 -3.22
CA THR B 303 -44.10 -31.17 -4.17
C THR B 303 -43.72 -30.38 -5.40
N VAL B 304 -43.94 -30.98 -6.58
CA VAL B 304 -43.72 -30.33 -7.86
C VAL B 304 -44.99 -30.50 -8.68
N ASN B 305 -45.58 -29.38 -9.08
CA ASN B 305 -46.78 -29.36 -9.90
C ASN B 305 -46.38 -29.02 -11.33
N LEU B 306 -46.72 -29.92 -12.27
CA LEU B 306 -46.26 -29.80 -13.65
C LEU B 306 -47.43 -29.88 -14.63
N SER B 307 -47.35 -29.05 -15.67
CA SER B 307 -48.33 -29.00 -16.75
C SER B 307 -47.65 -28.50 -18.01
N GLY B 308 -48.33 -28.73 -19.15
CA GLY B 308 -47.86 -28.17 -20.40
C GLY B 308 -46.70 -28.96 -21.00
N THR B 309 -45.90 -28.26 -21.82
CA THR B 309 -44.80 -28.87 -22.55
C THR B 309 -43.48 -28.65 -21.81
N GLY B 310 -42.86 -29.73 -21.37
CA GLY B 310 -41.58 -29.65 -20.71
C GLY B 310 -40.49 -30.39 -21.47
N THR B 311 -39.25 -29.91 -21.32
CA THR B 311 -38.10 -30.59 -21.92
C THR B 311 -37.51 -31.57 -20.90
N SER B 312 -36.95 -31.05 -19.81
CA SER B 312 -36.36 -31.88 -18.78
C SER B 312 -36.52 -31.18 -17.43
N LEU B 313 -36.48 -31.97 -16.37
CA LEU B 313 -36.55 -31.45 -15.01
C LEU B 313 -35.58 -32.25 -14.16
N GLY B 314 -34.57 -31.57 -13.61
CA GLY B 314 -33.65 -32.16 -12.65
C GLY B 314 -33.92 -31.60 -11.26
N ILE B 315 -34.02 -32.51 -10.29
CA ILE B 315 -34.40 -32.14 -8.92
C ILE B 315 -33.26 -32.45 -7.97
N GLY B 316 -32.70 -31.39 -7.38
CA GLY B 316 -31.69 -31.52 -6.34
C GLY B 316 -32.26 -31.18 -4.98
N ARG B 317 -31.64 -31.68 -3.92
CA ARG B 317 -32.17 -31.50 -2.58
C ARG B 317 -31.19 -30.75 -1.69
N GLY B 318 -30.46 -29.80 -2.26
CA GLY B 318 -29.49 -29.11 -1.43
C GLY B 318 -28.28 -29.97 -1.14
N ALA B 319 -27.58 -29.64 -0.06
CA ALA B 319 -26.32 -30.30 0.27
C ALA B 319 -26.16 -30.51 1.77
N LEU B 320 -27.27 -30.80 2.47
CA LEU B 320 -27.19 -31.12 3.88
C LEU B 320 -26.36 -32.38 4.11
N THR B 321 -25.60 -32.39 5.19
CA THR B 321 -24.81 -33.57 5.52
C THR B 321 -25.65 -34.63 6.20
N ALA B 322 -26.59 -34.22 7.05
CA ALA B 322 -27.47 -35.16 7.74
C ALA B 322 -28.32 -35.98 6.76
N THR B 323 -28.64 -37.21 7.17
CA THR B 323 -29.50 -38.07 6.36
C THR B 323 -30.95 -37.62 6.52
N PRO B 324 -31.65 -37.33 5.43
CA PRO B 324 -33.05 -36.90 5.56
C PRO B 324 -33.96 -38.07 5.90
N THR B 325 -34.98 -37.78 6.71
CA THR B 325 -36.01 -38.76 7.03
C THR B 325 -37.25 -38.65 6.14
N ALA B 326 -37.64 -37.44 5.76
CA ALA B 326 -38.79 -37.25 4.85
C ALA B 326 -38.26 -37.31 3.42
N ASN B 327 -38.56 -38.40 2.72
CA ASN B 327 -38.01 -38.63 1.38
C ASN B 327 -39.13 -39.00 0.41
N THR B 328 -40.24 -38.28 0.48
CA THR B 328 -41.35 -38.48 -0.43
C THR B 328 -41.44 -37.30 -1.40
N LEU B 329 -41.48 -37.60 -2.69
CA LEU B 329 -41.64 -36.61 -3.74
C LEU B 329 -43.00 -36.79 -4.38
N THR B 330 -43.78 -35.72 -4.44
CA THR B 330 -45.09 -35.74 -5.06
C THR B 330 -45.04 -34.94 -6.34
N LEU B 331 -45.33 -35.60 -7.46
CA LEU B 331 -45.45 -34.97 -8.78
C LEU B 331 -46.93 -34.95 -9.15
N ASN B 332 -47.54 -33.77 -9.06
CA ASN B 332 -48.90 -33.55 -9.52
C ASN B 332 -48.81 -33.11 -10.97
N VAL B 333 -49.24 -33.98 -11.90
CA VAL B 333 -49.15 -33.71 -13.33
C VAL B 333 -50.53 -33.48 -13.89
N ASN B 334 -50.63 -32.57 -14.86
CA ASN B 334 -51.90 -32.18 -15.45
C ASN B 334 -51.61 -31.75 -16.88
N GLY B 335 -51.97 -32.57 -17.86
CA GLY B 335 -51.70 -32.24 -19.24
C GLY B 335 -50.23 -32.04 -19.53
N LEU B 336 -49.36 -32.77 -18.84
CA LEU B 336 -47.93 -32.62 -18.99
C LEU B 336 -47.42 -33.53 -20.10
N THR B 337 -46.51 -33.00 -20.92
CA THR B 337 -45.75 -33.81 -21.86
C THR B 337 -44.29 -33.39 -21.75
N THR B 338 -43.43 -34.32 -21.37
CA THR B 338 -42.00 -34.05 -21.40
C THR B 338 -41.37 -34.84 -22.55
N THR B 339 -40.42 -34.21 -23.23
CA THR B 339 -39.64 -34.88 -24.24
C THR B 339 -38.42 -35.57 -23.64
N GLY B 340 -37.96 -35.11 -22.48
CA GLY B 340 -36.84 -35.72 -21.80
C GLY B 340 -37.19 -36.20 -20.41
N ALA B 341 -36.17 -36.25 -19.55
CA ALA B 341 -36.27 -36.96 -18.29
C ALA B 341 -36.62 -36.03 -17.14
N ILE B 342 -37.46 -36.55 -16.24
CA ILE B 342 -37.55 -36.02 -14.88
C ILE B 342 -36.63 -36.87 -14.03
N THR B 343 -35.60 -36.25 -13.47
CA THR B 343 -34.49 -36.95 -12.82
C THR B 343 -34.35 -36.51 -11.37
N ASP B 344 -34.25 -37.49 -10.48
CA ASP B 344 -33.79 -37.24 -9.10
C ASP B 344 -32.28 -37.11 -9.14
N SER B 345 -31.79 -35.86 -9.20
CA SER B 345 -30.35 -35.64 -9.27
C SER B 345 -29.63 -35.90 -7.95
N GLU B 346 -30.37 -35.97 -6.83
CA GLU B 346 -29.73 -36.22 -5.56
C GLU B 346 -29.42 -37.70 -5.32
N ALA B 347 -30.19 -38.61 -5.94
CA ALA B 347 -30.20 -40.01 -5.52
C ALA B 347 -28.91 -40.74 -5.87
N ALA B 348 -28.28 -40.41 -7.00
CA ALA B 348 -27.15 -41.21 -7.48
C ALA B 348 -26.00 -41.20 -6.49
N ALA B 349 -25.62 -40.03 -6.01
CA ALA B 349 -24.48 -39.90 -5.13
C ALA B 349 -24.84 -39.46 -3.72
N ASP B 350 -26.12 -39.20 -3.44
CA ASP B 350 -26.55 -38.69 -2.15
C ASP B 350 -27.88 -39.35 -1.83
N ASP B 351 -28.65 -38.72 -0.94
CA ASP B 351 -29.87 -39.29 -0.40
C ASP B 351 -31.06 -38.70 -1.15
N GLY B 352 -31.57 -39.45 -2.12
CA GLY B 352 -32.70 -39.02 -2.92
C GLY B 352 -34.03 -39.47 -2.32
N PHE B 353 -35.07 -39.35 -3.14
CA PHE B 353 -36.41 -39.70 -2.69
C PHE B 353 -36.62 -41.21 -2.78
N THR B 354 -37.22 -41.78 -1.74
CA THR B 354 -37.51 -43.20 -1.65
C THR B 354 -38.95 -43.54 -2.00
N THR B 355 -39.86 -42.59 -1.90
CA THR B 355 -41.22 -42.76 -2.35
C THR B 355 -41.55 -41.66 -3.36
N ILE B 356 -42.04 -42.04 -4.53
CA ILE B 356 -42.46 -41.09 -5.56
C ILE B 356 -43.95 -41.30 -5.81
N ASN B 357 -44.73 -40.24 -5.61
CA ASN B 357 -46.16 -40.22 -5.83
C ASN B 357 -46.47 -39.33 -7.03
N ILE B 358 -47.02 -39.92 -8.08
CA ILE B 358 -47.42 -39.19 -9.28
C ILE B 358 -48.94 -39.18 -9.34
N ALA B 359 -49.52 -37.98 -9.32
CA ALA B 359 -50.97 -37.80 -9.32
C ALA B 359 -51.37 -37.09 -10.61
N GLY B 360 -52.07 -37.80 -11.49
CA GLY B 360 -52.54 -37.20 -12.73
C GLY B 360 -53.96 -36.69 -12.60
N SER B 361 -54.20 -35.50 -13.15
CA SER B 361 -55.51 -34.88 -13.00
C SER B 361 -55.87 -34.11 -14.26
N THR B 362 -57.18 -33.97 -14.48
CA THR B 362 -57.78 -33.15 -15.54
C THR B 362 -57.44 -33.59 -16.96
N ALA B 363 -56.16 -33.72 -17.30
CA ALA B 363 -55.77 -34.10 -18.65
C ALA B 363 -54.60 -35.06 -18.58
N SER B 364 -54.61 -36.05 -19.46
CA SER B 364 -53.58 -37.08 -19.49
C SER B 364 -52.19 -36.47 -19.62
N SER B 365 -51.20 -37.18 -19.07
CA SER B 365 -49.81 -36.74 -19.10
C SER B 365 -48.93 -37.86 -19.62
N THR B 366 -47.81 -37.49 -20.23
CA THR B 366 -46.81 -38.45 -20.70
C THR B 366 -45.44 -37.95 -20.29
N ILE B 367 -44.76 -38.71 -19.44
CA ILE B 367 -43.39 -38.41 -19.04
C ILE B 367 -42.47 -39.31 -19.85
N ALA B 368 -41.59 -38.71 -20.65
CA ALA B 368 -40.70 -39.52 -21.49
C ALA B 368 -39.85 -40.44 -20.63
N SER B 369 -39.24 -39.91 -19.57
CA SER B 369 -38.38 -40.74 -18.76
C SER B 369 -38.42 -40.25 -17.32
N LEU B 370 -38.55 -41.20 -16.39
CA LEU B 370 -38.46 -40.93 -14.96
C LEU B 370 -37.24 -41.64 -14.42
N VAL B 371 -36.30 -40.88 -13.86
CA VAL B 371 -35.04 -41.42 -13.37
C VAL B 371 -34.95 -41.14 -11.88
N ALA B 372 -34.93 -42.20 -11.07
CA ALA B 372 -34.97 -42.06 -9.62
C ALA B 372 -34.24 -43.25 -9.00
N ALA B 373 -32.94 -43.06 -8.70
CA ALA B 373 -32.08 -44.16 -8.30
C ALA B 373 -32.27 -44.64 -6.87
N ASP B 374 -32.99 -43.89 -6.03
CA ASP B 374 -33.23 -44.32 -4.66
C ASP B 374 -34.69 -44.69 -4.40
N ALA B 375 -35.57 -44.56 -5.39
CA ALA B 375 -36.99 -44.82 -5.17
C ALA B 375 -37.24 -46.33 -5.03
N THR B 376 -38.01 -46.69 -4.00
CA THR B 376 -38.40 -48.08 -3.78
C THR B 376 -39.89 -48.33 -3.98
N THR B 377 -40.73 -47.29 -3.91
CA THR B 377 -42.15 -47.42 -4.21
C THR B 377 -42.59 -46.26 -5.08
N LEU B 378 -43.30 -46.58 -6.16
CA LEU B 378 -43.91 -45.62 -7.05
C LEU B 378 -45.41 -45.80 -6.99
N ASN B 379 -46.12 -44.75 -6.58
CA ASN B 379 -47.58 -44.74 -6.52
C ASN B 379 -48.11 -43.77 -7.57
N ILE B 380 -49.03 -44.25 -8.40
CA ILE B 380 -49.59 -43.46 -9.49
C ILE B 380 -51.09 -43.36 -9.26
N SER B 381 -51.56 -42.16 -8.96
CA SER B 381 -52.95 -41.89 -8.60
C SER B 381 -53.57 -40.88 -9.55
N GLY B 382 -54.83 -40.55 -9.30
CA GLY B 382 -55.49 -39.43 -9.96
C GLY B 382 -56.65 -39.89 -10.85
N ASP B 383 -57.18 -38.94 -11.61
CA ASP B 383 -58.34 -39.17 -12.47
C ASP B 383 -58.06 -38.84 -13.94
N ALA B 384 -56.80 -38.87 -14.33
CA ALA B 384 -56.41 -38.68 -15.72
C ALA B 384 -55.17 -39.53 -15.97
N ARG B 385 -55.05 -40.07 -17.16
CA ARG B 385 -54.00 -41.04 -17.44
C ARG B 385 -52.62 -40.47 -17.16
N VAL B 386 -51.74 -41.30 -16.61
CA VAL B 386 -50.33 -41.00 -16.44
C VAL B 386 -49.57 -42.03 -17.26
N THR B 387 -48.78 -41.57 -18.22
CA THR B 387 -47.92 -42.42 -19.02
C THR B 387 -46.47 -42.09 -18.71
N ILE B 388 -45.71 -43.12 -18.34
CA ILE B 388 -44.28 -43.00 -18.15
C ILE B 388 -43.65 -43.87 -19.23
N THR B 389 -43.21 -43.24 -20.32
CA THR B 389 -42.71 -44.00 -21.46
C THR B 389 -41.55 -44.90 -21.06
N SER B 390 -40.66 -44.38 -20.23
CA SER B 390 -39.56 -45.17 -19.73
C SER B 390 -39.23 -44.71 -18.32
N HIS B 391 -38.69 -45.64 -17.52
CA HIS B 391 -38.26 -45.33 -16.16
C HIS B 391 -36.94 -46.04 -15.91
N THR B 392 -36.10 -45.39 -15.11
CA THR B 392 -34.84 -45.97 -14.67
C THR B 392 -34.82 -45.85 -13.16
N ALA B 393 -35.19 -46.95 -12.48
CA ALA B 393 -35.37 -46.94 -11.03
C ALA B 393 -35.18 -48.36 -10.50
N ALA B 394 -33.92 -48.81 -10.48
CA ALA B 394 -33.60 -50.21 -10.19
C ALA B 394 -33.89 -50.60 -8.73
N ALA B 395 -34.05 -49.64 -7.83
CA ALA B 395 -34.31 -49.95 -6.43
C ALA B 395 -35.80 -50.11 -6.13
N LEU B 396 -36.67 -50.03 -7.14
CA LEU B 396 -38.10 -50.16 -6.90
C LEU B 396 -38.42 -51.57 -6.42
N THR B 397 -39.27 -51.65 -5.38
CA THR B 397 -39.82 -52.92 -4.95
C THR B 397 -41.31 -53.02 -5.21
N GLY B 398 -41.98 -51.91 -5.45
CA GLY B 398 -43.41 -51.93 -5.71
C GLY B 398 -43.89 -50.73 -6.51
N ILE B 399 -44.73 -51.01 -7.51
CA ILE B 399 -45.49 -49.99 -8.22
C ILE B 399 -46.96 -50.25 -7.95
N THR B 400 -47.67 -49.24 -7.46
CA THR B 400 -49.10 -49.34 -7.18
C THR B 400 -49.84 -48.24 -7.91
N VAL B 401 -50.88 -48.61 -8.63
CA VAL B 401 -51.70 -47.68 -9.41
C VAL B 401 -53.10 -47.66 -8.80
N THR B 402 -53.52 -46.47 -8.37
CA THR B 402 -54.89 -46.20 -7.98
C THR B 402 -55.60 -45.28 -8.96
N ASN B 403 -54.90 -44.80 -9.99
CA ASN B 403 -55.46 -43.87 -10.96
C ASN B 403 -56.71 -44.47 -11.61
N SER B 404 -57.84 -43.76 -11.49
CA SER B 404 -59.11 -44.28 -11.99
C SER B 404 -59.16 -44.40 -13.51
N VAL B 405 -58.34 -43.62 -14.22
CA VAL B 405 -58.30 -43.75 -15.68
C VAL B 405 -57.32 -44.84 -16.09
N GLY B 406 -56.16 -44.88 -15.44
CA GLY B 406 -55.17 -45.90 -15.70
C GLY B 406 -53.77 -45.35 -15.85
N ALA B 407 -52.79 -46.22 -15.75
CA ALA B 407 -51.39 -45.85 -15.93
C ALA B 407 -50.75 -46.74 -16.97
N THR B 408 -49.85 -46.16 -17.75
CA THR B 408 -49.11 -46.87 -18.78
C THR B 408 -47.62 -46.72 -18.50
N LEU B 409 -46.93 -47.86 -18.40
CA LEU B 409 -45.48 -47.87 -18.23
C LEU B 409 -44.87 -48.61 -19.42
N GLY B 410 -43.96 -47.95 -20.12
CA GLY B 410 -43.41 -48.47 -21.36
C GLY B 410 -42.16 -49.32 -21.20
N ALA B 411 -41.47 -49.15 -20.07
CA ALA B 411 -40.27 -49.93 -19.78
C ALA B 411 -40.65 -51.23 -19.08
N GLU B 412 -40.00 -52.31 -19.50
CA GLU B 412 -40.29 -53.61 -18.89
C GLU B 412 -39.89 -53.62 -17.42
N LEU B 413 -40.81 -54.07 -16.58
CA LEU B 413 -40.56 -54.11 -15.14
C LEU B 413 -39.48 -55.14 -14.80
N ALA B 414 -38.69 -54.83 -13.78
CA ALA B 414 -37.72 -55.79 -13.27
C ALA B 414 -38.45 -57.05 -12.81
N THR B 415 -37.80 -58.22 -12.97
CA THR B 415 -38.50 -59.48 -12.67
C THR B 415 -38.92 -59.57 -11.20
N GLY B 416 -38.17 -58.91 -10.31
CA GLY B 416 -38.50 -58.92 -8.90
C GLY B 416 -39.42 -57.81 -8.45
N LEU B 417 -39.99 -57.05 -9.38
CA LEU B 417 -40.79 -55.89 -9.03
C LEU B 417 -42.27 -56.26 -9.03
N VAL B 418 -42.97 -55.94 -7.95
CA VAL B 418 -44.39 -56.19 -7.83
C VAL B 418 -45.15 -55.01 -8.42
N PHE B 419 -46.13 -55.30 -9.28
CA PHE B 419 -47.02 -54.29 -9.85
C PHE B 419 -48.46 -54.60 -9.46
N THR B 420 -49.17 -53.58 -8.99
CA THR B 420 -50.58 -53.67 -8.64
C THR B 420 -51.36 -52.58 -9.40
N GLY B 421 -52.19 -53.01 -10.36
CA GLY B 421 -53.01 -52.06 -11.09
C GLY B 421 -54.23 -51.63 -10.29
N GLY B 422 -54.96 -50.68 -10.85
CA GLY B 422 -56.18 -50.21 -10.22
C GLY B 422 -57.40 -50.46 -11.08
N ALA B 423 -58.50 -49.76 -10.81
CA ALA B 423 -59.74 -49.97 -11.55
C ALA B 423 -59.71 -49.41 -12.96
N GLY B 424 -58.60 -48.81 -13.39
CA GLY B 424 -58.52 -48.22 -14.72
C GLY B 424 -57.78 -49.14 -15.68
N ALA B 425 -57.63 -48.63 -16.91
CA ALA B 425 -57.00 -49.38 -17.98
C ALA B 425 -55.50 -49.20 -17.89
N ASP B 426 -54.83 -50.15 -17.24
CA ASP B 426 -53.39 -50.10 -17.00
C ASP B 426 -52.65 -50.96 -18.02
N SER B 427 -51.42 -50.57 -18.32
CA SER B 427 -50.63 -51.23 -19.35
C SER B 427 -49.18 -51.31 -18.93
N ILE B 428 -48.60 -52.52 -18.94
CA ILE B 428 -47.23 -52.76 -18.50
C ILE B 428 -46.55 -53.78 -19.40
N LEU B 429 -45.23 -53.87 -19.26
CA LEU B 429 -44.41 -54.88 -19.90
C LEU B 429 -43.78 -55.75 -18.82
N LEU B 430 -43.82 -57.07 -19.02
CA LEU B 430 -43.26 -58.02 -18.06
C LEU B 430 -42.20 -58.89 -18.73
N GLY B 431 -41.22 -59.29 -17.94
CA GLY B 431 -40.32 -60.37 -18.27
C GLY B 431 -40.68 -61.62 -17.50
N ALA B 432 -39.67 -62.44 -17.23
CA ALA B 432 -39.86 -63.68 -16.47
C ALA B 432 -40.00 -63.34 -14.98
N THR B 433 -41.14 -62.71 -14.65
CA THR B 433 -41.34 -62.18 -13.32
C THR B 433 -41.39 -63.30 -12.28
N THR B 434 -41.00 -62.96 -11.05
CA THR B 434 -41.07 -63.89 -9.92
C THR B 434 -42.09 -63.45 -8.89
N LYS B 435 -42.99 -62.56 -9.27
CA LYS B 435 -43.92 -61.92 -8.33
C LYS B 435 -45.34 -62.10 -8.85
N ALA B 436 -46.31 -61.78 -8.00
CA ALA B 436 -47.73 -61.95 -8.33
C ALA B 436 -48.24 -60.62 -8.86
N ILE B 437 -48.21 -60.46 -10.18
CA ILE B 437 -48.67 -59.25 -10.83
C ILE B 437 -50.20 -59.30 -10.93
N VAL B 438 -50.86 -58.21 -10.53
CA VAL B 438 -52.32 -58.14 -10.54
C VAL B 438 -52.72 -56.86 -11.27
N MET B 439 -53.61 -56.98 -12.25
CA MET B 439 -53.97 -55.83 -13.09
C MET B 439 -55.22 -55.11 -12.60
N GLY B 440 -56.02 -55.74 -11.77
CA GLY B 440 -57.22 -55.13 -11.27
C GLY B 440 -58.33 -54.99 -12.31
N ALA B 441 -59.37 -54.27 -11.90
CA ALA B 441 -60.50 -54.06 -12.78
C ALA B 441 -60.08 -53.16 -13.94
N GLY B 442 -61.02 -52.91 -14.85
CA GLY B 442 -60.74 -52.15 -16.05
C GLY B 442 -60.06 -53.01 -17.12
N ASP B 443 -60.00 -52.44 -18.32
CA ASP B 443 -59.47 -53.14 -19.48
C ASP B 443 -57.97 -52.95 -19.55
N ASP B 444 -57.24 -53.91 -19.01
CA ASP B 444 -55.80 -53.80 -18.86
C ASP B 444 -55.07 -54.45 -20.04
N THR B 445 -53.79 -54.13 -20.17
CA THR B 445 -52.94 -54.70 -21.21
C THR B 445 -51.60 -55.06 -20.60
N VAL B 446 -51.15 -56.31 -20.81
CA VAL B 446 -49.88 -56.81 -20.32
C VAL B 446 -49.11 -57.37 -21.51
N THR B 447 -47.88 -56.91 -21.69
CA THR B 447 -47.00 -57.37 -22.77
C THR B 447 -45.87 -58.21 -22.16
N VAL B 448 -45.80 -59.47 -22.53
CA VAL B 448 -44.82 -60.41 -21.98
C VAL B 448 -43.71 -60.65 -23.01
N SER B 449 -42.47 -60.65 -22.53
CA SER B 449 -41.30 -60.98 -23.35
C SER B 449 -40.83 -62.40 -23.12
N SER B 450 -41.45 -63.12 -22.19
CA SER B 450 -41.16 -64.53 -21.94
C SER B 450 -42.47 -65.28 -21.74
N ALA B 451 -42.67 -66.32 -22.53
CA ALA B 451 -43.90 -67.11 -22.40
C ALA B 451 -43.99 -67.74 -21.02
N THR B 452 -42.86 -68.15 -20.45
CA THR B 452 -42.82 -68.73 -19.11
C THR B 452 -42.29 -67.70 -18.12
N LEU B 453 -43.10 -67.42 -17.09
CA LEU B 453 -42.70 -66.55 -16.00
C LEU B 453 -41.66 -67.25 -15.11
N GLY B 454 -41.11 -66.48 -14.16
CA GLY B 454 -40.16 -67.07 -13.23
C GLY B 454 -40.83 -67.81 -12.08
N ALA B 455 -40.02 -68.50 -11.30
CA ALA B 455 -40.52 -69.27 -10.17
C ALA B 455 -41.28 -68.35 -9.21
N GLY B 456 -42.52 -68.71 -8.93
CA GLY B 456 -43.40 -67.89 -8.12
C GLY B 456 -44.15 -66.81 -8.87
N GLY B 457 -43.82 -66.58 -10.15
CA GLY B 457 -44.45 -65.50 -10.88
C GLY B 457 -45.82 -65.86 -11.44
N SER B 458 -46.69 -64.85 -11.51
CA SER B 458 -48.02 -65.00 -12.06
C SER B 458 -48.55 -63.63 -12.46
N VAL B 459 -49.43 -63.60 -13.45
CA VAL B 459 -50.10 -62.35 -13.83
C VAL B 459 -51.58 -62.61 -14.03
N ASN B 460 -52.41 -61.82 -13.36
CA ASN B 460 -53.86 -61.88 -13.49
C ASN B 460 -54.37 -60.59 -14.12
N GLY B 461 -55.11 -60.72 -15.21
CA GLY B 461 -55.73 -59.58 -15.85
C GLY B 461 -56.86 -58.97 -15.03
N GLY B 462 -57.44 -59.75 -14.11
CA GLY B 462 -58.52 -59.27 -13.27
C GLY B 462 -59.81 -59.05 -14.05
N ASP B 463 -60.74 -58.39 -13.38
CA ASP B 463 -61.99 -58.01 -14.02
C ASP B 463 -61.72 -57.11 -15.22
N GLY B 464 -62.66 -57.12 -16.15
CA GLY B 464 -62.55 -56.37 -17.39
C GLY B 464 -62.11 -57.24 -18.55
N THR B 465 -62.10 -56.62 -19.73
CA THR B 465 -61.65 -57.28 -20.94
C THR B 465 -60.17 -56.95 -21.11
N ASP B 466 -59.33 -57.95 -20.91
CA ASP B 466 -57.90 -57.73 -20.73
C ASP B 466 -57.10 -58.34 -21.87
N VAL B 467 -56.07 -57.62 -22.30
CA VAL B 467 -55.27 -57.99 -23.45
C VAL B 467 -53.91 -58.50 -22.98
N LEU B 468 -53.54 -59.68 -23.44
CA LEU B 468 -52.21 -60.24 -23.22
C LEU B 468 -51.47 -60.17 -24.55
N VAL B 469 -50.34 -59.47 -24.56
CA VAL B 469 -49.56 -59.26 -25.78
C VAL B 469 -48.36 -60.21 -25.74
N ALA B 470 -48.29 -61.12 -26.70
CA ALA B 470 -47.28 -62.16 -26.70
C ALA B 470 -46.11 -61.69 -27.58
N ASN B 471 -45.13 -61.03 -26.95
CA ASN B 471 -43.92 -60.64 -27.66
C ASN B 471 -42.86 -61.74 -27.56
N VAL B 472 -43.24 -62.91 -28.08
CA VAL B 472 -42.45 -64.13 -27.93
C VAL B 472 -42.63 -64.98 -29.17
N ASN B 473 -41.73 -65.94 -29.35
CA ASN B 473 -41.81 -66.90 -30.44
C ASN B 473 -42.58 -68.11 -29.93
N GLY B 474 -43.89 -68.09 -30.10
CA GLY B 474 -44.74 -69.18 -29.63
C GLY B 474 -45.22 -68.99 -28.20
N SER B 475 -46.43 -69.48 -27.94
CA SER B 475 -47.08 -69.33 -26.66
C SER B 475 -48.21 -70.36 -26.56
N SER B 476 -48.53 -70.76 -25.33
CA SER B 476 -49.72 -71.56 -25.11
C SER B 476 -50.18 -71.25 -23.68
N PHE B 477 -50.91 -70.14 -23.54
CA PHE B 477 -51.18 -69.58 -22.21
C PHE B 477 -52.27 -70.37 -21.49
N SER B 478 -53.19 -71.01 -22.24
CA SER B 478 -54.23 -71.79 -21.59
C SER B 478 -53.66 -73.01 -20.88
N ALA B 479 -52.47 -73.46 -21.27
CA ALA B 479 -51.80 -74.55 -20.58
C ALA B 479 -51.09 -74.11 -19.31
N ASP B 480 -50.81 -72.81 -19.17
CA ASP B 480 -50.06 -72.28 -18.01
C ASP B 480 -50.99 -71.71 -16.95
N PRO B 481 -51.02 -72.29 -15.76
CA PRO B 481 -51.81 -71.71 -14.66
C PRO B 481 -51.25 -70.39 -14.15
N ALA B 482 -50.03 -70.02 -14.51
CA ALA B 482 -49.50 -68.74 -14.05
C ALA B 482 -50.17 -67.53 -14.72
N PHE B 483 -50.87 -67.73 -15.85
CA PHE B 483 -51.59 -66.66 -16.52
C PHE B 483 -53.10 -66.89 -16.38
N GLY B 484 -53.83 -65.80 -16.10
CA GLY B 484 -55.27 -65.87 -15.95
C GLY B 484 -55.94 -64.53 -16.14
N GLY B 485 -57.21 -64.59 -16.52
CA GLY B 485 -58.06 -63.41 -16.62
C GLY B 485 -57.91 -62.61 -17.88
N PHE B 486 -57.26 -63.16 -18.90
CA PHE B 486 -57.02 -62.46 -20.17
C PHE B 486 -57.96 -63.00 -21.24
N GLU B 487 -58.72 -62.08 -21.85
CA GLU B 487 -59.73 -62.41 -22.83
C GLU B 487 -59.27 -62.24 -24.26
N THR B 488 -58.32 -61.36 -24.52
CA THR B 488 -57.83 -61.07 -25.86
C THR B 488 -56.34 -61.40 -25.94
N LEU B 489 -55.95 -62.02 -27.05
CA LEU B 489 -54.56 -62.38 -27.31
C LEU B 489 -54.06 -61.58 -28.49
N ARG B 490 -53.06 -60.72 -28.25
CA ARG B 490 -52.40 -59.98 -29.31
C ARG B 490 -51.00 -60.55 -29.50
N VAL B 491 -50.62 -60.78 -30.76
CA VAL B 491 -49.27 -61.16 -31.14
C VAL B 491 -48.66 -59.92 -31.80
N ALA B 492 -47.77 -59.23 -31.08
CA ALA B 492 -47.15 -58.01 -31.57
C ALA B 492 -45.86 -57.77 -30.79
N GLY B 493 -44.84 -57.29 -31.49
CA GLY B 493 -43.59 -56.96 -30.83
C GLY B 493 -42.37 -57.37 -31.65
N ALA B 494 -41.20 -56.89 -31.24
CA ALA B 494 -39.97 -57.18 -31.97
C ALA B 494 -39.56 -58.65 -31.92
N ALA B 495 -40.14 -59.44 -31.01
CA ALA B 495 -39.86 -60.87 -30.95
C ALA B 495 -41.11 -61.71 -31.20
N ALA B 496 -42.21 -61.08 -31.61
CA ALA B 496 -43.47 -61.80 -31.79
C ALA B 496 -43.43 -62.63 -33.07
N GLN B 497 -43.79 -63.90 -32.95
CA GLN B 497 -43.49 -64.89 -33.98
C GLN B 497 -44.10 -66.22 -33.55
N GLY B 498 -44.08 -67.17 -34.47
CA GLY B 498 -44.39 -68.55 -34.12
C GLY B 498 -45.86 -68.83 -33.93
N SER B 499 -46.12 -70.02 -33.36
CA SER B 499 -47.46 -70.57 -33.23
C SER B 499 -48.04 -70.25 -31.86
N HIS B 500 -49.19 -69.59 -31.85
CA HIS B 500 -49.83 -69.14 -30.61
C HIS B 500 -51.19 -69.80 -30.43
N ASN B 501 -51.38 -70.41 -29.27
CA ASN B 501 -52.60 -71.11 -28.92
C ASN B 501 -53.70 -70.12 -28.56
N ALA B 502 -54.78 -70.09 -29.35
CA ALA B 502 -55.89 -69.18 -29.09
C ALA B 502 -56.92 -69.76 -28.13
N ASN B 503 -56.72 -70.97 -27.63
CA ASN B 503 -57.64 -71.56 -26.67
C ASN B 503 -57.81 -70.66 -25.46
N GLY B 504 -59.07 -70.42 -25.07
CA GLY B 504 -59.37 -69.60 -23.92
C GLY B 504 -59.37 -68.10 -24.17
N PHE B 505 -59.29 -67.68 -25.44
CA PHE B 505 -59.33 -66.28 -25.82
C PHE B 505 -60.53 -66.04 -26.72
N THR B 506 -61.22 -64.94 -26.48
CA THR B 506 -62.41 -64.57 -27.23
C THR B 506 -62.14 -63.57 -28.35
N ALA B 507 -60.93 -63.04 -28.46
CA ALA B 507 -60.57 -62.15 -29.57
C ALA B 507 -59.08 -62.24 -29.80
N LEU B 508 -58.68 -62.04 -31.06
CA LEU B 508 -57.28 -62.08 -31.45
C LEU B 508 -56.88 -60.74 -32.06
N GLN B 509 -55.63 -60.36 -31.84
CA GLN B 509 -55.08 -59.15 -32.42
C GLN B 509 -53.68 -59.44 -32.93
N LEU B 510 -53.25 -58.63 -33.91
CA LEU B 510 -51.97 -58.80 -34.57
C LEU B 510 -51.35 -57.43 -34.84
N GLY B 511 -50.07 -57.27 -34.53
CA GLY B 511 -49.34 -56.05 -34.79
C GLY B 511 -48.08 -56.30 -35.59
N ALA B 512 -47.08 -55.45 -35.36
CA ALA B 512 -45.77 -55.68 -35.95
C ALA B 512 -45.18 -56.95 -35.35
N THR B 513 -44.50 -57.74 -36.17
CA THR B 513 -44.00 -59.03 -35.73
C THR B 513 -42.59 -59.21 -36.27
N ALA B 514 -41.90 -60.21 -35.73
CA ALA B 514 -40.57 -60.58 -36.20
C ALA B 514 -40.59 -61.60 -37.32
N GLY B 515 -41.72 -62.28 -37.51
CA GLY B 515 -41.83 -63.30 -38.53
C GLY B 515 -43.22 -63.88 -38.52
N ALA B 516 -43.40 -64.89 -39.37
CA ALA B 516 -44.74 -65.47 -39.61
C ALA B 516 -45.37 -65.97 -38.32
N THR B 517 -46.67 -65.71 -38.17
CA THR B 517 -47.42 -66.05 -36.97
C THR B 517 -48.58 -66.98 -37.32
N THR B 518 -48.84 -67.95 -36.43
CA THR B 518 -49.98 -68.87 -36.59
C THR B 518 -50.81 -68.85 -35.31
N PHE B 519 -52.12 -68.63 -35.47
CA PHE B 519 -53.07 -68.82 -34.38
C PHE B 519 -53.70 -70.20 -34.53
N THR B 520 -53.51 -71.06 -33.52
CA THR B 520 -54.12 -72.38 -33.47
C THR B 520 -55.32 -72.37 -32.52
N ASN B 521 -56.18 -73.38 -32.67
CA ASN B 521 -57.32 -73.57 -31.77
C ASN B 521 -58.21 -72.34 -31.69
N VAL B 522 -58.45 -71.70 -32.84
CA VAL B 522 -59.29 -70.52 -32.85
C VAL B 522 -60.74 -70.99 -32.72
N ALA B 523 -61.41 -70.55 -31.65
CA ALA B 523 -62.78 -70.97 -31.40
C ALA B 523 -63.74 -70.30 -32.39
N VAL B 524 -64.94 -70.87 -32.49
CA VAL B 524 -65.96 -70.28 -33.33
C VAL B 524 -66.30 -68.89 -32.79
N ASN B 525 -66.68 -67.98 -33.70
CA ASN B 525 -67.09 -66.62 -33.38
C ASN B 525 -65.96 -65.83 -32.71
N VAL B 526 -64.73 -66.12 -33.08
CA VAL B 526 -63.56 -65.38 -32.60
C VAL B 526 -62.90 -64.74 -33.80
N GLY B 527 -62.72 -63.41 -33.74
CA GLY B 527 -62.18 -62.65 -34.83
C GLY B 527 -60.75 -62.19 -34.60
N LEU B 528 -60.13 -61.75 -35.70
CA LEU B 528 -58.77 -61.24 -35.71
C LEU B 528 -58.80 -59.80 -36.15
N THR B 529 -58.16 -58.92 -35.39
CA THR B 529 -58.01 -57.51 -35.76
C THR B 529 -56.53 -57.23 -35.97
N VAL B 530 -56.18 -56.82 -37.19
CA VAL B 530 -54.81 -56.45 -37.52
C VAL B 530 -54.68 -54.95 -37.30
N LEU B 531 -53.72 -54.56 -36.45
CA LEU B 531 -53.52 -53.17 -36.04
C LEU B 531 -52.26 -52.55 -36.60
N ALA B 532 -51.35 -53.34 -37.15
CA ALA B 532 -50.11 -52.83 -37.74
C ALA B 532 -49.60 -53.91 -38.68
N ALA B 533 -48.74 -53.50 -39.61
CA ALA B 533 -48.26 -54.40 -40.64
C ALA B 533 -47.41 -55.50 -40.03
N PRO B 534 -47.82 -56.77 -40.12
CA PRO B 534 -47.02 -57.86 -39.56
C PRO B 534 -45.93 -58.26 -40.54
N THR B 535 -45.07 -59.17 -40.10
CA THR B 535 -44.04 -59.75 -40.96
C THR B 535 -44.34 -61.23 -41.17
N GLY B 536 -44.25 -61.68 -42.41
CA GLY B 536 -44.55 -63.06 -42.73
C GLY B 536 -46.04 -63.35 -42.77
N THR B 537 -46.37 -64.53 -43.27
CA THR B 537 -47.76 -64.93 -43.40
C THR B 537 -48.40 -65.17 -42.03
N THR B 538 -49.61 -64.67 -41.86
CA THR B 538 -50.42 -64.97 -40.69
C THR B 538 -51.38 -66.11 -41.03
N THR B 539 -51.34 -67.17 -40.24
CA THR B 539 -52.20 -68.33 -40.44
C THR B 539 -53.18 -68.43 -39.28
N VAL B 540 -54.47 -68.51 -39.61
CA VAL B 540 -55.53 -68.69 -38.62
C VAL B 540 -56.04 -70.11 -38.79
N THR B 541 -55.77 -70.95 -37.80
CA THR B 541 -56.18 -72.35 -37.81
C THR B 541 -57.36 -72.51 -36.86
N LEU B 542 -58.55 -72.75 -37.42
CA LEU B 542 -59.72 -72.91 -36.58
C LEU B 542 -59.60 -74.19 -35.76
N ALA B 543 -60.21 -74.17 -34.56
CA ALA B 543 -60.22 -75.38 -33.75
C ALA B 543 -61.03 -76.48 -34.42
N ASN B 544 -62.09 -76.10 -35.16
CA ASN B 544 -62.95 -77.06 -35.84
C ASN B 544 -63.45 -76.39 -37.12
N ALA B 545 -62.83 -76.74 -38.24
CA ALA B 545 -63.25 -76.25 -39.54
C ALA B 545 -64.03 -77.28 -40.34
N THR B 546 -64.46 -78.38 -39.69
CA THR B 546 -65.15 -79.45 -40.41
C THR B 546 -66.52 -79.03 -40.92
N GLY B 547 -67.13 -78.00 -40.36
CA GLY B 547 -68.47 -77.62 -40.75
C GLY B 547 -68.55 -77.12 -42.17
N THR B 548 -69.78 -77.11 -42.69
CA THR B 548 -70.06 -76.67 -44.05
C THR B 548 -70.19 -75.15 -44.15
N SER B 549 -70.40 -74.45 -43.05
CA SER B 549 -70.75 -73.03 -43.09
C SER B 549 -69.92 -72.23 -42.09
N ASP B 550 -68.61 -72.40 -42.11
CA ASP B 550 -67.75 -71.69 -41.17
C ASP B 550 -67.57 -70.25 -41.62
N VAL B 551 -67.64 -69.33 -40.66
CA VAL B 551 -67.55 -67.90 -40.87
C VAL B 551 -66.38 -67.34 -40.07
N PHE B 552 -65.66 -66.38 -40.63
CA PHE B 552 -64.59 -65.70 -39.92
C PHE B 552 -64.68 -64.20 -40.13
N ASN B 553 -64.48 -63.45 -39.04
CA ASN B 553 -64.53 -61.99 -39.09
C ASN B 553 -63.11 -61.45 -38.93
N LEU B 554 -62.55 -60.96 -40.03
CA LEU B 554 -61.24 -60.33 -40.05
C LEU B 554 -61.39 -58.82 -40.10
N THR B 555 -60.73 -58.12 -39.19
CA THR B 555 -60.81 -56.67 -39.11
C THR B 555 -59.43 -56.06 -39.31
N LEU B 556 -59.37 -55.01 -40.12
CA LEU B 556 -58.19 -54.17 -40.29
C LEU B 556 -58.51 -52.81 -39.69
N SER B 557 -57.76 -52.41 -38.66
CA SER B 557 -58.03 -51.19 -37.92
C SER B 557 -56.74 -50.38 -37.84
N SER B 558 -56.79 -49.14 -38.35
CA SER B 558 -55.61 -48.29 -38.40
C SER B 558 -56.01 -46.86 -38.71
N SER B 559 -55.11 -45.93 -38.35
CA SER B 559 -55.31 -44.52 -38.65
C SER B 559 -54.86 -44.17 -40.06
N ALA B 560 -53.80 -44.80 -40.55
CA ALA B 560 -53.30 -44.62 -41.90
C ALA B 560 -53.40 -45.95 -42.66
N ALA B 561 -52.98 -45.91 -43.92
CA ALA B 561 -53.03 -47.10 -44.78
C ALA B 561 -52.30 -48.26 -44.14
N LEU B 562 -52.94 -49.42 -44.09
CA LEU B 562 -52.41 -50.59 -43.40
C LEU B 562 -52.18 -51.71 -44.40
N ALA B 563 -50.94 -52.15 -44.50
CA ALA B 563 -50.59 -53.33 -45.30
C ALA B 563 -50.68 -54.53 -44.37
N ALA B 564 -51.84 -55.21 -44.38
CA ALA B 564 -52.05 -56.34 -43.47
C ALA B 564 -51.24 -57.57 -43.86
N GLY B 565 -50.65 -57.61 -45.05
CA GLY B 565 -49.89 -58.78 -45.47
C GLY B 565 -50.81 -59.93 -45.86
N THR B 566 -50.25 -61.14 -45.80
CA THR B 566 -50.97 -62.35 -46.20
C THR B 566 -51.63 -63.00 -44.98
N VAL B 567 -52.92 -63.30 -45.10
CA VAL B 567 -53.66 -63.96 -44.03
C VAL B 567 -54.31 -65.23 -44.59
N ALA B 568 -54.01 -66.37 -43.97
CA ALA B 568 -54.48 -67.67 -44.46
C ALA B 568 -55.61 -68.15 -43.58
N LEU B 569 -56.79 -68.36 -44.18
CA LEU B 569 -58.00 -68.84 -43.49
C LEU B 569 -58.50 -70.12 -44.17
N ALA B 570 -57.84 -71.24 -43.87
CA ALA B 570 -58.24 -72.51 -44.48
C ALA B 570 -59.54 -73.02 -43.88
N GLY B 571 -60.34 -73.68 -44.72
CA GLY B 571 -61.54 -74.34 -44.23
C GLY B 571 -62.68 -73.42 -43.87
N VAL B 572 -62.54 -72.13 -44.14
CA VAL B 572 -63.54 -71.11 -43.87
C VAL B 572 -64.33 -70.85 -45.13
N GLU B 573 -65.66 -70.92 -45.03
CA GLU B 573 -66.51 -70.78 -46.20
C GLU B 573 -66.97 -69.34 -46.45
N THR B 574 -67.05 -68.51 -45.40
CA THR B 574 -67.44 -67.10 -45.53
C THR B 574 -66.42 -66.25 -44.79
N VAL B 575 -65.80 -65.31 -45.50
CA VAL B 575 -64.81 -64.40 -44.93
C VAL B 575 -65.39 -63.00 -44.92
N ASN B 576 -65.55 -62.43 -43.73
CA ASN B 576 -65.97 -61.05 -43.57
C ASN B 576 -64.76 -60.17 -43.22
N ILE B 577 -64.55 -59.12 -44.02
CA ILE B 577 -63.40 -58.24 -43.88
C ILE B 577 -63.90 -56.83 -43.60
N ALA B 578 -63.51 -56.28 -42.45
CA ALA B 578 -63.82 -54.91 -42.09
C ALA B 578 -62.56 -54.07 -42.24
N ALA B 579 -62.58 -53.10 -43.15
CA ALA B 579 -61.48 -52.17 -43.36
C ALA B 579 -61.86 -50.87 -42.65
N THR B 580 -61.29 -50.66 -41.47
CA THR B 580 -61.72 -49.61 -40.56
C THR B 580 -60.64 -48.54 -40.41
N ASP B 581 -61.05 -47.29 -40.62
CA ASP B 581 -60.23 -46.10 -40.45
C ASP B 581 -60.64 -45.41 -39.16
N THR B 582 -59.66 -45.13 -38.31
CA THR B 582 -59.92 -44.45 -37.04
C THR B 582 -59.89 -42.92 -37.14
N ASN B 583 -59.35 -42.34 -38.22
CA ASN B 583 -59.44 -40.89 -38.39
C ASN B 583 -60.27 -40.58 -39.65
N THR B 584 -60.26 -39.30 -40.05
CA THR B 584 -61.15 -38.80 -41.09
C THR B 584 -60.48 -38.63 -42.44
N THR B 585 -59.19 -38.98 -42.56
CA THR B 585 -58.47 -38.86 -43.82
C THR B 585 -58.55 -40.19 -44.56
N ALA B 586 -59.03 -40.15 -45.80
CA ALA B 586 -59.25 -41.37 -46.56
C ALA B 586 -57.93 -42.13 -46.77
N HIS B 587 -58.01 -43.45 -46.66
CA HIS B 587 -56.86 -44.29 -46.99
C HIS B 587 -57.37 -45.65 -47.48
N VAL B 588 -56.45 -46.42 -48.07
CA VAL B 588 -56.76 -47.72 -48.65
C VAL B 588 -55.84 -48.76 -48.03
N ASP B 589 -56.42 -49.83 -47.48
CA ASP B 589 -55.64 -50.93 -46.93
C ASP B 589 -55.31 -51.94 -48.01
N THR B 590 -54.26 -52.74 -47.75
CA THR B 590 -53.95 -53.87 -48.61
C THR B 590 -53.96 -55.16 -47.82
N LEU B 591 -54.38 -56.24 -48.48
CA LEU B 591 -54.50 -57.53 -47.85
C LEU B 591 -54.41 -58.61 -48.92
N THR B 592 -53.64 -59.65 -48.63
CA THR B 592 -53.58 -60.84 -49.46
C THR B 592 -54.33 -61.95 -48.72
N LEU B 593 -55.50 -62.31 -49.23
CA LEU B 593 -56.36 -63.30 -48.59
C LEU B 593 -56.09 -64.66 -49.21
N GLN B 594 -55.74 -65.62 -48.37
CA GLN B 594 -55.61 -67.02 -48.78
C GLN B 594 -56.74 -67.79 -48.09
N ALA B 595 -57.83 -68.04 -48.84
CA ALA B 595 -59.03 -68.66 -48.28
C ALA B 595 -59.62 -69.59 -49.35
N THR B 596 -58.98 -70.74 -49.56
CA THR B 596 -59.30 -71.58 -50.71
C THR B 596 -60.64 -72.28 -50.61
N SER B 597 -61.29 -72.30 -49.44
CA SER B 597 -62.62 -72.87 -49.30
C SER B 597 -63.71 -71.81 -49.21
N ALA B 598 -63.35 -70.53 -49.30
CA ALA B 598 -64.35 -69.48 -49.16
C ALA B 598 -65.26 -69.45 -50.38
N LYS B 599 -66.57 -69.34 -50.13
CA LYS B 599 -67.54 -69.12 -51.18
C LYS B 599 -68.12 -67.72 -51.17
N SER B 600 -67.97 -66.97 -50.07
CA SER B 600 -68.46 -65.60 -50.00
C SER B 600 -67.44 -64.74 -49.29
N ILE B 601 -67.12 -63.60 -49.88
CA ILE B 601 -66.29 -62.58 -49.25
C ILE B 601 -67.14 -61.33 -49.14
N VAL B 602 -67.25 -60.80 -47.91
CA VAL B 602 -68.00 -59.59 -47.65
C VAL B 602 -67.05 -58.57 -47.04
N VAL B 603 -67.04 -57.36 -47.62
CA VAL B 603 -66.18 -56.28 -47.17
C VAL B 603 -67.05 -55.17 -46.63
N THR B 604 -66.74 -54.69 -45.42
CA THR B 604 -67.42 -53.56 -44.80
C THR B 604 -66.38 -52.54 -44.37
N GLY B 605 -66.84 -51.40 -43.89
CA GLY B 605 -65.98 -50.42 -43.25
C GLY B 605 -65.98 -49.08 -43.96
N ASN B 606 -65.06 -48.22 -43.54
CA ASN B 606 -64.93 -46.86 -44.05
C ASN B 606 -63.55 -46.61 -44.65
N ALA B 607 -62.86 -47.66 -45.09
CA ALA B 607 -61.55 -47.55 -45.73
C ALA B 607 -61.51 -48.42 -46.97
N GLY B 608 -60.60 -48.07 -47.88
CA GLY B 608 -60.39 -48.87 -49.07
C GLY B 608 -59.74 -50.20 -48.76
N LEU B 609 -59.80 -51.09 -49.76
CA LEU B 609 -59.18 -52.41 -49.64
C LEU B 609 -58.74 -52.88 -51.01
N ASN B 610 -57.42 -52.95 -51.23
CA ASN B 610 -56.88 -53.61 -52.39
C ASN B 610 -56.61 -55.06 -51.99
N LEU B 611 -57.49 -55.96 -52.38
CA LEU B 611 -57.45 -57.35 -51.93
C LEU B 611 -56.79 -58.21 -53.00
N THR B 612 -55.65 -58.79 -52.67
CA THR B 612 -55.07 -59.82 -53.53
C THR B 612 -55.79 -61.13 -53.26
N ASN B 613 -56.30 -61.76 -54.32
CA ASN B 613 -57.27 -62.84 -54.20
C ASN B 613 -56.79 -64.11 -54.88
N THR B 614 -55.53 -64.15 -55.31
CA THR B 614 -54.98 -65.29 -56.02
C THR B 614 -55.23 -66.60 -55.28
N GLY B 615 -55.70 -67.60 -56.03
CA GLY B 615 -55.91 -68.95 -55.52
C GLY B 615 -57.25 -69.21 -54.86
N ASN B 616 -58.08 -68.18 -54.65
CA ASN B 616 -59.37 -68.35 -54.00
C ASN B 616 -60.42 -68.70 -55.06
N THR B 617 -60.34 -69.94 -55.55
CA THR B 617 -61.10 -70.37 -56.72
C THR B 617 -62.56 -70.70 -56.42
N ALA B 618 -62.94 -70.83 -55.15
CA ALA B 618 -64.30 -71.20 -54.80
C ALA B 618 -65.22 -70.00 -54.55
N VAL B 619 -64.68 -68.78 -54.52
CA VAL B 619 -65.50 -67.60 -54.29
C VAL B 619 -66.47 -67.43 -55.46
N THR B 620 -67.75 -67.35 -55.14
CA THR B 620 -68.78 -67.00 -56.11
C THR B 620 -69.46 -65.69 -55.77
N SER B 621 -69.09 -65.06 -54.65
CA SER B 621 -69.72 -63.82 -54.22
C SER B 621 -68.70 -62.92 -53.54
N PHE B 622 -68.51 -61.72 -54.10
CA PHE B 622 -67.71 -60.67 -53.48
C PHE B 622 -68.63 -59.48 -53.28
N ASP B 623 -68.90 -59.14 -52.02
CA ASP B 623 -69.85 -58.08 -51.68
C ASP B 623 -69.13 -57.01 -50.85
N ALA B 624 -68.73 -55.93 -51.50
CA ALA B 624 -68.20 -54.75 -50.82
C ALA B 624 -69.19 -53.60 -50.88
N SER B 625 -70.47 -53.90 -51.09
CA SER B 625 -71.47 -52.86 -51.30
C SER B 625 -71.64 -51.98 -50.08
N ALA B 626 -71.34 -52.50 -48.88
CA ALA B 626 -71.51 -51.75 -47.65
C ALA B 626 -70.38 -50.78 -47.38
N VAL B 627 -69.28 -50.85 -48.13
CA VAL B 627 -68.14 -50.00 -47.86
C VAL B 627 -68.50 -48.54 -48.14
N THR B 628 -68.19 -47.66 -47.19
CA THR B 628 -68.53 -46.25 -47.27
C THR B 628 -67.28 -45.41 -47.43
N GLY B 629 -67.48 -44.18 -47.94
CA GLY B 629 -66.40 -43.24 -48.12
C GLY B 629 -65.98 -43.09 -49.56
N THR B 630 -65.96 -41.85 -50.08
CA THR B 630 -65.59 -41.65 -51.48
C THR B 630 -64.18 -42.12 -51.77
N GLY B 631 -63.29 -42.06 -50.79
CA GLY B 631 -61.93 -42.53 -50.99
C GLY B 631 -61.68 -43.99 -50.75
N SER B 632 -62.71 -44.77 -50.41
CA SER B 632 -62.54 -46.17 -50.01
C SER B 632 -62.52 -47.09 -51.24
N ALA B 633 -61.43 -46.96 -52.00
CA ALA B 633 -61.28 -47.74 -53.23
C ALA B 633 -61.10 -49.22 -52.93
N VAL B 634 -61.92 -50.06 -53.59
CA VAL B 634 -61.88 -51.51 -53.43
C VAL B 634 -61.43 -52.14 -54.74
N THR B 635 -60.41 -53.00 -54.68
CA THR B 635 -59.86 -53.67 -55.85
C THR B 635 -59.97 -55.18 -55.66
N PHE B 636 -60.59 -55.85 -56.63
CA PHE B 636 -60.84 -57.29 -56.55
C PHE B 636 -60.70 -57.91 -57.93
N VAL B 637 -59.98 -59.02 -58.00
CA VAL B 637 -59.85 -59.81 -59.22
C VAL B 637 -60.29 -61.23 -58.91
N SER B 638 -61.36 -61.68 -59.58
CA SER B 638 -61.88 -63.01 -59.33
C SER B 638 -60.91 -64.09 -59.78
N ALA B 639 -60.80 -65.13 -58.96
CA ALA B 639 -60.00 -66.31 -59.25
C ALA B 639 -60.85 -67.53 -59.59
N ASN B 640 -62.15 -67.35 -59.79
CA ASN B 640 -63.02 -68.50 -60.01
C ASN B 640 -62.79 -69.10 -61.39
N THR B 641 -62.56 -70.41 -61.43
CA THR B 641 -62.27 -71.14 -62.66
C THR B 641 -63.28 -72.24 -62.96
N THR B 642 -64.40 -72.26 -62.25
CA THR B 642 -65.43 -73.25 -62.47
C THR B 642 -66.15 -73.03 -63.80
N VAL B 643 -66.33 -74.11 -64.57
CA VAL B 643 -67.00 -74.01 -65.87
C VAL B 643 -68.44 -73.59 -65.66
N GLY B 644 -68.87 -72.57 -66.41
CA GLY B 644 -70.25 -72.14 -66.32
C GLY B 644 -70.67 -71.55 -64.99
N GLU B 645 -69.73 -71.05 -64.21
CA GLU B 645 -70.06 -70.53 -62.89
C GLU B 645 -70.67 -69.14 -62.97
N VAL B 646 -71.59 -68.87 -62.04
CA VAL B 646 -72.17 -67.54 -61.85
C VAL B 646 -71.46 -66.90 -60.66
N VAL B 647 -70.89 -65.72 -60.89
CA VAL B 647 -70.15 -64.99 -59.87
C VAL B 647 -70.67 -63.58 -59.81
N THR B 648 -70.85 -63.05 -58.60
CA THR B 648 -71.33 -61.70 -58.36
C THR B 648 -70.28 -60.90 -57.61
N ILE B 649 -69.97 -59.72 -58.16
CA ILE B 649 -68.94 -58.83 -57.63
C ILE B 649 -69.54 -57.45 -57.46
N ARG B 650 -69.60 -56.96 -56.22
CA ARG B 650 -70.21 -55.66 -55.92
C ARG B 650 -69.17 -54.73 -55.31
N GLY B 651 -69.02 -53.55 -55.91
CA GLY B 651 -68.17 -52.52 -55.35
C GLY B 651 -68.92 -51.72 -54.29
N GLY B 652 -68.19 -50.75 -53.72
CA GLY B 652 -68.80 -49.91 -52.71
C GLY B 652 -68.85 -48.45 -53.13
N ALA B 653 -68.78 -47.56 -52.13
CA ALA B 653 -68.86 -46.13 -52.38
C ALA B 653 -67.62 -45.60 -53.08
N GLY B 654 -66.52 -46.34 -53.05
CA GLY B 654 -65.27 -45.87 -53.60
C GLY B 654 -65.16 -46.06 -55.09
N ALA B 655 -64.06 -45.57 -55.63
CA ALA B 655 -63.70 -45.73 -57.04
C ALA B 655 -63.04 -47.09 -57.18
N ASP B 656 -63.85 -48.09 -57.51
CA ASP B 656 -63.44 -49.49 -57.41
C ASP B 656 -62.93 -50.03 -58.73
N SER B 657 -62.10 -51.07 -58.62
CA SER B 657 -61.60 -51.80 -59.78
C SER B 657 -61.99 -53.26 -59.60
N LEU B 658 -62.95 -53.71 -60.41
CA LEU B 658 -63.57 -55.02 -60.24
C LEU B 658 -63.37 -55.82 -61.52
N THR B 659 -62.75 -57.00 -61.38
CA THR B 659 -62.44 -57.87 -62.50
C THR B 659 -63.00 -59.26 -62.25
N GLY B 660 -63.73 -59.78 -63.22
CA GLY B 660 -64.23 -61.14 -63.18
C GLY B 660 -63.22 -62.13 -63.71
N SER B 661 -63.73 -63.23 -64.26
CA SER B 661 -62.87 -64.25 -64.86
C SER B 661 -63.48 -64.69 -66.18
N ALA B 662 -62.60 -65.19 -67.05
CA ALA B 662 -63.01 -65.58 -68.41
C ALA B 662 -64.00 -66.74 -68.38
N THR B 663 -63.84 -67.66 -67.43
CA THR B 663 -64.70 -68.84 -67.36
C THR B 663 -66.06 -68.56 -66.75
N ALA B 664 -66.25 -67.42 -66.11
CA ALA B 664 -67.44 -67.16 -65.31
C ALA B 664 -68.38 -66.18 -66.00
N ASN B 665 -69.68 -66.35 -65.73
CA ASN B 665 -70.70 -65.36 -66.02
C ASN B 665 -70.74 -64.41 -64.83
N ASP B 666 -70.01 -63.30 -64.94
CA ASP B 666 -69.86 -62.37 -63.84
C ASP B 666 -70.92 -61.28 -63.87
N THR B 667 -71.63 -61.11 -62.76
CA THR B 667 -72.46 -59.93 -62.52
C THR B 667 -71.63 -58.96 -61.68
N ILE B 668 -71.24 -57.84 -62.27
CA ILE B 668 -70.40 -56.86 -61.60
C ILE B 668 -71.18 -55.55 -61.46
N ILE B 669 -71.26 -55.05 -60.23
CA ILE B 669 -72.02 -53.86 -59.90
C ILE B 669 -71.09 -52.89 -59.18
N GLY B 670 -70.85 -51.74 -59.79
CA GLY B 670 -69.84 -50.83 -59.27
C GLY B 670 -70.29 -50.04 -58.06
N GLY B 671 -71.57 -49.73 -57.97
CA GLY B 671 -72.05 -48.83 -56.93
C GLY B 671 -71.69 -47.40 -57.26
N ALA B 672 -71.68 -46.56 -56.22
CA ALA B 672 -71.32 -45.17 -56.38
C ALA B 672 -69.84 -45.04 -56.73
N GLY B 673 -69.45 -43.84 -57.17
CA GLY B 673 -68.07 -43.56 -57.47
C GLY B 673 -67.67 -43.98 -58.87
N ALA B 674 -66.49 -43.53 -59.28
CA ALA B 674 -65.95 -43.79 -60.61
C ALA B 674 -65.33 -45.18 -60.62
N ASP B 675 -66.10 -46.16 -61.07
CA ASP B 675 -65.70 -47.55 -61.00
C ASP B 675 -65.16 -48.03 -62.34
N THR B 676 -64.31 -49.05 -62.29
CA THR B 676 -63.78 -49.68 -63.49
C THR B 676 -64.14 -51.16 -63.46
N LEU B 677 -64.93 -51.58 -64.44
CA LEU B 677 -65.43 -52.95 -64.52
C LEU B 677 -64.77 -53.61 -65.73
N VAL B 678 -64.00 -54.66 -65.48
CA VAL B 678 -63.12 -55.26 -66.47
C VAL B 678 -63.74 -56.56 -66.98
N TYR B 679 -63.91 -56.66 -68.29
CA TYR B 679 -64.47 -57.85 -68.94
C TYR B 679 -63.34 -58.70 -69.51
N THR B 680 -63.34 -60.00 -69.19
CA THR B 680 -62.32 -60.92 -69.66
C THR B 680 -62.87 -62.14 -70.38
N GLY B 681 -64.18 -62.28 -70.53
CA GLY B 681 -64.76 -63.45 -71.16
C GLY B 681 -66.00 -63.92 -70.44
N GLY B 682 -66.78 -64.76 -71.12
CA GLY B 682 -68.02 -65.28 -70.57
C GLY B 682 -69.19 -64.37 -70.86
N THR B 683 -70.32 -64.68 -70.24
CA THR B 683 -71.54 -63.89 -70.38
C THR B 683 -71.65 -63.02 -69.14
N ASP B 684 -71.12 -61.81 -69.22
CA ASP B 684 -70.99 -60.93 -68.07
C ASP B 684 -72.02 -59.80 -68.12
N THR B 685 -72.40 -59.31 -66.95
CA THR B 685 -73.41 -58.26 -66.81
C THR B 685 -72.84 -57.12 -65.98
N PHE B 686 -72.54 -55.99 -66.63
CA PHE B 686 -71.90 -54.86 -65.96
C PHE B 686 -72.92 -53.79 -65.66
N THR B 687 -72.93 -53.32 -64.42
CA THR B 687 -73.73 -52.19 -63.97
C THR B 687 -72.78 -51.20 -63.30
N GLY B 688 -72.53 -50.08 -63.96
CA GLY B 688 -71.60 -49.11 -63.42
C GLY B 688 -72.12 -48.40 -62.19
N GLY B 689 -73.43 -48.16 -62.14
CA GLY B 689 -74.00 -47.35 -61.10
C GLY B 689 -73.75 -45.87 -61.34
N THR B 690 -74.07 -45.07 -60.33
CA THR B 690 -73.78 -43.64 -60.40
C THR B 690 -72.29 -43.41 -60.57
N GLY B 691 -71.96 -42.26 -61.15
CA GLY B 691 -70.58 -41.91 -61.37
C GLY B 691 -70.13 -42.22 -62.79
N ALA B 692 -69.04 -41.56 -63.19
CA ALA B 692 -68.42 -41.78 -64.49
C ALA B 692 -67.67 -43.10 -64.39
N ASP B 693 -68.26 -44.15 -64.94
CA ASP B 693 -67.72 -45.49 -64.80
C ASP B 693 -67.00 -45.89 -66.09
N ILE B 694 -66.04 -46.80 -65.95
CA ILE B 694 -65.27 -47.30 -67.08
C ILE B 694 -65.54 -48.78 -67.22
N PHE B 695 -65.88 -49.19 -68.44
CA PHE B 695 -66.06 -50.60 -68.78
C PHE B 695 -64.87 -51.00 -69.65
N ASP B 696 -63.89 -51.66 -69.03
CA ASP B 696 -62.64 -52.02 -69.69
C ASP B 696 -62.83 -53.38 -70.37
N ILE B 697 -62.83 -53.38 -71.70
CA ILE B 697 -63.06 -54.58 -72.48
C ILE B 697 -61.70 -55.14 -72.86
N ASN B 698 -61.32 -56.27 -72.25
CA ASN B 698 -60.02 -56.88 -72.48
C ASN B 698 -60.07 -58.19 -73.24
N ALA B 699 -61.25 -58.73 -73.50
CA ALA B 699 -61.41 -59.97 -74.25
C ALA B 699 -62.51 -59.79 -75.27
N ILE B 700 -62.36 -60.49 -76.40
CA ILE B 700 -63.32 -60.37 -77.49
C ILE B 700 -64.64 -61.04 -77.14
N GLY B 701 -64.58 -62.20 -76.48
CA GLY B 701 -65.78 -62.97 -76.23
C GLY B 701 -66.22 -63.72 -77.48
N THR B 702 -67.49 -64.11 -77.48
CA THR B 702 -68.10 -64.77 -78.63
C THR B 702 -69.37 -64.03 -79.01
N SER B 703 -70.00 -64.46 -80.12
CA SER B 703 -71.23 -63.85 -80.57
C SER B 703 -72.42 -64.14 -79.65
N THR B 704 -72.29 -65.13 -78.76
CA THR B 704 -73.33 -65.45 -77.80
C THR B 704 -72.92 -65.26 -76.35
N ALA B 705 -71.62 -65.21 -76.06
CA ALA B 705 -71.10 -64.97 -74.71
C ALA B 705 -70.29 -63.68 -74.76
N PHE B 706 -70.93 -62.57 -74.37
CA PHE B 706 -70.32 -61.24 -74.41
C PHE B 706 -70.80 -60.49 -73.19
N VAL B 707 -70.34 -59.24 -73.05
CA VAL B 707 -70.72 -58.41 -71.91
C VAL B 707 -71.92 -57.55 -72.29
N THR B 708 -72.82 -57.39 -71.32
CA THR B 708 -73.96 -56.49 -71.42
C THR B 708 -73.82 -55.43 -70.33
N ILE B 709 -73.80 -54.15 -70.73
CA ILE B 709 -73.75 -53.03 -69.81
C ILE B 709 -75.18 -52.51 -69.64
N THR B 710 -75.66 -52.52 -68.40
CA THR B 710 -77.08 -52.27 -68.11
C THR B 710 -77.44 -50.80 -67.95
N ASP B 711 -76.47 -49.92 -67.68
CA ASP B 711 -76.80 -48.55 -67.33
C ASP B 711 -75.80 -47.57 -67.95
N ALA B 712 -75.45 -47.78 -69.21
CA ALA B 712 -74.55 -46.84 -69.87
C ALA B 712 -75.20 -45.47 -69.93
N ALA B 713 -74.48 -44.45 -69.48
CA ALA B 713 -75.01 -43.10 -69.41
C ALA B 713 -73.93 -42.11 -69.82
N VAL B 714 -74.36 -40.87 -70.07
CA VAL B 714 -73.41 -39.83 -70.43
C VAL B 714 -72.38 -39.70 -69.31
N GLY B 715 -71.11 -39.70 -69.68
CA GLY B 715 -70.06 -39.69 -68.68
C GLY B 715 -69.32 -41.00 -68.60
N ASP B 716 -70.04 -42.12 -68.70
CA ASP B 716 -69.39 -43.43 -68.72
C ASP B 716 -68.50 -43.56 -69.95
N LYS B 717 -67.52 -44.48 -69.85
CA LYS B 717 -66.59 -44.74 -70.94
C LYS B 717 -66.54 -46.23 -71.28
N LEU B 718 -65.99 -46.50 -72.47
CA LEU B 718 -65.93 -47.85 -73.03
C LEU B 718 -64.51 -48.01 -73.59
N ASP B 719 -63.66 -48.72 -72.85
CA ASP B 719 -62.24 -48.86 -73.17
C ASP B 719 -62.06 -50.09 -74.03
N LEU B 720 -61.63 -49.90 -75.28
CA LEU B 720 -61.50 -51.01 -76.23
C LEU B 720 -60.07 -51.23 -76.68
N VAL B 721 -59.08 -50.74 -75.93
CA VAL B 721 -57.68 -50.98 -76.29
C VAL B 721 -57.38 -52.47 -76.38
N GLY B 722 -57.97 -53.26 -75.48
CA GLY B 722 -57.65 -54.68 -75.42
C GLY B 722 -58.18 -55.52 -76.57
N ILE B 723 -59.14 -55.02 -77.34
CA ILE B 723 -59.79 -55.82 -78.38
C ILE B 723 -59.48 -55.34 -79.80
N SER B 724 -58.62 -54.33 -79.96
CA SER B 724 -58.18 -53.87 -81.29
C SER B 724 -57.14 -54.85 -81.84
N THR B 725 -57.64 -55.97 -82.38
CA THR B 725 -56.75 -57.02 -82.85
C THR B 725 -55.75 -56.49 -83.88
N ASN B 726 -56.19 -55.60 -84.75
CA ASN B 726 -55.35 -55.07 -85.82
C ASN B 726 -55.28 -53.55 -85.68
N GLY B 727 -54.09 -53.04 -85.37
CA GLY B 727 -53.95 -51.61 -85.22
C GLY B 727 -54.73 -51.06 -84.04
N ALA B 728 -55.24 -49.84 -84.21
CA ALA B 728 -56.01 -49.15 -83.18
C ALA B 728 -57.27 -48.57 -83.80
N ILE B 729 -58.32 -48.49 -82.98
CA ILE B 729 -59.57 -47.89 -83.43
C ILE B 729 -59.37 -46.40 -83.62
N ALA B 730 -59.77 -45.90 -84.79
CA ALA B 730 -59.50 -44.51 -85.14
C ALA B 730 -60.22 -43.54 -84.21
N ASP B 731 -59.53 -42.45 -83.89
CA ASP B 731 -60.06 -41.42 -83.02
C ASP B 731 -61.06 -40.55 -83.78
N GLY B 732 -62.30 -40.52 -83.29
CA GLY B 732 -63.31 -39.65 -83.88
C GLY B 732 -64.65 -39.89 -83.24
N ALA B 733 -65.59 -39.02 -83.58
CA ALA B 733 -66.98 -39.22 -83.17
C ALA B 733 -67.57 -40.44 -83.88
N PHE B 734 -68.46 -41.14 -83.17
CA PHE B 734 -69.11 -42.30 -83.74
C PHE B 734 -70.08 -41.82 -84.81
N GLY B 735 -70.00 -42.41 -85.99
CA GLY B 735 -70.93 -41.98 -87.03
C GLY B 735 -72.37 -42.35 -86.71
N ALA B 736 -73.20 -42.34 -87.73
CA ALA B 736 -74.58 -42.76 -87.57
C ALA B 736 -74.61 -44.25 -87.24
N ALA B 737 -75.66 -44.68 -86.56
CA ALA B 737 -75.80 -46.11 -86.31
C ALA B 737 -76.01 -46.85 -87.62
N VAL B 738 -75.67 -48.14 -87.60
CA VAL B 738 -76.04 -49.02 -88.70
C VAL B 738 -77.55 -49.26 -88.66
N THR B 739 -78.22 -49.00 -89.77
CA THR B 739 -79.68 -49.11 -89.88
C THR B 739 -80.02 -50.08 -90.98
N LEU B 740 -80.89 -51.04 -90.67
CA LEU B 740 -81.33 -52.06 -91.62
C LEU B 740 -82.86 -52.08 -91.69
N GLY B 741 -83.38 -53.01 -92.48
CA GLY B 741 -84.81 -53.09 -92.73
C GLY B 741 -85.62 -53.51 -91.52
N ALA B 742 -86.94 -53.40 -91.67
CA ALA B 742 -87.85 -53.58 -90.54
C ALA B 742 -87.81 -55.00 -89.97
N ALA B 743 -87.42 -55.99 -90.76
CA ALA B 743 -87.38 -57.37 -90.29
C ALA B 743 -85.94 -57.86 -90.12
N ALA B 744 -84.99 -56.95 -89.98
CA ALA B 744 -83.59 -57.35 -89.86
C ALA B 744 -83.36 -58.09 -88.54
N THR B 745 -82.53 -59.13 -88.61
CA THR B 745 -82.17 -59.92 -87.44
C THR B 745 -80.89 -59.38 -86.82
N LEU B 746 -80.60 -59.86 -85.59
CA LEU B 746 -79.34 -59.49 -84.96
C LEU B 746 -78.17 -59.98 -85.78
N ALA B 747 -78.28 -61.19 -86.34
CA ALA B 747 -77.23 -61.74 -87.20
C ALA B 747 -77.01 -60.87 -88.43
N GLN B 748 -78.08 -60.29 -88.97
CA GLN B 748 -77.92 -59.43 -90.14
C GLN B 748 -77.28 -58.10 -89.74
N TYR B 749 -77.65 -57.57 -88.56
CA TYR B 749 -77.00 -56.37 -88.05
C TYR B 749 -75.52 -56.63 -87.76
N LEU B 750 -75.19 -57.79 -87.20
CA LEU B 750 -73.80 -58.09 -86.91
C LEU B 750 -72.98 -58.18 -88.19
N ASP B 751 -73.53 -58.81 -89.24
CA ASP B 751 -72.80 -58.92 -90.50
C ASP B 751 -72.63 -57.56 -91.18
N ALA B 752 -73.65 -56.70 -91.09
CA ALA B 752 -73.54 -55.37 -91.69
C ALA B 752 -72.49 -54.53 -90.96
N ALA B 753 -72.43 -54.64 -89.63
CA ALA B 753 -71.40 -53.91 -88.88
C ALA B 753 -70.02 -54.41 -89.23
N ALA B 754 -69.88 -55.70 -89.52
CA ALA B 754 -68.59 -56.31 -89.85
C ALA B 754 -68.41 -56.52 -91.35
N ALA B 755 -69.19 -55.82 -92.18
CA ALA B 755 -69.11 -56.05 -93.62
C ALA B 755 -67.78 -55.58 -94.20
N GLY B 756 -67.13 -54.62 -93.54
CA GLY B 756 -65.90 -54.04 -94.04
C GLY B 756 -64.69 -54.93 -93.81
N ASP B 757 -63.53 -54.36 -94.10
CA ASP B 757 -62.25 -55.04 -93.96
C ASP B 757 -61.53 -54.50 -92.73
N GLY B 758 -61.47 -55.31 -91.67
CA GLY B 758 -60.76 -54.96 -90.46
C GLY B 758 -59.42 -55.65 -90.28
N SER B 759 -58.95 -56.41 -91.26
CA SER B 759 -57.70 -57.13 -91.12
C SER B 759 -56.52 -56.18 -91.00
N GLY B 760 -56.56 -55.06 -91.70
CA GLY B 760 -55.47 -54.11 -91.60
C GLY B 760 -55.57 -53.26 -90.37
N THR B 761 -56.75 -52.66 -90.16
CA THR B 761 -57.02 -51.87 -88.98
C THR B 761 -58.46 -52.13 -88.54
N SER B 762 -58.64 -52.45 -87.26
CA SER B 762 -59.96 -52.75 -86.73
C SER B 762 -60.87 -51.54 -86.77
N VAL B 763 -62.14 -51.78 -87.09
CA VAL B 763 -63.13 -50.72 -87.22
C VAL B 763 -64.24 -50.97 -86.21
N ALA B 764 -64.81 -49.88 -85.69
CA ALA B 764 -65.90 -49.93 -84.74
C ALA B 764 -67.16 -49.37 -85.40
N LYS B 765 -68.27 -50.08 -85.23
CA LYS B 765 -69.57 -49.60 -85.69
C LYS B 765 -70.59 -49.87 -84.60
N TRP B 766 -71.78 -49.29 -84.74
CA TRP B 766 -72.83 -49.51 -83.75
C TRP B 766 -74.20 -49.55 -84.42
N PHE B 767 -75.15 -50.14 -83.72
CA PHE B 767 -76.53 -50.23 -84.21
C PHE B 767 -77.46 -50.43 -83.01
N GLN B 768 -78.76 -50.40 -83.29
CA GLN B 768 -79.78 -50.67 -82.28
C GLN B 768 -80.71 -51.76 -82.78
N PHE B 769 -80.93 -52.76 -81.94
CA PHE B 769 -81.78 -53.90 -82.29
C PHE B 769 -82.52 -54.36 -81.05
N GLY B 770 -83.80 -54.67 -81.21
CA GLY B 770 -84.60 -55.20 -80.12
C GLY B 770 -84.66 -54.32 -78.91
N GLY B 771 -84.52 -53.01 -79.07
CA GLY B 771 -84.57 -52.11 -77.93
C GLY B 771 -83.26 -51.97 -77.18
N ASP B 772 -82.19 -52.55 -77.68
CA ASP B 772 -80.88 -52.42 -77.06
C ASP B 772 -79.90 -51.88 -78.08
N THR B 773 -78.76 -51.40 -77.59
CA THR B 773 -77.72 -50.82 -78.42
C THR B 773 -76.49 -51.72 -78.41
N TYR B 774 -75.84 -51.83 -79.56
CA TYR B 774 -74.71 -52.74 -79.73
C TYR B 774 -73.52 -52.01 -80.31
N VAL B 775 -72.33 -52.38 -79.84
CA VAL B 775 -71.06 -51.88 -80.37
C VAL B 775 -70.29 -53.08 -80.90
N VAL B 776 -69.73 -52.93 -82.10
CA VAL B 776 -69.03 -54.00 -82.79
C VAL B 776 -67.61 -53.54 -83.12
N VAL B 777 -66.64 -54.43 -82.96
CA VAL B 777 -65.27 -54.19 -83.43
C VAL B 777 -64.97 -55.23 -84.50
N ASP B 778 -64.84 -54.80 -85.74
CA ASP B 778 -64.55 -55.67 -86.87
C ASP B 778 -63.04 -55.71 -87.11
N SER B 779 -62.46 -56.91 -86.97
CA SER B 779 -61.03 -57.14 -87.16
C SER B 779 -60.78 -58.25 -88.18
N SER B 780 -61.67 -58.42 -89.15
CA SER B 780 -61.52 -59.50 -90.13
C SER B 780 -61.91 -58.99 -91.51
N ALA B 781 -61.26 -59.53 -92.53
CA ALA B 781 -61.46 -59.02 -93.88
C ALA B 781 -62.83 -59.41 -94.43
N GLY B 782 -63.36 -60.55 -94.00
CA GLY B 782 -64.62 -61.01 -94.53
C GLY B 782 -65.78 -60.07 -94.21
N ALA B 783 -66.85 -60.23 -94.98
CA ALA B 783 -68.05 -59.44 -94.81
C ALA B 783 -68.97 -60.00 -93.73
N THR B 784 -68.60 -61.13 -93.13
CA THR B 784 -69.39 -61.76 -92.08
C THR B 784 -68.75 -61.55 -90.72
N PHE B 785 -69.59 -61.33 -89.71
CA PHE B 785 -69.12 -61.24 -88.34
C PHE B 785 -68.49 -62.58 -87.95
N VAL B 786 -67.26 -62.52 -87.47
CA VAL B 786 -66.51 -63.71 -87.09
C VAL B 786 -66.50 -63.81 -85.58
N SER B 787 -67.15 -64.84 -85.04
CA SER B 787 -67.23 -65.03 -83.60
C SER B 787 -65.86 -65.37 -83.05
N GLY B 788 -65.48 -64.72 -81.95
CA GLY B 788 -64.20 -64.91 -81.34
C GLY B 788 -63.09 -64.06 -81.91
N ALA B 789 -63.30 -63.47 -83.09
CA ALA B 789 -62.35 -62.54 -83.69
C ALA B 789 -62.87 -61.12 -83.71
N ASP B 790 -64.11 -60.93 -84.17
CA ASP B 790 -64.79 -59.65 -84.03
C ASP B 790 -65.59 -59.65 -82.75
N ALA B 791 -65.74 -58.48 -82.15
CA ALA B 791 -66.34 -58.34 -80.84
C ALA B 791 -67.67 -57.61 -80.94
N VAL B 792 -68.58 -57.94 -80.03
CA VAL B 792 -69.87 -57.27 -79.89
C VAL B 792 -70.09 -56.97 -78.42
N ILE B 793 -70.48 -55.74 -78.13
CA ILE B 793 -70.78 -55.28 -76.77
C ILE B 793 -72.22 -54.78 -76.78
N LYS B 794 -73.00 -55.18 -75.78
CA LYS B 794 -74.40 -54.83 -75.73
C LYS B 794 -74.64 -53.81 -74.62
N LEU B 795 -75.38 -52.75 -74.94
CA LEU B 795 -75.85 -51.76 -73.98
C LEU B 795 -77.37 -51.89 -73.93
N THR B 796 -77.91 -52.02 -72.72
CA THR B 796 -79.33 -52.36 -72.55
C THR B 796 -80.30 -51.36 -73.17
N GLY B 797 -80.36 -50.13 -72.69
CA GLY B 797 -81.34 -49.24 -73.30
C GLY B 797 -81.07 -48.88 -74.75
N LEU B 798 -81.90 -48.01 -75.31
CA LEU B 798 -81.59 -47.39 -76.59
C LEU B 798 -80.77 -46.16 -76.25
N VAL B 799 -79.48 -46.21 -76.47
CA VAL B 799 -78.61 -45.04 -76.17
C VAL B 799 -77.96 -44.54 -77.46
N THR B 800 -78.05 -43.24 -77.70
CA THR B 800 -77.46 -42.61 -78.91
C THR B 800 -75.95 -42.47 -78.77
N LEU B 801 -75.18 -43.03 -79.68
CA LEU B 801 -73.70 -42.96 -79.64
C LEU B 801 -73.19 -42.05 -80.76
N THR B 802 -74.09 -41.35 -81.43
CA THR B 802 -73.74 -40.48 -82.59
C THR B 802 -72.76 -39.39 -82.18
N THR B 803 -73.03 -38.69 -81.09
CA THR B 803 -72.16 -37.60 -80.65
C THR B 803 -71.06 -38.08 -79.71
N SER B 804 -70.95 -39.39 -79.47
CA SER B 804 -69.89 -39.91 -78.61
C SER B 804 -68.63 -40.18 -79.43
N ALA B 805 -67.48 -39.88 -78.85
CA ALA B 805 -66.22 -39.87 -79.58
C ALA B 805 -65.24 -40.88 -79.03
N PHE B 806 -64.43 -41.44 -79.93
CA PHE B 806 -63.33 -42.32 -79.57
C PHE B 806 -62.07 -41.48 -79.39
N ALA B 807 -61.44 -41.61 -78.21
CA ALA B 807 -60.16 -40.98 -77.93
C ALA B 807 -59.22 -42.04 -77.39
N THR B 808 -58.15 -42.32 -78.13
CA THR B 808 -57.26 -43.45 -77.89
C THR B 808 -58.05 -44.71 -77.50
N GLU B 809 -58.94 -45.11 -78.42
CA GLU B 809 -59.72 -46.33 -78.33
C GLU B 809 -60.65 -46.37 -77.11
N VAL B 810 -60.99 -45.20 -76.57
CA VAL B 810 -61.92 -45.08 -75.46
C VAL B 810 -63.10 -44.25 -75.93
N LEU B 811 -64.30 -44.82 -75.83
CA LEU B 811 -65.52 -44.13 -76.21
C LEU B 811 -66.12 -43.49 -74.96
N THR B 812 -66.28 -42.18 -74.97
CA THR B 812 -66.91 -41.48 -73.87
C THR B 812 -68.33 -41.10 -74.30
N LEU B 813 -69.31 -41.62 -73.59
CA LEU B 813 -70.70 -41.38 -73.96
C LEU B 813 -71.04 -39.90 -73.80
N ALA B 814 -71.64 -39.33 -74.85
CA ALA B 814 -72.06 -37.93 -74.85
C ALA B 814 -73.50 -37.80 -75.32
N GLY C 34 -11.28 29.22 4.64
CA GLY C 34 -11.45 30.01 3.43
C GLY C 34 -12.50 29.39 2.51
N VAL C 35 -13.07 30.22 1.64
CA VAL C 35 -14.16 29.83 0.74
C VAL C 35 -13.61 29.70 -0.66
N SER C 36 -14.08 28.68 -1.39
CA SER C 36 -13.67 28.50 -2.78
C SER C 36 -14.04 29.71 -3.61
N GLY C 37 -13.11 30.14 -4.47
CA GLY C 37 -13.29 31.36 -5.24
C GLY C 37 -13.51 31.15 -6.72
N SER C 38 -12.57 31.60 -7.56
CA SER C 38 -12.75 31.59 -9.01
C SER C 38 -11.54 30.95 -9.68
N THR C 39 -11.74 30.56 -10.95
CA THR C 39 -10.68 29.98 -11.78
C THR C 39 -10.39 30.94 -12.93
N LEU C 40 -9.12 31.29 -13.08
CA LEU C 40 -8.67 32.38 -13.95
C LEU C 40 -7.66 31.83 -14.95
N SER C 41 -8.09 31.63 -16.19
CA SER C 41 -7.21 31.09 -17.23
C SER C 41 -6.38 32.19 -17.87
N LEU C 42 -5.06 31.99 -17.86
CA LEU C 42 -4.16 32.89 -18.57
C LEU C 42 -4.27 32.66 -20.06
N THR C 43 -3.80 33.65 -20.84
CA THR C 43 -3.83 33.56 -22.28
C THR C 43 -2.41 33.63 -22.83
N THR C 44 -2.29 33.43 -24.15
CA THR C 44 -0.99 33.61 -24.80
C THR C 44 -0.61 35.08 -24.95
N GLY C 45 -1.50 36.01 -24.57
CA GLY C 45 -1.17 37.42 -24.53
C GLY C 45 -0.69 37.85 -23.16
N THR C 46 -0.49 39.16 -23.02
CA THR C 46 -0.10 39.72 -21.74
C THR C 46 -1.34 39.89 -20.88
N ASP C 47 -1.41 39.17 -19.75
CA ASP C 47 -2.60 39.17 -18.92
C ASP C 47 -2.44 40.06 -17.69
N THR C 48 -3.57 40.61 -17.24
CA THR C 48 -3.64 41.33 -15.96
C THR C 48 -4.82 40.79 -15.18
N LEU C 49 -4.56 39.84 -14.27
CA LEU C 49 -5.61 39.10 -13.57
C LEU C 49 -5.52 39.33 -12.07
N THR C 50 -6.65 39.73 -11.47
CA THR C 50 -6.75 39.91 -10.03
C THR C 50 -7.82 38.98 -9.47
N GLY C 51 -7.50 38.28 -8.38
CA GLY C 51 -8.39 37.29 -7.81
C GLY C 51 -9.58 37.87 -7.06
N THR C 52 -10.39 36.96 -6.53
CA THR C 52 -11.67 37.30 -5.90
C THR C 52 -11.66 37.29 -4.37
N ALA C 53 -10.54 37.62 -3.73
CA ALA C 53 -10.53 37.73 -2.27
C ALA C 53 -10.91 36.42 -1.57
N ASN C 54 -11.23 35.40 -2.36
CA ASN C 54 -11.51 34.04 -1.91
C ASN C 54 -10.37 33.16 -2.40
N ASN C 55 -10.54 31.86 -2.27
CA ASN C 55 -9.49 30.93 -2.69
C ASN C 55 -9.60 30.73 -4.19
N ASP C 56 -8.67 31.33 -4.94
CA ASP C 56 -8.72 31.32 -6.39
C ASP C 56 -7.65 30.40 -6.96
N THR C 57 -7.87 29.96 -8.20
CA THR C 57 -6.93 29.12 -8.94
C THR C 57 -6.59 29.79 -10.26
N PHE C 58 -5.31 30.13 -10.44
CA PHE C 58 -4.83 30.70 -11.68
C PHE C 58 -4.27 29.58 -12.55
N VAL C 59 -4.81 29.45 -13.76
CA VAL C 59 -4.48 28.35 -14.65
C VAL C 59 -3.59 28.87 -15.76
N ALA C 60 -2.33 28.47 -15.75
CA ALA C 60 -1.36 28.85 -16.76
C ALA C 60 -0.93 27.62 -17.55
N GLY C 61 -1.90 27.05 -18.28
CA GLY C 61 -1.68 25.89 -19.13
C GLY C 61 -1.27 26.28 -20.53
N GLU C 62 -1.68 25.45 -21.50
CA GLU C 62 -1.46 25.68 -22.93
C GLU C 62 -2.78 25.94 -23.64
N VAL C 63 -2.72 26.73 -24.71
CA VAL C 63 -3.84 26.94 -25.63
C VAL C 63 -3.35 26.54 -27.01
N ALA C 64 -3.88 25.44 -27.55
CA ALA C 64 -3.48 24.95 -28.87
C ALA C 64 -1.97 24.77 -28.94
N GLY C 65 -1.38 24.27 -27.86
CA GLY C 65 0.04 23.98 -27.81
C GLY C 65 0.93 25.13 -27.40
N ALA C 66 0.39 26.32 -27.12
CA ALA C 66 1.18 27.50 -26.80
C ALA C 66 1.02 27.86 -25.32
N ALA C 67 2.13 28.15 -24.66
CA ALA C 67 2.13 28.49 -23.24
C ALA C 67 1.39 29.78 -22.97
N THR C 68 0.75 29.85 -21.80
CA THR C 68 0.01 31.03 -21.40
C THR C 68 0.67 31.84 -20.28
N LEU C 69 1.67 31.33 -19.58
CA LEU C 69 2.45 32.18 -18.69
C LEU C 69 3.54 32.81 -19.55
N THR C 70 3.34 34.08 -19.89
CA THR C 70 4.07 34.70 -20.99
C THR C 70 4.53 36.10 -20.56
N VAL C 71 5.37 36.71 -21.40
CA VAL C 71 6.00 37.99 -21.06
C VAL C 71 4.94 39.04 -20.70
N GLY C 72 5.20 39.76 -19.59
CA GLY C 72 4.41 40.87 -19.14
C GLY C 72 3.24 40.53 -18.25
N ASP C 73 2.94 39.24 -18.05
CA ASP C 73 1.79 38.83 -17.25
C ASP C 73 1.84 39.43 -15.86
N THR C 74 0.68 39.87 -15.36
CA THR C 74 0.56 40.41 -14.01
C THR C 74 -0.56 39.68 -13.29
N LEU C 75 -0.23 38.97 -12.21
CA LEU C 75 -1.18 38.21 -11.43
C LEU C 75 -1.20 38.75 -10.01
N SER C 76 -2.40 39.05 -9.50
CA SER C 76 -2.58 39.43 -8.11
C SER C 76 -3.66 38.55 -7.48
N GLY C 77 -3.27 37.71 -6.53
CA GLY C 77 -4.20 36.73 -6.00
C GLY C 77 -5.30 37.32 -5.13
N GLY C 78 -5.02 38.42 -4.45
CA GLY C 78 -5.94 38.95 -3.48
C GLY C 78 -5.99 38.09 -2.22
N ALA C 79 -6.92 38.46 -1.35
CA ALA C 79 -7.09 37.78 -0.08
C ALA C 79 -7.52 36.33 -0.29
N GLY C 80 -7.37 35.54 0.77
CA GLY C 80 -7.66 34.13 0.67
C GLY C 80 -6.44 33.35 0.22
N THR C 81 -6.60 32.02 0.24
CA THR C 81 -5.52 31.11 -0.08
C THR C 81 -5.57 30.82 -1.57
N ASP C 82 -4.58 31.29 -2.30
CA ASP C 82 -4.61 31.33 -3.76
C ASP C 82 -3.50 30.45 -4.33
N VAL C 83 -3.73 29.93 -5.53
CA VAL C 83 -2.82 28.98 -6.16
C VAL C 83 -2.64 29.35 -7.63
N LEU C 84 -1.42 29.16 -8.13
CA LEU C 84 -1.11 29.29 -9.56
C LEU C 84 -0.60 27.95 -10.06
N ASN C 85 -1.29 27.38 -11.05
CA ASN C 85 -0.90 26.11 -11.65
C ASN C 85 -0.35 26.39 -13.04
N TRP C 86 0.95 26.19 -13.18
CA TRP C 86 1.69 26.45 -14.42
C TRP C 86 2.09 25.09 -14.99
N VAL C 87 1.52 24.73 -16.13
CA VAL C 87 1.77 23.42 -16.73
C VAL C 87 1.94 23.59 -18.24
N GLN C 88 3.01 23.01 -18.78
CA GLN C 88 3.25 23.14 -20.20
C GLN C 88 4.17 22.02 -20.63
N ALA C 89 4.00 21.54 -21.87
CA ALA C 89 4.84 20.45 -22.36
C ALA C 89 6.27 20.91 -22.57
N ALA C 90 6.46 22.10 -23.11
CA ALA C 90 7.81 22.61 -23.34
C ALA C 90 8.51 22.91 -22.03
N ALA C 91 9.84 22.84 -22.07
CA ALA C 91 10.64 23.18 -20.90
C ALA C 91 10.33 24.59 -20.41
N VAL C 92 10.35 24.76 -19.10
CA VAL C 92 10.33 26.07 -18.49
C VAL C 92 11.79 26.51 -18.42
N THR C 93 12.09 27.67 -19.03
CA THR C 93 13.47 28.14 -19.14
C THR C 93 13.78 29.36 -18.29
N ALA C 94 12.76 30.11 -17.86
CA ALA C 94 12.93 31.22 -16.94
C ALA C 94 11.54 31.74 -16.61
N LEU C 95 11.45 32.52 -15.54
CA LEU C 95 10.30 33.37 -15.39
C LEU C 95 10.34 34.38 -16.54
N PRO C 96 9.27 34.52 -17.33
CA PRO C 96 9.33 35.39 -18.49
C PRO C 96 9.54 36.85 -18.13
N THR C 97 10.11 37.58 -19.09
CA THR C 97 10.37 39.00 -18.93
C THR C 97 9.11 39.73 -18.49
N GLY C 98 9.23 40.51 -17.42
CA GLY C 98 8.18 41.41 -16.98
C GLY C 98 7.02 40.77 -16.25
N VAL C 99 7.11 39.50 -15.90
CA VAL C 99 6.04 38.83 -15.17
C VAL C 99 6.14 39.22 -13.70
N THR C 100 5.01 39.60 -13.11
CA THR C 100 4.95 39.87 -11.69
C THR C 100 3.78 39.12 -11.08
N ILE C 101 4.04 38.43 -9.97
CA ILE C 101 3.05 37.63 -9.27
C ILE C 101 3.01 38.07 -7.82
N SER C 102 1.81 38.38 -7.31
CA SER C 102 1.66 38.77 -5.91
C SER C 102 0.36 38.20 -5.35
N GLY C 103 0.34 37.99 -4.03
CA GLY C 103 -0.87 37.54 -3.37
C GLY C 103 -1.27 36.10 -3.64
N ILE C 104 -0.40 35.32 -4.29
CA ILE C 104 -0.67 33.92 -4.58
C ILE C 104 0.22 33.06 -3.70
N GLU C 105 -0.40 32.24 -2.85
CA GLU C 105 0.35 31.57 -1.79
C GLU C 105 1.09 30.32 -2.28
N THR C 106 0.54 29.61 -3.27
CA THR C 106 1.14 28.38 -3.78
C THR C 106 1.30 28.48 -5.29
N MET C 107 2.47 28.06 -5.78
CA MET C 107 2.76 28.04 -7.21
C MET C 107 3.24 26.67 -7.61
N ASN C 108 2.46 25.99 -8.47
CA ASN C 108 2.82 24.68 -9.01
C ASN C 108 3.31 24.83 -10.44
N VAL C 109 4.49 24.27 -10.73
CA VAL C 109 5.10 24.36 -12.06
C VAL C 109 5.40 22.95 -12.54
N THR C 110 4.77 22.55 -13.65
CA THR C 110 4.96 21.22 -14.20
C THR C 110 5.27 21.33 -15.68
N SER C 111 6.37 20.70 -16.10
CA SER C 111 6.76 20.73 -17.50
C SER C 111 6.94 19.31 -18.01
N GLY C 112 6.77 19.15 -19.34
CA GLY C 112 7.10 17.91 -19.99
C GLY C 112 8.58 17.74 -20.24
N ALA C 113 9.34 18.82 -20.03
CA ALA C 113 10.79 18.78 -20.14
C ALA C 113 11.42 19.40 -18.88
N ALA C 114 12.53 20.11 -19.04
CA ALA C 114 13.23 20.62 -17.86
C ALA C 114 12.55 21.88 -17.31
N ILE C 115 12.89 22.19 -16.06
CA ILE C 115 12.45 23.44 -15.43
C ILE C 115 13.71 24.18 -15.01
N THR C 116 13.87 25.40 -15.52
CA THR C 116 14.87 26.35 -15.04
C THR C 116 14.10 27.60 -14.64
N LEU C 117 14.15 27.96 -13.36
CA LEU C 117 13.24 28.97 -12.84
C LEU C 117 13.85 29.66 -11.62
N ASN C 118 13.76 30.98 -11.60
CA ASN C 118 14.22 31.80 -10.47
C ASN C 118 13.07 32.68 -10.03
N THR C 119 12.53 32.42 -8.85
CA THR C 119 11.40 33.19 -8.33
C THR C 119 11.83 34.15 -7.22
N SER C 120 13.13 34.42 -7.09
CA SER C 120 13.59 35.32 -6.03
C SER C 120 13.37 36.79 -6.38
N SER C 121 12.77 37.09 -7.52
CA SER C 121 12.36 38.46 -7.80
C SER C 121 11.09 38.44 -8.65
N GLY C 122 10.29 39.49 -8.48
CA GLY C 122 9.03 39.64 -9.16
C GLY C 122 7.86 38.86 -8.58
N VAL C 123 8.06 38.14 -7.48
CA VAL C 123 7.05 37.23 -6.93
C VAL C 123 6.91 37.54 -5.44
N THR C 124 5.92 38.35 -5.09
CA THR C 124 5.65 38.71 -3.69
C THR C 124 4.58 37.83 -3.06
N GLY C 125 4.82 37.39 -1.82
CA GLY C 125 3.80 36.69 -1.07
C GLY C 125 3.71 35.20 -1.29
N LEU C 126 4.61 34.60 -2.06
CA LEU C 126 4.59 33.16 -2.29
C LEU C 126 5.18 32.43 -1.09
N THR C 127 4.46 31.44 -0.57
CA THR C 127 4.99 30.66 0.54
C THR C 127 5.29 29.22 0.18
N ALA C 128 4.81 28.73 -0.96
CA ALA C 128 5.11 27.37 -1.40
C ALA C 128 5.32 27.35 -2.90
N LEU C 129 6.50 26.89 -3.33
CA LEU C 129 6.83 26.73 -4.74
C LEU C 129 7.10 25.26 -4.99
N ASN C 130 6.31 24.64 -5.88
CA ASN C 130 6.42 23.22 -6.19
C ASN C 130 6.73 23.04 -7.67
N THR C 131 7.87 22.43 -7.96
CA THR C 131 8.31 22.24 -9.34
C THR C 131 8.41 20.74 -9.63
N ASN C 132 7.87 20.33 -10.78
CA ASN C 132 7.64 18.92 -11.07
C ASN C 132 8.13 18.59 -12.48
N THR C 133 9.05 17.64 -12.59
CA THR C 133 9.51 17.11 -13.86
C THR C 133 9.55 15.60 -13.82
N SER C 134 9.64 15.00 -15.01
CA SER C 134 9.89 13.57 -15.15
C SER C 134 10.86 13.38 -16.30
N GLY C 135 11.99 12.73 -16.02
CA GLY C 135 12.98 12.54 -17.05
C GLY C 135 13.61 13.84 -17.54
N ALA C 136 13.75 14.85 -16.67
CA ALA C 136 14.33 16.12 -17.08
C ALA C 136 14.89 16.85 -15.88
N ALA C 137 15.84 17.75 -16.15
CA ALA C 137 16.57 18.46 -15.11
C ALA C 137 15.68 19.49 -14.42
N GLN C 138 16.11 19.88 -13.23
CA GLN C 138 15.52 20.98 -12.50
C GLN C 138 16.64 21.90 -12.03
N THR C 139 16.50 23.20 -12.28
CA THR C 139 17.44 24.23 -11.80
C THR C 139 16.58 25.37 -11.28
N VAL C 140 16.37 25.40 -9.97
CA VAL C 140 15.38 26.28 -9.36
C VAL C 140 16.06 27.12 -8.29
N THR C 141 15.78 28.42 -8.31
CA THR C 141 16.17 29.31 -7.22
C THR C 141 14.89 29.96 -6.68
N ALA C 142 14.61 29.73 -5.40
CA ALA C 142 13.46 30.32 -4.74
C ALA C 142 13.87 31.49 -3.86
N GLY C 143 12.93 32.40 -3.63
CA GLY C 143 13.14 33.45 -2.66
C GLY C 143 13.28 32.88 -1.26
N ALA C 144 13.95 33.65 -0.40
CA ALA C 144 14.30 33.18 0.93
C ALA C 144 13.09 32.88 1.79
N GLY C 145 11.91 33.35 1.42
CA GLY C 145 10.70 33.06 2.15
C GLY C 145 9.79 32.02 1.53
N GLN C 146 10.24 31.28 0.51
CA GLN C 146 9.40 30.34 -0.21
C GLN C 146 9.83 28.93 0.12
N ASN C 147 8.91 28.12 0.64
CA ASN C 147 9.20 26.70 0.79
C ASN C 147 9.23 26.07 -0.59
N LEU C 148 10.34 25.43 -0.93
CA LEU C 148 10.55 24.84 -2.24
C LEU C 148 10.47 23.34 -2.14
N THR C 149 9.68 22.72 -3.02
CA THR C 149 9.64 21.27 -3.17
C THR C 149 9.85 20.94 -4.65
N ALA C 150 11.01 20.39 -4.97
CA ALA C 150 11.34 19.97 -6.32
C ALA C 150 11.17 18.45 -6.40
N THR C 151 10.17 18.01 -7.15
CA THR C 151 9.87 16.59 -7.29
C THR C 151 10.22 16.14 -8.70
N THR C 152 11.10 15.16 -8.80
CA THR C 152 11.56 14.65 -10.08
C THR C 152 11.35 13.15 -10.13
N ALA C 153 10.55 12.70 -11.10
CA ALA C 153 10.40 11.28 -11.40
C ALA C 153 11.36 10.92 -12.51
N ALA C 154 11.81 9.66 -12.50
CA ALA C 154 12.70 9.12 -13.53
C ALA C 154 13.84 10.09 -13.81
N GLN C 155 14.47 10.58 -12.75
CA GLN C 155 15.52 11.60 -12.91
C GLN C 155 16.67 11.06 -13.74
N ALA C 156 17.04 9.79 -13.52
CA ALA C 156 18.12 9.14 -14.26
C ALA C 156 19.38 10.01 -14.23
N ALA C 157 19.89 10.38 -15.40
CA ALA C 157 21.14 11.12 -15.50
C ALA C 157 20.93 12.63 -15.49
N ASN C 158 19.70 13.11 -15.40
CA ASN C 158 19.48 14.55 -15.32
C ASN C 158 19.89 15.05 -13.94
N ASN C 159 20.35 16.30 -13.89
CA ASN C 159 20.82 16.88 -12.64
C ASN C 159 19.73 17.74 -12.02
N VAL C 160 19.69 17.74 -10.69
CA VAL C 160 18.77 18.59 -9.93
C VAL C 160 19.62 19.56 -9.12
N ALA C 161 19.36 20.85 -9.29
CA ALA C 161 20.08 21.91 -8.58
C ALA C 161 19.06 22.91 -8.08
N VAL C 162 19.00 23.10 -6.75
CA VAL C 162 18.08 24.04 -6.13
C VAL C 162 18.87 24.98 -5.23
N ASP C 163 18.39 26.22 -5.13
CA ASP C 163 19.04 27.24 -4.34
C ASP C 163 18.00 28.15 -3.72
N GLY C 164 18.42 28.87 -2.68
CA GLY C 164 17.51 29.78 -2.01
C GLY C 164 16.44 29.04 -1.22
N GLY C 165 15.28 29.67 -1.09
CA GLY C 165 14.15 29.04 -0.46
C GLY C 165 14.16 29.18 1.06
N ALA C 166 13.01 28.85 1.65
CA ALA C 166 12.91 28.69 3.10
C ALA C 166 13.25 27.26 3.46
N ASN C 167 12.24 26.44 3.72
CA ASN C 167 12.44 25.00 3.78
C ASN C 167 12.55 24.47 2.36
N VAL C 168 13.55 23.63 2.11
CA VAL C 168 13.78 23.07 0.78
C VAL C 168 13.59 21.56 0.88
N THR C 169 12.81 21.02 -0.05
CA THR C 169 12.56 19.58 -0.12
C THR C 169 12.82 19.11 -1.54
N VAL C 170 13.70 18.12 -1.68
CA VAL C 170 14.01 17.49 -2.94
C VAL C 170 13.53 16.05 -2.82
N ALA C 171 12.64 15.65 -3.73
CA ALA C 171 12.04 14.31 -3.75
C ALA C 171 12.29 13.71 -5.13
N SER C 172 13.29 12.85 -5.23
CA SER C 172 13.78 12.36 -6.52
C SER C 172 13.69 10.83 -6.54
N THR C 173 13.08 10.30 -7.61
CA THR C 173 12.98 8.86 -7.81
C THR C 173 13.52 8.49 -9.18
N GLY C 174 13.85 7.21 -9.35
CA GLY C 174 14.43 6.77 -10.60
C GLY C 174 15.75 7.44 -10.94
N VAL C 175 16.49 7.88 -9.92
CA VAL C 175 17.78 8.53 -10.12
C VAL C 175 18.82 7.51 -10.54
N THR C 176 19.71 7.90 -11.46
CA THR C 176 20.90 7.11 -11.74
C THR C 176 22.14 7.99 -11.53
N SER C 177 22.85 8.35 -12.59
CA SER C 177 24.07 9.14 -12.48
C SER C 177 23.81 10.62 -12.23
N GLY C 178 22.57 11.09 -12.31
CA GLY C 178 22.29 12.50 -12.11
C GLY C 178 22.60 12.94 -10.69
N THR C 179 23.07 14.18 -10.56
CA THR C 179 23.47 14.71 -9.26
C THR C 179 22.33 15.47 -8.59
N THR C 180 22.52 15.73 -7.30
CA THR C 180 21.56 16.47 -6.49
C THR C 180 22.35 17.49 -5.68
N THR C 181 22.10 18.77 -5.93
CA THR C 181 22.87 19.85 -5.32
C THR C 181 21.93 20.89 -4.73
N VAL C 182 22.09 21.17 -3.44
CA VAL C 182 21.27 22.12 -2.71
C VAL C 182 22.16 23.23 -2.15
N GLY C 183 21.82 24.49 -2.46
CA GLY C 183 22.44 25.62 -1.77
C GLY C 183 23.86 25.95 -2.18
N ALA C 184 24.32 25.48 -3.35
CA ALA C 184 25.67 25.82 -3.79
C ALA C 184 25.81 27.32 -4.05
N ASN C 185 24.71 27.99 -4.40
CA ASN C 185 24.72 29.42 -4.67
C ASN C 185 24.05 30.23 -3.58
N SER C 186 23.01 29.71 -2.95
CA SER C 186 22.37 30.42 -1.85
C SER C 186 21.71 29.39 -0.94
N ALA C 187 22.03 29.45 0.34
CA ALA C 187 21.56 28.41 1.25
C ALA C 187 20.06 28.59 1.52
N ALA C 188 19.41 27.48 1.83
CA ALA C 188 18.04 27.54 2.31
C ALA C 188 17.99 28.29 3.64
N SER C 189 16.92 29.08 3.83
CA SER C 189 16.75 29.77 5.09
C SER C 189 16.28 28.83 6.20
N GLY C 190 15.55 27.78 5.85
CA GLY C 190 15.08 26.82 6.83
C GLY C 190 15.80 25.49 6.72
N THR C 191 15.05 24.40 6.81
CA THR C 191 15.61 23.06 6.77
C THR C 191 15.76 22.58 5.33
N VAL C 192 16.56 21.51 5.18
CA VAL C 192 16.80 20.86 3.90
C VAL C 192 16.45 19.38 4.06
N SER C 193 15.66 18.86 3.13
CA SER C 193 15.28 17.45 3.11
C SER C 193 15.47 16.92 1.70
N VAL C 194 16.37 15.96 1.55
CA VAL C 194 16.69 15.37 0.25
C VAL C 194 16.38 13.89 0.33
N SER C 195 15.60 13.40 -0.64
CA SER C 195 15.34 11.98 -0.81
C SER C 195 15.69 11.59 -2.22
N VAL C 196 16.56 10.59 -2.35
CA VAL C 196 17.09 10.15 -3.63
C VAL C 196 16.95 8.64 -3.69
N ALA C 197 16.20 8.14 -4.67
CA ALA C 197 15.95 6.71 -4.82
C ALA C 197 16.48 6.23 -6.17
N ASN C 198 17.23 5.12 -6.14
CA ASN C 198 17.86 4.55 -7.32
C ASN C 198 17.58 3.05 -7.34
N SER C 199 17.02 2.56 -8.45
CA SER C 199 16.75 1.14 -8.63
C SER C 199 17.57 0.52 -9.76
N SER C 200 18.51 1.27 -10.34
CA SER C 200 19.43 0.79 -11.36
C SER C 200 20.68 0.18 -10.71
N THR C 201 21.64 -0.22 -11.54
CA THR C 201 23.00 -0.53 -11.09
C THR C 201 23.97 0.61 -11.36
N THR C 202 23.50 1.73 -11.87
CA THR C 202 24.36 2.87 -12.16
C THR C 202 24.53 3.69 -10.88
N THR C 203 25.78 3.90 -10.49
CA THR C 203 26.10 4.56 -9.24
C THR C 203 25.39 5.90 -9.11
N THR C 204 24.73 6.11 -7.97
CA THR C 204 23.93 7.31 -7.78
C THR C 204 24.82 8.54 -7.81
N GLY C 205 24.37 9.56 -8.56
CA GLY C 205 25.12 10.79 -8.65
C GLY C 205 25.28 11.45 -7.28
N ALA C 206 26.40 12.16 -7.14
CA ALA C 206 26.73 12.75 -5.84
C ALA C 206 25.63 13.69 -5.36
N ILE C 207 25.47 13.73 -4.04
CA ILE C 207 24.52 14.60 -3.36
C ILE C 207 25.32 15.58 -2.51
N ALA C 208 25.07 16.88 -2.70
CA ALA C 208 25.76 17.92 -1.98
C ALA C 208 24.75 18.93 -1.47
N VAL C 209 24.86 19.27 -0.19
CA VAL C 209 24.02 20.28 0.45
C VAL C 209 24.95 21.27 1.14
N THR C 210 24.68 22.56 0.97
CA THR C 210 25.41 23.61 1.67
C THR C 210 24.40 24.49 2.40
N GLY C 211 24.50 24.52 3.72
CA GLY C 211 23.69 25.41 4.52
C GLY C 211 22.31 24.85 4.84
N GLY C 212 21.60 25.58 5.70
CA GLY C 212 20.32 25.15 6.21
C GLY C 212 20.36 25.02 7.72
N THR C 213 19.22 25.17 8.38
CA THR C 213 19.19 25.07 9.84
C THR C 213 19.35 23.61 10.30
N ALA C 214 18.86 22.66 9.51
CA ALA C 214 19.06 21.24 9.74
C ALA C 214 18.94 20.52 8.41
N VAL C 215 19.77 19.50 8.20
CA VAL C 215 19.88 18.82 6.91
C VAL C 215 19.62 17.33 7.10
N THR C 216 18.81 16.76 6.22
CA THR C 216 18.64 15.32 6.11
C THR C 216 18.77 14.91 4.65
N VAL C 217 19.69 13.99 4.38
CA VAL C 217 19.85 13.39 3.06
C VAL C 217 19.53 11.91 3.20
N ALA C 218 18.41 11.47 2.60
CA ALA C 218 17.96 10.09 2.69
C ALA C 218 18.06 9.43 1.32
N GLN C 219 18.89 8.41 1.22
CA GLN C 219 19.10 7.63 0.01
C GLN C 219 18.45 6.26 0.15
N THR C 220 17.95 5.72 -0.96
CA THR C 220 17.51 4.34 -0.99
C THR C 220 18.01 3.67 -2.26
N ALA C 221 18.30 2.38 -2.15
CA ALA C 221 18.69 1.56 -3.28
C ALA C 221 17.62 0.51 -3.52
N GLY C 222 17.14 0.41 -4.76
CA GLY C 222 16.10 -0.55 -5.07
C GLY C 222 16.44 -1.47 -6.23
N ASN C 223 17.73 -1.69 -6.46
CA ASN C 223 18.16 -2.56 -7.54
C ASN C 223 17.73 -4.00 -7.26
N ALA C 224 17.59 -4.79 -8.31
CA ALA C 224 17.09 -6.17 -8.18
C ALA C 224 18.14 -7.06 -7.53
N VAL C 225 17.72 -8.24 -7.08
CA VAL C 225 18.62 -9.26 -6.48
C VAL C 225 19.59 -9.73 -7.56
N ASN C 226 20.80 -10.02 -7.12
CA ASN C 226 21.92 -10.52 -7.96
C ASN C 226 22.55 -9.39 -8.77
N THR C 227 22.33 -8.16 -8.34
CA THR C 227 23.02 -6.99 -8.91
C THR C 227 23.52 -6.16 -7.75
N THR C 228 24.45 -5.30 -8.03
CA THR C 228 25.04 -4.44 -7.01
C THR C 228 24.90 -3.00 -7.46
N LEU C 229 24.44 -2.14 -6.53
CA LEU C 229 24.35 -0.71 -6.77
C LEU C 229 25.21 0.00 -5.74
N THR C 230 26.07 0.90 -6.21
CA THR C 230 26.81 1.77 -5.31
C THR C 230 26.01 3.04 -5.12
N GLN C 231 25.73 3.39 -3.87
CA GLN C 231 24.93 4.56 -3.56
C GLN C 231 25.78 5.83 -3.63
N ALA C 232 25.12 6.98 -3.53
CA ALA C 232 25.79 8.26 -3.77
C ALA C 232 26.72 8.66 -2.64
N ASP C 233 27.86 9.25 -3.01
CA ASP C 233 28.64 10.02 -2.05
C ASP C 233 27.88 11.27 -1.65
N VAL C 234 27.91 11.59 -0.35
CA VAL C 234 27.15 12.71 0.20
C VAL C 234 28.13 13.68 0.85
N THR C 235 27.96 14.96 0.51
CA THR C 235 28.71 16.05 1.14
C THR C 235 27.70 17.03 1.72
N VAL C 236 27.83 17.33 3.01
CA VAL C 236 26.98 18.33 3.65
C VAL C 236 27.91 19.33 4.32
N THR C 237 27.90 20.58 3.84
CA THR C 237 28.64 21.68 4.43
C THR C 237 27.62 22.59 5.10
N GLY C 238 27.68 22.69 6.41
CA GLY C 238 26.77 23.57 7.10
C GLY C 238 27.12 25.03 6.88
N ASN C 239 26.21 25.89 7.32
CA ASN C 239 26.51 27.30 7.49
C ASN C 239 26.39 27.64 8.96
N SER C 240 26.36 28.93 9.27
CA SER C 240 26.30 29.40 10.65
C SER C 240 25.05 28.94 11.38
N SER C 241 24.04 28.42 10.67
N SER C 241 24.04 28.43 10.67
CA SER C 241 22.78 28.02 11.27
CA SER C 241 22.79 28.02 11.28
C SER C 241 22.62 26.50 11.39
C SER C 241 22.62 26.50 11.38
N THR C 242 23.53 25.72 10.80
CA THR C 242 23.36 24.26 10.72
C THR C 242 23.71 23.60 12.05
N THR C 243 22.70 23.09 12.75
CA THR C 243 22.91 22.44 14.04
C THR C 243 22.91 20.91 13.98
N ALA C 244 22.28 20.30 12.96
CA ALA C 244 22.16 18.84 12.90
C ALA C 244 22.13 18.39 11.45
N VAL C 245 22.79 17.26 11.18
CA VAL C 245 22.85 16.66 9.84
C VAL C 245 22.55 15.18 9.96
N THR C 246 21.71 14.67 9.06
CA THR C 246 21.34 13.26 9.00
C THR C 246 21.57 12.74 7.59
N VAL C 247 22.26 11.59 7.48
CA VAL C 247 22.54 10.98 6.20
C VAL C 247 22.24 9.48 6.33
N THR C 248 21.24 9.01 5.61
CA THR C 248 20.82 7.62 5.65
C THR C 248 20.87 7.02 4.25
N GLN C 249 21.18 5.73 4.20
CA GLN C 249 21.27 4.99 2.95
C GLN C 249 20.67 3.61 3.15
N THR C 250 20.47 2.89 2.05
CA THR C 250 20.12 1.49 2.16
C THR C 250 21.33 0.70 2.66
N ALA C 251 21.07 -0.25 3.57
CA ALA C 251 22.15 -1.05 4.16
C ALA C 251 22.92 -1.81 3.08
N ALA C 252 24.23 -1.90 3.28
CA ALA C 252 25.09 -2.63 2.35
C ALA C 252 24.82 -4.12 2.44
N ALA C 253 25.08 -4.81 1.34
CA ALA C 253 24.89 -6.26 1.25
C ALA C 253 25.65 -6.76 0.04
N THR C 254 26.01 -8.04 0.09
CA THR C 254 26.70 -8.71 -1.01
C THR C 254 25.69 -9.39 -1.92
N ALA C 255 25.83 -9.15 -3.23
CA ALA C 255 24.87 -9.69 -4.18
C ALA C 255 24.90 -11.21 -4.21
N GLY C 256 23.72 -11.82 -4.31
CA GLY C 256 23.56 -13.23 -4.52
C GLY C 256 22.27 -13.49 -5.27
N ALA C 257 21.98 -14.77 -5.51
CA ALA C 257 20.78 -15.12 -6.26
C ALA C 257 19.52 -14.63 -5.58
N THR C 258 19.52 -14.57 -4.25
CA THR C 258 18.36 -14.13 -3.48
C THR C 258 18.53 -12.72 -2.90
N VAL C 259 19.70 -12.10 -3.06
CA VAL C 259 20.06 -10.90 -2.30
C VAL C 259 20.49 -9.80 -3.26
N ALA C 260 19.91 -8.62 -3.09
CA ALA C 260 20.37 -7.46 -3.84
C ALA C 260 21.61 -6.87 -3.16
N GLY C 261 22.67 -6.70 -3.95
CA GLY C 261 23.89 -6.11 -3.43
C GLY C 261 23.81 -4.58 -3.39
N ARG C 262 24.41 -4.01 -2.34
CA ARG C 262 24.46 -2.56 -2.17
C ARG C 262 25.81 -2.21 -1.56
N VAL C 263 26.40 -1.13 -2.04
CA VAL C 263 27.57 -0.52 -1.42
C VAL C 263 27.18 0.88 -1.01
N ASN C 264 27.63 1.29 0.17
CA ASN C 264 27.28 2.61 0.69
C ASN C 264 28.23 3.67 0.13
N GLY C 265 27.70 4.88 -0.06
CA GLY C 265 28.52 5.98 -0.48
C GLY C 265 29.27 6.64 0.66
N ALA C 266 30.33 7.35 0.31
CA ALA C 266 31.08 8.12 1.29
C ALA C 266 30.23 9.27 1.81
N VAL C 267 30.61 9.77 2.99
CA VAL C 267 29.88 10.86 3.65
C VAL C 267 30.89 11.86 4.22
N THR C 268 30.73 13.14 3.86
CA THR C 268 31.58 14.21 4.36
C THR C 268 30.69 15.30 4.95
N ILE C 269 30.83 15.55 6.25
CA ILE C 269 30.06 16.57 6.95
C ILE C 269 31.03 17.57 7.57
N THR C 270 30.90 18.84 7.20
CA THR C 270 31.85 19.88 7.55
C THR C 270 31.11 21.08 8.14
N ASP C 271 31.46 21.45 9.36
CA ASP C 271 30.97 22.70 9.93
C ASP C 271 31.57 23.89 9.20
N SER C 272 30.79 24.96 9.07
CA SER C 272 31.27 26.14 8.34
C SER C 272 32.50 26.76 9.01
N ALA C 273 32.66 26.58 10.31
CA ALA C 273 33.79 27.15 11.04
C ALA C 273 34.92 26.15 11.25
N ALA C 274 34.92 25.03 10.51
CA ALA C 274 35.85 23.94 10.79
C ALA C 274 37.31 24.37 10.67
N ALA C 275 37.61 25.34 9.83
CA ALA C 275 38.98 25.79 9.63
C ALA C 275 39.38 26.95 10.54
N SER C 276 38.43 27.45 11.33
CA SER C 276 38.65 28.67 12.09
C SER C 276 39.43 28.39 13.37
N ALA C 277 40.21 29.39 13.79
CA ALA C 277 40.92 29.33 15.06
C ALA C 277 40.10 29.89 16.21
N THR C 278 39.05 30.65 15.92
CA THR C 278 38.34 31.38 16.96
C THR C 278 36.82 31.21 16.87
N THR C 279 36.30 31.07 15.67
CA THR C 279 34.85 31.04 15.48
C THR C 279 34.30 29.70 15.96
N ALA C 280 33.28 29.76 16.82
CA ALA C 280 32.64 28.57 17.35
C ALA C 280 31.89 27.82 16.25
N GLY C 281 31.79 26.49 16.43
CA GLY C 281 31.06 25.64 15.51
C GLY C 281 29.56 25.64 15.78
N LYS C 282 28.83 24.94 14.91
CA LYS C 282 27.37 24.90 15.02
C LYS C 282 26.80 23.49 14.94
N ILE C 283 27.42 22.62 14.14
CA ILE C 283 26.90 21.26 13.98
C ILE C 283 27.22 20.47 15.25
N ALA C 284 26.19 20.19 16.05
CA ALA C 284 26.34 19.47 17.31
C ALA C 284 25.94 18.00 17.23
N THR C 285 25.04 17.63 16.32
CA THR C 285 24.52 16.27 16.24
C THR C 285 24.61 15.77 14.80
N VAL C 286 25.11 14.56 14.62
CA VAL C 286 25.17 13.92 13.32
C VAL C 286 24.53 12.54 13.44
N THR C 287 23.70 12.19 12.47
CA THR C 287 23.08 10.88 12.38
C THR C 287 23.45 10.25 11.04
N LEU C 288 24.00 9.05 11.09
CA LEU C 288 24.34 8.27 9.90
C LEU C 288 23.63 6.94 9.97
N GLY C 289 22.81 6.65 8.96
CA GLY C 289 22.16 5.36 8.85
C GLY C 289 22.74 4.58 7.70
N SER C 290 23.72 3.72 8.00
CA SER C 290 24.57 3.07 7.00
C SER C 290 25.45 4.11 6.33
N PHE C 291 26.71 3.75 6.05
CA PHE C 291 27.62 4.72 5.48
C PHE C 291 28.87 4.01 4.97
N GLY C 292 29.50 4.62 3.97
CA GLY C 292 30.81 4.15 3.54
C GLY C 292 31.87 4.78 4.41
N ALA C 293 32.92 5.32 3.80
CA ALA C 293 33.94 6.05 4.56
C ALA C 293 33.37 7.43 4.88
N ALA C 294 33.13 7.67 6.17
CA ALA C 294 32.47 8.89 6.62
C ALA C 294 33.41 9.71 7.49
N THR C 295 33.34 11.04 7.34
CA THR C 295 34.10 11.95 8.19
C THR C 295 33.20 13.10 8.64
N ILE C 296 33.45 13.56 9.86
CA ILE C 296 32.81 14.74 10.43
C ILE C 296 33.90 15.68 10.92
N ASP C 297 33.70 16.98 10.72
CA ASP C 297 34.62 17.99 11.25
C ASP C 297 33.78 19.13 11.82
N SER C 298 33.66 19.16 13.15
CA SER C 298 32.89 20.21 13.81
C SER C 298 33.38 20.36 15.24
N SER C 299 33.83 21.56 15.60
CA SER C 299 34.21 21.86 16.97
C SER C 299 33.03 21.77 17.94
N ALA C 300 31.80 21.79 17.43
CA ALA C 300 30.59 21.73 18.24
C ALA C 300 30.04 20.32 18.37
N LEU C 301 30.65 19.34 17.73
CA LEU C 301 30.09 17.99 17.70
C LEU C 301 30.14 17.38 19.09
N THR C 302 28.99 16.91 19.58
CA THR C 302 28.90 16.16 20.82
C THR C 302 28.24 14.80 20.68
N THR C 303 27.42 14.59 19.66
CA THR C 303 26.57 13.41 19.56
C THR C 303 26.60 12.87 18.15
N VAL C 304 26.82 11.56 18.03
CA VAL C 304 26.79 10.86 16.74
C VAL C 304 25.87 9.65 16.91
N ASN C 305 24.81 9.59 16.10
CA ASN C 305 23.88 8.48 16.10
C ASN C 305 24.15 7.59 14.91
N LEU C 306 24.41 6.32 15.15
CA LEU C 306 24.86 5.40 14.11
C LEU C 306 23.98 4.16 14.06
N SER C 307 23.69 3.71 12.84
CA SER C 307 22.89 2.52 12.58
C SER C 307 23.33 1.94 11.24
N GLY C 308 22.94 0.69 10.98
CA GLY C 308 23.15 0.11 9.68
C GLY C 308 24.58 -0.36 9.46
N THR C 309 24.95 -0.44 8.19
CA THR C 309 26.26 -0.94 7.76
C THR C 309 27.20 0.23 7.51
N GLY C 310 28.26 0.32 8.31
CA GLY C 310 29.24 1.39 8.18
C GLY C 310 30.60 0.82 7.82
N THR C 311 31.39 1.64 7.10
CA THR C 311 32.76 1.25 6.82
C THR C 311 33.70 1.87 7.85
N SER C 312 33.82 3.20 7.82
CA SER C 312 34.70 3.89 8.76
C SER C 312 34.14 5.27 9.05
N LEU C 313 34.52 5.82 10.21
CA LEU C 313 34.11 7.14 10.64
C LEU C 313 35.29 7.84 11.30
N GLY C 314 35.72 8.96 10.72
CA GLY C 314 36.73 9.81 11.31
C GLY C 314 36.09 11.09 11.82
N ILE C 315 36.44 11.46 13.06
CA ILE C 315 35.81 12.59 13.74
C ILE C 315 36.87 13.65 14.02
N GLY C 316 36.73 14.81 13.39
CA GLY C 316 37.56 15.97 13.66
C GLY C 316 36.76 17.03 14.40
N ARG C 317 37.45 17.89 15.14
CA ARG C 317 36.81 18.87 16.01
C ARG C 317 37.17 20.29 15.60
N GLY C 318 37.27 20.53 14.30
CA GLY C 318 37.64 21.86 13.86
C GLY C 318 39.12 22.13 14.09
N ALA C 319 39.46 23.40 14.17
CA ALA C 319 40.85 23.82 14.28
C ALA C 319 40.99 24.98 15.23
N LEU C 320 40.20 24.99 16.30
CA LEU C 320 40.33 26.04 17.31
C LEU C 320 41.68 25.93 18.02
N THR C 321 42.27 27.10 18.30
CA THR C 321 43.52 27.14 19.05
C THR C 321 43.28 26.94 20.54
N ALA C 322 42.17 27.49 21.04
CA ALA C 322 41.83 27.33 22.45
C ALA C 322 41.64 25.86 22.80
N THR C 323 42.01 25.50 24.02
CA THR C 323 41.80 24.15 24.50
C THR C 323 40.34 23.96 24.91
N PRO C 324 39.66 22.95 24.38
CA PRO C 324 38.25 22.77 24.73
C PRO C 324 38.07 22.25 26.16
N THR C 325 36.98 22.68 26.78
CA THR C 325 36.63 22.19 28.10
C THR C 325 35.64 21.01 28.03
N ALA C 326 34.72 21.03 27.08
CA ALA C 326 33.79 19.93 26.88
C ALA C 326 34.41 18.93 25.91
N ASN C 327 34.81 17.77 26.42
CA ASN C 327 35.50 16.77 25.63
C ASN C 327 34.83 15.40 25.78
N THR C 328 33.51 15.39 25.75
CA THR C 328 32.73 14.15 25.83
C THR C 328 32.05 13.89 24.49
N LEU C 329 32.22 12.67 23.98
CA LEU C 329 31.56 12.22 22.76
C LEU C 329 30.54 11.14 23.10
N THR C 330 29.31 11.30 22.62
CA THR C 330 28.26 10.32 22.83
C THR C 330 27.96 9.64 21.49
N LEU C 331 28.19 8.34 21.43
CA LEU C 331 27.86 7.54 20.26
C LEU C 331 26.65 6.70 20.61
N ASN C 332 25.50 7.07 20.07
CA ASN C 332 24.29 6.28 20.22
C ASN C 332 24.22 5.31 19.05
N VAL C 333 24.39 4.03 19.33
CA VAL C 333 24.43 3.00 18.30
C VAL C 333 23.17 2.14 18.39
N ASN C 334 22.71 1.71 17.22
CA ASN C 334 21.49 0.92 17.13
C ASN C 334 21.62 0.06 15.88
N GLY C 335 21.84 -1.24 16.07
CA GLY C 335 22.02 -2.11 14.92
C GLY C 335 23.17 -1.72 14.03
N LEU C 336 24.25 -1.21 14.61
CA LEU C 336 25.40 -0.75 13.83
C LEU C 336 26.38 -1.89 13.62
N THR C 337 26.91 -1.99 12.39
CA THR C 337 28.03 -2.86 12.12
C THR C 337 29.03 -2.10 11.26
N THR C 338 30.22 -1.87 11.79
CA THR C 338 31.29 -1.25 11.03
C THR C 338 32.35 -2.29 10.68
N THR C 339 32.89 -2.20 9.46
CA THR C 339 34.02 -3.01 9.03
C THR C 339 35.36 -2.37 9.37
N GLY C 340 35.40 -1.05 9.55
CA GLY C 340 36.62 -0.36 9.91
C GLY C 340 36.50 0.42 11.19
N ALA C 341 37.29 1.47 11.34
CA ALA C 341 37.47 2.12 12.62
C ALA C 341 36.58 3.36 12.74
N ILE C 342 36.05 3.56 13.95
CA ILE C 342 35.56 4.87 14.37
C ILE C 342 36.73 5.52 15.10
N THR C 343 37.24 6.61 14.55
CA THR C 343 38.50 7.19 15.01
C THR C 343 38.29 8.63 15.42
N ASP C 344 38.76 8.97 16.62
CA ASP C 344 38.90 10.36 17.04
C ASP C 344 40.14 10.90 16.34
N SER C 345 39.93 11.53 15.19
CA SER C 345 41.04 12.05 14.38
C SER C 345 41.66 13.30 14.98
N GLU C 346 41.01 13.95 15.95
CA GLU C 346 41.56 15.14 16.58
C GLU C 346 42.55 14.80 17.69
N ALA C 347 42.41 13.63 18.31
CA ALA C 347 43.09 13.34 19.58
C ALA C 347 44.58 13.17 19.42
N ALA C 348 45.04 12.63 18.28
CA ALA C 348 46.45 12.26 18.15
C ALA C 348 47.36 13.48 18.28
N ALA C 349 47.06 14.55 17.57
CA ALA C 349 47.92 15.73 17.55
C ALA C 349 47.27 16.97 18.16
N ASP C 350 46.01 16.87 18.61
CA ASP C 350 45.27 18.02 19.12
C ASP C 350 44.46 17.52 20.31
N ASP C 351 43.39 18.24 20.63
CA ASP C 351 42.60 17.97 21.83
C ASP C 351 41.36 17.16 21.45
N GLY C 352 41.44 15.84 21.70
CA GLY C 352 40.34 14.94 21.41
C GLY C 352 39.39 14.80 22.59
N PHE C 353 38.54 13.78 22.50
CA PHE C 353 37.54 13.53 23.53
C PHE C 353 38.14 12.78 24.72
N THR C 354 37.75 13.21 25.93
CA THR C 354 38.24 12.59 27.15
C THR C 354 37.29 11.57 27.74
N THR C 355 36.00 11.70 27.48
CA THR C 355 35.00 10.72 27.87
C THR C 355 34.22 10.29 26.63
N ILE C 356 34.13 8.98 26.42
CA ILE C 356 33.36 8.43 25.31
C ILE C 356 32.25 7.56 25.89
N ASN C 357 31.02 7.93 25.58
CA ASN C 357 29.84 7.19 26.01
C ASN C 357 29.23 6.51 24.79
N ILE C 358 29.18 5.18 24.82
CA ILE C 358 28.53 4.40 23.76
C ILE C 358 27.25 3.84 24.35
N ALA C 359 26.12 4.22 23.76
CA ALA C 359 24.81 3.79 24.22
C ALA C 359 24.19 2.94 23.11
N GLY C 360 24.02 1.64 23.38
CA GLY C 360 23.40 0.74 22.42
C GLY C 360 21.92 0.60 22.72
N SER C 361 21.11 0.56 21.65
CA SER C 361 19.67 0.53 21.85
C SER C 361 19.00 -0.32 20.77
N THR C 362 17.88 -0.94 21.15
CA THR C 362 16.99 -1.68 20.27
C THR C 362 17.61 -2.88 19.57
N ALA C 363 18.77 -2.72 18.92
CA ALA C 363 19.37 -3.82 18.18
C ALA C 363 20.88 -3.86 18.39
N SER C 364 21.41 -5.09 18.43
CA SER C 364 22.83 -5.33 18.67
C SER C 364 23.72 -4.54 17.71
N SER C 365 24.89 -4.12 18.21
CA SER C 365 25.86 -3.39 17.40
C SER C 365 27.25 -3.97 17.55
N THR C 366 28.04 -3.85 16.48
CA THR C 366 29.44 -4.31 16.47
C THR C 366 30.31 -3.25 15.81
N ILE C 367 31.21 -2.67 16.60
CA ILE C 367 32.21 -1.73 16.10
C ILE C 367 33.52 -2.49 15.92
N ALA C 368 34.00 -2.55 14.68
CA ALA C 368 35.24 -3.28 14.40
C ALA C 368 36.42 -2.70 15.17
N SER C 369 36.56 -1.38 15.19
CA SER C 369 37.69 -0.74 15.85
C SER C 369 37.27 0.61 16.40
N LEU C 370 37.64 0.87 17.65
CA LEU C 370 37.46 2.18 18.27
C LEU C 370 38.83 2.75 18.56
N VAL C 371 39.15 3.89 17.96
CA VAL C 371 40.46 4.51 18.08
C VAL C 371 40.25 5.88 18.69
N ALA C 372 40.80 6.08 19.90
CA ALA C 372 40.58 7.32 20.64
C ALA C 372 41.81 7.54 21.52
N ALA C 373 42.75 8.37 21.03
CA ALA C 373 44.04 8.52 21.68
C ALA C 373 43.99 9.38 22.94
N ASP C 374 42.92 10.14 23.16
CA ASP C 374 42.80 10.99 24.34
C ASP C 374 41.75 10.48 25.33
N ALA C 375 41.08 9.37 25.02
CA ALA C 375 40.01 8.87 25.88
C ALA C 375 40.58 8.28 27.17
N THR C 376 40.03 8.71 28.31
CA THR C 376 40.38 8.13 29.60
C THR C 376 39.23 7.41 30.28
N THR C 377 37.99 7.65 29.84
CA THR C 377 36.82 6.99 30.38
C THR C 377 35.96 6.48 29.23
N LEU C 378 35.61 5.21 29.27
CA LEU C 378 34.70 4.58 28.31
C LEU C 378 33.48 4.05 29.07
N ASN C 379 32.31 4.59 28.76
CA ASN C 379 31.05 4.15 29.36
C ASN C 379 30.17 3.54 28.28
N ILE C 380 29.66 2.34 28.54
CA ILE C 380 28.83 1.59 27.60
C ILE C 380 27.49 1.30 28.28
N SER C 381 26.41 1.92 27.79
CA SER C 381 25.08 1.84 28.37
C SER C 381 24.09 1.30 27.34
N GLY C 382 22.83 1.17 27.76
CA GLY C 382 21.74 0.87 26.86
C GLY C 382 21.10 -0.48 27.16
N ASP C 383 20.23 -0.89 26.23
CA ASP C 383 19.45 -2.12 26.34
C ASP C 383 19.68 -3.04 25.15
N ALA C 384 20.82 -2.89 24.47
CA ALA C 384 21.19 -3.75 23.36
C ALA C 384 22.70 -3.92 23.37
N ARG C 385 23.15 -5.11 22.99
CA ARG C 385 24.56 -5.45 23.11
C ARG C 385 25.44 -4.48 22.31
N VAL C 386 26.58 -4.12 22.91
CA VAL C 386 27.61 -3.35 22.25
C VAL C 386 28.88 -4.21 22.19
N THR C 387 29.37 -4.46 20.98
CA THR C 387 30.60 -5.20 20.77
C THR C 387 31.64 -4.27 20.16
N ILE C 388 32.79 -4.16 20.81
CA ILE C 388 33.93 -3.44 20.27
C ILE C 388 35.02 -4.48 20.04
N THR C 389 35.14 -4.95 18.80
CA THR C 389 36.05 -6.05 18.46
C THR C 389 37.49 -5.71 18.83
N SER C 390 37.90 -4.47 18.59
CA SER C 390 39.24 -4.01 18.97
C SER C 390 39.16 -2.55 19.36
N HIS C 391 40.08 -2.13 20.22
CA HIS C 391 40.16 -0.74 20.62
C HIS C 391 41.62 -0.32 20.69
N THR C 392 41.87 0.94 20.35
CA THR C 392 43.19 1.55 20.45
C THR C 392 43.01 2.83 21.25
N ALA C 393 43.29 2.75 22.54
CA ALA C 393 43.06 3.85 23.47
C ALA C 393 43.98 3.73 24.67
N ALA C 394 45.27 4.04 24.49
CA ALA C 394 46.27 3.78 25.53
C ALA C 394 46.08 4.63 26.77
N ALA C 395 45.34 5.73 26.67
CA ALA C 395 45.15 6.64 27.79
C ALA C 395 43.95 6.27 28.67
N LEU C 396 43.28 5.14 28.39
CA LEU C 396 42.13 4.77 29.18
C LEU C 396 42.53 4.45 30.62
N THR C 397 41.76 4.97 31.58
CA THR C 397 41.92 4.62 32.98
C THR C 397 40.75 3.84 33.54
N GLY C 398 39.60 3.84 32.87
CA GLY C 398 38.44 3.11 33.34
C GLY C 398 37.43 2.78 32.25
N ILE C 399 36.95 1.54 32.24
CA ILE C 399 35.82 1.13 31.41
C ILE C 399 34.72 0.70 32.36
N THR C 400 33.55 1.31 32.22
CA THR C 400 32.38 0.98 33.03
C THR C 400 31.24 0.61 32.10
N VAL C 401 30.60 -0.51 32.37
CA VAL C 401 29.49 -1.01 31.54
C VAL C 401 28.21 -0.93 32.35
N THR C 402 27.25 -0.19 31.83
CA THR C 402 25.91 -0.13 32.38
C THR C 402 24.88 -0.81 31.49
N ASN C 403 25.27 -1.28 30.32
CA ASN C 403 24.36 -1.90 29.36
C ASN C 403 23.68 -3.11 29.98
N SER C 404 22.33 -3.10 29.98
CA SER C 404 21.58 -4.15 30.63
C SER C 404 21.74 -5.49 29.91
N VAL C 405 22.07 -5.47 28.63
CA VAL C 405 22.31 -6.70 27.88
C VAL C 405 23.76 -7.15 27.99
N GLY C 406 24.70 -6.22 27.91
CA GLY C 406 26.10 -6.56 28.07
C GLY C 406 27.02 -5.92 27.05
N ALA C 407 28.31 -5.96 27.32
CA ALA C 407 29.32 -5.42 26.43
C ALA C 407 30.38 -6.47 26.16
N THR C 408 30.88 -6.49 24.94
CA THR C 408 31.94 -7.41 24.53
C THR C 408 33.11 -6.60 24.00
N LEU C 409 34.29 -6.78 24.59
CA LEU C 409 35.50 -6.15 24.11
C LEU C 409 36.51 -7.23 23.74
N GLY C 410 36.96 -7.21 22.49
CA GLY C 410 37.77 -8.26 21.92
C GLY C 410 39.26 -8.07 22.08
N ALA C 411 39.67 -6.84 22.35
CA ALA C 411 41.07 -6.54 22.59
C ALA C 411 41.39 -6.74 24.06
N GLU C 412 42.52 -7.39 24.33
CA GLU C 412 42.94 -7.59 25.71
C GLU C 412 43.20 -6.26 26.38
N LEU C 413 42.63 -6.09 27.57
CA LEU C 413 42.76 -4.84 28.31
C LEU C 413 44.20 -4.63 28.77
N ALA C 414 44.60 -3.35 28.80
CA ALA C 414 45.89 -3.00 29.38
C ALA C 414 45.93 -3.42 30.85
N THR C 415 47.12 -3.82 31.30
CA THR C 415 47.26 -4.35 32.66
C THR C 415 46.86 -3.33 33.71
N GLY C 416 47.02 -2.04 33.41
CA GLY C 416 46.64 -0.96 34.30
C GLY C 416 45.23 -0.44 34.13
N LEU C 417 44.40 -1.10 33.34
CA LEU C 417 43.05 -0.62 33.03
C LEU C 417 42.04 -1.32 33.93
N VAL C 418 41.19 -0.55 34.59
CA VAL C 418 40.12 -1.06 35.43
C VAL C 418 38.87 -1.27 34.59
N PHE C 419 38.22 -2.42 34.75
CA PHE C 419 36.97 -2.74 34.08
C PHE C 419 35.88 -3.06 35.10
N THR C 420 34.71 -2.46 34.90
CA THR C 420 33.54 -2.69 35.75
C THR C 420 32.38 -3.14 34.86
N GLY C 421 31.98 -4.40 35.00
CA GLY C 421 30.83 -4.91 34.27
C GLY C 421 29.53 -4.47 34.89
N GLY C 422 28.44 -4.79 34.19
CA GLY C 422 27.10 -4.49 34.68
C GLY C 422 26.22 -5.71 34.82
N ALA C 423 24.91 -5.50 34.92
CA ALA C 423 24.00 -6.62 35.14
C ALA C 423 23.83 -7.49 33.90
N GLY C 424 24.55 -7.23 32.82
CA GLY C 424 24.45 -8.01 31.61
C GLY C 424 25.63 -8.97 31.43
N ALA C 425 25.61 -9.67 30.30
CA ALA C 425 26.61 -10.67 29.98
C ALA C 425 27.79 -9.96 29.32
N ASP C 426 28.82 -9.65 30.10
CA ASP C 426 29.98 -8.92 29.60
C ASP C 426 31.12 -9.88 29.28
N SER C 427 31.95 -9.49 28.31
CA SER C 427 33.05 -10.32 27.86
C SER C 427 34.27 -9.47 27.54
N ILE C 428 35.41 -9.82 28.18
CA ILE C 428 36.67 -9.09 28.04
C ILE C 428 37.82 -10.10 27.99
N LEU C 429 38.98 -9.58 27.59
CA LEU C 429 40.24 -10.30 27.63
C LEU C 429 41.18 -9.58 28.59
N LEU C 430 41.85 -10.36 29.45
CA LEU C 430 42.77 -9.81 30.44
C LEU C 430 44.15 -10.43 30.28
N GLY C 431 45.17 -9.63 30.57
CA GLY C 431 46.51 -10.11 30.78
C GLY C 431 46.84 -10.19 32.25
N ALA C 432 48.11 -9.99 32.57
CA ALA C 432 48.54 -9.97 33.97
C ALA C 432 48.11 -8.67 34.62
N THR C 433 46.80 -8.49 34.74
CA THR C 433 46.23 -7.24 35.29
C THR C 433 46.83 -6.96 36.67
N THR C 434 46.83 -5.69 37.08
CA THR C 434 47.28 -5.22 38.40
C THR C 434 46.14 -4.43 39.03
N LYS C 435 44.92 -4.65 38.56
CA LYS C 435 43.73 -3.87 39.00
C LYS C 435 42.63 -4.81 39.49
N ALA C 436 41.62 -4.30 40.17
CA ALA C 436 40.53 -5.16 40.66
C ALA C 436 39.42 -5.29 39.61
N ILE C 437 39.43 -6.34 38.79
CA ILE C 437 38.36 -6.50 37.75
C ILE C 437 37.07 -7.00 38.39
N VAL C 438 35.96 -6.35 38.10
CA VAL C 438 34.66 -6.74 38.66
C VAL C 438 33.65 -6.91 37.51
N MET C 439 32.97 -8.06 37.48
CA MET C 439 32.07 -8.41 36.38
C MET C 439 30.59 -8.13 36.66
N GLY C 440 30.17 -8.05 37.91
CA GLY C 440 28.77 -7.83 38.20
C GLY C 440 27.90 -9.04 37.91
N ALA C 441 26.60 -8.82 38.00
CA ALA C 441 25.63 -9.88 37.74
C ALA C 441 25.61 -10.24 36.25
N GLY C 442 24.79 -11.22 35.92
CA GLY C 442 24.71 -11.75 34.57
C GLY C 442 25.81 -12.77 34.27
N ASP C 443 25.63 -13.47 33.16
CA ASP C 443 26.54 -14.56 32.79
C ASP C 443 27.71 -13.96 32.02
N ASP C 444 28.80 -13.69 32.72
CA ASP C 444 29.95 -13.00 32.14
C ASP C 444 31.00 -13.99 31.64
N THR C 445 31.91 -13.49 30.83
CA THR C 445 32.99 -14.28 30.26
C THR C 445 34.28 -13.48 30.32
N VAL C 446 35.34 -14.07 30.87
CA VAL C 446 36.65 -13.46 30.94
C VAL C 446 37.68 -14.41 30.35
N THR C 447 38.48 -13.92 29.41
CA THR C 447 39.55 -14.68 28.80
C THR C 447 40.88 -14.18 29.33
N VAL C 448 41.61 -15.04 30.03
CA VAL C 448 42.89 -14.67 30.63
C VAL C 448 44.00 -15.28 29.79
N SER C 449 45.01 -14.46 29.47
CA SER C 449 46.20 -14.90 28.77
C SER C 449 47.38 -15.17 29.69
N SER C 450 47.24 -14.91 30.98
CA SER C 450 48.27 -15.22 31.96
C SER C 450 47.58 -15.81 33.18
N ALA C 451 47.98 -17.03 33.55
CA ALA C 451 47.35 -17.70 34.68
C ALA C 451 47.57 -16.92 35.96
N THR C 452 48.74 -16.31 36.11
CA THR C 452 49.07 -15.51 37.28
C THR C 452 48.83 -14.04 36.95
N LEU C 453 47.96 -13.39 37.71
CA LEU C 453 47.72 -11.97 37.51
C LEU C 453 48.93 -11.18 38.00
N GLY C 454 48.90 -9.87 37.71
CA GLY C 454 49.94 -9.00 38.20
C GLY C 454 49.71 -8.62 39.64
N ALA C 455 50.70 -7.95 40.23
CA ALA C 455 50.61 -7.53 41.62
C ALA C 455 49.39 -6.63 41.83
N GLY C 456 48.54 -7.01 42.78
CA GLY C 456 47.30 -6.30 43.03
C GLY C 456 46.12 -6.72 42.19
N GLY C 457 46.31 -7.60 41.21
CA GLY C 457 45.22 -7.96 40.32
C GLY C 457 44.28 -9.00 40.90
N SER C 458 43.00 -8.89 40.52
CA SER C 458 41.95 -9.80 40.96
C SER C 458 40.80 -9.73 39.96
N VAL C 459 40.08 -10.85 39.82
CA VAL C 459 38.93 -10.92 38.92
C VAL C 459 37.76 -11.57 39.67
N ASN C 460 36.62 -10.89 39.68
CA ASN C 460 35.40 -11.41 40.29
C ASN C 460 34.38 -11.63 39.19
N GLY C 461 33.89 -12.87 39.08
CA GLY C 461 32.85 -13.19 38.12
C GLY C 461 31.49 -12.66 38.48
N GLY C 462 31.26 -12.35 39.75
CA GLY C 462 29.99 -11.83 40.20
C GLY C 462 28.88 -12.87 40.17
N ASP C 463 27.67 -12.37 40.38
CA ASP C 463 26.47 -13.20 40.30
C ASP C 463 26.29 -13.74 38.89
N GLY C 464 25.62 -14.87 38.80
CA GLY C 464 25.38 -15.53 37.53
C GLY C 464 26.37 -16.65 37.26
N THR C 465 26.14 -17.34 36.15
CA THR C 465 26.99 -18.43 35.71
C THR C 465 28.06 -17.83 34.80
N ASP C 466 29.30 -17.80 35.28
CA ASP C 466 30.35 -17.02 34.66
C ASP C 466 31.43 -17.95 34.11
N VAL C 467 31.94 -17.62 32.93
CA VAL C 467 32.86 -18.46 32.19
C VAL C 467 34.25 -17.85 32.29
N LEU C 468 35.22 -18.65 32.72
CA LEU C 468 36.62 -18.26 32.74
C LEU C 468 37.32 -19.01 31.63
N VAL C 469 37.94 -18.27 30.71
CA VAL C 469 38.57 -18.85 29.53
C VAL C 469 40.08 -18.87 29.75
N ALA C 470 40.65 -20.07 29.75
CA ALA C 470 42.07 -20.28 30.04
C ALA C 470 42.83 -20.33 28.73
N ASN C 471 43.31 -19.17 28.28
CA ASN C 471 44.18 -19.10 27.11
C ASN C 471 45.64 -19.20 27.56
N VAL C 472 45.93 -20.33 28.21
CA VAL C 472 47.22 -20.54 28.88
C VAL C 472 47.58 -22.01 28.77
N ASN C 473 48.86 -22.30 29.02
CA ASN C 473 49.37 -23.67 29.07
C ASN C 473 49.32 -24.10 30.54
N GLY C 474 48.21 -24.72 30.93
CA GLY C 474 48.02 -25.15 32.31
C GLY C 474 47.35 -24.08 33.15
N SER C 475 46.57 -24.54 34.12
CA SER C 475 45.80 -23.65 34.98
C SER C 475 45.29 -24.41 36.20
N SER C 476 45.09 -23.66 37.30
CA SER C 476 44.39 -24.16 38.50
C SER C 476 43.78 -22.93 39.18
N PHE C 477 42.63 -22.48 38.67
CA PHE C 477 42.12 -21.14 38.97
C PHE C 477 41.32 -21.03 40.26
N SER C 478 40.48 -22.00 40.60
CA SER C 478 39.72 -21.86 41.85
C SER C 478 40.62 -21.96 43.07
N ALA C 479 41.83 -22.52 42.93
CA ALA C 479 42.81 -22.52 44.01
C ALA C 479 43.49 -21.17 44.15
N ASP C 480 43.36 -20.30 43.16
CA ASP C 480 44.00 -18.99 43.20
C ASP C 480 43.03 -17.99 43.82
N PRO C 481 43.38 -17.39 44.97
CA PRO C 481 42.47 -16.41 45.58
C PRO C 481 42.31 -15.13 44.79
N ALA C 482 43.16 -14.87 43.80
CA ALA C 482 42.97 -13.70 42.95
C ALA C 482 41.79 -13.86 41.99
N PHE C 483 41.34 -15.09 41.76
CA PHE C 483 40.18 -15.38 40.92
C PHE C 483 39.01 -15.87 41.77
N GLY C 484 37.80 -15.43 41.42
CA GLY C 484 36.61 -15.85 42.12
C GLY C 484 35.35 -15.67 41.30
N GLY C 485 34.35 -16.48 41.63
CA GLY C 485 33.01 -16.34 41.07
C GLY C 485 32.80 -16.97 39.70
N PHE C 486 33.72 -17.82 39.24
CA PHE C 486 33.60 -18.44 37.93
C PHE C 486 33.13 -19.88 38.06
N GLU C 487 32.03 -20.21 37.38
CA GLU C 487 31.39 -21.52 37.47
C GLU C 487 31.76 -22.44 36.31
N THR C 488 32.17 -21.89 35.17
CA THR C 488 32.51 -22.67 33.99
C THR C 488 33.95 -22.38 33.57
N LEU C 489 34.68 -23.42 33.20
CA LEU C 489 36.05 -23.30 32.71
C LEU C 489 36.10 -23.69 31.24
N ARG C 490 36.49 -22.75 30.39
CA ARG C 490 36.71 -23.00 28.98
C ARG C 490 38.20 -22.95 28.67
N VAL C 491 38.69 -23.91 27.91
CA VAL C 491 40.06 -23.91 27.40
C VAL C 491 39.99 -23.59 25.91
N ALA C 492 40.39 -22.37 25.55
CA ALA C 492 40.32 -21.91 24.18
C ALA C 492 41.30 -20.77 23.98
N GLY C 493 41.94 -20.74 22.83
CA GLY C 493 42.85 -19.67 22.45
C GLY C 493 44.07 -20.17 21.72
N ALA C 494 44.82 -19.24 21.12
CA ALA C 494 46.03 -19.60 20.39
C ALA C 494 47.15 -20.10 21.31
N ALA C 495 47.01 -19.90 22.63
CA ALA C 495 47.97 -20.41 23.60
C ALA C 495 47.36 -21.44 24.54
N ALA C 496 46.15 -21.91 24.26
CA ALA C 496 45.44 -22.84 25.14
C ALA C 496 45.97 -24.27 24.97
N GLN C 497 46.27 -24.92 26.09
CA GLN C 497 47.03 -26.16 26.08
C GLN C 497 47.14 -26.66 27.52
N GLY C 498 47.67 -27.88 27.65
CA GLY C 498 48.09 -28.40 28.94
C GLY C 498 46.96 -28.86 29.83
N SER C 499 47.33 -29.09 31.09
CA SER C 499 46.44 -29.69 32.08
C SER C 499 45.79 -28.59 32.91
N HIS C 500 44.45 -28.60 32.96
CA HIS C 500 43.68 -27.60 33.68
C HIS C 500 42.86 -28.29 34.76
N ASN C 501 43.01 -27.81 36.00
CA ASN C 501 42.32 -28.41 37.14
C ASN C 501 40.86 -27.94 37.15
N ALA C 502 39.94 -28.90 36.99
CA ALA C 502 38.50 -28.62 36.93
C ALA C 502 37.84 -28.52 38.30
N ASN C 503 38.60 -28.67 39.39
CA ASN C 503 38.03 -28.53 40.72
C ASN C 503 37.36 -27.17 40.88
N GLY C 504 36.14 -27.17 41.42
CA GLY C 504 35.41 -25.94 41.64
C GLY C 504 34.65 -25.41 40.44
N PHE C 505 34.57 -26.18 39.36
CA PHE C 505 33.83 -25.78 38.18
C PHE C 505 32.71 -26.78 37.92
N THR C 506 31.53 -26.27 37.60
CA THR C 506 30.35 -27.10 37.38
C THR C 506 30.11 -27.41 35.90
N ALA C 507 30.86 -26.81 34.98
CA ALA C 507 30.74 -27.10 33.57
C ALA C 507 32.07 -26.83 32.88
N LEU C 508 32.33 -27.59 31.82
CA LEU C 508 33.56 -27.43 31.05
C LEU C 508 33.23 -27.14 29.58
N GLN C 509 34.08 -26.32 28.96
CA GLN C 509 33.94 -25.98 27.55
C GLN C 509 35.31 -26.03 26.90
N LEU C 510 35.31 -26.23 25.58
CA LEU C 510 36.54 -26.35 24.83
C LEU C 510 36.38 -25.67 23.48
N GLY C 511 37.40 -24.89 23.09
CA GLY C 511 37.43 -24.25 21.79
C GLY C 511 38.68 -24.58 21.01
N ALA C 512 39.13 -23.67 20.14
CA ALA C 512 40.40 -23.86 19.46
C ALA C 512 41.55 -23.81 20.45
N THR C 513 42.56 -24.62 20.23
CA THR C 513 43.67 -24.73 21.17
C THR C 513 44.98 -24.80 20.40
N ALA C 514 46.08 -24.65 21.14
CA ALA C 514 47.42 -24.79 20.57
C ALA C 514 47.95 -26.21 20.65
N GLY C 515 47.35 -27.05 21.49
CA GLY C 515 47.82 -28.41 21.63
C GLY C 515 46.93 -29.17 22.58
N ALA C 516 47.35 -30.40 22.87
CA ALA C 516 46.52 -31.30 23.66
C ALA C 516 46.19 -30.69 25.03
N THR C 517 44.95 -30.87 25.45
CA THR C 517 44.43 -30.35 26.72
C THR C 517 43.90 -31.49 27.57
N THR C 518 44.14 -31.40 28.87
CA THR C 518 43.63 -32.36 29.84
C THR C 518 42.89 -31.60 30.94
N PHE C 519 41.65 -32.00 31.20
CA PHE C 519 40.91 -31.53 32.37
C PHE C 519 41.06 -32.57 33.47
N THR C 520 41.66 -32.16 34.58
CA THR C 520 41.84 -33.04 35.73
C THR C 520 40.80 -32.74 36.80
N ASN C 521 40.64 -33.69 37.72
CA ASN C 521 39.78 -33.51 38.90
C ASN C 521 38.36 -33.12 38.50
N VAL C 522 37.83 -33.76 37.45
CA VAL C 522 36.50 -33.46 36.95
C VAL C 522 35.46 -34.07 37.89
N ALA C 523 34.63 -33.21 38.49
CA ALA C 523 33.64 -33.68 39.44
C ALA C 523 32.51 -34.43 38.73
N VAL C 524 31.76 -35.20 39.52
CA VAL C 524 30.59 -35.90 38.99
C VAL C 524 29.54 -34.88 38.52
N ASN C 525 28.75 -35.28 37.51
CA ASN C 525 27.66 -34.46 36.99
C ASN C 525 28.18 -33.16 36.37
N VAL C 526 29.37 -33.19 35.79
CA VAL C 526 29.96 -32.06 35.08
C VAL C 526 30.21 -32.47 33.64
N GLY C 527 29.67 -31.69 32.70
CA GLY C 527 29.76 -32.00 31.29
C GLY C 527 30.73 -31.10 30.54
N LEU C 528 31.06 -31.54 29.32
CA LEU C 528 31.96 -30.79 28.43
C LEU C 528 31.22 -30.42 27.16
N THR C 529 31.29 -29.13 26.79
CA THR C 529 30.73 -28.63 25.55
C THR C 529 31.86 -28.15 24.65
N VAL C 530 32.01 -28.77 23.49
CA VAL C 530 33.03 -28.36 22.53
C VAL C 530 32.39 -27.34 21.60
N LEU C 531 33.01 -26.16 21.50
CA LEU C 531 32.47 -25.06 20.71
C LEU C 531 33.28 -24.78 19.45
N ALA C 532 34.50 -25.30 19.35
CA ALA C 532 35.34 -25.09 18.18
C ALA C 532 36.35 -26.22 18.12
N ALA C 533 36.88 -26.47 16.93
CA ALA C 533 37.77 -27.60 16.69
C ALA C 533 39.07 -27.44 17.48
N PRO C 534 39.35 -28.32 18.43
CA PRO C 534 40.60 -28.22 19.18
C PRO C 534 41.75 -28.86 18.41
N THR C 535 42.95 -28.69 18.96
CA THR C 535 44.16 -29.30 18.42
C THR C 535 44.70 -30.29 19.44
N GLY C 536 45.05 -31.48 18.98
CA GLY C 536 45.54 -32.52 19.88
C GLY C 536 44.42 -33.18 20.64
N THR C 537 44.78 -34.26 21.34
CA THR C 537 43.79 -35.02 22.09
C THR C 537 43.31 -34.23 23.30
N THR C 538 41.99 -34.23 23.51
CA THR C 538 41.38 -33.69 24.73
C THR C 538 41.12 -34.82 25.70
N THR C 539 41.67 -34.72 26.90
CA THR C 539 41.52 -35.75 27.92
C THR C 539 40.71 -35.20 29.08
N VAL C 540 39.65 -35.92 29.46
CA VAL C 540 38.87 -35.61 30.64
C VAL C 540 39.20 -36.69 31.66
N THR C 541 39.89 -36.30 32.72
CA THR C 541 40.29 -37.23 33.77
C THR C 541 39.32 -37.01 34.93
N LEU C 542 38.44 -37.99 35.12
CA LEU C 542 37.39 -37.84 36.12
C LEU C 542 38.01 -37.85 37.52
N ALA C 543 37.35 -37.15 38.45
CA ALA C 543 37.82 -37.13 39.83
C ALA C 543 37.68 -38.50 40.49
N ASN C 544 36.64 -39.25 40.13
CA ASN C 544 36.42 -40.58 40.69
C ASN C 544 35.67 -41.40 39.65
N ALA C 545 36.40 -42.26 38.94
CA ALA C 545 35.81 -43.14 37.94
C ALA C 545 35.69 -44.59 38.42
N THR C 546 35.90 -44.84 39.72
CA THR C 546 35.86 -46.21 40.21
C THR C 546 34.44 -46.79 40.18
N GLY C 547 33.43 -45.94 40.09
CA GLY C 547 32.06 -46.42 40.16
C GLY C 547 31.67 -47.31 39.00
N THR C 548 30.55 -48.02 39.23
CA THR C 548 30.02 -49.00 38.30
C THR C 548 29.21 -48.38 37.16
N SER C 549 28.65 -47.19 37.34
CA SER C 549 27.70 -46.63 36.38
C SER C 549 28.02 -45.17 36.13
N ASP C 550 29.27 -44.90 35.78
CA ASP C 550 29.69 -43.52 35.51
C ASP C 550 29.21 -43.07 34.14
N VAL C 551 28.62 -41.88 34.10
CA VAL C 551 28.06 -41.28 32.90
C VAL C 551 28.70 -39.92 32.68
N PHE C 552 28.93 -39.58 31.42
CA PHE C 552 29.46 -38.28 31.05
C PHE C 552 28.65 -37.73 29.89
N ASN C 553 28.35 -36.43 29.95
CA ASN C 553 27.56 -35.74 28.94
C ASN C 553 28.51 -34.86 28.13
N LEU C 554 28.80 -35.29 26.91
CA LEU C 554 29.62 -34.53 25.99
C LEU C 554 28.72 -33.85 24.98
N THR C 555 28.88 -32.54 24.80
CA THR C 555 28.08 -31.75 23.89
C THR C 555 28.96 -31.10 22.84
N LEU C 556 28.52 -31.16 21.58
CA LEU C 556 29.13 -30.41 20.48
C LEU C 556 28.12 -29.38 20.01
N SER C 557 28.51 -28.10 20.09
CA SER C 557 27.63 -26.98 19.77
C SER C 557 28.34 -26.06 18.79
N SER C 558 27.73 -25.84 17.62
CA SER C 558 28.34 -25.00 16.59
C SER C 558 27.30 -24.68 15.52
N SER C 559 27.61 -23.63 14.74
CA SER C 559 26.76 -23.22 13.62
C SER C 559 27.05 -24.01 12.36
N ALA C 560 28.30 -24.41 12.14
CA ALA C 560 28.71 -25.21 11.00
C ALA C 560 29.31 -26.52 11.49
N ALA C 561 29.75 -27.35 10.54
CA ALA C 561 30.32 -28.65 10.86
C ALA C 561 31.48 -28.50 11.83
N LEU C 562 31.46 -29.30 12.90
CA LEU C 562 32.42 -29.18 13.99
C LEU C 562 33.24 -30.46 14.09
N ALA C 563 34.55 -30.34 13.89
CA ALA C 563 35.48 -31.44 14.09
C ALA C 563 36.00 -31.39 15.53
N ALA C 564 35.35 -32.15 16.41
CA ALA C 564 35.73 -32.16 17.82
C ALA C 564 37.05 -32.87 18.07
N GLY C 565 37.58 -33.61 17.09
CA GLY C 565 38.84 -34.27 17.32
C GLY C 565 38.70 -35.48 18.25
N THR C 566 39.81 -35.81 18.90
CA THR C 566 39.87 -36.95 19.80
C THR C 566 39.58 -36.51 21.23
N VAL C 567 38.61 -37.16 21.86
CA VAL C 567 38.23 -36.90 23.25
C VAL C 567 38.33 -38.22 24.00
N ALA C 568 39.14 -38.25 25.07
CA ALA C 568 39.38 -39.48 25.82
C ALA C 568 38.65 -39.41 27.15
N LEU C 569 37.72 -40.37 27.36
CA LEU C 569 36.94 -40.48 28.60
C LEU C 569 37.09 -41.89 29.18
N ALA C 570 38.21 -42.12 29.86
CA ALA C 570 38.46 -43.41 30.49
C ALA C 570 37.57 -43.58 31.73
N GLY C 571 37.19 -44.84 31.99
CA GLY C 571 36.44 -45.18 33.19
C GLY C 571 34.99 -44.77 33.17
N VAL C 572 34.50 -44.25 32.05
CA VAL C 572 33.11 -43.84 31.89
C VAL C 572 32.36 -44.97 31.21
N GLU C 573 31.23 -45.37 31.81
CA GLU C 573 30.46 -46.50 31.32
C GLU C 573 29.35 -46.09 30.34
N THR C 574 28.83 -44.86 30.45
CA THR C 574 27.81 -44.36 29.55
C THR C 574 28.22 -42.99 29.05
N VAL C 575 28.30 -42.82 27.73
CA VAL C 575 28.68 -41.57 27.10
C VAL C 575 27.46 -41.01 26.37
N ASN C 576 26.98 -39.86 26.82
CA ASN C 576 25.88 -39.17 26.15
C ASN C 576 26.47 -38.07 25.29
N ILE C 577 26.13 -38.09 24.00
CA ILE C 577 26.66 -37.14 23.03
C ILE C 577 25.50 -36.36 22.45
N ALA C 578 25.51 -35.04 22.65
CA ALA C 578 24.51 -34.15 22.05
C ALA C 578 25.18 -33.39 20.92
N ALA C 579 24.69 -33.60 19.70
CA ALA C 579 25.16 -32.88 18.52
C ALA C 579 24.14 -31.76 18.23
N THR C 580 24.50 -30.53 18.57
CA THR C 580 23.58 -29.41 18.53
C THR C 580 24.00 -28.42 17.45
N ASP C 581 23.07 -28.06 16.58
CA ASP C 581 23.24 -27.08 15.53
C ASP C 581 22.61 -25.77 15.99
N THR C 582 23.37 -24.67 15.92
CA THR C 582 22.83 -23.39 16.36
C THR C 582 22.02 -22.68 15.28
N ASN C 583 22.18 -23.04 14.01
CA ASN C 583 21.33 -22.47 12.96
C ASN C 583 20.54 -23.61 12.31
N THR C 584 19.86 -23.30 11.20
CA THR C 584 18.90 -24.19 10.58
C THR C 584 19.43 -24.94 9.36
N THR C 585 20.70 -24.76 9.00
CA THR C 585 21.27 -25.48 7.87
C THR C 585 21.94 -26.76 8.39
N ALA C 586 21.53 -27.90 7.82
CA ALA C 586 21.99 -29.20 8.29
C ALA C 586 23.50 -29.35 8.13
N HIS C 587 24.15 -29.92 9.15
CA HIS C 587 25.55 -30.25 9.06
C HIS C 587 25.83 -31.47 9.94
N VAL C 588 27.01 -32.06 9.74
CA VAL C 588 27.41 -33.27 10.45
C VAL C 588 28.74 -33.01 11.15
N ASP C 589 28.78 -33.30 12.45
CA ASP C 589 29.99 -33.17 13.23
C ASP C 589 30.84 -34.43 13.12
N THR C 590 32.12 -34.29 13.47
CA THR C 590 33.02 -35.42 13.59
C THR C 590 33.60 -35.48 15.00
N LEU C 591 33.83 -36.69 15.47
CA LEU C 591 34.36 -36.90 16.81
C LEU C 591 35.03 -38.27 16.86
N THR C 592 36.22 -38.32 17.44
CA THR C 592 36.90 -39.58 17.74
C THR C 592 36.80 -39.81 19.24
N LEU C 593 35.97 -40.76 19.65
CA LEU C 593 35.73 -41.02 21.07
C LEU C 593 36.61 -42.16 21.55
N GLN C 594 37.40 -41.90 22.59
CA GLN C 594 38.18 -42.92 23.26
C GLN C 594 37.57 -43.14 24.64
N ALA C 595 36.77 -44.22 24.76
CA ALA C 595 36.03 -44.53 25.99
C ALA C 595 36.03 -46.06 26.12
N THR C 596 37.16 -46.60 26.58
CA THR C 596 37.38 -48.04 26.57
C THR C 596 36.54 -48.79 27.61
N SER C 597 35.90 -48.08 28.54
CA SER C 597 35.01 -48.72 29.50
C SER C 597 33.54 -48.47 29.20
N ALA C 598 33.21 -47.78 28.11
CA ALA C 598 31.83 -47.46 27.82
C ALA C 598 31.09 -48.72 27.38
N LYS C 599 29.90 -48.93 27.95
CA LYS C 599 29.02 -49.99 27.52
C LYS C 599 27.81 -49.48 26.75
N SER C 600 27.47 -48.20 26.89
CA SER C 600 26.35 -47.61 26.17
C SER C 600 26.73 -46.20 25.72
N ILE C 601 26.48 -45.91 24.45
CA ILE C 601 26.64 -44.59 23.89
C ILE C 601 25.27 -44.13 23.41
N VAL C 602 24.85 -42.95 23.86
CA VAL C 602 23.56 -42.36 23.48
C VAL C 602 23.84 -41.05 22.77
N VAL C 603 23.28 -40.90 21.57
CA VAL C 603 23.47 -39.70 20.77
C VAL C 603 22.12 -39.01 20.61
N THR C 604 22.10 -37.70 20.89
CA THR C 604 20.93 -36.85 20.75
C THR C 604 21.28 -35.62 19.93
N GLY C 605 20.27 -34.83 19.60
CA GLY C 605 20.48 -33.51 19.01
C GLY C 605 19.88 -33.39 17.63
N ASN C 606 20.23 -32.29 16.97
CA ASN C 606 19.71 -31.96 15.64
C ASN C 606 20.84 -31.82 14.63
N ALA C 607 21.98 -32.46 14.85
CA ALA C 607 23.08 -32.43 13.90
C ALA C 607 23.59 -33.85 13.70
N GLY C 608 24.25 -34.07 12.56
CA GLY C 608 24.86 -35.35 12.29
C GLY C 608 26.09 -35.59 13.14
N LEU C 609 26.51 -36.85 13.20
CA LEU C 609 27.70 -37.19 13.98
C LEU C 609 28.38 -38.39 13.33
N ASN C 610 29.53 -38.16 12.71
CA ASN C 610 30.39 -39.22 12.20
C ASN C 610 31.37 -39.60 13.30
N LEU C 611 31.11 -40.72 13.95
CA LEU C 611 31.84 -41.12 15.15
C LEU C 611 32.89 -42.16 14.81
N THR C 612 34.16 -41.80 14.99
CA THR C 612 35.22 -42.81 14.95
C THR C 612 35.25 -43.49 16.31
N ASN C 613 35.16 -44.82 16.31
CA ASN C 613 34.86 -45.60 17.51
C ASN C 613 35.93 -46.63 17.81
N THR C 614 37.07 -46.59 17.11
CA THR C 614 38.11 -47.59 17.27
C THR C 614 38.51 -47.77 18.73
N GLY C 615 38.59 -49.04 19.16
CA GLY C 615 39.06 -49.40 20.48
C GLY C 615 38.01 -49.42 21.58
N ASN C 616 36.79 -48.98 21.31
CA ASN C 616 35.72 -48.97 22.31
C ASN C 616 35.04 -50.34 22.30
N THR C 617 35.75 -51.32 22.87
CA THR C 617 35.37 -52.73 22.77
C THR C 617 34.26 -53.16 23.72
N ALA C 618 33.92 -52.34 24.72
CA ALA C 618 32.90 -52.71 25.69
C ALA C 618 31.51 -52.23 25.31
N VAL C 619 31.37 -51.45 24.24
CA VAL C 619 30.08 -50.93 23.83
C VAL C 619 29.17 -52.07 23.41
N THR C 620 28.01 -52.17 24.05
CA THR C 620 26.96 -53.08 23.62
C THR C 620 25.70 -52.36 23.18
N SER C 621 25.65 -51.04 23.28
CA SER C 621 24.45 -50.29 22.91
C SER C 621 24.87 -48.93 22.36
N PHE C 622 24.49 -48.67 21.11
CA PHE C 622 24.64 -47.35 20.49
C PHE C 622 23.26 -46.90 20.06
N ASP C 623 22.74 -45.86 20.71
CA ASP C 623 21.38 -45.37 20.51
C ASP C 623 21.43 -43.92 20.03
N ALA C 624 21.27 -43.72 18.73
CA ALA C 624 21.12 -42.39 18.16
C ALA C 624 19.70 -42.14 17.70
N SER C 625 18.73 -42.89 18.26
CA SER C 625 17.36 -42.83 17.78
C SER C 625 16.74 -41.45 17.97
N ALA C 626 17.23 -40.67 18.94
CA ALA C 626 16.67 -39.36 19.20
C ALA C 626 17.18 -38.29 18.24
N VAL C 627 18.19 -38.60 17.43
CA VAL C 627 18.78 -37.61 16.54
C VAL C 627 17.75 -37.19 15.50
N THR C 628 17.58 -35.89 15.33
CA THR C 628 16.58 -35.34 14.43
C THR C 628 17.25 -34.60 13.26
N GLY C 629 16.49 -34.48 12.18
CA GLY C 629 16.94 -33.79 10.99
C GLY C 629 17.29 -34.73 9.85
N THR C 630 16.71 -34.49 8.68
CA THR C 630 16.95 -35.36 7.54
C THR C 630 18.43 -35.38 7.15
N GLY C 631 19.13 -34.27 7.39
CA GLY C 631 20.55 -34.19 7.09
C GLY C 631 21.48 -34.64 8.20
N SER C 632 20.96 -35.08 9.35
CA SER C 632 21.81 -35.39 10.52
C SER C 632 22.32 -36.83 10.43
N ALA C 633 23.22 -37.05 9.47
CA ALA C 633 23.79 -38.37 9.24
C ALA C 633 24.65 -38.82 10.41
N VAL C 634 24.36 -40.02 10.92
CA VAL C 634 25.11 -40.63 12.01
C VAL C 634 25.85 -41.84 11.45
N THR C 635 27.15 -41.90 11.69
CA THR C 635 27.99 -42.98 11.20
C THR C 635 28.64 -43.66 12.40
N PHE C 636 28.48 -44.98 12.48
CA PHE C 636 28.99 -45.75 13.62
C PHE C 636 29.45 -47.12 13.16
N VAL C 637 30.62 -47.53 13.65
CA VAL C 637 31.16 -48.85 13.42
C VAL C 637 31.45 -49.47 14.79
N SER C 638 30.80 -50.60 15.07
CA SER C 638 30.99 -51.29 16.34
C SER C 638 32.41 -51.85 16.45
N ALA C 639 32.98 -51.72 17.64
CA ALA C 639 34.29 -52.27 17.96
C ALA C 639 34.22 -53.47 18.89
N ASN C 640 33.03 -54.00 19.15
CA ASN C 640 32.87 -55.09 20.13
C ASN C 640 33.39 -56.41 19.56
N THR C 641 34.23 -57.08 20.35
CA THR C 641 34.85 -58.33 19.94
C THR C 641 34.50 -59.50 20.87
N THR C 642 33.52 -59.34 21.75
CA THR C 642 33.13 -60.44 22.63
C THR C 642 32.40 -61.51 21.84
N VAL C 643 32.84 -62.76 22.00
CA VAL C 643 32.20 -63.87 21.31
C VAL C 643 30.78 -64.03 21.84
N GLY C 644 29.82 -64.15 20.91
CA GLY C 644 28.44 -64.33 21.29
C GLY C 644 27.77 -63.15 21.95
N GLU C 645 28.27 -61.94 21.73
CA GLU C 645 27.72 -60.74 22.35
C GLU C 645 26.48 -60.26 21.58
N VAL C 646 25.54 -59.68 22.32
CA VAL C 646 24.39 -58.99 21.76
C VAL C 646 24.64 -57.48 21.78
N VAL C 647 24.51 -56.84 20.62
CA VAL C 647 24.75 -55.41 20.47
C VAL C 647 23.59 -54.80 19.70
N THR C 648 23.09 -53.70 20.22
CA THR C 648 22.00 -52.99 19.55
C THR C 648 22.51 -51.61 19.10
N ILE C 649 22.27 -51.27 17.84
CA ILE C 649 22.70 -50.02 17.17
C ILE C 649 21.48 -49.35 16.55
N ARG C 650 21.12 -48.16 17.00
CA ARG C 650 19.94 -47.47 16.44
C ARG C 650 20.33 -46.12 15.86
N GLY C 651 20.06 -45.93 14.59
CA GLY C 651 20.25 -44.69 13.88
C GLY C 651 19.13 -43.73 14.18
N GLY C 652 19.22 -42.53 13.60
CA GLY C 652 18.17 -41.56 13.80
C GLY C 652 17.44 -41.16 12.53
N ALA C 653 16.95 -39.93 12.49
CA ALA C 653 16.21 -39.44 11.34
C ALA C 653 17.10 -39.27 10.11
N GLY C 654 18.41 -39.24 10.29
CA GLY C 654 19.32 -38.99 9.19
C GLY C 654 19.61 -40.24 8.38
N ALA C 655 20.36 -40.03 7.30
CA ALA C 655 20.82 -41.10 6.42
C ALA C 655 22.08 -41.69 7.04
N ASP C 656 21.88 -42.76 7.81
CA ASP C 656 22.91 -43.28 8.69
C ASP C 656 23.67 -44.43 8.05
N SER C 657 24.88 -44.65 8.56
CA SER C 657 25.73 -45.77 8.17
C SER C 657 26.11 -46.52 9.45
N LEU C 658 25.55 -47.72 9.62
CA LEU C 658 25.68 -48.48 10.86
C LEU C 658 26.31 -49.82 10.55
N THR C 659 27.43 -50.11 11.20
CA THR C 659 28.19 -51.33 10.98
C THR C 659 28.35 -52.04 12.31
N GLY C 660 27.99 -53.33 12.34
CA GLY C 660 28.21 -54.15 13.52
C GLY C 660 29.61 -54.72 13.53
N SER C 661 29.75 -55.87 14.16
CA SER C 661 31.03 -56.57 14.20
C SER C 661 30.79 -58.05 13.92
N ALA C 662 31.83 -58.70 13.42
CA ALA C 662 31.73 -60.10 13.04
C ALA C 662 31.41 -60.98 14.24
N THR C 663 31.93 -60.62 15.41
CA THR C 663 31.76 -61.41 16.63
C THR C 663 30.39 -61.24 17.26
N ALA C 664 29.63 -60.22 16.87
CA ALA C 664 28.43 -59.85 17.59
C ALA C 664 27.16 -60.25 16.84
N ASN C 665 26.14 -60.60 17.62
CA ASN C 665 24.78 -60.67 17.12
C ASN C 665 24.26 -59.25 17.21
N ASP C 666 24.37 -58.53 16.10
CA ASP C 666 24.02 -57.11 16.06
C ASP C 666 22.56 -56.95 15.65
N THR C 667 21.80 -56.25 16.47
CA THR C 667 20.48 -55.75 16.10
C THR C 667 20.65 -54.30 15.66
N ILE C 668 20.50 -54.04 14.37
CA ILE C 668 20.71 -52.71 13.81
C ILE C 668 19.39 -52.19 13.28
N ILE C 669 19.02 -50.99 13.70
CA ILE C 669 17.75 -50.38 13.36
C ILE C 669 18.03 -48.99 12.77
N GLY C 670 17.66 -48.80 11.50
CA GLY C 670 18.04 -47.60 10.79
C GLY C 670 17.22 -46.37 11.12
N GLY C 671 15.92 -46.55 11.42
CA GLY C 671 15.04 -45.41 11.59
C GLY C 671 14.64 -44.78 10.26
N ALA C 672 14.23 -43.52 10.33
CA ALA C 672 13.88 -42.78 9.13
C ALA C 672 15.13 -42.49 8.30
N GLY C 673 14.92 -42.10 7.05
CA GLY C 673 16.01 -41.74 6.18
C GLY C 673 16.65 -42.93 5.50
N ALA C 674 17.47 -42.63 4.49
CA ALA C 674 18.11 -43.64 3.65
C ALA C 674 19.35 -44.17 4.37
N ASP C 675 19.17 -45.30 5.06
CA ASP C 675 20.18 -45.87 5.93
C ASP C 675 20.94 -46.98 5.21
N THR C 676 22.17 -47.22 5.65
CA THR C 676 23.00 -48.31 5.14
C THR C 676 23.40 -49.19 6.33
N LEU C 677 22.97 -50.45 6.31
CA LEU C 677 23.19 -51.40 7.39
C LEU C 677 24.14 -52.48 6.90
N VAL C 678 25.31 -52.58 7.53
CA VAL C 678 26.42 -53.39 7.06
C VAL C 678 26.53 -54.67 7.87
N TYR C 679 26.54 -55.81 7.20
CA TYR C 679 26.65 -57.12 7.84
C TYR C 679 28.10 -57.59 7.82
N THR C 680 28.61 -57.99 8.99
CA THR C 680 30.00 -58.37 9.12
C THR C 680 30.21 -59.79 9.59
N GLY C 681 29.16 -60.51 9.94
CA GLY C 681 29.27 -61.86 10.46
C GLY C 681 28.36 -62.00 11.66
N GLY C 682 28.07 -63.24 12.02
CA GLY C 682 27.21 -63.49 13.16
C GLY C 682 25.74 -63.57 12.79
N THR C 683 24.93 -63.61 13.83
CA THR C 683 23.47 -63.68 13.70
C THR C 683 22.93 -62.26 13.94
N ASP C 684 22.79 -61.51 12.84
CA ASP C 684 22.42 -60.10 12.90
C ASP C 684 20.96 -59.92 12.49
N THR C 685 20.35 -58.87 13.02
CA THR C 685 18.95 -58.55 12.77
C THR C 685 18.85 -57.09 12.33
N PHE C 686 18.58 -56.87 11.04
CA PHE C 686 18.55 -55.54 10.45
C PHE C 686 17.11 -55.08 10.27
N THR C 687 16.82 -53.84 10.67
CA THR C 687 15.55 -53.19 10.40
C THR C 687 15.87 -51.85 9.75
N GLY C 688 15.59 -51.73 8.46
CA GLY C 688 15.91 -50.49 7.74
C GLY C 688 15.04 -49.32 8.18
N GLY C 689 13.80 -49.58 8.53
CA GLY C 689 12.87 -48.51 8.82
C GLY C 689 12.34 -47.86 7.55
N THR C 690 11.65 -46.74 7.76
CA THR C 690 11.21 -45.94 6.62
C THR C 690 12.42 -45.46 5.82
N GLY C 691 12.20 -45.21 4.54
CA GLY C 691 13.24 -44.77 3.65
C GLY C 691 13.80 -45.90 2.80
N ALA C 692 14.44 -45.51 1.70
CA ALA C 692 15.11 -46.45 0.80
C ALA C 692 16.43 -46.85 1.45
N ASP C 693 16.47 -48.03 2.04
CA ASP C 693 17.60 -48.47 2.84
C ASP C 693 18.48 -49.44 2.06
N ILE C 694 19.75 -49.50 2.43
CA ILE C 694 20.72 -50.38 1.81
C ILE C 694 21.21 -51.37 2.85
N PHE C 695 21.14 -52.66 2.52
CA PHE C 695 21.65 -53.73 3.36
C PHE C 695 22.93 -54.23 2.68
N ASP C 696 24.07 -53.75 3.17
CA ASP C 696 25.38 -54.02 2.58
C ASP C 696 25.94 -55.29 3.21
N ILE C 697 26.02 -56.35 2.41
CA ILE C 697 26.47 -57.65 2.89
C ILE C 697 27.96 -57.77 2.58
N ASN C 698 28.78 -57.74 3.62
CA ASN C 698 30.22 -57.79 3.46
C ASN C 698 30.83 -59.10 3.92
N ALA C 699 30.01 -60.00 4.50
CA ALA C 699 30.50 -61.30 4.95
C ALA C 699 29.52 -62.38 4.51
N ILE C 700 30.07 -63.57 4.24
CA ILE C 700 29.23 -64.67 3.79
C ILE C 700 28.40 -65.21 4.94
N GLY C 701 28.97 -65.26 6.13
CA GLY C 701 28.28 -65.85 7.26
C GLY C 701 28.33 -67.37 7.20
N THR C 702 27.42 -68.00 7.93
CA THR C 702 27.31 -69.45 7.96
C THR C 702 25.86 -69.85 7.64
N SER C 703 25.64 -71.16 7.59
CA SER C 703 24.30 -71.69 7.37
C SER C 703 23.39 -71.49 8.56
N THR C 704 23.95 -71.22 9.74
CA THR C 704 23.17 -70.97 10.93
C THR C 704 23.36 -69.56 11.51
N ALA C 705 24.43 -68.86 11.16
CA ALA C 705 24.67 -67.51 11.62
C ALA C 705 24.69 -66.59 10.41
N PHE C 706 23.56 -65.93 10.14
CA PHE C 706 23.41 -65.07 8.97
C PHE C 706 22.56 -63.86 9.37
N VAL C 707 22.36 -62.95 8.44
CA VAL C 707 21.59 -61.75 8.73
C VAL C 707 20.14 -61.98 8.35
N THR C 708 19.24 -61.43 9.16
CA THR C 708 17.81 -61.42 8.88
C THR C 708 17.37 -59.98 8.76
N ILE C 709 16.78 -59.64 7.61
CA ILE C 709 16.23 -58.31 7.37
C ILE C 709 14.73 -58.39 7.62
N THR C 710 14.24 -57.58 8.57
CA THR C 710 12.88 -57.72 9.06
C THR C 710 11.83 -56.97 8.26
N ASP C 711 12.20 -55.92 7.51
CA ASP C 711 11.20 -55.07 6.87
C ASP C 711 11.60 -54.68 5.45
N ALA C 712 12.11 -55.66 4.68
CA ALA C 712 12.45 -55.39 3.29
C ALA C 712 11.22 -54.98 2.51
N ALA C 713 11.32 -53.87 1.79
CA ALA C 713 10.21 -53.33 1.04
C ALA C 713 10.72 -52.77 -0.29
N VAL C 714 9.78 -52.48 -1.20
CA VAL C 714 10.14 -51.88 -2.48
C VAL C 714 10.86 -50.56 -2.23
N GLY C 715 12.01 -50.38 -2.86
CA GLY C 715 12.84 -49.23 -2.59
C GLY C 715 14.11 -49.59 -1.85
N ASP C 716 14.01 -50.47 -0.87
CA ASP C 716 15.22 -50.96 -0.22
C ASP C 716 16.07 -51.75 -1.23
N LYS C 717 17.36 -51.82 -0.96
CA LYS C 717 18.28 -52.56 -1.81
C LYS C 717 19.15 -53.51 -0.98
N LEU C 718 19.78 -54.43 -1.69
CA LEU C 718 20.58 -55.50 -1.08
C LEU C 718 21.88 -55.58 -1.88
N ASP C 719 22.95 -55.05 -1.30
CA ASP C 719 24.25 -54.96 -1.94
C ASP C 719 25.03 -56.24 -1.66
N LEU C 720 25.35 -56.99 -2.70
CA LEU C 720 26.02 -58.27 -2.52
C LEU C 720 27.43 -58.28 -3.09
N VAL C 721 28.00 -57.12 -3.41
CA VAL C 721 29.42 -57.04 -3.69
C VAL C 721 30.16 -57.36 -2.40
N GLY C 722 31.17 -58.23 -2.48
CA GLY C 722 31.91 -58.65 -1.31
C GLY C 722 31.72 -60.11 -0.94
N ILE C 723 30.63 -60.74 -1.40
CA ILE C 723 30.41 -62.16 -1.19
C ILE C 723 30.44 -62.92 -2.51
N SER C 724 30.66 -62.21 -3.62
CA SER C 724 30.86 -62.81 -4.93
C SER C 724 32.28 -63.37 -5.00
N THR C 725 32.46 -64.53 -4.39
CA THR C 725 33.79 -65.13 -4.30
C THR C 725 34.38 -65.33 -5.69
N ASN C 726 33.56 -65.72 -6.65
CA ASN C 726 34.02 -66.01 -8.01
C ASN C 726 33.25 -65.12 -8.97
N GLY C 727 33.96 -64.21 -9.62
CA GLY C 727 33.35 -63.31 -10.58
C GLY C 727 32.36 -62.34 -9.94
N ALA C 728 31.31 -62.03 -10.70
CA ALA C 728 30.27 -61.10 -10.28
C ALA C 728 28.90 -61.70 -10.54
N ILE C 729 27.93 -61.31 -9.71
CA ILE C 729 26.55 -61.75 -9.86
C ILE C 729 25.95 -61.12 -11.10
N ALA C 730 25.32 -61.93 -11.94
CA ALA C 730 24.82 -61.44 -13.23
C ALA C 730 23.78 -60.35 -13.03
N ASP C 731 23.82 -59.34 -13.90
CA ASP C 731 22.96 -58.17 -13.85
C ASP C 731 21.52 -58.40 -14.29
N GLY C 732 21.07 -59.62 -14.47
CA GLY C 732 19.69 -59.81 -14.86
C GLY C 732 18.68 -59.63 -13.72
N ALA C 733 17.41 -59.63 -14.11
CA ALA C 733 16.32 -59.67 -13.13
C ALA C 733 16.26 -61.03 -12.43
N PHE C 734 15.80 -61.01 -11.18
CA PHE C 734 15.70 -62.23 -10.38
C PHE C 734 14.59 -63.11 -10.95
N GLY C 735 14.96 -64.27 -11.47
CA GLY C 735 13.98 -65.18 -12.04
C GLY C 735 12.97 -65.73 -11.06
N ALA C 736 12.31 -66.82 -11.45
CA ALA C 736 11.36 -67.46 -10.56
C ALA C 736 12.08 -68.03 -9.35
N ALA C 737 11.37 -68.08 -8.23
CA ALA C 737 11.95 -68.64 -7.01
C ALA C 737 12.17 -70.14 -7.16
N VAL C 738 13.09 -70.66 -6.37
CA VAL C 738 13.23 -72.10 -6.22
C VAL C 738 12.01 -72.62 -5.47
N THR C 739 11.36 -73.64 -6.05
CA THR C 739 10.12 -74.21 -5.52
C THR C 739 10.31 -75.69 -5.27
N LEU C 740 9.94 -76.15 -4.07
CA LEU C 740 10.07 -77.55 -3.68
C LEU C 740 8.75 -78.08 -3.15
N GLY C 741 8.77 -79.33 -2.68
CA GLY C 741 7.56 -79.99 -2.20
C GLY C 741 7.05 -79.39 -0.89
N ALA C 742 5.83 -79.79 -0.54
CA ALA C 742 5.14 -79.15 0.58
C ALA C 742 5.83 -79.36 1.92
N ALA C 743 6.58 -80.46 2.08
CA ALA C 743 7.28 -80.74 3.32
C ALA C 743 8.78 -80.52 3.22
N ALA C 744 9.21 -79.73 2.24
CA ALA C 744 10.64 -79.48 2.07
C ALA C 744 11.18 -78.66 3.23
N THR C 745 12.38 -79.01 3.67
CA THR C 745 13.04 -78.33 4.78
C THR C 745 13.88 -77.17 4.28
N LEU C 746 14.32 -76.33 5.22
CA LEU C 746 15.22 -75.24 4.84
C LEU C 746 16.52 -75.79 4.27
N ALA C 747 17.03 -76.88 4.87
CA ALA C 747 18.25 -77.49 4.37
C ALA C 747 18.09 -77.95 2.93
N GLN C 748 16.90 -78.46 2.58
CA GLN C 748 16.66 -78.91 1.22
C GLN C 748 16.52 -77.72 0.27
N TYR C 749 15.90 -76.63 0.72
CA TYR C 749 15.83 -75.43 -0.10
C TYR C 749 17.22 -74.84 -0.35
N LEU C 750 18.08 -74.87 0.67
CA LEU C 750 19.45 -74.35 0.50
C LEU C 750 20.23 -75.18 -0.51
N ASP C 751 20.09 -76.52 -0.45
CA ASP C 751 20.80 -77.37 -1.39
C ASP C 751 20.28 -77.21 -2.81
N ALA C 752 18.96 -77.03 -2.96
CA ALA C 752 18.40 -76.82 -4.29
C ALA C 752 18.87 -75.50 -4.87
N ALA C 753 18.96 -74.45 -4.03
CA ALA C 753 19.45 -73.16 -4.50
C ALA C 753 20.90 -73.22 -4.94
N ALA C 754 21.72 -74.05 -4.27
CA ALA C 754 23.14 -74.16 -4.55
C ALA C 754 23.50 -75.38 -5.40
N ALA C 755 22.52 -75.94 -6.13
CA ALA C 755 22.80 -77.16 -6.89
C ALA C 755 23.76 -76.90 -8.03
N GLY C 756 23.80 -75.66 -8.56
CA GLY C 756 24.61 -75.34 -9.70
C GLY C 756 26.08 -75.17 -9.36
N ASP C 757 26.82 -74.70 -10.37
CA ASP C 757 28.27 -74.49 -10.26
C ASP C 757 28.55 -73.00 -10.11
N GLY C 758 28.98 -72.60 -8.93
CA GLY C 758 29.38 -71.23 -8.66
C GLY C 758 30.88 -71.03 -8.62
N SER C 759 31.67 -72.05 -8.96
CA SER C 759 33.13 -71.95 -8.91
C SER C 759 33.65 -70.97 -9.95
N GLY C 760 33.02 -70.91 -11.12
CA GLY C 760 33.48 -69.98 -12.13
C GLY C 760 32.96 -68.59 -11.88
N THR C 761 31.63 -68.49 -11.71
CA THR C 761 30.98 -67.22 -11.40
C THR C 761 29.85 -67.50 -10.41
N SER C 762 29.83 -66.75 -9.31
CA SER C 762 28.80 -66.95 -8.30
C SER C 762 27.43 -66.56 -8.85
N VAL C 763 26.41 -67.33 -8.48
CA VAL C 763 25.04 -67.13 -8.93
C VAL C 763 24.15 -66.89 -7.73
N ALA C 764 23.08 -66.14 -7.95
CA ALA C 764 22.10 -65.82 -6.91
C ALA C 764 20.77 -66.52 -7.21
N LYS C 765 20.18 -67.10 -6.18
CA LYS C 765 18.82 -67.66 -6.27
C LYS C 765 18.05 -67.26 -5.03
N TRP C 766 16.73 -67.48 -5.07
CA TRP C 766 15.88 -67.13 -3.94
C TRP C 766 14.76 -68.13 -3.80
N PHE C 767 14.20 -68.20 -2.59
CA PHE C 767 13.07 -69.08 -2.33
C PHE C 767 12.31 -68.56 -1.12
N GLN C 768 11.17 -69.20 -0.85
CA GLN C 768 10.35 -68.88 0.32
C GLN C 768 10.08 -70.14 1.10
N PHE C 769 10.33 -70.09 2.41
CA PHE C 769 10.19 -71.25 3.27
C PHE C 769 9.71 -70.78 4.64
N GLY C 770 8.79 -71.52 5.22
CA GLY C 770 8.33 -71.21 6.57
C GLY C 770 7.76 -69.82 6.75
N GLY C 771 7.26 -69.22 5.67
CA GLY C 771 6.71 -67.88 5.72
C GLY C 771 7.71 -66.76 5.57
N ASP C 772 8.97 -67.06 5.27
CA ASP C 772 9.98 -66.04 5.06
C ASP C 772 10.67 -66.26 3.72
N THR C 773 11.40 -65.24 3.28
CA THR C 773 12.07 -65.25 1.99
C THR C 773 13.58 -65.30 2.18
N TYR C 774 14.26 -66.07 1.33
CA TYR C 774 15.69 -66.28 1.45
C TYR C 774 16.38 -66.01 0.13
N VAL C 775 17.59 -65.45 0.20
CA VAL C 775 18.44 -65.21 -0.97
C VAL C 775 19.74 -65.97 -0.75
N VAL C 776 20.19 -66.66 -1.80
CA VAL C 776 21.37 -67.52 -1.74
C VAL C 776 22.36 -67.09 -2.81
N VAL C 777 23.65 -67.13 -2.47
CA VAL C 777 24.75 -66.94 -3.40
C VAL C 777 25.54 -68.24 -3.43
N ASP C 778 25.54 -68.92 -4.57
CA ASP C 778 26.28 -70.18 -4.73
C ASP C 778 27.67 -69.84 -5.25
N SER C 779 28.71 -70.17 -4.49
CA SER C 779 30.05 -69.81 -4.93
C SER C 779 30.97 -71.01 -5.04
N SER C 780 30.42 -72.18 -5.29
CA SER C 780 31.22 -73.39 -5.19
C SER C 780 30.47 -74.50 -5.93
N ALA C 781 31.24 -75.44 -6.51
CA ALA C 781 30.73 -76.35 -7.54
C ALA C 781 29.80 -77.45 -7.04
N GLY C 782 29.90 -77.89 -5.78
CA GLY C 782 29.06 -79.00 -5.33
C GLY C 782 27.59 -78.66 -5.38
N ALA C 783 26.78 -79.72 -5.37
CA ALA C 783 25.35 -79.57 -5.41
C ALA C 783 24.74 -79.32 -4.04
N THR C 784 25.56 -79.34 -2.99
CA THR C 784 25.09 -79.09 -1.63
C THR C 784 25.54 -77.70 -1.19
N PHE C 785 24.67 -77.03 -0.44
CA PHE C 785 25.01 -75.73 0.12
C PHE C 785 26.21 -75.87 1.04
N VAL C 786 27.23 -75.04 0.79
CA VAL C 786 28.47 -75.08 1.56
C VAL C 786 28.46 -73.91 2.55
N SER C 787 28.41 -74.23 3.84
CA SER C 787 28.39 -73.20 4.87
C SER C 787 29.74 -72.51 4.92
N GLY C 788 29.71 -71.17 4.97
CA GLY C 788 30.91 -70.37 4.98
C GLY C 788 31.46 -70.04 3.61
N ALA C 789 31.03 -70.75 2.56
CA ALA C 789 31.42 -70.45 1.19
C ALA C 789 30.26 -69.90 0.38
N ASP C 790 29.11 -70.55 0.43
CA ASP C 790 27.87 -70.00 -0.10
C ASP C 790 27.15 -69.25 1.00
N ALA C 791 26.38 -68.23 0.61
CA ALA C 791 25.75 -67.34 1.57
C ALA C 791 24.25 -67.48 1.52
N VAL C 792 23.61 -67.24 2.66
CA VAL C 792 22.15 -67.17 2.74
C VAL C 792 21.75 -65.93 3.52
N ILE C 793 20.81 -65.16 2.96
CA ILE C 793 20.28 -63.95 3.58
C ILE C 793 18.78 -64.16 3.73
N LYS C 794 18.26 -63.87 4.93
CA LYS C 794 16.86 -64.13 5.25
C LYS C 794 16.10 -62.82 5.32
N LEU C 795 14.95 -62.77 4.66
CA LEU C 795 14.03 -61.65 4.74
C LEU C 795 12.74 -62.11 5.40
N THR C 796 12.35 -61.41 6.46
CA THR C 796 11.15 -61.77 7.21
C THR C 796 9.92 -61.58 6.34
N GLY C 797 9.07 -62.60 6.30
CA GLY C 797 7.85 -62.54 5.53
C GLY C 797 8.04 -62.98 4.09
N LEU C 798 6.92 -62.97 3.37
CA LEU C 798 6.90 -63.30 1.96
C LEU C 798 7.05 -62.01 1.16
N VAL C 799 8.20 -61.83 0.53
CA VAL C 799 8.44 -60.71 -0.37
C VAL C 799 8.80 -61.27 -1.73
N THR C 800 8.05 -60.86 -2.76
CA THR C 800 8.25 -61.34 -4.13
C THR C 800 9.47 -60.68 -4.74
N LEU C 801 10.45 -61.48 -5.15
CA LEU C 801 11.65 -60.97 -5.78
C LEU C 801 11.67 -61.17 -7.29
N THR C 802 10.56 -61.63 -7.87
CA THR C 802 10.57 -62.01 -9.28
C THR C 802 10.81 -60.83 -10.20
N THR C 803 10.19 -59.69 -9.92
CA THR C 803 10.37 -58.51 -10.76
C THR C 803 11.53 -57.62 -10.30
N SER C 804 12.27 -58.04 -9.27
CA SER C 804 13.41 -57.27 -8.78
C SER C 804 14.68 -57.66 -9.53
N ALA C 805 15.52 -56.66 -9.82
CA ALA C 805 16.66 -56.82 -10.71
C ALA C 805 17.97 -56.56 -9.98
N PHE C 806 19.01 -57.27 -10.42
CA PHE C 806 20.38 -57.05 -9.97
C PHE C 806 21.04 -56.04 -10.91
N ALA C 807 21.64 -54.99 -10.34
CA ALA C 807 22.40 -54.02 -11.12
C ALA C 807 23.78 -53.93 -10.49
N THR C 808 24.79 -54.36 -11.24
CA THR C 808 26.16 -54.54 -10.77
C THR C 808 26.18 -55.06 -9.34
N GLU C 809 25.60 -56.27 -9.19
CA GLU C 809 25.53 -57.05 -7.95
C GLU C 809 24.73 -56.38 -6.84
N VAL C 810 23.83 -55.46 -7.18
CA VAL C 810 22.95 -54.82 -6.21
C VAL C 810 21.52 -55.10 -6.61
N LEU C 811 20.75 -55.69 -5.68
CA LEU C 811 19.36 -56.01 -5.92
C LEU C 811 18.47 -54.92 -5.31
N THR C 812 17.65 -54.30 -6.15
CA THR C 812 16.70 -53.28 -5.71
C THR C 812 15.30 -53.90 -5.71
N LEU C 813 14.66 -53.95 -4.55
CA LEU C 813 13.37 -54.60 -4.43
C LEU C 813 12.31 -53.82 -5.21
N ALA C 814 11.57 -54.54 -6.05
CA ALA C 814 10.50 -53.95 -6.85
C ALA C 814 9.21 -54.76 -6.73
N VAL D 35 -49.32 28.66 18.44
CA VAL D 35 -50.39 28.72 17.44
C VAL D 35 -49.82 28.76 16.02
N SER D 36 -50.33 27.89 15.16
CA SER D 36 -49.84 27.79 13.79
C SER D 36 -50.02 29.12 13.04
N GLY D 37 -49.02 29.46 12.22
CA GLY D 37 -49.04 30.71 11.50
C GLY D 37 -49.20 30.54 10.01
N SER D 38 -48.44 31.28 9.22
CA SER D 38 -48.57 31.29 7.77
C SER D 38 -47.37 30.63 7.11
N THR D 39 -47.59 30.18 5.87
CA THR D 39 -46.52 29.71 5.01
C THR D 39 -46.27 30.78 3.95
N LEU D 40 -45.03 31.23 3.86
CA LEU D 40 -44.62 32.40 3.09
C LEU D 40 -43.57 31.96 2.08
N SER D 41 -43.99 31.79 0.83
CA SER D 41 -43.09 31.34 -0.22
C SER D 41 -42.33 32.51 -0.84
N LEU D 42 -41.00 32.40 -0.85
CA LEU D 42 -40.19 33.37 -1.56
C LEU D 42 -40.33 33.16 -3.07
N THR D 43 -39.95 34.19 -3.83
CA THR D 43 -40.01 34.15 -5.29
C THR D 43 -38.62 34.33 -5.87
N THR D 44 -38.53 34.22 -7.19
CA THR D 44 -37.28 34.49 -7.89
C THR D 44 -36.99 35.99 -7.98
N GLY D 45 -37.92 36.83 -7.53
CA GLY D 45 -37.67 38.26 -7.42
C GLY D 45 -37.18 38.63 -6.04
N THR D 46 -37.04 39.94 -5.82
CA THR D 46 -36.67 40.46 -4.52
C THR D 46 -37.92 40.54 -3.65
N ASP D 47 -37.96 39.75 -2.58
CA ASP D 47 -39.14 39.66 -1.73
C ASP D 47 -38.95 40.49 -0.47
N THR D 48 -40.06 41.03 0.04
CA THR D 48 -40.09 41.71 1.32
C THR D 48 -41.24 41.07 2.09
N LEU D 49 -40.92 40.09 2.93
CA LEU D 49 -41.93 39.27 3.58
C LEU D 49 -41.84 39.45 5.08
N THR D 50 -42.97 39.79 5.69
CA THR D 50 -43.08 39.90 7.14
C THR D 50 -44.09 38.89 7.63
N GLY D 51 -43.68 38.07 8.59
CA GLY D 51 -44.53 37.02 9.11
C GLY D 51 -45.60 37.58 10.03
N THR D 52 -46.32 36.67 10.63
CA THR D 52 -47.37 37.00 11.59
C THR D 52 -46.80 36.93 13.00
N ALA D 53 -47.65 37.25 13.97
CA ALA D 53 -47.29 37.08 15.37
C ALA D 53 -47.28 35.61 15.76
N ASN D 54 -47.55 34.71 14.80
CA ASN D 54 -47.60 33.29 15.07
C ASN D 54 -46.40 32.57 14.49
N ASN D 55 -46.45 31.23 14.54
CA ASN D 55 -45.35 30.38 14.10
C ASN D 55 -45.42 30.23 12.59
N ASP D 56 -44.52 30.90 11.88
CA ASP D 56 -44.56 30.92 10.43
C ASP D 56 -43.44 30.07 9.85
N THR D 57 -43.63 29.65 8.61
CA THR D 57 -42.65 28.91 7.85
C THR D 57 -42.36 29.70 6.57
N PHE D 58 -41.13 30.16 6.43
CA PHE D 58 -40.68 30.84 5.23
C PHE D 58 -40.05 29.81 4.31
N VAL D 59 -40.57 29.70 3.09
CA VAL D 59 -40.15 28.66 2.17
C VAL D 59 -39.33 29.32 1.06
N ALA D 60 -38.05 29.01 1.02
CA ALA D 60 -37.14 29.48 -0.02
C ALA D 60 -36.74 28.28 -0.88
N GLY D 61 -37.70 27.78 -1.63
CA GLY D 61 -37.47 26.65 -2.53
C GLY D 61 -37.01 27.07 -3.90
N GLU D 62 -37.34 26.25 -4.90
CA GLU D 62 -37.08 26.49 -6.30
C GLU D 62 -38.38 26.72 -7.04
N VAL D 63 -38.33 27.53 -8.10
CA VAL D 63 -39.45 27.66 -9.02
C VAL D 63 -38.89 27.28 -10.39
N ALA D 64 -39.29 26.09 -10.88
CA ALA D 64 -38.84 25.57 -12.16
C ALA D 64 -37.32 25.54 -12.24
N GLY D 65 -36.69 25.16 -11.14
CA GLY D 65 -35.24 25.05 -11.09
C GLY D 65 -34.50 26.33 -10.72
N ALA D 66 -35.21 27.42 -10.48
CA ALA D 66 -34.57 28.69 -10.17
C ALA D 66 -34.75 29.00 -8.69
N ALA D 67 -33.66 29.44 -8.05
CA ALA D 67 -33.66 29.72 -6.62
C ALA D 67 -34.55 30.91 -6.27
N THR D 68 -35.14 30.85 -5.08
CA THR D 68 -35.97 31.93 -4.59
C THR D 68 -35.37 32.73 -3.44
N LEU D 69 -34.31 32.26 -2.78
CA LEU D 69 -33.56 33.13 -1.87
C LEU D 69 -32.55 33.86 -2.73
N THR D 70 -32.83 35.12 -3.03
CA THR D 70 -32.19 35.83 -4.12
C THR D 70 -31.83 37.23 -3.64
N VAL D 71 -31.12 37.96 -4.51
CA VAL D 71 -30.58 39.28 -4.19
C VAL D 71 -31.66 40.18 -3.63
N GLY D 72 -31.37 40.81 -2.48
CA GLY D 72 -32.20 41.85 -1.91
C GLY D 72 -33.34 41.38 -1.02
N ASP D 73 -33.55 40.06 -0.90
CA ASP D 73 -34.65 39.55 -0.09
C ASP D 73 -34.55 40.09 1.34
N THR D 74 -35.70 40.45 1.91
CA THR D 74 -35.78 40.92 3.28
C THR D 74 -36.86 40.10 3.99
N LEU D 75 -36.47 39.32 4.98
CA LEU D 75 -37.40 38.46 5.71
C LEU D 75 -37.43 38.88 7.17
N SER D 76 -38.64 39.05 7.70
CA SER D 76 -38.85 39.38 9.10
C SER D 76 -39.87 38.41 9.67
N GLY D 77 -39.44 37.60 10.65
CA GLY D 77 -40.31 36.59 11.20
C GLY D 77 -41.43 37.15 12.06
N GLY D 78 -41.19 38.26 12.74
CA GLY D 78 -42.17 38.71 13.69
C GLY D 78 -42.16 37.81 14.93
N ALA D 79 -43.17 38.04 15.78
CA ALA D 79 -43.29 37.26 17.00
C ALA D 79 -43.57 35.79 16.71
N GLY D 80 -43.32 34.96 17.70
CA GLY D 80 -43.49 33.53 17.56
C GLY D 80 -42.23 32.82 17.10
N THR D 81 -42.34 31.49 17.07
CA THR D 81 -41.23 30.62 16.71
C THR D 81 -41.29 30.41 15.21
N ASP D 82 -40.32 30.97 14.49
CA ASP D 82 -40.39 31.06 13.04
C ASP D 82 -39.26 30.25 12.42
N VAL D 83 -39.50 29.77 11.21
CA VAL D 83 -38.59 28.87 10.51
C VAL D 83 -38.43 29.35 9.08
N LEU D 84 -37.20 29.25 8.58
CA LEU D 84 -36.89 29.46 7.17
C LEU D 84 -36.31 28.16 6.62
N ASN D 85 -36.98 27.59 5.61
CA ASN D 85 -36.53 26.38 4.94
C ASN D 85 -36.01 26.77 3.55
N TRP D 86 -34.70 26.68 3.38
CA TRP D 86 -34.02 27.06 2.15
C TRP D 86 -33.58 25.76 1.49
N VAL D 87 -34.18 25.43 0.35
CA VAL D 87 -33.94 24.15 -0.31
C VAL D 87 -33.83 24.38 -1.81
N GLN D 88 -32.78 23.83 -2.41
CA GLN D 88 -32.57 23.98 -3.85
C GLN D 88 -31.62 22.87 -4.28
N ALA D 89 -31.80 22.41 -5.52
CA ALA D 89 -30.93 21.37 -6.05
C ALA D 89 -29.51 21.88 -6.24
N ALA D 90 -29.37 23.09 -6.78
CA ALA D 90 -28.06 23.65 -7.02
C ALA D 90 -27.32 23.92 -5.70
N ALA D 91 -26.00 23.92 -5.79
CA ALA D 91 -25.18 24.24 -4.63
C ALA D 91 -25.56 25.60 -4.07
N VAL D 92 -25.49 25.70 -2.75
CA VAL D 92 -25.58 26.99 -2.08
C VAL D 92 -24.16 27.56 -2.02
N THR D 93 -23.96 28.74 -2.59
CA THR D 93 -22.60 29.28 -2.66
C THR D 93 -22.37 30.50 -1.76
N ALA D 94 -23.42 31.20 -1.33
CA ALA D 94 -23.27 32.31 -0.41
C ALA D 94 -24.65 32.83 -0.06
N LEU D 95 -24.72 33.61 1.02
CA LEU D 95 -25.87 34.47 1.22
C LEU D 95 -25.85 35.54 0.13
N PRO D 96 -26.94 35.71 -0.62
CA PRO D 96 -26.93 36.69 -1.72
C PRO D 96 -26.79 38.14 -1.23
N THR D 97 -26.32 38.98 -2.15
CA THR D 97 -26.16 40.41 -1.90
C THR D 97 -27.46 41.01 -1.40
N GLY D 98 -27.36 41.77 -0.30
CA GLY D 98 -28.47 42.55 0.21
C GLY D 98 -29.56 41.78 0.91
N VAL D 99 -29.36 40.48 1.15
CA VAL D 99 -30.35 39.69 1.85
C VAL D 99 -30.24 39.96 3.34
N THR D 100 -31.37 40.23 4.00
CA THR D 100 -31.41 40.37 5.45
C THR D 100 -32.51 39.48 5.99
N ILE D 101 -32.18 38.74 7.05
CA ILE D 101 -33.10 37.82 7.70
C ILE D 101 -33.14 38.21 9.17
N SER D 102 -34.34 38.54 9.67
N SER D 102 -34.33 38.55 9.68
CA SER D 102 -34.52 38.91 11.07
CA SER D 102 -34.49 38.91 11.08
C SER D 102 -35.72 38.18 11.64
C SER D 102 -35.73 38.22 11.65
N GLY D 103 -35.70 37.96 12.95
CA GLY D 103 -36.85 37.39 13.64
C GLY D 103 -37.17 35.94 13.33
N ILE D 104 -36.30 35.22 12.63
CA ILE D 104 -36.54 33.82 12.29
C ILE D 104 -35.60 32.97 13.15
N GLU D 105 -36.19 32.10 13.97
CA GLU D 105 -35.42 31.44 15.00
C GLU D 105 -34.62 30.25 14.46
N THR D 106 -35.12 29.57 13.43
CA THR D 106 -34.45 28.42 12.84
C THR D 106 -34.31 28.60 11.34
N MET D 107 -33.14 28.26 10.82
CA MET D 107 -32.88 28.33 9.38
C MET D 107 -32.37 26.96 8.94
N ASN D 108 -33.14 26.28 8.11
CA ASN D 108 -32.75 25.00 7.54
C ASN D 108 -32.30 25.19 6.10
N VAL D 109 -31.12 24.68 5.77
CA VAL D 109 -30.55 24.84 4.44
C VAL D 109 -30.24 23.46 3.89
N THR D 110 -30.87 23.10 2.79
CA THR D 110 -30.68 21.80 2.17
C THR D 110 -30.35 22.03 0.71
N SER D 111 -29.25 21.44 0.24
CA SER D 111 -28.89 21.56 -1.15
C SER D 111 -28.68 20.17 -1.74
N GLY D 112 -28.90 20.06 -3.04
CA GLY D 112 -28.59 18.85 -3.75
C GLY D 112 -27.12 18.71 -4.08
N ALA D 113 -26.36 19.77 -3.85
CA ALA D 113 -24.92 19.75 -4.03
C ALA D 113 -24.28 20.34 -2.78
N ALA D 114 -23.17 21.06 -2.92
CA ALA D 114 -22.44 21.57 -1.76
C ALA D 114 -23.14 22.79 -1.15
N ILE D 115 -22.77 23.10 0.09
CA ILE D 115 -23.22 24.30 0.78
C ILE D 115 -22.01 25.09 1.20
N THR D 116 -21.92 26.33 0.75
CA THR D 116 -20.95 27.31 1.22
C THR D 116 -21.75 28.52 1.69
N LEU D 117 -21.67 28.84 2.98
CA LEU D 117 -22.59 29.81 3.55
C LEU D 117 -21.97 30.49 4.76
N ASN D 118 -22.10 31.81 4.83
CA ASN D 118 -21.65 32.61 5.96
C ASN D 118 -22.85 33.41 6.43
N THR D 119 -23.35 33.11 7.63
CA THR D 119 -24.49 33.83 8.19
C THR D 119 -24.06 34.77 9.32
N SER D 120 -22.77 35.10 9.43
CA SER D 120 -22.33 35.97 10.51
C SER D 120 -22.65 37.44 10.25
N SER D 121 -23.29 37.76 9.13
CA SER D 121 -23.77 39.11 8.90
C SER D 121 -25.08 39.06 8.11
N GLY D 122 -25.93 40.06 8.36
CA GLY D 122 -27.25 40.16 7.77
C GLY D 122 -28.34 39.32 8.42
N VAL D 123 -28.01 38.50 9.42
CA VAL D 123 -28.94 37.54 10.01
C VAL D 123 -29.08 37.82 11.50
N THR D 124 -30.12 38.54 11.87
CA THR D 124 -30.41 38.85 13.26
C THR D 124 -31.43 37.89 13.85
N GLY D 125 -31.17 37.45 15.09
CA GLY D 125 -32.14 36.67 15.83
C GLY D 125 -32.16 35.19 15.56
N LEU D 126 -31.25 34.66 14.74
CA LEU D 126 -31.21 33.24 14.47
C LEU D 126 -30.52 32.49 15.62
N THR D 127 -31.16 31.45 16.13
CA THR D 127 -30.55 30.66 17.18
C THR D 127 -30.21 29.25 16.74
N ALA D 128 -30.73 28.78 15.60
CA ALA D 128 -30.41 27.45 15.08
C ALA D 128 -30.22 27.55 13.58
N LEU D 129 -29.05 27.13 13.11
CA LEU D 129 -28.73 27.05 11.69
C LEU D 129 -28.41 25.58 11.40
N ASN D 130 -29.18 24.98 10.50
CA ASN D 130 -29.01 23.58 10.13
C ASN D 130 -28.73 23.50 8.64
N THR D 131 -27.57 22.95 8.28
CA THR D 131 -27.15 22.84 6.89
C THR D 131 -27.02 21.37 6.54
N ASN D 132 -27.58 20.97 5.38
CA ASN D 132 -27.76 19.55 5.05
C ASN D 132 -27.31 19.28 3.62
N THR D 133 -26.34 18.37 3.47
CA THR D 133 -25.89 17.88 2.18
C THR D 133 -25.82 16.36 2.20
N SER D 134 -25.72 15.77 1.01
CA SER D 134 -25.45 14.36 0.85
C SER D 134 -24.50 14.19 -0.32
N GLY D 135 -23.36 13.55 -0.10
CA GLY D 135 -22.37 13.41 -1.15
C GLY D 135 -21.78 14.72 -1.63
N ALA D 136 -21.68 15.73 -0.77
CA ALA D 136 -21.15 17.02 -1.18
C ALA D 136 -20.60 17.76 0.03
N ALA D 137 -19.68 18.68 -0.23
CA ALA D 137 -18.96 19.39 0.83
C ALA D 137 -19.85 20.40 1.54
N GLN D 138 -19.41 20.79 2.74
CA GLN D 138 -20.00 21.87 3.50
C GLN D 138 -18.89 22.78 4.01
N THR D 139 -19.04 24.08 3.80
CA THR D 139 -18.11 25.11 4.30
C THR D 139 -18.97 26.22 4.87
N VAL D 140 -19.18 26.20 6.19
CA VAL D 140 -20.20 27.02 6.83
C VAL D 140 -19.56 27.85 7.95
N THR D 141 -19.85 29.15 7.95
CA THR D 141 -19.49 30.03 9.04
C THR D 141 -20.77 30.63 9.61
N ALA D 142 -21.02 30.39 10.89
CA ALA D 142 -22.20 30.90 11.58
C ALA D 142 -21.82 32.06 12.49
N GLY D 143 -22.81 32.91 12.77
CA GLY D 143 -22.62 33.94 13.77
C GLY D 143 -22.42 33.35 15.17
N ALA D 144 -21.76 34.13 16.03
CA ALA D 144 -21.36 33.64 17.34
C ALA D 144 -22.54 33.31 18.25
N GLY D 145 -23.75 33.77 17.93
CA GLY D 145 -24.93 33.42 18.70
C GLY D 145 -25.80 32.37 18.07
N GLN D 146 -25.35 31.69 17.02
CA GLN D 146 -26.15 30.74 16.27
C GLN D 146 -25.63 29.33 16.51
N ASN D 147 -26.50 28.45 17.02
CA ASN D 147 -26.17 27.04 17.12
C ASN D 147 -26.15 26.42 15.72
N LEU D 148 -25.03 25.81 15.35
CA LEU D 148 -24.85 25.25 14.02
C LEU D 148 -24.91 23.73 14.08
N THR D 149 -25.70 23.14 13.19
CA THR D 149 -25.71 21.69 13.00
C THR D 149 -25.48 21.41 11.52
N ALA D 150 -24.31 20.87 11.19
CA ALA D 150 -23.97 20.51 9.82
C ALA D 150 -24.13 19.00 9.67
N THR D 151 -25.13 18.57 8.92
CA THR D 151 -25.42 17.16 8.74
C THR D 151 -25.08 16.77 7.30
N THR D 152 -24.15 15.84 7.15
CA THR D 152 -23.71 15.38 5.84
C THR D 152 -23.87 13.87 5.76
N ALA D 153 -24.65 13.40 4.78
CA ALA D 153 -24.73 11.99 4.47
C ALA D 153 -23.75 11.67 3.34
N ALA D 154 -23.28 10.43 3.32
CA ALA D 154 -22.40 9.92 2.27
C ALA D 154 -21.28 10.92 1.97
N GLN D 155 -20.63 11.40 3.04
CA GLN D 155 -19.61 12.44 2.85
C GLN D 155 -18.48 11.96 1.97
N ALA D 156 -18.07 10.69 2.13
CA ALA D 156 -17.01 10.10 1.32
C ALA D 156 -15.76 10.95 1.32
N ALA D 157 -15.32 11.38 0.13
CA ALA D 157 -14.07 12.13 0.00
C ALA D 157 -14.27 13.64 0.10
N ASN D 158 -15.51 14.11 0.26
CA ASN D 158 -15.76 15.52 0.45
C ASN D 158 -15.37 15.97 1.86
N ASN D 159 -14.92 17.21 1.96
CA ASN D 159 -14.47 17.80 3.22
C ASN D 159 -15.58 18.65 3.84
N VAL D 160 -15.63 18.64 5.16
CA VAL D 160 -16.57 19.46 5.94
C VAL D 160 -15.75 20.42 6.80
N ALA D 161 -16.05 21.72 6.67
CA ALA D 161 -15.38 22.76 7.44
C ALA D 161 -16.44 23.70 7.99
N VAL D 162 -16.47 23.85 9.32
CA VAL D 162 -17.41 24.75 9.97
C VAL D 162 -16.65 25.68 10.89
N ASP D 163 -17.17 26.91 11.01
CA ASP D 163 -16.54 27.93 11.81
C ASP D 163 -17.62 28.77 12.47
N GLY D 164 -17.21 29.48 13.53
CA GLY D 164 -18.12 30.36 14.23
C GLY D 164 -19.13 29.57 15.03
N GLY D 165 -20.31 30.18 15.20
CA GLY D 165 -21.42 29.53 15.86
C GLY D 165 -21.35 29.64 17.37
N ALA D 166 -22.48 29.29 18.00
CA ALA D 166 -22.52 29.11 19.43
C ALA D 166 -22.13 27.66 19.74
N ASN D 167 -23.12 26.80 19.97
CA ASN D 167 -22.86 25.37 19.99
C ASN D 167 -22.74 24.87 18.56
N VAL D 168 -21.72 24.08 18.28
CA VAL D 168 -21.47 23.55 16.95
C VAL D 168 -21.61 22.03 17.00
N THR D 169 -22.37 21.48 16.06
CA THR D 169 -22.58 20.04 15.93
C THR D 169 -22.32 19.62 14.49
N VAL D 170 -21.45 18.64 14.31
CA VAL D 170 -21.18 18.04 13.02
C VAL D 170 -21.62 16.58 13.09
N ALA D 171 -22.52 16.19 12.17
CA ALA D 171 -23.10 14.84 12.13
C ALA D 171 -22.85 14.28 10.74
N SER D 172 -21.81 13.45 10.62
CA SER D 172 -21.32 12.99 9.33
C SER D 172 -21.35 11.47 9.26
N THR D 173 -21.93 10.95 8.18
CA THR D 173 -22.00 9.51 7.94
C THR D 173 -21.49 9.19 6.54
N GLY D 174 -21.13 7.92 6.33
CA GLY D 174 -20.58 7.51 5.05
C GLY D 174 -19.29 8.21 4.69
N VAL D 175 -18.55 8.67 5.70
CA VAL D 175 -17.29 9.36 5.46
C VAL D 175 -16.24 8.36 4.99
N THR D 176 -15.41 8.78 4.03
CA THR D 176 -14.21 8.00 3.74
C THR D 176 -13.00 8.89 3.98
N SER D 177 -12.31 9.30 2.93
CA SER D 177 -11.11 10.12 3.07
C SER D 177 -11.40 11.58 3.37
N GLY D 178 -12.66 12.02 3.31
CA GLY D 178 -12.95 13.43 3.55
C GLY D 178 -12.62 13.86 4.97
N THR D 179 -12.19 15.11 5.11
CA THR D 179 -11.78 15.62 6.40
C THR D 179 -12.93 16.35 7.10
N THR D 180 -12.74 16.58 8.41
CA THR D 180 -13.70 17.25 9.26
C THR D 180 -12.94 18.29 10.09
N THR D 181 -13.22 19.57 9.87
CA THR D 181 -12.46 20.64 10.53
C THR D 181 -13.39 21.67 11.15
N VAL D 182 -13.23 21.91 12.45
CA VAL D 182 -14.05 22.84 13.20
C VAL D 182 -13.16 23.92 13.78
N GLY D 183 -13.53 25.19 13.55
CA GLY D 183 -12.89 26.29 14.23
C GLY D 183 -11.52 26.68 13.74
N ALA D 184 -11.13 26.27 12.54
CA ALA D 184 -9.83 26.65 12.01
C ALA D 184 -9.71 28.16 11.81
N ASN D 185 -10.82 28.84 11.55
CA ASN D 185 -10.84 30.29 11.36
C ASN D 185 -11.47 31.06 12.51
N SER D 186 -12.51 30.51 13.14
CA SER D 186 -13.15 31.15 14.26
C SER D 186 -13.80 30.09 15.13
N ALA D 187 -13.46 30.11 16.42
CA ALA D 187 -13.90 29.05 17.32
C ALA D 187 -15.37 29.20 17.67
N ALA D 188 -15.99 28.06 17.98
CA ALA D 188 -17.35 28.07 18.51
C ALA D 188 -17.40 28.82 19.83
N SER D 189 -18.48 29.56 20.06
CA SER D 189 -18.67 30.24 21.33
C SER D 189 -19.08 29.26 22.43
N GLY D 190 -19.77 28.17 22.06
CA GLY D 190 -20.19 27.16 23.01
C GLY D 190 -19.45 25.86 22.85
N THR D 191 -20.16 24.74 22.96
CA THR D 191 -19.53 23.43 22.88
C THR D 191 -19.42 22.95 21.43
N VAL D 192 -18.55 21.98 21.22
CA VAL D 192 -18.34 21.36 19.91
C VAL D 192 -18.62 19.87 20.05
N SER D 193 -19.42 19.33 19.14
CA SER D 193 -19.70 17.90 19.11
C SER D 193 -19.60 17.42 17.66
N VAL D 194 -18.67 16.49 17.42
CA VAL D 194 -18.43 15.96 16.08
C VAL D 194 -18.73 14.46 16.10
N SER D 195 -19.53 14.00 15.14
CA SER D 195 -19.75 12.57 14.93
C SER D 195 -19.42 12.22 13.48
N VAL D 196 -18.52 11.27 13.30
CA VAL D 196 -18.03 10.87 11.99
C VAL D 196 -18.12 9.35 11.92
N ALA D 197 -18.88 8.85 10.94
CA ALA D 197 -19.09 7.42 10.76
C ALA D 197 -18.55 7.00 9.39
N ASN D 198 -17.80 5.89 9.38
CA ASN D 198 -17.16 5.35 8.18
C ASN D 198 -17.44 3.86 8.13
N SER D 199 -18.01 3.38 7.03
CA SER D 199 -18.25 1.96 6.85
C SER D 199 -17.42 1.38 5.71
N SER D 200 -16.50 2.16 5.15
CA SER D 200 -15.59 1.72 4.12
C SER D 200 -14.36 1.07 4.74
N THR D 201 -13.40 0.67 3.89
CA THR D 201 -12.05 0.35 4.34
C THR D 201 -11.07 1.50 4.09
N THR D 202 -11.57 2.64 3.60
CA THR D 202 -10.71 3.79 3.36
C THR D 202 -10.53 4.58 4.65
N THR D 203 -9.29 4.82 5.03
CA THR D 203 -8.98 5.47 6.30
C THR D 203 -9.72 6.80 6.43
N THR D 204 -10.38 6.98 7.58
CA THR D 204 -11.20 8.18 7.78
C THR D 204 -10.33 9.43 7.73
N GLY D 205 -10.80 10.44 7.00
CA GLY D 205 -10.07 11.69 6.92
C GLY D 205 -9.92 12.35 8.28
N ALA D 206 -8.82 13.08 8.45
CA ALA D 206 -8.46 13.65 9.73
C ALA D 206 -9.55 14.58 10.27
N ILE D 207 -9.68 14.58 11.60
CA ILE D 207 -10.63 15.43 12.30
C ILE D 207 -9.84 16.41 13.15
N ALA D 208 -10.13 17.71 13.00
CA ALA D 208 -9.45 18.75 13.76
C ALA D 208 -10.48 19.71 14.32
N VAL D 209 -10.35 20.02 15.60
CA VAL D 209 -11.20 21.00 16.27
C VAL D 209 -10.29 21.99 16.98
N THR D 210 -10.59 23.28 16.83
CA THR D 210 -9.86 24.33 17.53
C THR D 210 -10.87 25.20 18.27
N GLY D 211 -10.74 25.24 19.59
CA GLY D 211 -11.56 26.10 20.42
C GLY D 211 -12.90 25.48 20.82
N GLY D 212 -13.59 26.18 21.71
CA GLY D 212 -14.86 25.71 22.25
C GLY D 212 -14.80 25.56 23.76
N THR D 213 -15.95 25.68 24.43
CA THR D 213 -15.94 25.52 25.89
C THR D 213 -15.72 24.07 26.29
N ALA D 214 -16.22 23.13 25.49
CA ALA D 214 -15.97 21.70 25.68
C ALA D 214 -16.13 21.02 24.32
N VAL D 215 -15.30 20.01 24.07
CA VAL D 215 -15.21 19.37 22.75
C VAL D 215 -15.45 17.88 22.91
N THR D 216 -16.28 17.32 22.03
CA THR D 216 -16.43 15.87 21.91
C THR D 216 -16.31 15.49 20.45
N VAL D 217 -15.36 14.61 20.13
CA VAL D 217 -15.20 14.06 18.80
C VAL D 217 -15.47 12.57 18.93
N ALA D 218 -16.57 12.10 18.32
CA ALA D 218 -16.99 10.70 18.39
C ALA D 218 -16.91 10.10 17.00
N GLN D 219 -16.08 9.07 16.86
CA GLN D 219 -15.89 8.32 15.63
C GLN D 219 -16.52 6.94 15.75
N THR D 220 -17.02 6.42 14.65
CA THR D 220 -17.44 5.03 14.58
C THR D 220 -16.92 4.41 13.30
N ALA D 221 -16.63 3.11 13.39
CA ALA D 221 -16.22 2.31 12.25
C ALA D 221 -17.27 1.24 12.01
N GLY D 222 -17.76 1.15 10.77
CA GLY D 222 -18.79 0.17 10.45
C GLY D 222 -18.46 -0.74 9.29
N ASN D 223 -17.16 -0.96 9.04
CA ASN D 223 -16.74 -1.83 7.95
C ASN D 223 -17.18 -3.27 8.20
N ALA D 224 -17.26 -4.04 7.12
CA ALA D 224 -17.75 -5.40 7.20
C ALA D 224 -16.71 -6.33 7.82
N VAL D 225 -17.16 -7.54 8.17
CA VAL D 225 -16.22 -8.49 8.73
C VAL D 225 -15.18 -8.86 7.68
N ASN D 226 -14.04 -9.35 8.16
CA ASN D 226 -12.91 -9.74 7.32
C ASN D 226 -12.33 -8.57 6.54
N THR D 227 -12.59 -7.34 6.98
CA THR D 227 -11.94 -6.16 6.44
C THR D 227 -11.41 -5.34 7.60
N THR D 228 -10.47 -4.45 7.31
CA THR D 228 -9.89 -3.59 8.33
C THR D 228 -10.04 -2.13 7.94
N LEU D 229 -10.50 -1.30 8.88
CA LEU D 229 -10.61 0.14 8.69
C LEU D 229 -9.77 0.85 9.73
N THR D 230 -8.92 1.77 9.30
CA THR D 230 -8.19 2.65 10.20
C THR D 230 -8.99 3.93 10.38
N GLN D 231 -9.26 4.29 11.64
CA GLN D 231 -10.06 5.46 11.93
C GLN D 231 -9.20 6.73 11.86
N ALA D 232 -9.87 7.88 11.94
CA ALA D 232 -9.21 9.16 11.69
C ALA D 232 -8.31 9.56 12.86
N ASP D 233 -7.17 10.16 12.52
CA ASP D 233 -6.41 10.92 13.52
C ASP D 233 -7.23 12.14 13.95
N VAL D 234 -7.19 12.44 15.25
CA VAL D 234 -7.96 13.53 15.84
C VAL D 234 -7.01 14.52 16.48
N THR D 235 -7.17 15.80 16.16
CA THR D 235 -6.43 16.87 16.79
C THR D 235 -7.43 17.83 17.40
N VAL D 236 -7.28 18.11 18.70
CA VAL D 236 -8.13 19.07 19.39
C VAL D 236 -7.21 20.08 20.04
N THR D 237 -7.28 21.33 19.59
CA THR D 237 -6.54 22.43 20.18
C THR D 237 -7.53 23.32 20.92
N GLY D 238 -7.39 23.41 22.23
CA GLY D 238 -8.30 24.24 23.00
C GLY D 238 -8.06 25.71 22.76
N ASN D 239 -9.01 26.53 23.22
CA ASN D 239 -8.75 27.96 23.37
C ASN D 239 -8.89 28.33 24.84
N SER D 240 -9.00 29.63 25.13
CA SER D 240 -9.06 30.09 26.52
C SER D 240 -10.24 29.52 27.29
N SER D 241 -11.24 28.97 26.61
CA SER D 241 -12.45 28.50 27.27
C SER D 241 -12.55 26.98 27.37
N THR D 242 -11.60 26.24 26.79
CA THR D 242 -11.73 24.79 26.69
C THR D 242 -11.35 24.12 28.02
N THR D 243 -12.35 23.62 28.74
CA THR D 243 -12.10 22.93 30.01
C THR D 243 -12.09 21.40 29.88
N ALA D 244 -12.69 20.83 28.85
CA ALA D 244 -12.81 19.38 28.74
C ALA D 244 -12.81 18.96 27.27
N VAL D 245 -12.15 17.85 27.00
CA VAL D 245 -12.10 17.26 25.65
C VAL D 245 -12.39 15.77 25.75
N THR D 246 -13.24 15.28 24.84
CA THR D 246 -13.60 13.87 24.76
C THR D 246 -13.40 13.39 23.33
N VAL D 247 -12.71 12.27 23.16
CA VAL D 247 -12.46 11.69 21.84
C VAL D 247 -12.69 10.18 21.96
N THR D 248 -13.70 9.68 21.26
CA THR D 248 -14.08 8.27 21.29
C THR D 248 -14.05 7.68 19.89
N GLN D 249 -13.73 6.39 19.82
CA GLN D 249 -13.65 5.65 18.56
C GLN D 249 -14.22 4.26 18.76
N THR D 250 -14.40 3.54 17.64
CA THR D 250 -14.73 2.13 17.74
C THR D 250 -13.50 1.35 18.21
N ALA D 251 -13.74 0.38 19.10
CA ALA D 251 -12.65 -0.41 19.68
C ALA D 251 -11.84 -1.11 18.60
N ALA D 252 -10.53 -1.18 18.80
CA ALA D 252 -9.67 -1.89 17.86
C ALA D 252 -9.92 -3.39 17.90
N ALA D 253 -9.66 -4.05 16.77
CA ALA D 253 -9.84 -5.50 16.66
C ALA D 253 -9.10 -5.98 15.41
N THR D 254 -8.74 -7.27 15.43
CA THR D 254 -8.07 -7.90 14.31
C THR D 254 -9.10 -8.55 13.41
N ALA D 255 -9.01 -8.27 12.10
CA ALA D 255 -10.00 -8.78 11.16
C ALA D 255 -9.93 -10.29 11.04
N GLY D 256 -11.11 -10.92 10.97
CA GLY D 256 -11.24 -12.34 10.70
C GLY D 256 -12.56 -12.61 10.02
N ALA D 257 -12.81 -13.90 9.76
CA ALA D 257 -14.04 -14.27 9.06
C ALA D 257 -15.28 -13.82 9.82
N THR D 258 -15.20 -13.78 11.13
CA THR D 258 -16.32 -13.38 11.98
C THR D 258 -16.15 -11.97 12.54
N VAL D 259 -15.00 -11.33 12.32
CA VAL D 259 -14.60 -10.13 13.03
C VAL D 259 -14.23 -9.04 12.05
N ALA D 260 -14.82 -7.86 12.23
CA ALA D 260 -14.39 -6.69 11.46
C ALA D 260 -13.14 -6.10 12.14
N GLY D 261 -12.10 -5.90 11.34
CA GLY D 261 -10.89 -5.31 11.88
C GLY D 261 -10.99 -3.80 11.96
N ARG D 262 -10.41 -3.25 13.04
CA ARG D 262 -10.39 -1.80 13.25
C ARG D 262 -9.05 -1.42 13.88
N VAL D 263 -8.51 -0.30 13.40
CA VAL D 263 -7.36 0.34 14.01
C VAL D 263 -7.79 1.72 14.48
N ASN D 264 -7.32 2.12 15.65
CA ASN D 264 -7.67 3.40 16.22
C ASN D 264 -6.75 4.48 15.67
N GLY D 265 -7.29 5.69 15.50
CA GLY D 265 -6.48 6.80 15.07
C GLY D 265 -5.74 7.46 16.21
N ALA D 266 -4.68 8.19 15.87
CA ALA D 266 -3.96 8.96 16.85
C ALA D 266 -4.82 10.10 17.39
N VAL D 267 -4.44 10.59 18.58
CA VAL D 267 -5.16 11.67 19.24
C VAL D 267 -4.15 12.66 19.78
N THR D 268 -4.32 13.93 19.41
CA THR D 268 -3.46 15.01 19.89
C THR D 268 -4.34 16.10 20.48
N ILE D 269 -4.19 16.32 21.78
CA ILE D 269 -4.98 17.32 22.51
C ILE D 269 -4.00 18.30 23.14
N THR D 270 -4.18 19.59 22.82
CA THR D 270 -3.26 20.64 23.20
C THR D 270 -4.03 21.80 23.81
N ASP D 271 -3.69 22.13 25.05
CA ASP D 271 -4.20 23.34 25.67
C ASP D 271 -3.61 24.56 24.97
N SER D 272 -4.40 25.63 24.88
CA SER D 272 -3.93 26.83 24.18
C SER D 272 -2.71 27.44 24.86
N ALA D 273 -2.55 27.24 26.17
CA ALA D 273 -1.43 27.80 26.91
C ALA D 273 -0.27 26.82 27.09
N ALA D 274 -0.26 25.74 26.30
CA ALA D 274 0.70 24.66 26.53
C ALA D 274 2.15 25.11 26.39
N ALA D 275 2.41 26.11 25.55
CA ALA D 275 3.78 26.55 25.34
C ALA D 275 4.19 27.72 26.24
N SER D 276 3.27 28.30 26.99
CA SER D 276 3.58 29.52 27.71
C SER D 276 4.28 29.22 29.04
N ALA D 277 5.12 30.15 29.46
CA ALA D 277 5.79 30.05 30.74
C ALA D 277 4.96 30.62 31.88
N THR D 278 3.91 31.40 31.58
CA THR D 278 3.22 32.13 32.63
C THR D 278 1.72 31.90 32.61
N THR D 279 1.15 31.72 31.42
CA THR D 279 -0.30 31.64 31.27
C THR D 279 -0.82 30.29 31.74
N ALA D 280 -1.81 30.33 32.64
CA ALA D 280 -2.41 29.12 33.18
C ALA D 280 -3.20 28.36 32.10
N GLY D 281 -3.27 27.04 32.26
CA GLY D 281 -4.02 26.22 31.33
C GLY D 281 -5.51 26.20 31.65
N LYS D 282 -6.26 25.53 30.77
CA LYS D 282 -7.71 25.47 30.91
C LYS D 282 -8.27 24.05 30.81
N ILE D 283 -7.67 23.20 29.99
CA ILE D 283 -8.18 21.84 29.83
C ILE D 283 -7.84 21.05 31.09
N ALA D 284 -8.87 20.75 31.90
CA ALA D 284 -8.69 20.04 33.16
C ALA D 284 -9.02 18.55 33.08
N THR D 285 -9.89 18.15 32.15
CA THR D 285 -10.37 16.77 32.03
C THR D 285 -10.27 16.31 30.58
N VAL D 286 -9.73 15.12 30.37
CA VAL D 286 -9.69 14.51 29.04
C VAL D 286 -10.30 13.11 29.14
N THR D 287 -11.15 12.77 28.15
CA THR D 287 -11.77 11.45 28.07
C THR D 287 -11.44 10.81 26.73
N LEU D 288 -10.86 9.61 26.79
CA LEU D 288 -10.53 8.84 25.59
C LEU D 288 -11.23 7.50 25.67
N GLY D 289 -12.08 7.22 24.68
CA GLY D 289 -12.71 5.92 24.55
C GLY D 289 -12.15 5.20 23.35
N SER D 290 -11.14 4.34 23.58
CA SER D 290 -10.32 3.72 22.55
C SER D 290 -9.49 4.79 21.83
N PHE D 291 -8.23 4.48 21.53
CA PHE D 291 -7.33 5.47 20.95
C PHE D 291 -6.08 4.78 20.43
N GLY D 292 -5.47 5.39 19.41
CA GLY D 292 -4.16 4.95 18.97
C GLY D 292 -3.08 5.56 19.86
N ALA D 293 -2.04 6.13 19.26
CA ALA D 293 -1.02 6.84 20.02
C ALA D 293 -1.56 8.22 20.39
N ALA D 294 -1.81 8.45 21.67
CA ALA D 294 -2.48 9.64 22.14
C ALA D 294 -1.54 10.49 23.00
N THR D 295 -1.67 11.81 22.90
CA THR D 295 -0.94 12.74 23.74
C THR D 295 -1.87 13.83 24.25
N ILE D 296 -1.59 14.29 25.48
CA ILE D 296 -2.25 15.43 26.10
C ILE D 296 -1.16 16.38 26.58
N ASP D 297 -1.39 17.69 26.41
CA ASP D 297 -0.47 18.71 26.94
C ASP D 297 -1.28 19.86 27.53
N SER D 298 -1.39 19.90 28.86
CA SER D 298 -2.15 20.97 29.52
C SER D 298 -1.67 21.10 30.96
N SER D 299 -1.23 22.29 31.34
CA SER D 299 -0.85 22.56 32.72
C SER D 299 -2.01 22.44 33.70
N ALA D 300 -3.26 22.47 33.21
CA ALA D 300 -4.42 22.40 34.08
C ALA D 300 -4.98 20.98 34.22
N LEU D 301 -4.38 20.00 33.54
CA LEU D 301 -4.96 18.66 33.52
C LEU D 301 -4.86 17.99 34.89
N THR D 302 -6.00 17.52 35.39
CA THR D 302 -6.03 16.73 36.61
C THR D 302 -6.68 15.35 36.46
N THR D 303 -7.52 15.15 35.45
CA THR D 303 -8.34 13.95 35.35
C THR D 303 -8.34 13.43 33.92
N VAL D 304 -8.09 12.13 33.77
CA VAL D 304 -8.15 11.45 32.48
C VAL D 304 -9.03 10.22 32.62
N ASN D 305 -10.10 10.16 31.82
CA ASN D 305 -11.00 9.02 31.80
C ASN D 305 -10.70 8.16 30.58
N LEU D 306 -10.40 6.88 30.81
CA LEU D 306 -9.94 5.99 29.75
C LEU D 306 -10.80 4.73 29.68
N SER D 307 -11.09 4.32 28.46
CA SER D 307 -11.87 3.11 28.19
C SER D 307 -11.48 2.58 26.82
N GLY D 308 -11.84 1.33 26.57
CA GLY D 308 -11.67 0.74 25.27
C GLY D 308 -10.25 0.29 25.01
N THR D 309 -9.89 0.23 23.73
CA THR D 309 -8.59 -0.26 23.30
C THR D 309 -7.67 0.93 23.07
N GLY D 310 -6.61 1.02 23.87
CA GLY D 310 -5.63 2.08 23.74
C GLY D 310 -4.27 1.53 23.34
N THR D 311 -3.52 2.35 22.61
CA THR D 311 -2.14 2.00 22.29
C THR D 311 -1.19 2.62 23.31
N SER D 312 -1.11 3.95 23.33
CA SER D 312 -0.23 4.63 24.28
C SER D 312 -0.82 6.00 24.60
N LEU D 313 -0.44 6.53 25.76
CA LEU D 313 -0.86 7.87 26.18
C LEU D 313 0.29 8.58 26.86
N GLY D 314 0.72 9.69 26.27
CA GLY D 314 1.72 10.57 26.88
C GLY D 314 1.06 11.85 27.38
N ILE D 315 1.37 12.19 28.62
CA ILE D 315 0.73 13.31 29.30
C ILE D 315 1.79 14.35 29.61
N GLY D 316 1.65 15.53 29.01
CA GLY D 316 2.46 16.69 29.32
C GLY D 316 1.65 17.72 30.08
N ARG D 317 2.30 18.60 30.84
CA ARG D 317 1.64 19.56 31.71
C ARG D 317 1.99 20.99 31.31
N GLY D 318 2.15 21.24 30.01
CA GLY D 318 2.53 22.57 29.58
C GLY D 318 4.00 22.85 29.84
N ALA D 319 4.34 24.14 29.91
CA ALA D 319 5.73 24.57 30.01
C ALA D 319 5.85 25.76 30.95
N LEU D 320 5.05 25.77 32.01
CA LEU D 320 5.17 26.80 33.02
C LEU D 320 6.53 26.72 33.72
N THR D 321 7.10 27.88 34.01
CA THR D 321 8.37 27.91 34.71
C THR D 321 8.19 27.68 36.22
N ALA D 322 7.12 28.23 36.79
CA ALA D 322 6.85 28.06 38.22
C ALA D 322 6.69 26.58 38.57
N THR D 323 7.08 26.24 39.80
CA THR D 323 6.92 24.88 40.29
C THR D 323 5.46 24.64 40.68
N PRO D 324 4.80 23.60 40.11
CA PRO D 324 3.43 23.32 40.45
C PRO D 324 3.18 22.80 41.86
N THR D 325 1.99 23.07 42.38
CA THR D 325 1.57 22.72 43.74
C THR D 325 0.55 21.59 43.67
N ALA D 326 -0.36 21.63 42.69
CA ALA D 326 -1.32 20.53 42.48
C ALA D 326 -0.63 19.53 41.55
N ASN D 327 -0.22 18.40 42.09
CA ASN D 327 0.54 17.38 41.32
C ASN D 327 -0.14 16.00 41.43
N THR D 328 -1.46 15.99 41.42
CA THR D 328 -2.24 14.75 41.50
C THR D 328 -2.90 14.48 40.15
N LEU D 329 -2.69 13.28 39.63
CA LEU D 329 -3.30 12.82 38.39
C LEU D 329 -4.29 11.71 38.71
N THR D 330 -5.51 11.85 38.21
CA THR D 330 -6.56 10.85 38.40
C THR D 330 -6.84 10.15 37.08
N LEU D 331 -6.61 8.85 37.05
CA LEU D 331 -6.94 8.02 35.90
C LEU D 331 -8.17 7.21 36.26
N ASN D 332 -9.32 7.59 35.71
CA ASN D 332 -10.55 6.83 35.85
C ASN D 332 -10.64 5.89 34.67
N VAL D 333 -10.47 4.60 34.94
CA VAL D 333 -10.46 3.59 33.91
C VAL D 333 -11.72 2.75 34.03
N ASN D 334 -12.22 2.32 32.88
CA ASN D 334 -13.45 1.55 32.77
C ASN D 334 -13.29 0.69 31.53
N GLY D 335 -13.07 -0.61 31.73
CA GLY D 335 -12.89 -1.50 30.59
C GLY D 335 -11.77 -1.13 29.67
N LEU D 336 -10.68 -0.58 30.20
CA LEU D 336 -9.56 -0.12 29.40
C LEU D 336 -8.55 -1.24 29.19
N THR D 337 -8.05 -1.34 27.97
CA THR D 337 -6.91 -2.22 27.67
C THR D 337 -5.92 -1.43 26.83
N THR D 338 -4.74 -1.19 27.37
CA THR D 338 -3.66 -0.58 26.62
C THR D 338 -2.62 -1.64 26.27
N THR D 339 -2.10 -1.55 25.05
CA THR D 339 -0.98 -2.38 24.63
C THR D 339 0.36 -1.75 24.95
N GLY D 340 0.40 -0.43 25.09
CA GLY D 340 1.63 0.26 25.43
C GLY D 340 1.49 1.07 26.70
N ALA D 341 2.33 2.11 26.84
CA ALA D 341 2.53 2.78 28.10
C ALA D 341 1.67 4.03 28.23
N ILE D 342 1.17 4.26 29.45
CA ILE D 342 0.69 5.56 29.90
C ILE D 342 1.85 6.24 30.61
N THR D 343 2.32 7.36 30.05
CA THR D 343 3.57 7.98 30.50
C THR D 343 3.32 9.42 30.93
N ASP D 344 3.79 9.75 32.14
CA ASP D 344 3.92 11.14 32.58
C ASP D 344 5.18 11.68 31.91
N SER D 345 4.99 12.32 30.75
CA SER D 345 6.10 12.86 29.97
C SER D 345 6.71 14.11 30.57
N GLU D 346 6.04 14.73 31.55
CA GLU D 346 6.58 15.93 32.18
C GLU D 346 7.61 15.60 33.25
N ALA D 347 7.52 14.42 33.86
CA ALA D 347 8.23 14.16 35.11
C ALA D 347 9.74 14.03 34.92
N ALA D 348 10.17 13.51 33.78
CA ALA D 348 11.58 13.17 33.58
C ALA D 348 12.48 14.39 33.71
N ALA D 349 12.13 15.47 33.00
CA ALA D 349 12.95 16.68 32.97
C ALA D 349 12.26 17.87 33.60
N ASP D 350 11.03 17.73 34.09
CA ASP D 350 10.27 18.83 34.66
C ASP D 350 9.49 18.27 35.84
N ASP D 351 8.43 18.98 36.24
CA ASP D 351 7.67 18.67 37.45
C ASP D 351 6.43 17.85 37.07
N GLY D 352 6.51 16.53 37.24
CA GLY D 352 5.40 15.66 36.94
C GLY D 352 4.49 15.46 38.13
N PHE D 353 3.63 14.46 38.04
CA PHE D 353 2.67 14.17 39.08
C PHE D 353 3.35 13.37 40.20
N THR D 354 3.05 13.75 41.43
CA THR D 354 3.59 13.05 42.60
C THR D 354 2.64 12.05 43.21
N THR D 355 1.34 12.23 43.00
CA THR D 355 0.32 11.29 43.41
C THR D 355 -0.47 10.86 42.18
N ILE D 356 -0.60 9.56 41.98
CA ILE D 356 -1.39 9.01 40.88
C ILE D 356 -2.53 8.22 41.49
N ASN D 357 -3.76 8.61 41.17
CA ASN D 357 -4.95 7.90 41.62
C ASN D 357 -5.58 7.20 40.42
N ILE D 358 -5.65 5.87 40.47
CA ILE D 358 -6.30 5.09 39.44
C ILE D 358 -7.57 4.52 40.03
N ALA D 359 -8.70 4.87 39.43
CA ALA D 359 -10.02 4.43 39.87
C ALA D 359 -10.62 3.56 38.78
N GLY D 360 -10.78 2.27 39.07
CA GLY D 360 -11.36 1.33 38.12
C GLY D 360 -12.86 1.21 38.33
N SER D 361 -13.60 1.14 37.24
CA SER D 361 -15.06 1.20 37.31
C SER D 361 -15.69 0.27 36.28
N THR D 362 -16.87 -0.25 36.64
CA THR D 362 -17.78 -1.01 35.77
C THR D 362 -17.17 -2.27 35.15
N ALA D 363 -16.01 -2.16 34.50
CA ALA D 363 -15.39 -3.31 33.85
C ALA D 363 -13.89 -3.28 34.08
N SER D 364 -13.30 -4.47 34.25
CA SER D 364 -11.87 -4.59 34.54
C SER D 364 -11.02 -3.88 33.48
N SER D 365 -9.86 -3.40 33.90
CA SER D 365 -8.93 -2.69 33.03
C SER D 365 -7.53 -3.30 33.14
N THR D 366 -6.78 -3.22 32.05
CA THR D 366 -5.40 -3.67 32.01
C THR D 366 -4.55 -2.60 31.31
N ILE D 367 -3.65 -1.99 32.07
CA ILE D 367 -2.67 -1.04 31.57
C ILE D 367 -1.37 -1.80 31.35
N ALA D 368 -0.89 -1.82 30.10
CA ALA D 368 0.33 -2.57 29.79
C ALA D 368 1.52 -2.03 30.57
N SER D 369 1.68 -0.71 30.61
CA SER D 369 2.82 -0.10 31.27
C SER D 369 2.42 1.27 31.81
N LEU D 370 2.79 1.55 33.07
CA LEU D 370 2.61 2.85 33.68
C LEU D 370 3.99 3.42 34.00
N VAL D 371 4.30 4.58 33.42
CA VAL D 371 5.60 5.23 33.54
C VAL D 371 5.39 6.59 34.20
N ALA D 372 5.95 6.77 35.39
CA ALA D 372 5.74 8.01 36.15
C ALA D 372 6.98 8.27 37.01
N ALA D 373 7.89 9.11 36.51
CA ALA D 373 9.19 9.28 37.14
C ALA D 373 9.16 10.12 38.40
N ASP D 374 8.08 10.88 38.64
CA ASP D 374 7.98 11.70 39.84
C ASP D 374 6.95 11.17 40.83
N ALA D 375 6.26 10.08 40.50
CA ALA D 375 5.20 9.59 41.37
C ALA D 375 5.78 8.98 42.63
N THR D 376 5.27 9.42 43.79
CA THR D 376 5.65 8.84 45.08
C THR D 376 4.52 8.09 45.75
N THR D 377 3.26 8.33 45.36
CA THR D 377 2.12 7.61 45.91
C THR D 377 1.23 7.11 44.79
N LEU D 378 0.92 5.82 44.80
CA LEU D 378 0.00 5.23 43.84
C LEU D 378 -1.18 4.68 44.63
N ASN D 379 -2.36 5.23 44.36
CA ASN D 379 -3.60 4.79 44.99
C ASN D 379 -4.49 4.18 43.92
N ILE D 380 -4.99 2.97 44.19
CA ILE D 380 -5.83 2.24 43.24
C ILE D 380 -7.16 1.96 43.93
N SER D 381 -8.22 2.58 43.44
CA SER D 381 -9.56 2.48 44.02
C SER D 381 -10.54 1.94 42.99
N GLY D 382 -11.80 1.81 43.40
CA GLY D 382 -12.90 1.54 42.49
C GLY D 382 -13.56 0.20 42.76
N ASP D 383 -14.45 -0.17 41.85
CA ASP D 383 -15.24 -1.40 41.99
C ASP D 383 -15.06 -2.34 40.80
N ALA D 384 -13.95 -2.21 40.08
CA ALA D 384 -13.61 -3.11 38.98
C ALA D 384 -12.11 -3.29 38.97
N ARG D 385 -11.66 -4.49 38.59
CA ARG D 385 -10.25 -4.82 38.71
C ARG D 385 -9.39 -3.86 37.91
N VAL D 386 -8.25 -3.50 38.50
CA VAL D 386 -7.22 -2.73 37.81
C VAL D 386 -5.94 -3.56 37.78
N THR D 387 -5.47 -3.84 36.57
CA THR D 387 -4.22 -4.58 36.36
C THR D 387 -3.23 -3.64 35.70
N ILE D 388 -2.07 -3.49 36.32
CA ILE D 388 -0.94 -2.76 35.75
C ILE D 388 0.14 -3.80 35.49
N THR D 389 0.25 -4.24 34.23
CA THR D 389 1.16 -5.33 33.89
C THR D 389 2.60 -5.00 34.29
N SER D 390 3.02 -3.77 34.03
CA SER D 390 4.35 -3.34 34.45
C SER D 390 4.28 -1.87 34.79
N HIS D 391 5.16 -1.45 35.71
CA HIS D 391 5.25 -0.05 36.10
C HIS D 391 6.71 0.33 36.21
N THR D 392 7.00 1.59 35.85
CA THR D 392 8.33 2.16 35.99
C THR D 392 8.14 3.47 36.76
N ALA D 393 8.40 3.42 38.07
CA ALA D 393 8.15 4.57 38.93
C ALA D 393 9.08 4.44 40.15
N ALA D 394 10.37 4.74 39.91
CA ALA D 394 11.42 4.49 40.90
C ALA D 394 11.28 5.35 42.15
N ALA D 395 10.54 6.45 42.08
CA ALA D 395 10.40 7.33 43.24
C ALA D 395 9.23 6.95 44.14
N LEU D 396 8.52 5.86 43.85
CA LEU D 396 7.38 5.47 44.66
C LEU D 396 7.83 5.08 46.06
N THR D 397 7.12 5.60 47.07
CA THR D 397 7.32 5.18 48.45
C THR D 397 6.11 4.42 49.00
N GLY D 398 4.95 4.50 48.33
CA GLY D 398 3.78 3.77 48.80
C GLY D 398 2.75 3.45 47.73
N ILE D 399 2.29 2.21 47.72
CA ILE D 399 1.14 1.78 46.93
C ILE D 399 0.06 1.31 47.90
N THR D 400 -1.12 1.92 47.82
CA THR D 400 -2.25 1.53 48.65
C THR D 400 -3.44 1.26 47.73
N VAL D 401 -4.07 0.10 47.93
CA VAL D 401 -5.20 -0.33 47.11
C VAL D 401 -6.44 -0.36 48.00
N THR D 402 -7.46 0.41 47.62
CA THR D 402 -8.77 0.35 48.24
C THR D 402 -9.80 -0.29 47.33
N ASN D 403 -9.42 -0.67 46.11
CA ASN D 403 -10.34 -1.22 45.13
C ASN D 403 -11.04 -2.46 45.68
N SER D 404 -12.38 -2.42 45.68
CA SER D 404 -13.16 -3.49 46.29
C SER D 404 -13.03 -4.81 45.53
N VAL D 405 -12.69 -4.77 44.25
CA VAL D 405 -12.49 -6.00 43.49
C VAL D 405 -11.04 -6.48 43.59
N GLY D 406 -10.08 -5.56 43.52
CA GLY D 406 -8.68 -5.91 43.67
C GLY D 406 -7.78 -5.27 42.63
N ALA D 407 -6.47 -5.26 42.90
CA ALA D 407 -5.48 -4.73 41.98
C ALA D 407 -4.39 -5.77 41.75
N THR D 408 -3.91 -5.84 40.51
CA THR D 408 -2.85 -6.77 40.12
C THR D 408 -1.69 -5.98 39.53
N LEU D 409 -0.50 -6.15 40.10
CA LEU D 409 0.72 -5.52 39.60
C LEU D 409 1.69 -6.61 39.18
N GLY D 410 2.14 -6.55 37.93
CA GLY D 410 2.92 -7.62 37.35
C GLY D 410 4.41 -7.47 37.53
N ALA D 411 4.86 -6.26 37.79
CA ALA D 411 6.27 -5.99 38.04
C ALA D 411 6.58 -6.17 39.52
N GLU D 412 7.72 -6.81 39.80
CA GLU D 412 8.14 -6.97 41.18
C GLU D 412 8.40 -5.61 41.81
N LEU D 413 7.83 -5.41 42.99
CA LEU D 413 7.96 -4.14 43.70
C LEU D 413 9.40 -3.94 44.17
N ALA D 414 9.83 -2.67 44.20
CA ALA D 414 11.11 -2.34 44.79
C ALA D 414 11.14 -2.81 46.25
N THR D 415 12.34 -3.23 46.69
CA THR D 415 12.47 -3.80 48.03
C THR D 415 12.11 -2.79 49.11
N GLY D 416 12.29 -1.51 48.85
CA GLY D 416 11.94 -0.46 49.78
C GLY D 416 10.53 0.09 49.66
N LEU D 417 9.69 -0.52 48.84
CA LEU D 417 8.34 -0.01 48.56
C LEU D 417 7.33 -0.75 49.42
N VAL D 418 6.51 0.00 50.15
CA VAL D 418 5.46 -0.59 50.99
C VAL D 418 4.19 -0.71 50.16
N PHE D 419 3.54 -1.87 50.25
CA PHE D 419 2.27 -2.13 49.60
C PHE D 419 1.20 -2.44 50.63
N THR D 420 0.04 -1.81 50.48
CA THR D 420 -1.10 -2.04 51.36
C THR D 420 -2.29 -2.47 50.50
N GLY D 421 -2.69 -3.73 50.63
CA GLY D 421 -3.84 -4.21 49.91
C GLY D 421 -5.15 -3.77 50.55
N GLY D 422 -6.25 -4.04 49.85
CA GLY D 422 -7.55 -3.70 50.37
C GLY D 422 -8.44 -4.92 50.53
N ALA D 423 -9.74 -4.69 50.66
CA ALA D 423 -10.65 -5.82 50.88
C ALA D 423 -10.84 -6.67 49.63
N GLY D 424 -10.14 -6.40 48.53
CA GLY D 424 -10.29 -7.17 47.31
C GLY D 424 -9.16 -8.16 47.12
N ALA D 425 -9.23 -8.86 45.99
CA ALA D 425 -8.26 -9.89 45.64
C ALA D 425 -7.08 -9.22 44.94
N ASP D 426 -6.03 -8.93 45.70
CA ASP D 426 -4.87 -8.22 45.17
C ASP D 426 -3.74 -9.21 44.88
N SER D 427 -2.91 -8.87 43.89
CA SER D 427 -1.83 -9.74 43.45
C SER D 427 -0.60 -8.90 43.11
N ILE D 428 0.54 -9.23 43.73
CA ILE D 428 1.78 -8.49 43.56
C ILE D 428 2.95 -9.46 43.52
N LEU D 429 4.10 -8.95 43.10
CA LEU D 429 5.37 -9.65 43.16
C LEU D 429 6.30 -8.93 44.13
N LEU D 430 6.98 -9.69 44.97
CA LEU D 430 7.91 -9.15 45.96
C LEU D 430 9.28 -9.77 45.76
N GLY D 431 10.31 -8.99 46.02
CA GLY D 431 11.67 -9.47 46.17
C GLY D 431 12.05 -9.55 47.63
N ALA D 432 13.34 -9.33 47.91
CA ALA D 432 13.80 -9.33 49.28
C ALA D 432 13.38 -8.05 49.98
N THR D 433 12.09 -7.91 50.15
CA THR D 433 11.53 -6.67 50.71
C THR D 433 12.08 -6.39 52.10
N THR D 434 12.00 -5.13 52.53
CA THR D 434 12.43 -4.67 53.86
C THR D 434 11.26 -3.95 54.49
N LYS D 435 10.06 -4.20 53.99
CA LYS D 435 8.92 -3.41 54.49
C LYS D 435 7.82 -4.32 55.02
N ALA D 436 6.85 -3.75 55.69
CA ALA D 436 5.71 -4.50 56.23
C ALA D 436 4.58 -4.54 55.21
N ILE D 437 4.62 -5.52 54.32
CA ILE D 437 3.57 -5.75 53.32
C ILE D 437 2.34 -6.34 53.98
N VAL D 438 1.18 -5.74 53.70
CA VAL D 438 -0.10 -6.18 54.24
C VAL D 438 -1.10 -6.32 53.09
N MET D 439 -1.78 -7.46 53.04
CA MET D 439 -2.68 -7.78 51.93
C MET D 439 -4.14 -7.45 52.20
N GLY D 440 -4.54 -7.32 53.47
CA GLY D 440 -5.92 -7.04 53.78
C GLY D 440 -6.84 -8.23 53.52
N ALA D 441 -8.13 -7.95 53.60
CA ALA D 441 -9.13 -8.97 53.35
C ALA D 441 -9.13 -9.35 51.86
N GLY D 442 -10.01 -10.27 51.50
CA GLY D 442 -10.07 -10.79 50.15
C GLY D 442 -9.01 -11.86 49.91
N ASP D 443 -9.19 -12.58 48.81
CA ASP D 443 -8.31 -13.71 48.47
C ASP D 443 -7.12 -13.16 47.69
N ASP D 444 -6.01 -12.92 48.39
CA ASP D 444 -4.86 -12.25 47.82
C ASP D 444 -3.83 -13.25 47.28
N THR D 445 -2.91 -12.74 46.47
CA THR D 445 -1.85 -13.54 45.87
C THR D 445 -0.54 -12.77 45.93
N VAL D 446 0.50 -13.42 46.44
CA VAL D 446 1.84 -12.83 46.53
C VAL D 446 2.83 -13.79 45.90
N THR D 447 3.64 -13.29 44.98
CA THR D 447 4.69 -14.07 44.34
C THR D 447 6.04 -13.56 44.87
N VAL D 448 6.78 -14.43 45.56
CA VAL D 448 8.08 -14.07 46.13
C VAL D 448 9.17 -14.68 45.28
N SER D 449 10.19 -13.87 44.95
CA SER D 449 11.37 -14.32 44.23
C SER D 449 12.54 -14.59 45.16
N SER D 450 12.38 -14.32 46.45
CA SER D 450 13.41 -14.60 47.45
C SER D 450 12.72 -15.22 48.65
N ALA D 451 13.12 -16.44 49.01
CA ALA D 451 12.45 -17.13 50.11
C ALA D 451 12.65 -16.38 51.43
N THR D 452 13.83 -15.82 51.64
CA THR D 452 14.11 -15.03 52.83
C THR D 452 13.99 -13.56 52.46
N LEU D 453 13.10 -12.85 53.13
CA LEU D 453 12.95 -11.43 52.91
C LEU D 453 14.15 -10.66 53.48
N GLY D 454 14.20 -9.36 53.18
CA GLY D 454 15.24 -8.51 53.72
C GLY D 454 14.96 -8.10 55.15
N ALA D 455 15.95 -7.44 55.74
CA ALA D 455 15.83 -6.98 57.13
C ALA D 455 14.63 -6.06 57.28
N GLY D 456 13.76 -6.38 58.23
CA GLY D 456 12.53 -5.64 58.45
C GLY D 456 11.34 -6.06 57.61
N GLY D 457 11.53 -6.96 56.64
CA GLY D 457 10.46 -7.31 55.75
C GLY D 457 9.51 -8.35 56.34
N SER D 458 8.24 -8.22 55.96
CA SER D 458 7.20 -9.15 56.39
C SER D 458 6.06 -9.09 55.37
N VAL D 459 5.38 -10.21 55.20
CA VAL D 459 4.22 -10.32 54.32
C VAL D 459 3.11 -11.02 55.06
N ASN D 460 1.94 -10.38 55.15
CA ASN D 460 0.77 -11.03 55.72
C ASN D 460 -0.32 -11.08 54.67
N GLY D 461 -0.84 -12.29 54.41
CA GLY D 461 -1.95 -12.45 53.50
C GLY D 461 -3.26 -11.90 54.02
N GLY D 462 -3.35 -11.64 55.33
CA GLY D 462 -4.56 -11.10 55.90
C GLY D 462 -5.70 -12.09 55.90
N ASP D 463 -6.89 -11.58 56.20
CA ASP D 463 -8.10 -12.39 56.14
C ASP D 463 -8.35 -12.88 54.73
N GLY D 464 -9.05 -14.01 54.63
CA GLY D 464 -9.34 -14.63 53.34
C GLY D 464 -8.38 -15.76 53.04
N THR D 465 -8.66 -16.42 51.92
CA THR D 465 -7.85 -17.53 51.44
C THR D 465 -6.78 -16.96 50.51
N ASP D 466 -5.53 -16.97 50.97
CA ASP D 466 -4.46 -16.24 50.33
C ASP D 466 -3.43 -17.20 49.76
N VAL D 467 -2.93 -16.89 48.56
CA VAL D 467 -1.99 -17.73 47.84
C VAL D 467 -0.61 -17.09 47.88
N LEU D 468 0.37 -17.86 48.32
CA LEU D 468 1.78 -17.47 48.28
C LEU D 468 2.46 -18.28 47.20
N VAL D 469 3.05 -17.60 46.22
CA VAL D 469 3.66 -18.26 45.07
C VAL D 469 5.15 -18.30 45.27
N ALA D 470 5.71 -19.51 45.31
CA ALA D 470 7.13 -19.71 45.57
C ALA D 470 7.87 -19.80 44.23
N ASN D 471 8.33 -18.65 43.73
CA ASN D 471 9.17 -18.63 42.54
C ASN D 471 10.63 -18.76 42.95
N VAL D 472 10.92 -19.87 43.63
CA VAL D 472 12.21 -20.07 44.28
C VAL D 472 12.55 -21.56 44.21
N ASN D 473 13.81 -21.86 44.46
CA ASN D 473 14.28 -23.25 44.53
C ASN D 473 14.20 -23.67 45.98
N GLY D 474 13.08 -24.28 46.35
CA GLY D 474 12.86 -24.73 47.73
C GLY D 474 12.22 -23.66 48.58
N SER D 475 11.45 -24.12 49.57
CA SER D 475 10.71 -23.21 50.44
C SER D 475 10.22 -23.94 51.69
N SER D 476 10.07 -23.19 52.79
CA SER D 476 9.37 -23.67 53.98
C SER D 476 8.84 -22.43 54.71
N PHE D 477 7.70 -21.93 54.22
CA PHE D 477 7.21 -20.60 54.61
C PHE D 477 6.45 -20.58 55.92
N SER D 478 5.69 -21.64 56.23
CA SER D 478 4.91 -21.61 57.47
C SER D 478 5.79 -21.58 58.70
N ALA D 479 7.04 -22.05 58.60
CA ALA D 479 8.01 -21.96 59.68
C ALA D 479 8.64 -20.58 59.78
N ASP D 480 8.49 -19.73 58.77
CA ASP D 480 9.11 -18.42 58.78
C ASP D 480 8.16 -17.41 59.40
N PRO D 481 8.51 -16.81 60.55
CA PRO D 481 7.61 -15.81 61.16
C PRO D 481 7.49 -14.51 60.37
N ALA D 482 8.35 -14.28 59.37
CA ALA D 482 8.18 -13.10 58.52
C ALA D 482 6.98 -13.21 57.60
N PHE D 483 6.49 -14.43 57.38
CA PHE D 483 5.31 -14.70 56.55
C PHE D 483 4.15 -15.13 57.44
N GLY D 484 2.94 -14.70 57.09
CA GLY D 484 1.76 -15.12 57.84
C GLY D 484 0.49 -14.96 57.04
N GLY D 485 -0.51 -15.77 57.39
CA GLY D 485 -1.83 -15.61 56.81
C GLY D 485 -2.05 -16.19 55.44
N PHE D 486 -1.15 -17.04 54.96
CA PHE D 486 -1.27 -17.65 53.64
C PHE D 486 -1.74 -19.09 53.77
N GLU D 487 -2.85 -19.40 53.11
CA GLU D 487 -3.48 -20.71 53.21
C GLU D 487 -3.15 -21.64 52.06
N THR D 488 -2.75 -21.12 50.90
CA THR D 488 -2.44 -21.92 49.72
C THR D 488 -1.00 -21.69 49.29
N LEU D 489 -0.33 -22.76 48.89
CA LEU D 489 1.04 -22.70 48.39
C LEU D 489 1.05 -23.09 46.92
N ARG D 490 1.46 -22.17 46.06
CA ARG D 490 1.63 -22.41 44.63
C ARG D 490 3.12 -22.38 44.31
N VAL D 491 3.58 -23.35 43.53
CA VAL D 491 4.94 -23.34 43.00
C VAL D 491 4.85 -23.01 41.52
N ALA D 492 5.23 -21.79 41.16
CA ALA D 492 5.16 -21.34 39.78
C ALA D 492 6.14 -20.19 39.58
N GLY D 493 6.77 -20.17 38.42
CA GLY D 493 7.69 -19.12 38.06
C GLY D 493 8.90 -19.63 37.30
N ALA D 494 9.66 -18.72 36.71
CA ALA D 494 10.85 -19.09 35.95
C ALA D 494 11.98 -19.62 36.84
N ALA D 495 11.88 -19.44 38.16
CA ALA D 495 12.86 -19.97 39.10
C ALA D 495 12.25 -20.99 40.06
N ALA D 496 11.01 -21.42 39.81
CA ALA D 496 10.32 -22.34 40.71
C ALA D 496 10.84 -23.77 40.49
N GLN D 497 11.17 -24.44 41.58
CA GLN D 497 11.93 -25.69 41.54
C GLN D 497 12.07 -26.22 42.96
N GLY D 498 12.58 -27.44 43.07
CA GLY D 498 13.03 -27.97 44.34
C GLY D 498 11.93 -28.42 45.29
N SER D 499 12.34 -28.63 46.54
CA SER D 499 11.49 -29.21 47.56
C SER D 499 10.81 -28.11 48.37
N HIS D 500 9.49 -28.13 48.40
CA HIS D 500 8.69 -27.12 49.09
C HIS D 500 7.87 -27.76 50.19
N ASN D 501 7.99 -27.25 51.41
CA ASN D 501 7.28 -27.79 52.57
C ASN D 501 5.82 -27.31 52.54
N ALA D 502 4.89 -28.26 52.47
CA ALA D 502 3.48 -27.94 52.42
C ALA D 502 2.84 -27.83 53.81
N ASN D 503 3.60 -28.05 54.88
CA ASN D 503 3.06 -27.92 56.23
C ASN D 503 2.51 -26.52 56.47
N GLY D 504 1.30 -26.45 57.03
CA GLY D 504 0.65 -25.19 57.27
C GLY D 504 -0.11 -24.61 56.10
N PHE D 505 -0.28 -25.39 55.02
CA PHE D 505 -1.05 -24.98 53.86
C PHE D 505 -2.19 -25.97 53.65
N THR D 506 -3.38 -25.44 53.38
CA THR D 506 -4.55 -26.28 53.18
C THR D 506 -4.81 -26.59 51.70
N ALA D 507 -4.07 -25.96 50.79
CA ALA D 507 -4.19 -26.25 49.38
C ALA D 507 -2.87 -25.94 48.67
N LEU D 508 -2.60 -26.72 47.63
CA LEU D 508 -1.39 -26.56 46.83
C LEU D 508 -1.77 -26.29 45.37
N GLN D 509 -0.93 -25.51 44.70
CA GLN D 509 -1.11 -25.20 43.29
C GLN D 509 0.23 -25.30 42.59
N LEU D 510 0.17 -25.50 41.28
CA LEU D 510 1.38 -25.66 40.47
C LEU D 510 1.17 -25.02 39.11
N GLY D 511 2.16 -24.24 38.68
CA GLY D 511 2.21 -23.61 37.38
C GLY D 511 3.49 -23.98 36.64
N ALA D 512 3.94 -23.05 35.79
CA ALA D 512 5.20 -23.22 35.09
C ALA D 512 6.36 -23.21 36.08
N THR D 513 7.36 -24.05 35.83
CA THR D 513 8.50 -24.20 36.74
C THR D 513 9.78 -24.28 35.93
N ALA D 514 10.90 -24.18 36.63
CA ALA D 514 12.22 -24.34 36.04
C ALA D 514 12.72 -25.78 36.08
N GLY D 515 12.10 -26.62 36.91
CA GLY D 515 12.53 -28.00 37.03
C GLY D 515 11.65 -28.73 38.01
N ALA D 516 12.04 -29.97 38.30
CA ALA D 516 11.21 -30.86 39.10
C ALA D 516 10.88 -30.24 40.45
N THR D 517 9.63 -30.40 40.87
CA THR D 517 9.09 -29.83 42.10
C THR D 517 8.61 -30.94 43.02
N THR D 518 8.85 -30.79 44.33
CA THR D 518 8.38 -31.73 45.33
C THR D 518 7.65 -30.98 46.45
N PHE D 519 6.41 -31.40 46.74
CA PHE D 519 5.69 -30.94 47.92
C PHE D 519 5.90 -31.96 49.04
N THR D 520 6.51 -31.54 50.14
CA THR D 520 6.72 -32.42 51.28
C THR D 520 5.71 -32.13 52.38
N ASN D 521 5.53 -33.11 53.28
CA ASN D 521 4.69 -32.96 54.47
C ASN D 521 3.28 -32.50 54.13
N VAL D 522 2.69 -33.07 53.08
CA VAL D 522 1.35 -32.69 52.67
C VAL D 522 0.33 -33.31 53.62
N ALA D 523 -0.46 -32.45 54.27
CA ALA D 523 -1.45 -32.89 55.24
C ALA D 523 -2.61 -33.60 54.55
N VAL D 524 -3.39 -34.32 55.37
CA VAL D 524 -4.59 -34.99 54.87
C VAL D 524 -5.61 -33.96 54.36
N ASN D 525 -6.39 -34.38 53.35
CA ASN D 525 -7.48 -33.58 52.78
C ASN D 525 -6.99 -32.29 52.15
N VAL D 526 -5.77 -32.31 51.62
CA VAL D 526 -5.19 -31.16 50.93
C VAL D 526 -4.91 -31.56 49.49
N GLY D 527 -5.44 -30.79 48.55
CA GLY D 527 -5.34 -31.10 47.15
C GLY D 527 -4.35 -30.23 46.39
N LEU D 528 -4.05 -30.68 45.17
CA LEU D 528 -3.16 -29.99 44.25
C LEU D 528 -3.96 -29.59 43.01
N THR D 529 -3.87 -28.32 42.62
CA THR D 529 -4.46 -27.81 41.39
C THR D 529 -3.34 -27.36 40.47
N VAL D 530 -3.22 -28.00 39.31
CA VAL D 530 -2.21 -27.61 38.33
C VAL D 530 -2.84 -26.61 37.36
N LEU D 531 -2.22 -25.44 37.23
CA LEU D 531 -2.76 -24.33 36.45
C LEU D 531 -2.01 -24.05 35.14
N ALA D 532 -0.81 -24.60 34.97
CA ALA D 532 -0.01 -24.39 33.76
C ALA D 532 0.98 -25.54 33.68
N ALA D 533 1.51 -25.75 32.49
CA ALA D 533 2.39 -26.90 32.26
C ALA D 533 3.69 -26.76 33.05
N PRO D 534 3.97 -27.64 34.01
CA PRO D 534 5.23 -27.57 34.75
C PRO D 534 6.35 -28.26 33.98
N THR D 535 7.56 -28.13 34.50
CA THR D 535 8.72 -28.81 33.95
C THR D 535 9.28 -29.81 34.96
N GLY D 536 9.58 -31.01 34.49
CA GLY D 536 10.08 -32.06 35.36
C GLY D 536 8.98 -32.69 36.19
N THR D 537 9.34 -33.80 36.83
CA THR D 537 8.36 -34.55 37.59
C THR D 537 7.93 -33.78 38.83
N THR D 538 6.62 -33.76 39.07
CA THR D 538 6.05 -33.21 40.30
C THR D 538 5.78 -34.35 41.27
N THR D 539 6.35 -34.26 42.48
CA THR D 539 6.19 -35.30 43.49
C THR D 539 5.43 -34.74 44.69
N VAL D 540 4.34 -35.41 45.07
CA VAL D 540 3.55 -35.05 46.23
C VAL D 540 3.80 -36.11 47.29
N THR D 541 4.49 -35.73 48.36
CA THR D 541 4.81 -36.63 49.46
C THR D 541 3.90 -36.30 50.64
N LEU D 542 2.94 -37.19 50.91
CA LEU D 542 2.02 -36.95 52.02
C LEU D 542 2.77 -37.01 53.35
N ALA D 543 2.25 -36.32 54.35
CA ALA D 543 2.86 -36.40 55.68
C ALA D 543 2.72 -37.78 56.27
N ASN D 544 1.62 -38.48 55.98
CA ASN D 544 1.39 -39.82 56.50
C ASN D 544 0.53 -40.57 55.47
N ALA D 545 1.17 -41.43 54.68
CA ALA D 545 0.47 -42.25 53.71
C ALA D 545 0.34 -43.70 54.17
N THR D 546 0.58 -43.97 55.46
CA THR D 546 0.54 -45.34 55.97
C THR D 546 -0.86 -45.93 55.98
N GLY D 547 -1.89 -45.08 55.95
CA GLY D 547 -3.24 -45.58 56.07
C GLY D 547 -3.65 -46.46 54.90
N THR D 548 -4.72 -47.20 55.12
CA THR D 548 -5.24 -48.12 54.11
C THR D 548 -6.10 -47.43 53.07
N SER D 549 -6.61 -46.24 53.37
CA SER D 549 -7.65 -45.61 52.55
C SER D 549 -7.31 -44.14 52.29
N ASP D 550 -6.08 -43.90 51.81
CA ASP D 550 -5.66 -42.54 51.52
C ASP D 550 -6.26 -42.04 50.21
N VAL D 551 -6.80 -40.83 50.23
CA VAL D 551 -7.45 -40.22 49.08
C VAL D 551 -6.74 -38.91 48.75
N PHE D 552 -6.59 -38.63 47.46
CA PHE D 552 -5.98 -37.40 46.99
C PHE D 552 -6.82 -36.81 45.86
N ASN D 553 -7.01 -35.49 45.89
CA ASN D 553 -7.79 -34.78 44.89
C ASN D 553 -6.84 -33.94 44.04
N LEU D 554 -6.60 -34.37 42.81
CA LEU D 554 -5.77 -33.65 41.86
C LEU D 554 -6.65 -32.94 40.84
N THR D 555 -6.41 -31.64 40.65
CA THR D 555 -7.20 -30.86 39.71
C THR D 555 -6.32 -30.26 38.61
N LEU D 556 -6.85 -30.33 37.40
CA LEU D 556 -6.26 -29.75 36.17
C LEU D 556 -7.23 -28.68 35.74
N SER D 557 -6.78 -27.43 35.81
CA SER D 557 -7.63 -26.27 35.53
C SER D 557 -6.88 -25.33 34.60
N SER D 558 -7.46 -25.04 33.44
CA SER D 558 -6.82 -24.20 32.43
C SER D 558 -7.88 -23.81 31.41
N SER D 559 -7.58 -22.77 30.64
CA SER D 559 -8.49 -22.35 29.58
C SER D 559 -8.30 -23.17 28.32
N ALA D 560 -7.07 -23.59 28.02
CA ALA D 560 -6.75 -24.43 26.88
C ALA D 560 -6.13 -25.74 27.36
N ALA D 561 -5.79 -26.59 26.40
CA ALA D 561 -5.22 -27.92 26.70
C ALA D 561 -4.00 -27.81 27.60
N LEU D 562 -3.99 -28.60 28.67
CA LEU D 562 -2.98 -28.53 29.73
C LEU D 562 -2.19 -29.83 29.80
N ALA D 563 -0.88 -29.73 29.57
CA ALA D 563 0.02 -30.87 29.74
C ALA D 563 0.54 -30.85 31.17
N ALA D 564 -0.12 -31.61 32.04
CA ALA D 564 0.25 -31.61 33.46
C ALA D 564 1.57 -32.30 33.73
N GLY D 565 2.10 -33.06 32.76
CA GLY D 565 3.36 -33.74 33.00
C GLY D 565 3.19 -34.93 33.93
N THR D 566 4.29 -35.29 34.58
CA THR D 566 4.32 -36.44 35.47
C THR D 566 4.05 -35.99 36.91
N VAL D 567 3.07 -36.62 37.55
CA VAL D 567 2.73 -36.36 38.94
C VAL D 567 2.79 -37.68 39.70
N ALA D 568 3.58 -37.72 40.77
CA ALA D 568 3.80 -38.92 41.56
C ALA D 568 3.04 -38.80 42.87
N LEU D 569 2.13 -39.74 43.12
CA LEU D 569 1.31 -39.80 44.34
C LEU D 569 1.52 -41.17 44.98
N ALA D 570 2.65 -41.33 45.67
CA ALA D 570 2.95 -42.58 46.34
C ALA D 570 2.07 -42.78 47.55
N GLY D 571 1.71 -44.05 47.81
CA GLY D 571 0.98 -44.39 49.01
C GLY D 571 -0.47 -43.97 49.02
N VAL D 572 -0.97 -43.46 47.89
CA VAL D 572 -2.34 -42.99 47.76
C VAL D 572 -3.18 -44.11 47.15
N GLU D 573 -4.29 -44.44 47.81
CA GLU D 573 -5.12 -45.55 47.38
C GLU D 573 -6.26 -45.12 46.45
N THR D 574 -6.72 -43.87 46.56
CA THR D 574 -7.77 -43.32 45.70
C THR D 574 -7.32 -41.99 45.15
N VAL D 575 -7.27 -41.89 43.82
CA VAL D 575 -6.88 -40.66 43.12
C VAL D 575 -8.10 -40.10 42.43
N ASN D 576 -8.51 -38.90 42.82
CA ASN D 576 -9.58 -38.18 42.15
C ASN D 576 -8.95 -37.12 41.24
N ILE D 577 -9.29 -37.16 39.96
CA ILE D 577 -8.75 -36.23 38.98
C ILE D 577 -9.91 -35.45 38.37
N ALA D 578 -9.86 -34.13 38.52
CA ALA D 578 -10.83 -33.23 37.92
C ALA D 578 -10.16 -32.51 36.76
N ALA D 579 -10.68 -32.72 35.55
CA ALA D 579 -10.20 -32.04 34.34
C ALA D 579 -11.17 -30.90 34.04
N THR D 580 -10.75 -29.68 34.35
CA THR D 580 -11.65 -28.52 34.33
C THR D 580 -11.26 -27.55 33.23
N ASP D 581 -12.23 -27.20 32.39
CA ASP D 581 -12.08 -26.21 31.34
C ASP D 581 -12.73 -24.91 31.81
N THR D 582 -11.96 -23.81 31.78
CA THR D 582 -12.50 -22.53 32.23
C THR D 582 -13.25 -21.77 31.13
N ASN D 583 -13.07 -22.14 29.86
CA ASN D 583 -13.87 -21.51 28.81
C ASN D 583 -14.77 -22.57 28.17
N THR D 584 -15.40 -22.19 27.05
CA THR D 584 -16.45 -23.00 26.44
C THR D 584 -15.96 -23.81 25.24
N THR D 585 -14.68 -23.72 24.90
CA THR D 585 -14.11 -24.49 23.79
C THR D 585 -13.52 -25.79 24.33
N ALA D 586 -13.96 -26.91 23.78
CA ALA D 586 -13.51 -28.22 24.27
C ALA D 586 -12.02 -28.38 24.09
N HIS D 587 -11.37 -28.98 25.10
CA HIS D 587 -9.96 -29.35 24.97
C HIS D 587 -9.70 -30.60 25.80
N VAL D 588 -8.54 -31.20 25.57
CA VAL D 588 -8.16 -32.46 26.21
C VAL D 588 -6.82 -32.28 26.91
N ASP D 589 -6.77 -32.59 28.21
CA ASP D 589 -5.55 -32.53 29.00
C ASP D 589 -4.77 -33.83 28.90
N THR D 590 -3.47 -33.73 29.22
CA THR D 590 -2.63 -34.89 29.36
C THR D 590 -2.00 -34.90 30.75
N LEU D 591 -1.80 -36.11 31.27
CA LEU D 591 -1.25 -36.29 32.61
C LEU D 591 -0.62 -37.67 32.66
N THR D 592 0.59 -37.76 33.21
CA THR D 592 1.22 -39.04 33.48
C THR D 592 1.14 -39.25 34.99
N LEU D 593 0.29 -40.17 35.41
CA LEU D 593 0.06 -40.43 36.83
C LEU D 593 0.91 -41.61 37.28
N GLN D 594 1.74 -41.39 38.29
CA GLN D 594 2.51 -42.43 38.94
C GLN D 594 1.94 -42.59 40.34
N ALA D 595 1.10 -43.62 40.53
CA ALA D 595 0.40 -43.87 41.79
C ALA D 595 0.34 -45.39 41.98
N THR D 596 1.46 -45.97 42.42
CA THR D 596 1.58 -47.42 42.43
C THR D 596 0.72 -48.09 43.51
N SER D 597 0.16 -47.32 44.44
CA SER D 597 -0.74 -47.90 45.44
C SER D 597 -2.20 -47.57 45.15
N ALA D 598 -2.49 -46.90 44.04
CA ALA D 598 -3.86 -46.54 43.73
C ALA D 598 -4.65 -47.79 43.34
N LYS D 599 -5.83 -47.95 43.94
CA LYS D 599 -6.76 -48.99 43.54
C LYS D 599 -7.99 -48.43 42.85
N SER D 600 -8.26 -47.14 42.98
CA SER D 600 -9.38 -46.48 42.31
C SER D 600 -8.92 -45.13 41.78
N ILE D 601 -9.22 -44.89 40.51
CA ILE D 601 -9.03 -43.59 39.88
C ILE D 601 -10.39 -43.11 39.43
N VAL D 602 -10.76 -41.90 39.85
CA VAL D 602 -12.02 -41.28 39.46
C VAL D 602 -11.71 -39.98 38.75
N VAL D 603 -12.27 -39.81 37.55
CA VAL D 603 -12.07 -38.61 36.74
C VAL D 603 -13.40 -37.89 36.61
N THR D 604 -13.38 -36.58 36.89
CA THR D 604 -14.53 -35.71 36.74
C THR D 604 -14.13 -34.51 35.88
N GLY D 605 -15.11 -33.68 35.54
CA GLY D 605 -14.86 -32.39 34.93
C GLY D 605 -15.48 -32.26 33.55
N ASN D 606 -15.12 -31.16 32.88
CA ASN D 606 -15.66 -30.83 31.58
C ASN D 606 -14.58 -30.72 30.50
N ALA D 607 -13.43 -31.36 30.70
CA ALA D 607 -12.36 -31.39 29.71
C ALA D 607 -11.88 -32.83 29.58
N GLY D 608 -11.27 -33.12 28.44
CA GLY D 608 -10.72 -34.45 28.20
C GLY D 608 -9.49 -34.72 29.06
N LEU D 609 -9.10 -36.00 29.10
CA LEU D 609 -7.93 -36.42 29.86
C LEU D 609 -7.30 -37.62 29.16
N ASN D 610 -6.14 -37.40 28.55
CA ASN D 610 -5.32 -38.49 28.05
C ASN D 610 -4.36 -38.86 29.17
N LEU D 611 -4.68 -39.94 29.88
CA LEU D 611 -3.96 -40.30 31.10
C LEU D 611 -2.97 -41.42 30.79
N THR D 612 -1.68 -41.13 30.93
CA THR D 612 -0.69 -42.20 30.89
C THR D 612 -0.66 -42.86 32.26
N ASN D 613 -0.83 -44.18 32.28
CA ASN D 613 -1.12 -44.94 33.50
C ASN D 613 -0.09 -46.01 33.77
N THR D 614 1.03 -46.00 33.04
CA THR D 614 2.06 -47.02 33.14
C THR D 614 2.48 -47.27 34.59
N GLY D 615 2.54 -48.55 34.97
CA GLY D 615 3.05 -48.95 36.25
C GLY D 615 2.06 -48.93 37.39
N ASN D 616 0.85 -48.40 37.18
CA ASN D 616 -0.17 -48.34 38.23
C ASN D 616 -0.92 -49.67 38.27
N THR D 617 -0.23 -50.69 38.79
CA THR D 617 -0.70 -52.06 38.69
C THR D 617 -1.81 -52.41 39.67
N ALA D 618 -2.07 -51.56 40.68
CA ALA D 618 -3.06 -51.87 41.69
C ALA D 618 -4.46 -51.34 41.37
N VAL D 619 -4.60 -50.53 40.32
CA VAL D 619 -5.92 -49.99 39.97
C VAL D 619 -6.84 -51.14 39.56
N THR D 620 -8.00 -51.22 40.21
CA THR D 620 -9.07 -52.11 39.79
C THR D 620 -10.31 -51.34 39.35
N SER D 621 -10.29 -50.02 39.43
CA SER D 621 -11.45 -49.22 39.04
C SER D 621 -10.98 -47.89 38.48
N PHE D 622 -11.34 -47.62 37.23
CA PHE D 622 -11.14 -46.33 36.59
C PHE D 622 -12.52 -45.83 36.18
N ASP D 623 -12.98 -44.76 36.82
CA ASP D 623 -14.34 -44.24 36.63
C ASP D 623 -14.25 -42.81 36.11
N ALA D 624 -14.45 -42.64 34.81
CA ALA D 624 -14.57 -41.33 34.20
C ALA D 624 -16.01 -41.05 33.77
N SER D 625 -16.98 -41.74 34.36
CA SER D 625 -18.37 -41.63 33.91
C SER D 625 -18.95 -40.24 34.14
N ALA D 626 -18.41 -39.49 35.11
CA ALA D 626 -18.95 -38.17 35.42
C ALA D 626 -18.44 -37.08 34.48
N VAL D 627 -17.44 -37.39 33.65
CA VAL D 627 -16.85 -36.41 32.74
C VAL D 627 -17.90 -36.00 31.72
N THR D 628 -18.05 -34.69 31.53
CA THR D 628 -19.07 -34.13 30.65
C THR D 628 -18.43 -33.44 29.45
N GLY D 629 -19.24 -33.30 28.38
CA GLY D 629 -18.79 -32.61 27.18
C GLY D 629 -18.45 -33.57 26.06
N THR D 630 -19.03 -33.34 24.87
CA THR D 630 -18.79 -34.25 23.75
C THR D 630 -17.31 -34.29 23.37
N GLY D 631 -16.58 -33.19 23.56
CA GLY D 631 -15.19 -33.18 23.21
C GLY D 631 -14.24 -33.69 24.26
N SER D 632 -14.74 -34.12 25.43
CA SER D 632 -13.87 -34.48 26.57
C SER D 632 -13.41 -35.93 26.47
N ALA D 633 -12.56 -36.18 25.48
CA ALA D 633 -12.06 -37.54 25.23
C ALA D 633 -11.16 -38.00 26.38
N VAL D 634 -11.47 -39.18 26.92
CA VAL D 634 -10.70 -39.79 28.00
C VAL D 634 -10.02 -41.03 27.45
N THR D 635 -8.71 -41.15 27.68
CA THR D 635 -7.91 -42.26 27.21
C THR D 635 -7.30 -42.97 28.40
N PHE D 636 -7.49 -44.29 28.49
CA PHE D 636 -7.00 -45.05 29.63
C PHE D 636 -6.57 -46.44 29.18
N VAL D 637 -5.39 -46.86 29.66
CA VAL D 637 -4.89 -48.22 29.45
C VAL D 637 -4.61 -48.83 30.81
N SER D 638 -5.31 -49.92 31.12
CA SER D 638 -5.14 -50.57 32.40
C SER D 638 -3.74 -51.18 32.51
N ALA D 639 -3.13 -51.04 33.68
CA ALA D 639 -1.83 -51.64 33.97
C ALA D 639 -1.93 -52.83 34.92
N ASN D 640 -3.14 -53.32 35.19
CA ASN D 640 -3.31 -54.38 36.19
C ASN D 640 -2.82 -55.72 35.66
N THR D 641 -2.00 -56.40 36.47
CA THR D 641 -1.44 -57.70 36.11
C THR D 641 -1.82 -58.81 37.09
N THR D 642 -2.79 -58.56 37.97
CA THR D 642 -3.22 -59.57 38.93
C THR D 642 -4.00 -60.70 38.26
N VAL D 643 -3.63 -61.94 38.57
CA VAL D 643 -4.29 -63.10 38.01
C VAL D 643 -5.73 -63.18 38.51
N GLY D 644 -6.68 -63.38 37.59
CA GLY D 644 -8.07 -63.52 37.94
C GLY D 644 -8.74 -62.28 38.49
N GLU D 645 -8.18 -61.10 38.21
CA GLU D 645 -8.67 -59.84 38.75
C GLU D 645 -9.89 -59.31 37.98
N VAL D 646 -10.77 -58.63 38.70
CA VAL D 646 -11.89 -57.88 38.12
C VAL D 646 -11.52 -56.40 38.08
N VAL D 647 -11.64 -55.79 36.90
CA VAL D 647 -11.32 -54.37 36.71
C VAL D 647 -12.47 -53.71 35.98
N THR D 648 -12.86 -52.51 36.45
CA THR D 648 -13.96 -51.77 35.87
C THR D 648 -13.46 -50.45 35.29
N ILE D 649 -13.79 -50.20 34.02
CA ILE D 649 -13.31 -49.03 33.29
C ILE D 649 -14.52 -48.35 32.67
N ARG D 650 -14.79 -47.11 33.08
CA ARG D 650 -15.95 -46.36 32.60
C ARG D 650 -15.48 -45.08 31.93
N GLY D 651 -15.90 -44.88 30.68
CA GLY D 651 -15.70 -43.63 30.01
C GLY D 651 -16.78 -42.64 30.36
N GLY D 652 -16.66 -41.45 29.79
CA GLY D 652 -17.65 -40.42 30.03
C GLY D 652 -18.36 -40.00 28.76
N ALA D 653 -18.79 -38.74 28.71
CA ALA D 653 -19.54 -38.26 27.55
C ALA D 653 -18.68 -38.13 26.30
N GLY D 654 -17.36 -38.14 26.43
CA GLY D 654 -16.50 -37.95 25.29
C GLY D 654 -16.27 -39.23 24.52
N ALA D 655 -15.56 -39.09 23.39
CA ALA D 655 -15.16 -40.21 22.55
C ALA D 655 -13.91 -40.83 23.16
N ASP D 656 -14.12 -41.85 23.98
CA ASP D 656 -13.08 -42.37 24.86
C ASP D 656 -12.35 -43.55 24.24
N SER D 657 -11.13 -43.77 24.72
CA SER D 657 -10.30 -44.90 24.33
C SER D 657 -9.97 -45.69 25.60
N LEU D 658 -10.58 -46.86 25.75
CA LEU D 658 -10.49 -47.64 26.97
C LEU D 658 -9.91 -49.01 26.64
N THR D 659 -8.81 -49.35 27.29
CA THR D 659 -8.10 -50.60 27.07
C THR D 659 -7.92 -51.31 28.40
N GLY D 660 -8.29 -52.58 28.45
CA GLY D 660 -8.08 -53.39 29.64
C GLY D 660 -6.70 -54.00 29.69
N SER D 661 -6.61 -55.16 30.34
CA SER D 661 -5.35 -55.90 30.39
C SER D 661 -5.65 -57.37 30.13
N ALA D 662 -4.64 -58.08 29.62
CA ALA D 662 -4.82 -59.47 29.22
C ALA D 662 -5.17 -60.37 30.40
N THR D 663 -4.57 -60.10 31.57
CA THR D 663 -4.78 -60.93 32.75
C THR D 663 -6.09 -60.64 33.46
N ALA D 664 -6.78 -59.56 33.11
CA ALA D 664 -7.93 -59.10 33.88
C ALA D 664 -9.24 -59.42 33.17
N ASN D 665 -10.27 -59.67 33.98
CA ASN D 665 -11.63 -59.67 33.50
C ASN D 665 -12.12 -58.24 33.56
N ASP D 666 -12.01 -57.53 32.45
CA ASP D 666 -12.33 -56.11 32.39
C ASP D 666 -13.78 -55.90 32.04
N THR D 667 -14.49 -55.15 32.89
CA THR D 667 -15.79 -54.61 32.54
C THR D 667 -15.58 -53.17 32.07
N ILE D 668 -15.77 -52.94 30.77
CA ILE D 668 -15.51 -51.64 30.16
C ILE D 668 -16.82 -51.08 29.64
N ILE D 669 -17.13 -49.85 30.06
CA ILE D 669 -18.38 -49.20 29.72
C ILE D 669 -18.05 -47.85 29.10
N GLY D 670 -18.40 -47.68 27.82
CA GLY D 670 -17.97 -46.51 27.08
C GLY D 670 -18.74 -45.24 27.42
N GLY D 671 -20.00 -45.36 27.79
CA GLY D 671 -20.83 -44.20 28.01
C GLY D 671 -21.26 -43.58 26.69
N ALA D 672 -21.63 -42.31 26.76
CA ALA D 672 -22.01 -41.59 25.56
C ALA D 672 -20.79 -41.34 24.67
N GLY D 673 -21.05 -40.96 23.42
CA GLY D 673 -20.00 -40.65 22.48
C GLY D 673 -19.46 -41.88 21.76
N ALA D 674 -18.68 -41.61 20.71
CA ALA D 674 -18.11 -42.66 19.86
C ALA D 674 -16.86 -43.22 20.54
N ASP D 675 -17.02 -44.32 21.25
CA ASP D 675 -15.99 -44.89 22.10
C ASP D 675 -15.27 -46.04 21.40
N THR D 676 -14.03 -46.29 21.84
CA THR D 676 -13.24 -47.41 21.36
C THR D 676 -12.86 -48.28 22.54
N LEU D 677 -13.34 -49.53 22.54
CA LEU D 677 -13.12 -50.47 23.63
C LEU D 677 -12.20 -51.59 23.14
N VAL D 678 -11.03 -51.72 23.76
CA VAL D 678 -9.97 -52.58 23.27
C VAL D 678 -9.89 -53.84 24.11
N TYR D 679 -9.97 -55.01 23.46
CA TYR D 679 -9.86 -56.29 24.13
C TYR D 679 -8.46 -56.86 23.93
N THR D 680 -7.82 -57.26 25.04
CA THR D 680 -6.46 -57.79 25.02
C THR D 680 -6.34 -59.19 25.61
N GLY D 681 -7.44 -59.78 26.06
CA GLY D 681 -7.41 -61.10 26.67
C GLY D 681 -8.28 -61.17 27.91
N GLY D 682 -8.58 -62.39 28.32
CA GLY D 682 -9.41 -62.60 29.50
C GLY D 682 -10.89 -62.64 29.21
N THR D 683 -11.67 -62.67 30.29
CA THR D 683 -13.14 -62.70 30.21
C THR D 683 -13.64 -61.28 30.41
N ASP D 684 -13.79 -60.55 29.31
CA ASP D 684 -14.12 -59.14 29.36
C ASP D 684 -15.58 -58.90 28.95
N THR D 685 -16.14 -57.81 29.47
CA THR D 685 -17.52 -57.43 29.21
C THR D 685 -17.55 -55.98 28.73
N PHE D 686 -17.84 -55.78 27.45
CA PHE D 686 -17.83 -54.45 26.84
C PHE D 686 -19.27 -53.96 26.67
N THR D 687 -19.50 -52.71 27.08
CA THR D 687 -20.77 -52.02 26.85
C THR D 687 -20.44 -50.70 26.18
N GLY D 688 -20.79 -50.59 24.89
CA GLY D 688 -20.45 -49.38 24.14
C GLY D 688 -21.23 -48.16 24.57
N GLY D 689 -22.49 -48.33 24.95
CA GLY D 689 -23.32 -47.18 25.22
C GLY D 689 -23.82 -46.54 23.94
N THR D 690 -24.42 -45.36 24.12
CA THR D 690 -24.86 -44.56 22.98
C THR D 690 -23.68 -44.17 22.09
N GLY D 691 -23.98 -43.96 20.81
CA GLY D 691 -22.96 -43.57 19.87
C GLY D 691 -22.42 -44.75 19.09
N ALA D 692 -21.81 -44.45 17.95
CA ALA D 692 -21.17 -45.44 17.11
C ALA D 692 -19.85 -45.82 17.76
N ASP D 693 -19.82 -46.99 18.38
CA ASP D 693 -18.68 -47.45 19.14
C ASP D 693 -17.89 -48.48 18.33
N ILE D 694 -16.61 -48.60 18.65
CA ILE D 694 -15.71 -49.56 18.02
C ILE D 694 -15.25 -50.53 19.09
N PHE D 695 -15.37 -51.83 18.82
CA PHE D 695 -14.86 -52.88 19.68
C PHE D 695 -13.63 -53.46 18.99
N ASP D 696 -12.47 -53.03 19.47
CA ASP D 696 -11.18 -53.32 18.85
C ASP D 696 -10.65 -54.62 19.47
N ILE D 697 -10.63 -55.69 18.67
CA ILE D 697 -10.22 -57.01 19.14
C ILE D 697 -8.76 -57.21 18.75
N ASN D 698 -7.88 -57.20 19.75
CA ASN D 698 -6.44 -57.32 19.53
C ASN D 698 -5.85 -58.64 20.00
N ALA D 699 -6.64 -59.48 20.68
CA ALA D 699 -6.17 -60.77 21.15
C ALA D 699 -7.24 -61.81 20.84
N ILE D 700 -6.79 -63.03 20.57
CA ILE D 700 -7.71 -64.09 20.19
C ILE D 700 -8.51 -64.57 21.41
N GLY D 701 -7.86 -64.65 22.57
CA GLY D 701 -8.52 -65.20 23.73
C GLY D 701 -8.57 -66.71 23.68
N THR D 702 -9.49 -67.29 24.46
CA THR D 702 -9.69 -68.73 24.49
C THR D 702 -11.16 -69.06 24.26
N SER D 703 -11.45 -70.35 24.15
CA SER D 703 -12.82 -70.79 23.96
C SER D 703 -13.69 -70.59 25.20
N THR D 704 -13.07 -70.32 26.35
CA THR D 704 -13.81 -70.03 27.57
C THR D 704 -13.56 -68.64 28.14
N ALA D 705 -12.47 -67.98 27.75
CA ALA D 705 -12.16 -66.62 28.20
C ALA D 705 -12.16 -65.72 26.97
N PHE D 706 -13.26 -65.02 26.74
CA PHE D 706 -13.42 -64.15 25.58
C PHE D 706 -14.21 -62.92 25.97
N VAL D 707 -14.41 -62.01 25.01
CA VAL D 707 -15.13 -60.76 25.27
C VAL D 707 -16.60 -60.93 24.92
N THR D 708 -17.46 -60.33 25.74
CA THR D 708 -18.89 -60.28 25.48
C THR D 708 -19.29 -58.81 25.34
N ILE D 709 -19.89 -58.48 24.20
CA ILE D 709 -20.40 -57.15 23.92
C ILE D 709 -21.89 -57.14 24.24
N THR D 710 -22.30 -56.27 25.18
CA THR D 710 -23.66 -56.37 25.71
C THR D 710 -24.70 -55.62 24.88
N ASP D 711 -24.30 -54.64 24.07
CA ASP D 711 -25.25 -53.74 23.42
C ASP D 711 -24.84 -53.45 21.97
N ALA D 712 -24.43 -54.48 21.24
CA ALA D 712 -24.08 -54.28 19.83
C ALA D 712 -25.29 -53.79 19.06
N ALA D 713 -25.11 -52.69 18.32
CA ALA D 713 -26.22 -52.06 17.61
C ALA D 713 -25.76 -51.55 16.25
N VAL D 714 -26.74 -51.20 15.40
CA VAL D 714 -26.42 -50.65 14.09
C VAL D 714 -25.59 -49.40 14.28
N GLY D 715 -24.48 -49.32 13.56
CA GLY D 715 -23.56 -48.22 13.75
C GLY D 715 -22.29 -48.65 14.46
N ASP D 716 -22.42 -49.51 15.48
CA ASP D 716 -21.24 -50.00 16.16
C ASP D 716 -20.38 -50.81 15.19
N LYS D 717 -19.08 -50.89 15.49
CA LYS D 717 -18.16 -51.61 14.63
C LYS D 717 -17.37 -52.63 15.45
N LEU D 718 -16.77 -53.58 14.72
CA LEU D 718 -16.04 -54.69 15.32
C LEU D 718 -14.76 -54.85 14.52
N ASP D 719 -13.66 -54.36 15.07
CA ASP D 719 -12.37 -54.35 14.38
C ASP D 719 -11.64 -55.65 14.69
N LEU D 720 -11.38 -56.46 13.66
CA LEU D 720 -10.74 -57.75 13.90
C LEU D 720 -9.36 -57.84 13.27
N VAL D 721 -8.77 -56.69 12.89
CA VAL D 721 -7.35 -56.69 12.56
C VAL D 721 -6.60 -57.08 13.82
N GLY D 722 -5.59 -57.92 13.68
CA GLY D 722 -4.84 -58.41 14.81
C GLY D 722 -5.15 -59.83 15.21
N ILE D 723 -6.32 -60.35 14.85
CA ILE D 723 -6.64 -61.75 15.09
C ILE D 723 -6.75 -62.53 13.80
N SER D 724 -6.57 -61.88 12.65
CA SER D 724 -6.46 -62.54 11.36
C SER D 724 -5.03 -63.08 11.24
N THR D 725 -4.81 -64.21 11.92
CA THR D 725 -3.47 -64.79 12.01
C THR D 725 -2.87 -65.02 10.64
N ASN D 726 -3.71 -65.43 9.67
CA ASN D 726 -3.27 -65.75 8.33
C ASN D 726 -4.00 -64.85 7.36
N GLY D 727 -3.26 -63.96 6.71
CA GLY D 727 -3.84 -63.03 5.75
C GLY D 727 -4.78 -62.02 6.42
N ALA D 728 -5.81 -61.65 5.67
CA ALA D 728 -6.81 -60.69 6.13
C ALA D 728 -8.19 -61.25 5.86
N ILE D 729 -9.15 -60.85 6.70
CA ILE D 729 -10.53 -61.27 6.51
C ILE D 729 -11.07 -60.63 5.25
N ALA D 730 -11.64 -61.45 4.37
CA ALA D 730 -12.09 -60.99 3.06
C ALA D 730 -13.18 -59.94 3.18
N ASP D 731 -13.14 -58.96 2.28
CA ASP D 731 -14.14 -57.90 2.21
C ASP D 731 -15.45 -58.46 1.65
N GLY D 732 -16.53 -58.34 2.40
CA GLY D 732 -17.83 -58.72 1.88
C GLY D 732 -18.90 -58.66 2.93
N ALA D 733 -20.14 -58.84 2.48
CA ALA D 733 -21.24 -59.05 3.41
C ALA D 733 -21.04 -60.36 4.14
N PHE D 734 -21.52 -60.41 5.39
CA PHE D 734 -21.29 -61.59 6.21
C PHE D 734 -22.05 -62.80 5.66
N GLY D 735 -23.30 -62.62 5.30
CA GLY D 735 -24.10 -63.68 4.75
C GLY D 735 -24.90 -64.42 5.81
N ALA D 736 -25.36 -65.60 5.43
CA ALA D 736 -26.18 -66.40 6.33
C ALA D 736 -25.37 -66.91 7.51
N ALA D 737 -26.04 -67.00 8.66
CA ALA D 737 -25.46 -67.55 9.86
C ALA D 737 -25.28 -69.06 9.75
N VAL D 738 -24.35 -69.60 10.52
CA VAL D 738 -24.29 -71.05 10.71
C VAL D 738 -25.49 -71.48 11.54
N THR D 739 -26.26 -72.43 11.02
CA THR D 739 -27.48 -72.92 11.66
C THR D 739 -27.40 -74.41 11.85
N LEU D 740 -27.68 -74.88 13.07
CA LEU D 740 -27.62 -76.31 13.42
C LEU D 740 -28.95 -76.76 14.02
N GLY D 741 -28.99 -78.01 14.46
CA GLY D 741 -30.20 -78.61 14.97
C GLY D 741 -30.65 -77.99 16.29
N ALA D 742 -31.86 -78.36 16.68
CA ALA D 742 -32.51 -77.70 17.81
C ALA D 742 -31.75 -77.90 19.13
N ALA D 743 -30.99 -78.99 19.25
CA ALA D 743 -30.25 -79.26 20.49
C ALA D 743 -28.74 -79.07 20.31
N ALA D 744 -28.31 -78.31 19.31
CA ALA D 744 -26.89 -78.09 19.11
C ALA D 744 -26.31 -77.28 20.25
N THR D 745 -25.10 -77.67 20.70
CA THR D 745 -24.38 -77.00 21.77
C THR D 745 -23.46 -75.91 21.21
N LEU D 746 -22.94 -75.06 22.11
CA LEU D 746 -21.99 -74.03 21.70
C LEU D 746 -20.74 -74.65 21.11
N ALA D 747 -20.25 -75.74 21.72
CA ALA D 747 -19.07 -76.42 21.19
C ALA D 747 -19.32 -76.92 19.77
N GLN D 748 -20.54 -77.39 19.49
CA GLN D 748 -20.84 -77.86 18.15
C GLN D 748 -20.95 -76.69 17.18
N TYR D 749 -21.52 -75.57 17.62
CA TYR D 749 -21.54 -74.38 16.77
C TYR D 749 -20.13 -73.90 16.46
N LEU D 750 -19.25 -73.90 17.47
CA LEU D 750 -17.88 -73.46 17.25
C LEU D 750 -17.17 -74.36 16.25
N ASP D 751 -17.37 -75.67 16.35
CA ASP D 751 -16.76 -76.59 15.39
C ASP D 751 -17.37 -76.41 14.01
N ALA D 752 -18.68 -76.15 13.93
CA ALA D 752 -19.30 -75.91 12.64
C ALA D 752 -18.79 -74.61 12.02
N ALA D 753 -18.62 -73.58 12.84
CA ALA D 753 -18.08 -72.32 12.33
C ALA D 753 -16.63 -72.46 11.89
N ALA D 754 -15.85 -73.30 12.57
CA ALA D 754 -14.44 -73.46 12.27
C ALA D 754 -14.15 -74.70 11.44
N ALA D 755 -15.16 -75.24 10.75
CA ALA D 755 -14.97 -76.47 10.00
C ALA D 755 -14.06 -76.26 8.80
N GLY D 756 -13.99 -75.05 8.26
CA GLY D 756 -13.23 -74.81 7.05
C GLY D 756 -11.73 -74.72 7.31
N ASP D 757 -11.03 -74.32 6.25
CA ASP D 757 -9.57 -74.21 6.26
C ASP D 757 -9.21 -72.73 6.36
N GLY D 758 -8.73 -72.31 7.53
CA GLY D 758 -8.27 -70.96 7.76
C GLY D 758 -6.77 -70.79 7.80
N SER D 759 -6.01 -71.84 7.50
CA SER D 759 -4.55 -71.75 7.56
C SER D 759 -4.00 -70.81 6.50
N GLY D 760 -4.63 -70.76 5.33
CA GLY D 760 -4.16 -69.87 4.29
C GLY D 760 -4.64 -68.45 4.48
N THR D 761 -5.95 -68.29 4.70
CA THR D 761 -6.56 -66.99 4.95
C THR D 761 -7.63 -67.17 6.01
N SER D 762 -7.58 -66.34 7.05
CA SER D 762 -8.54 -66.46 8.13
C SER D 762 -9.94 -66.13 7.62
N VAL D 763 -10.92 -66.89 8.09
CA VAL D 763 -12.30 -66.75 7.64
C VAL D 763 -13.16 -66.41 8.84
N ALA D 764 -14.21 -65.63 8.59
CA ALA D 764 -15.14 -65.20 9.63
C ALA D 764 -16.48 -65.88 9.42
N LYS D 765 -17.07 -66.40 10.50
CA LYS D 765 -18.40 -66.96 10.47
C LYS D 765 -19.16 -66.48 11.70
N TRP D 766 -20.48 -66.68 11.67
CA TRP D 766 -21.30 -66.26 12.79
C TRP D 766 -22.48 -67.21 12.96
N PHE D 767 -23.05 -67.20 14.16
CA PHE D 767 -24.20 -68.03 14.45
C PHE D 767 -24.94 -67.41 15.64
N GLN D 768 -26.09 -68.00 15.96
CA GLN D 768 -26.86 -67.60 17.12
C GLN D 768 -27.13 -68.83 17.97
N PHE D 769 -26.79 -68.75 19.25
CA PHE D 769 -26.93 -69.87 20.17
C PHE D 769 -27.32 -69.35 21.54
N GLY D 770 -28.24 -70.06 22.19
CA GLY D 770 -28.65 -69.72 23.54
C GLY D 770 -29.16 -68.31 23.72
N GLY D 771 -29.73 -67.73 22.66
CA GLY D 771 -30.26 -66.38 22.70
C GLY D 771 -29.24 -65.29 22.47
N ASP D 772 -28.00 -65.64 22.15
CA ASP D 772 -26.95 -64.67 21.88
C ASP D 772 -26.35 -64.94 20.51
N THR D 773 -25.58 -63.97 20.02
CA THR D 773 -24.96 -64.02 18.71
C THR D 773 -23.45 -64.14 18.88
N TYR D 774 -22.82 -64.95 18.05
CA TYR D 774 -21.39 -65.24 18.16
C TYR D 774 -20.71 -64.99 16.82
N VAL D 775 -19.50 -64.46 16.88
CA VAL D 775 -18.64 -64.26 15.72
C VAL D 775 -17.37 -65.08 15.91
N VAL D 776 -16.97 -65.81 14.88
CA VAL D 776 -15.82 -66.71 14.96
C VAL D 776 -14.85 -66.37 13.84
N VAL D 777 -13.56 -66.41 14.16
CA VAL D 777 -12.49 -66.25 13.18
C VAL D 777 -11.72 -67.57 13.16
N ASP D 778 -11.84 -68.29 12.05
CA ASP D 778 -11.17 -69.57 11.86
C ASP D 778 -9.82 -69.31 11.21
N SER D 779 -8.74 -69.64 11.91
CA SER D 779 -7.38 -69.48 11.42
C SER D 779 -6.63 -70.80 11.49
N SER D 780 -7.35 -71.92 11.36
CA SER D 780 -6.74 -73.23 11.51
C SER D 780 -7.32 -74.18 10.48
N ALA D 781 -6.48 -75.14 10.07
CA ALA D 781 -6.87 -76.07 9.02
C ALA D 781 -7.87 -77.11 9.51
N GLY D 782 -7.81 -77.49 10.78
CA GLY D 782 -8.68 -78.52 11.30
C GLY D 782 -10.14 -78.12 11.25
N ALA D 783 -11.01 -79.12 11.30
CA ALA D 783 -12.44 -78.88 11.28
C ALA D 783 -13.03 -78.58 12.66
N THR D 784 -12.22 -78.63 13.72
CA THR D 784 -12.67 -78.34 15.06
C THR D 784 -12.10 -77.00 15.53
N PHE D 785 -12.90 -76.26 16.30
CA PHE D 785 -12.45 -75.00 16.86
C PHE D 785 -11.23 -75.20 17.74
N VAL D 786 -10.17 -74.45 17.47
CA VAL D 786 -8.90 -74.57 18.19
C VAL D 786 -8.79 -73.40 19.15
N SER D 787 -8.77 -73.70 20.45
CA SER D 787 -8.70 -72.66 21.47
C SER D 787 -7.35 -71.96 21.43
N GLY D 788 -7.38 -70.62 21.45
CA GLY D 788 -6.18 -69.82 21.38
C GLY D 788 -5.67 -69.53 19.99
N ALA D 789 -6.15 -70.25 18.97
CA ALA D 789 -5.80 -69.97 17.59
C ALA D 789 -6.96 -69.39 16.81
N ASP D 790 -8.14 -70.01 16.93
CA ASP D 790 -9.37 -69.41 16.43
C ASP D 790 -10.01 -68.60 17.54
N ALA D 791 -10.75 -67.58 17.15
CA ALA D 791 -11.33 -66.63 18.09
C ALA D 791 -12.84 -66.73 18.09
N VAL D 792 -13.44 -66.46 19.24
CA VAL D 792 -14.89 -66.37 19.36
C VAL D 792 -15.24 -65.09 20.11
N ILE D 793 -16.17 -64.33 19.54
CA ILE D 793 -16.66 -63.09 20.12
C ILE D 793 -18.15 -63.24 20.32
N LYS D 794 -18.63 -62.87 21.50
CA LYS D 794 -20.04 -63.05 21.85
C LYS D 794 -20.73 -61.69 21.90
N LEU D 795 -21.89 -61.59 21.26
CA LEU D 795 -22.75 -60.42 21.36
C LEU D 795 -24.04 -60.81 22.07
N THR D 796 -24.37 -60.09 23.13
CA THR D 796 -25.57 -60.42 23.88
C THR D 796 -26.80 -60.16 23.02
N GLY D 797 -27.75 -61.11 23.06
CA GLY D 797 -28.97 -61.00 22.30
C GLY D 797 -28.87 -61.52 20.88
N LEU D 798 -29.98 -61.43 20.17
CA LEU D 798 -30.04 -61.81 18.76
C LEU D 798 -29.77 -60.57 17.91
N VAL D 799 -28.60 -60.56 17.26
CA VAL D 799 -28.21 -59.48 16.36
C VAL D 799 -28.02 -60.07 14.97
N THR D 800 -28.78 -59.58 14.01
CA THR D 800 -28.67 -60.05 12.64
C THR D 800 -27.42 -59.45 11.98
N LEU D 801 -26.49 -60.31 11.57
CA LEU D 801 -25.25 -59.88 10.92
C LEU D 801 -25.27 -60.15 9.42
N THR D 802 -26.42 -60.55 8.87
CA THR D 802 -26.45 -61.01 7.47
C THR D 802 -26.14 -59.88 6.51
N THR D 803 -26.70 -58.71 6.72
CA THR D 803 -26.48 -57.56 5.85
C THR D 803 -25.31 -56.69 6.30
N SER D 804 -24.58 -57.10 7.33
CA SER D 804 -23.43 -56.34 7.83
C SER D 804 -22.18 -56.78 7.08
N ALA D 805 -21.32 -55.83 6.74
CA ALA D 805 -20.22 -56.07 5.82
C ALA D 805 -18.85 -55.85 6.47
N PHE D 806 -17.88 -56.63 6.03
CA PHE D 806 -16.48 -56.44 6.40
C PHE D 806 -15.79 -55.52 5.40
N ALA D 807 -15.15 -54.46 5.92
CA ALA D 807 -14.34 -53.55 5.13
C ALA D 807 -12.98 -53.43 5.80
N THR D 808 -11.94 -53.91 5.12
CA THR D 808 -10.59 -54.05 5.67
C THR D 808 -10.63 -54.58 7.10
N GLU D 809 -11.22 -55.78 7.23
CA GLU D 809 -11.29 -56.53 8.48
C GLU D 809 -12.08 -55.81 9.58
N VAL D 810 -12.94 -54.85 9.21
CA VAL D 810 -13.79 -54.16 10.17
C VAL D 810 -15.23 -54.43 9.77
N LEU D 811 -16.00 -54.98 10.70
CA LEU D 811 -17.41 -55.28 10.48
C LEU D 811 -18.24 -54.14 11.03
N THR D 812 -19.05 -53.53 10.19
CA THR D 812 -19.96 -52.47 10.59
C THR D 812 -21.38 -53.04 10.64
N LEU D 813 -22.00 -52.98 11.83
CA LEU D 813 -23.32 -53.56 12.00
C LEU D 813 -24.35 -52.78 11.19
N ALA D 814 -25.11 -53.50 10.37
CA ALA D 814 -26.17 -52.91 9.57
C ALA D 814 -27.46 -53.70 9.72
N GLY E 34 -44.48 59.31 12.09
CA GLY E 34 -44.98 59.00 10.76
C GLY E 34 -45.74 57.67 10.71
N VAL E 35 -46.71 57.58 9.80
CA VAL E 35 -47.54 56.39 9.65
C VAL E 35 -47.03 55.58 8.46
N SER E 36 -46.94 54.27 8.65
CA SER E 36 -46.43 53.39 7.60
C SER E 36 -47.41 53.31 6.43
N GLY E 37 -46.86 53.18 5.23
CA GLY E 37 -47.64 53.10 4.02
C GLY E 37 -47.53 51.74 3.35
N SER E 38 -47.26 51.71 2.05
CA SER E 38 -47.22 50.48 1.28
C SER E 38 -45.81 50.19 0.80
N THR E 39 -45.58 48.92 0.46
CA THR E 39 -44.35 48.49 -0.19
C THR E 39 -44.62 48.31 -1.67
N LEU E 40 -43.82 48.98 -2.51
CA LEU E 40 -44.05 49.10 -3.95
C LEU E 40 -42.86 48.48 -4.68
N SER E 41 -43.04 47.24 -5.14
CA SER E 41 -41.97 46.50 -5.80
C SER E 41 -41.92 46.84 -7.30
N LEU E 42 -40.76 47.29 -7.78
CA LEU E 42 -40.60 47.48 -9.21
C LEU E 42 -40.50 46.12 -9.91
N THR E 43 -40.73 46.14 -11.22
CA THR E 43 -40.71 44.96 -12.07
C THR E 43 -39.66 45.12 -13.18
N THR E 44 -39.46 44.03 -13.94
CA THR E 44 -38.59 44.09 -15.11
C THR E 44 -39.23 44.80 -16.30
N GLY E 45 -40.51 45.14 -16.20
CA GLY E 45 -41.16 45.97 -17.21
C GLY E 45 -41.04 47.44 -16.83
N THR E 46 -41.73 48.27 -17.60
CA THR E 46 -41.72 49.73 -17.37
C THR E 46 -42.74 50.07 -16.28
N ASP E 47 -42.25 50.56 -15.14
CA ASP E 47 -43.12 50.84 -14.01
C ASP E 47 -43.45 52.32 -13.90
N THR E 48 -44.66 52.62 -13.44
CA THR E 48 -45.09 53.96 -13.09
C THR E 48 -45.72 53.83 -11.72
N LEU E 49 -44.94 54.11 -10.67
CA LEU E 49 -45.37 53.83 -9.30
C LEU E 49 -45.51 55.14 -8.54
N THR E 50 -46.69 55.35 -7.95
CA THR E 50 -46.98 56.50 -7.11
C THR E 50 -47.29 56.01 -5.71
N GLY E 51 -46.60 56.57 -4.72
CA GLY E 51 -46.77 56.14 -3.35
C GLY E 51 -48.05 56.69 -2.74
N THR E 52 -48.20 56.39 -1.46
CA THR E 52 -49.32 56.83 -0.64
C THR E 52 -48.91 58.06 0.16
N ALA E 53 -49.90 58.87 0.53
CA ALA E 53 -49.66 59.99 1.44
C ALA E 53 -48.89 59.61 2.71
N ASN E 54 -48.54 58.33 2.89
CA ASN E 54 -47.79 57.87 4.05
C ASN E 54 -46.37 57.46 3.66
N ASN E 55 -45.69 56.83 4.62
CA ASN E 55 -44.29 56.43 4.47
C ASN E 55 -44.19 55.14 3.69
N ASP E 56 -43.73 55.23 2.44
CA ASP E 56 -43.68 54.08 1.54
C ASP E 56 -42.25 53.61 1.37
N THR E 57 -42.12 52.36 0.94
CA THR E 57 -40.84 51.76 0.62
C THR E 57 -40.89 51.27 -0.82
N PHE E 58 -40.06 51.85 -1.67
CA PHE E 58 -39.94 51.42 -3.06
C PHE E 58 -38.80 50.41 -3.18
N VAL E 59 -39.10 49.23 -3.70
CA VAL E 59 -38.13 48.14 -3.80
C VAL E 59 -37.74 47.96 -5.26
N ALA E 60 -36.49 48.27 -5.57
CA ALA E 60 -35.94 48.13 -6.93
C ALA E 60 -34.89 47.02 -6.91
N GLY E 61 -35.37 45.79 -6.75
CA GLY E 61 -34.51 44.62 -6.72
C GLY E 61 -34.25 43.99 -8.08
N GLU E 62 -33.99 42.68 -8.05
CA GLU E 62 -33.77 41.82 -9.20
C GLU E 62 -34.89 40.79 -9.33
N VAL E 63 -35.15 40.36 -10.55
CA VAL E 63 -36.01 39.20 -10.80
C VAL E 63 -35.20 38.19 -11.58
N ALA E 64 -34.80 37.10 -10.92
CA ALA E 64 -34.01 36.04 -11.54
C ALA E 64 -32.75 36.60 -12.20
N GLY E 65 -32.08 37.53 -11.52
CA GLY E 65 -30.85 38.11 -12.01
C GLY E 65 -31.00 39.32 -12.91
N ALA E 66 -32.21 39.79 -13.19
CA ALA E 66 -32.44 40.94 -14.06
C ALA E 66 -32.91 42.13 -13.24
N ALA E 67 -32.30 43.28 -13.48
CA ALA E 67 -32.64 44.47 -12.71
C ALA E 67 -34.09 44.90 -12.97
N THR E 68 -34.71 45.47 -11.94
CA THR E 68 -36.07 45.96 -12.04
C THR E 68 -36.15 47.48 -12.15
N LEU E 69 -35.05 48.19 -11.86
CA LEU E 69 -34.96 49.61 -12.20
C LEU E 69 -34.52 49.69 -13.66
N THR E 70 -35.43 50.08 -14.55
CA THR E 70 -35.21 49.87 -15.97
C THR E 70 -35.60 51.12 -16.74
N VAL E 71 -35.25 51.12 -18.03
CA VAL E 71 -35.47 52.28 -18.87
C VAL E 71 -36.92 52.72 -18.77
N GLY E 72 -37.12 54.03 -18.53
CA GLY E 72 -38.44 54.62 -18.53
C GLY E 72 -39.18 54.56 -17.22
N ASP E 73 -38.64 53.88 -16.19
CA ASP E 73 -39.34 53.77 -14.91
C ASP E 73 -39.66 55.15 -14.36
N THR E 74 -40.84 55.30 -13.78
CA THR E 74 -41.25 56.56 -13.16
C THR E 74 -41.71 56.30 -11.73
N LEU E 75 -40.99 56.88 -10.76
CA LEU E 75 -41.29 56.73 -9.35
C LEU E 75 -41.64 58.08 -8.76
N SER E 76 -42.70 58.10 -7.95
CA SER E 76 -43.17 59.34 -7.32
C SER E 76 -43.60 58.99 -5.90
N GLY E 77 -42.84 59.48 -4.91
CA GLY E 77 -43.06 59.06 -3.54
C GLY E 77 -44.35 59.57 -2.92
N GLY E 78 -44.81 60.74 -3.35
CA GLY E 78 -45.93 61.36 -2.67
C GLY E 78 -45.53 61.91 -1.31
N ALA E 79 -46.57 62.30 -0.56
CA ALA E 79 -46.36 62.86 0.77
C ALA E 79 -45.82 61.78 1.71
N GLY E 80 -45.28 62.24 2.84
CA GLY E 80 -44.69 61.35 3.81
C GLY E 80 -43.22 61.06 3.54
N THR E 81 -42.63 60.33 4.47
CA THR E 81 -41.20 60.00 4.40
C THR E 81 -41.03 58.68 3.67
N ASP E 82 -40.48 58.73 2.47
CA ASP E 82 -40.46 57.60 1.56
C ASP E 82 -39.02 57.18 1.30
N VAL E 83 -38.83 55.90 0.98
CA VAL E 83 -37.50 55.34 0.82
C VAL E 83 -37.47 54.48 -0.45
N LEU E 84 -36.35 54.54 -1.16
CA LEU E 84 -36.11 53.69 -2.32
C LEU E 84 -34.90 52.79 -2.03
N ASN E 85 -35.12 51.48 -2.09
CA ASN E 85 -34.06 50.49 -1.92
C ASN E 85 -33.75 49.90 -3.28
N TRP E 86 -32.59 50.25 -3.82
CA TRP E 86 -32.15 49.80 -5.13
C TRP E 86 -31.02 48.80 -4.89
N VAL E 87 -31.29 47.52 -5.19
CA VAL E 87 -30.33 46.47 -4.88
C VAL E 87 -30.22 45.53 -6.07
N GLN E 88 -29.00 45.26 -6.51
CA GLN E 88 -28.82 44.42 -7.68
C GLN E 88 -27.41 43.88 -7.71
N ALA E 89 -27.24 42.68 -8.27
CA ALA E 89 -25.91 42.11 -8.37
C ALA E 89 -25.05 42.90 -9.33
N ALA E 90 -25.61 43.31 -10.47
CA ALA E 90 -24.81 44.03 -11.45
C ALA E 90 -24.38 45.39 -10.90
N ALA E 91 -23.24 45.86 -11.42
CA ALA E 91 -22.71 47.17 -11.06
C ALA E 91 -23.74 48.25 -11.33
N VAL E 92 -23.73 49.28 -10.48
CA VAL E 92 -24.49 50.48 -10.74
C VAL E 92 -23.61 51.48 -11.46
N THR E 93 -23.98 51.88 -12.68
CA THR E 93 -23.18 52.83 -13.43
C THR E 93 -23.87 54.16 -13.67
N ALA E 94 -25.19 54.20 -13.56
CA ALA E 94 -26.00 55.41 -13.69
C ALA E 94 -27.45 55.01 -13.45
N LEU E 95 -28.30 56.00 -13.30
CA LEU E 95 -29.73 55.77 -13.44
C LEU E 95 -30.02 55.31 -14.87
N PRO E 96 -30.88 54.30 -15.05
CA PRO E 96 -31.19 53.88 -16.41
C PRO E 96 -31.80 55.02 -17.22
N THR E 97 -31.68 54.90 -18.53
CA THR E 97 -32.21 55.89 -19.46
C THR E 97 -33.67 56.20 -19.20
N GLY E 98 -34.00 57.49 -19.14
CA GLY E 98 -35.39 57.92 -19.06
C GLY E 98 -36.07 57.72 -17.73
N VAL E 99 -35.31 57.39 -16.68
CA VAL E 99 -35.89 57.15 -15.36
C VAL E 99 -36.17 58.47 -14.66
N THR E 100 -37.33 58.58 -14.02
CA THR E 100 -37.68 59.76 -13.24
C THR E 100 -38.04 59.35 -11.82
N ILE E 101 -37.38 59.98 -10.86
CA ILE E 101 -37.60 59.71 -9.43
C ILE E 101 -37.86 61.05 -8.74
N SER E 102 -38.97 61.13 -8.01
CA SER E 102 -39.28 62.36 -7.29
C SER E 102 -40.10 62.01 -6.06
N GLY E 103 -40.05 62.91 -5.07
CA GLY E 103 -40.78 62.76 -3.84
C GLY E 103 -40.28 61.70 -2.88
N ILE E 104 -39.12 61.11 -3.15
CA ILE E 104 -38.57 60.05 -2.31
C ILE E 104 -37.36 60.62 -1.56
N GLU E 105 -37.46 60.61 -0.24
CA GLU E 105 -36.54 61.36 0.60
C GLU E 105 -35.21 60.63 0.81
N THR E 106 -35.21 59.29 0.83
CA THR E 106 -34.02 58.49 1.05
C THR E 106 -33.85 57.45 -0.04
N MET E 107 -32.62 57.31 -0.53
CA MET E 107 -32.30 56.30 -1.54
C MET E 107 -31.14 55.45 -1.05
N ASN E 108 -31.38 54.14 -0.90
CA ASN E 108 -30.35 53.18 -0.57
C ASN E 108 -29.96 52.40 -1.83
N VAL E 109 -28.67 52.36 -2.12
CA VAL E 109 -28.16 51.72 -3.32
C VAL E 109 -27.15 50.66 -2.90
N THR E 110 -27.42 49.40 -3.25
CA THR E 110 -26.55 48.29 -2.91
C THR E 110 -26.28 47.49 -4.17
N SER E 111 -25.01 47.28 -4.49
CA SER E 111 -24.67 46.48 -5.65
C SER E 111 -23.69 45.38 -5.26
N GLY E 112 -23.71 44.31 -6.04
CA GLY E 112 -22.75 43.25 -5.93
C GLY E 112 -21.43 43.55 -6.60
N ALA E 113 -21.37 44.67 -7.32
CA ALA E 113 -20.14 45.15 -7.92
C ALA E 113 -19.96 46.62 -7.58
N ALA E 114 -19.36 47.40 -8.48
CA ALA E 114 -19.06 48.78 -8.16
C ALA E 114 -20.29 49.66 -8.28
N ILE E 115 -20.22 50.83 -7.66
CA ILE E 115 -21.26 51.85 -7.74
C ILE E 115 -20.63 53.12 -8.29
N THR E 116 -21.17 53.59 -9.41
CA THR E 116 -20.86 54.90 -9.95
C THR E 116 -22.16 55.65 -10.18
N LEU E 117 -22.38 56.74 -9.46
CA LEU E 117 -23.69 57.36 -9.43
C LEU E 117 -23.56 58.83 -9.06
N ASN E 118 -24.30 59.68 -9.78
CA ASN E 118 -24.35 61.11 -9.54
C ASN E 118 -25.81 61.53 -9.36
N THR E 119 -26.18 61.93 -8.14
CA THR E 119 -27.54 62.35 -7.84
C THR E 119 -27.66 63.86 -7.64
N SER E 120 -26.67 64.64 -8.09
CA SER E 120 -26.71 66.09 -7.86
C SER E 120 -27.67 66.82 -8.80
N SER E 121 -28.36 66.10 -9.69
CA SER E 121 -29.45 66.68 -10.46
C SER E 121 -30.50 65.60 -10.66
N GLY E 122 -31.75 66.03 -10.77
CA GLY E 122 -32.85 65.09 -10.77
C GLY E 122 -33.13 64.67 -9.34
N VAL E 123 -33.71 63.47 -9.19
CA VAL E 123 -34.14 62.91 -7.92
C VAL E 123 -34.66 63.99 -6.97
N THR E 124 -35.59 64.81 -7.47
CA THR E 124 -36.11 65.91 -6.66
C THR E 124 -36.69 65.38 -5.35
N GLY E 125 -36.36 66.07 -4.26
CA GLY E 125 -36.82 65.76 -2.92
C GLY E 125 -35.95 64.79 -2.17
N LEU E 126 -34.85 64.31 -2.75
CA LEU E 126 -33.96 63.38 -2.07
C LEU E 126 -33.08 64.15 -1.09
N THR E 127 -33.07 63.70 0.16
CA THR E 127 -32.23 64.32 1.18
C THR E 127 -31.15 63.41 1.77
N ALA E 128 -31.21 62.10 1.50
CA ALA E 128 -30.19 61.16 2.00
C ALA E 128 -29.88 60.10 0.95
N LEU E 129 -28.61 59.95 0.62
CA LEU E 129 -28.12 58.93 -0.32
C LEU E 129 -27.15 58.01 0.40
N ASN E 130 -27.44 56.70 0.40
CA ASN E 130 -26.61 55.69 1.05
C ASN E 130 -26.19 54.64 0.02
N THR E 131 -24.88 54.51 -0.20
CA THR E 131 -24.36 53.59 -1.22
C THR E 131 -23.46 52.54 -0.57
N ASN E 132 -23.65 51.28 -0.96
CA ASN E 132 -23.06 50.14 -0.27
C ASN E 132 -22.47 49.15 -1.27
N THR E 133 -21.17 48.87 -1.14
CA THR E 133 -20.51 47.84 -1.92
C THR E 133 -19.69 46.94 -1.00
N SER E 134 -19.26 45.81 -1.56
CA SER E 134 -18.36 44.89 -0.91
C SER E 134 -17.33 44.43 -1.93
N GLY E 135 -16.05 44.68 -1.65
CA GLY E 135 -15.03 44.32 -2.59
C GLY E 135 -15.12 45.03 -3.93
N ALA E 136 -15.60 46.28 -3.94
CA ALA E 136 -15.75 46.99 -5.20
C ALA E 136 -15.70 48.50 -4.97
N ALA E 137 -15.34 49.23 -6.02
CA ALA E 137 -15.12 50.66 -5.94
C ALA E 137 -16.43 51.42 -5.78
N GLN E 138 -16.32 52.64 -5.28
CA GLN E 138 -17.45 53.56 -5.22
C GLN E 138 -16.99 54.92 -5.73
N THR E 139 -17.77 55.48 -6.65
CA THR E 139 -17.53 56.82 -7.20
C THR E 139 -18.87 57.53 -7.21
N VAL E 140 -19.14 58.32 -6.17
CA VAL E 140 -20.45 58.86 -5.90
C VAL E 140 -20.38 60.37 -5.73
N THR E 141 -21.27 61.07 -6.41
CA THR E 141 -21.47 62.50 -6.24
C THR E 141 -22.91 62.72 -5.80
N ALA E 142 -23.08 63.37 -4.65
CA ALA E 142 -24.40 63.70 -4.14
C ALA E 142 -24.67 65.19 -4.30
N GLY E 143 -25.96 65.54 -4.33
CA GLY E 143 -26.34 66.93 -4.32
C GLY E 143 -25.94 67.64 -3.04
N ALA E 144 -25.80 68.96 -3.13
CA ALA E 144 -25.31 69.73 -2.00
C ALA E 144 -26.27 69.70 -0.81
N GLY E 145 -27.51 69.26 -1.01
CA GLY E 145 -28.47 69.10 0.07
C GLY E 145 -28.72 67.68 0.52
N GLN E 146 -27.92 66.72 0.08
CA GLN E 146 -28.14 65.31 0.38
C GLN E 146 -27.04 64.79 1.28
N ASN E 147 -27.43 64.26 2.44
CA ASN E 147 -26.48 63.57 3.30
C ASN E 147 -26.04 62.28 2.63
N LEU E 148 -24.73 62.12 2.45
CA LEU E 148 -24.15 60.97 1.76
C LEU E 148 -23.47 60.06 2.75
N THR E 149 -23.79 58.75 2.68
CA THR E 149 -23.10 57.72 3.46
C THR E 149 -22.65 56.61 2.51
N ALA E 150 -21.34 56.51 2.29
CA ALA E 150 -20.76 55.46 1.45
C ALA E 150 -20.12 54.42 2.35
N THR E 151 -20.71 53.22 2.36
CA THR E 151 -20.24 52.10 3.18
C THR E 151 -19.65 51.04 2.27
N THR E 152 -18.38 50.72 2.50
CA THR E 152 -17.66 49.74 1.70
C THR E 152 -17.06 48.69 2.62
N ALA E 153 -17.45 47.43 2.43
CA ALA E 153 -16.80 46.33 3.11
C ALA E 153 -15.75 45.72 2.19
N ALA E 154 -14.72 45.14 2.79
CA ALA E 154 -13.64 44.44 2.06
C ALA E 154 -13.13 45.27 0.89
N GLN E 155 -12.89 46.56 1.15
CA GLN E 155 -12.50 47.49 0.08
C GLN E 155 -11.20 47.06 -0.59
N ALA E 156 -10.25 46.56 0.20
CA ALA E 156 -8.97 46.07 -0.31
C ALA E 156 -8.29 47.10 -1.21
N ALA E 157 -8.03 46.72 -2.46
CA ALA E 157 -7.33 47.59 -3.39
C ALA E 157 -8.27 48.47 -4.20
N ASN E 158 -9.57 48.35 -4.02
CA ASN E 158 -10.51 49.22 -4.70
C ASN E 158 -10.51 50.60 -4.06
N ASN E 159 -10.76 51.62 -4.88
CA ASN E 159 -10.75 53.01 -4.43
C ASN E 159 -12.17 53.50 -4.18
N VAL E 160 -12.30 54.36 -3.18
CA VAL E 160 -13.56 55.04 -2.86
C VAL E 160 -13.37 56.52 -3.06
N ALA E 161 -14.25 57.13 -3.87
CA ALA E 161 -14.20 58.56 -4.16
C ALA E 161 -15.62 59.10 -4.04
N VAL E 162 -15.80 60.10 -3.19
CA VAL E 162 -17.10 60.75 -3.01
C VAL E 162 -16.93 62.26 -3.17
N ASP E 163 -17.98 62.90 -3.70
CA ASP E 163 -17.98 64.32 -3.93
C ASP E 163 -19.37 64.87 -3.66
N GLY E 164 -19.43 66.19 -3.47
CA GLY E 164 -20.72 66.82 -3.22
C GLY E 164 -21.25 66.46 -1.83
N GLY E 165 -22.58 66.46 -1.72
CA GLY E 165 -23.24 66.09 -0.49
C GLY E 165 -23.41 67.23 0.48
N ALA E 166 -24.27 66.99 1.47
CA ALA E 166 -24.39 67.86 2.65
C ALA E 166 -23.40 67.35 3.69
N ASN E 167 -23.87 66.60 4.68
CA ASN E 167 -22.94 65.84 5.51
C ASN E 167 -22.51 64.59 4.77
N VAL E 168 -21.20 64.32 4.76
CA VAL E 168 -20.64 63.18 4.05
C VAL E 168 -20.02 62.21 5.06
N THR E 169 -20.34 60.92 4.91
CA THR E 169 -19.79 59.88 5.77
C THR E 169 -19.24 58.76 4.92
N VAL E 170 -17.98 58.40 5.16
CA VAL E 170 -17.33 57.27 4.52
C VAL E 170 -17.00 56.26 5.60
N ALA E 171 -17.51 55.04 5.46
CA ALA E 171 -17.31 53.97 6.44
C ALA E 171 -16.76 52.76 5.70
N SER E 172 -15.44 52.56 5.77
CA SER E 172 -14.73 51.58 4.97
C SER E 172 -13.99 50.61 5.88
N THR E 173 -14.18 49.31 5.63
CA THR E 173 -13.48 48.26 6.38
C THR E 173 -12.79 47.33 5.40
N GLY E 174 -11.82 46.58 5.93
CA GLY E 174 -11.05 45.69 5.07
C GLY E 174 -10.27 46.41 4.00
N VAL E 175 -9.89 47.67 4.25
CA VAL E 175 -9.13 48.43 3.28
C VAL E 175 -7.70 47.90 3.24
N THR E 176 -7.12 47.86 2.04
CA THR E 176 -5.67 47.67 1.96
C THR E 176 -5.08 48.85 1.19
N SER E 177 -4.57 48.60 -0.01
CA SER E 177 -3.93 49.69 -0.77
C SER E 177 -4.94 50.65 -1.38
N GLY E 178 -6.25 50.35 -1.30
CA GLY E 178 -7.23 51.21 -1.90
C GLY E 178 -7.25 52.59 -1.24
N THR E 179 -7.51 53.61 -2.04
CA THR E 179 -7.49 54.98 -1.56
C THR E 179 -8.89 55.44 -1.16
N THR E 180 -8.92 56.57 -0.45
CA THR E 180 -10.16 57.20 0.00
C THR E 180 -10.04 58.69 -0.32
N THR E 181 -10.92 59.20 -1.17
CA THR E 181 -10.85 60.58 -1.62
C THR E 181 -12.22 61.23 -1.48
N VAL E 182 -12.28 62.32 -0.72
CA VAL E 182 -13.52 63.04 -0.45
C VAL E 182 -13.36 64.46 -0.98
N GLY E 183 -14.29 64.89 -1.83
CA GLY E 183 -14.39 66.28 -2.23
C GLY E 183 -13.33 66.77 -3.19
N ALA E 184 -12.66 65.89 -3.93
CA ALA E 184 -11.66 66.34 -4.89
C ALA E 184 -12.27 67.16 -6.02
N ASN E 185 -13.54 66.93 -6.34
CA ASN E 185 -14.22 67.68 -7.37
C ASN E 185 -15.26 68.65 -6.84
N SER E 186 -15.95 68.31 -5.76
CA SER E 186 -16.88 69.21 -5.13
C SER E 186 -16.96 68.90 -3.64
N ALA E 187 -16.74 69.93 -2.81
CA ALA E 187 -16.64 69.75 -1.38
C ALA E 187 -18.01 69.49 -0.76
N ALA E 188 -18.00 68.79 0.37
CA ALA E 188 -19.22 68.67 1.17
C ALA E 188 -19.70 70.02 1.65
N SER E 189 -21.02 70.20 1.62
CA SER E 189 -21.61 71.43 2.16
C SER E 189 -21.62 71.40 3.69
N GLY E 190 -21.69 70.22 4.29
CA GLY E 190 -21.63 70.10 5.74
C GLY E 190 -20.34 69.49 6.25
N THR E 191 -20.43 68.58 7.22
CA THR E 191 -19.25 67.96 7.79
C THR E 191 -18.79 66.75 6.98
N VAL E 192 -17.55 66.34 7.23
CA VAL E 192 -16.96 65.16 6.63
C VAL E 192 -16.48 64.23 7.74
N SER E 193 -16.87 62.96 7.65
CA SER E 193 -16.47 61.92 8.60
C SER E 193 -16.01 60.70 7.82
N VAL E 194 -14.72 60.35 7.97
CA VAL E 194 -14.12 59.23 7.27
C VAL E 194 -13.59 58.24 8.32
N SER E 195 -13.98 56.97 8.17
CA SER E 195 -13.44 55.86 8.97
C SER E 195 -12.90 54.79 8.03
N VAL E 196 -11.64 54.43 8.22
CA VAL E 196 -10.94 53.49 7.35
C VAL E 196 -10.27 52.45 8.24
N ALA E 197 -10.63 51.18 8.05
CA ALA E 197 -10.10 50.09 8.85
C ALA E 197 -9.34 49.12 7.95
N ASN E 198 -8.15 48.73 8.40
CA ASN E 198 -7.24 47.85 7.68
C ASN E 198 -6.74 46.80 8.64
N SER E 199 -6.90 45.53 8.28
CA SER E 199 -6.41 44.42 9.10
C SER E 199 -5.29 43.65 8.43
N SER E 200 -4.83 44.11 7.27
CA SER E 200 -3.71 43.53 6.56
C SER E 200 -2.37 44.11 7.04
N THR E 201 -1.29 43.66 6.40
CA THR E 201 0.02 44.30 6.49
C THR E 201 0.31 45.18 5.28
N THR E 202 -0.66 45.34 4.39
CA THR E 202 -0.50 46.18 3.22
C THR E 202 -0.79 47.62 3.61
N THR E 203 0.15 48.51 3.32
CA THR E 203 0.02 49.92 3.72
C THR E 203 -1.29 50.50 3.21
N THR E 204 -2.06 51.11 4.12
CA THR E 204 -3.37 51.63 3.76
C THR E 204 -3.23 52.73 2.72
N GLY E 205 -4.07 52.67 1.68
CA GLY E 205 -4.04 53.68 0.64
C GLY E 205 -4.35 55.07 1.20
N ALA E 206 -3.78 56.08 0.55
CA ALA E 206 -3.87 57.45 1.03
C ALA E 206 -5.32 57.91 1.15
N ILE E 207 -5.57 58.73 2.16
CA ILE E 207 -6.87 59.33 2.42
C ILE E 207 -6.74 60.83 2.25
N ALA E 208 -7.62 61.41 1.42
CA ALA E 208 -7.59 62.84 1.12
C ALA E 208 -8.99 63.42 1.25
N VAL E 209 -9.11 64.53 1.95
CA VAL E 209 -10.36 65.25 2.10
C VAL E 209 -10.13 66.71 1.71
N THR E 210 -11.02 67.25 0.89
CA THR E 210 -10.96 68.67 0.54
C THR E 210 -12.29 69.33 0.86
N GLY E 211 -12.26 70.28 1.78
CA GLY E 211 -13.44 71.07 2.10
C GLY E 211 -14.35 70.41 3.12
N GLY E 212 -15.36 71.17 3.53
CA GLY E 212 -16.27 70.73 4.57
C GLY E 212 -16.24 71.70 5.74
N THR E 213 -17.32 71.78 6.51
CA THR E 213 -17.33 72.70 7.65
C THR E 213 -16.43 72.20 8.78
N ALA E 214 -16.33 70.87 8.94
CA ALA E 214 -15.41 70.23 9.87
C ALA E 214 -15.12 68.83 9.34
N VAL E 215 -13.89 68.37 9.53
CA VAL E 215 -13.42 67.12 8.94
C VAL E 215 -12.89 66.22 10.05
N THR E 216 -13.29 64.95 10.02
CA THR E 216 -12.70 63.93 10.88
C THR E 216 -12.29 62.74 10.00
N VAL E 217 -11.02 62.36 10.08
CA VAL E 217 -10.50 61.16 9.43
C VAL E 217 -10.02 60.22 10.53
N ALA E 218 -10.71 59.11 10.72
CA ALA E 218 -10.38 58.13 11.77
C ALA E 218 -9.91 56.83 11.13
N GLN E 219 -8.66 56.49 11.37
CA GLN E 219 -8.03 55.28 10.87
C GLN E 219 -7.87 54.29 12.00
N THR E 220 -7.97 53.00 11.68
CA THR E 220 -7.61 51.94 12.61
C THR E 220 -6.79 50.87 11.89
N ALA E 221 -5.88 50.28 12.65
CA ALA E 221 -5.06 49.17 12.19
C ALA E 221 -5.41 47.94 13.02
N GLY E 222 -5.75 46.84 12.34
CA GLY E 222 -6.15 45.63 13.03
C GLY E 222 -5.34 44.42 12.60
N ASN E 223 -4.11 44.66 12.16
CA ASN E 223 -3.23 43.56 11.78
C ASN E 223 -2.91 42.71 13.01
N ALA E 224 -2.51 41.46 12.75
CA ALA E 224 -2.27 40.49 13.80
C ALA E 224 -0.95 40.76 14.51
N VAL E 225 -0.76 40.08 15.64
CA VAL E 225 0.48 40.22 16.39
C VAL E 225 1.63 39.69 15.54
N ASN E 226 2.82 40.20 15.81
CA ASN E 226 4.05 39.84 15.11
C ASN E 226 4.00 40.21 13.63
N THR E 227 3.13 41.14 13.27
CA THR E 227 3.12 41.75 11.94
C THR E 227 3.12 43.26 12.12
N THR E 228 3.52 43.98 11.07
CA THR E 228 3.56 45.44 11.11
C THR E 228 2.74 46.01 9.96
N LEU E 229 1.88 46.97 10.28
CA LEU E 229 1.09 47.68 9.29
C LEU E 229 1.40 49.17 9.39
N THR E 230 1.71 49.77 8.24
CA THR E 230 1.84 51.22 8.14
C THR E 230 0.49 51.80 7.72
N GLN E 231 -0.01 52.74 8.51
CA GLN E 231 -1.32 53.31 8.24
C GLN E 231 -1.22 54.38 7.14
N ALA E 232 -2.37 54.87 6.72
CA ALA E 232 -2.44 55.74 5.55
C ALA E 232 -1.93 57.14 5.85
N ASP E 233 -1.22 57.71 4.89
CA ASP E 233 -1.00 59.15 4.88
C ASP E 233 -2.34 59.86 4.67
N VAL E 234 -2.55 60.93 5.43
CA VAL E 234 -3.80 61.67 5.39
C VAL E 234 -3.52 63.11 4.98
N THR E 235 -4.28 63.58 3.99
CA THR E 235 -4.20 64.97 3.56
C THR E 235 -5.58 65.59 3.69
N VAL E 236 -5.67 66.69 4.44
CA VAL E 236 -6.92 67.41 4.59
C VAL E 236 -6.70 68.86 4.20
N THR E 237 -7.33 69.30 3.12
CA THR E 237 -7.29 70.68 2.67
C THR E 237 -8.66 71.31 2.93
N GLY E 238 -8.69 72.32 3.78
CA GLY E 238 -9.94 72.99 4.08
C GLY E 238 -10.44 73.84 2.91
N ASN E 239 -11.68 74.28 3.04
CA ASN E 239 -12.20 75.35 2.20
C ASN E 239 -12.59 76.53 3.09
N SER E 240 -13.34 77.48 2.53
CA SER E 240 -13.69 78.69 3.26
C SER E 240 -14.53 78.41 4.52
N SER E 241 -15.01 77.18 4.69
CA SER E 241 -15.88 76.85 5.82
C SER E 241 -15.23 75.94 6.86
N THR E 242 -14.06 75.38 6.57
CA THR E 242 -13.43 74.41 7.46
C THR E 242 -12.84 75.10 8.68
N THR E 243 -13.47 74.92 9.85
CA THR E 243 -12.97 75.52 11.08
C THR E 243 -12.17 74.54 11.93
N ALA E 244 -12.34 73.23 11.74
CA ALA E 244 -11.69 72.25 12.60
C ALA E 244 -11.39 70.98 11.83
N VAL E 245 -10.23 70.38 12.11
CA VAL E 245 -9.80 69.15 11.47
C VAL E 245 -9.35 68.18 12.56
N THR E 246 -9.79 66.93 12.44
CA THR E 246 -9.43 65.86 13.38
C THR E 246 -8.91 64.68 12.57
N VAL E 247 -7.76 64.14 12.96
CA VAL E 247 -7.18 62.98 12.30
C VAL E 247 -6.64 62.04 13.36
N THR E 248 -7.23 60.84 13.46
CA THR E 248 -6.85 59.87 14.47
C THR E 248 -6.47 58.55 13.82
N GLN E 249 -5.54 57.85 14.46
CA GLN E 249 -5.05 56.55 14.00
C GLN E 249 -4.81 55.64 15.20
N THR E 250 -4.57 54.35 14.91
CA THR E 250 -4.12 53.43 15.94
C THR E 250 -2.69 53.76 16.36
N ALA E 251 -2.42 53.70 17.66
CA ALA E 251 -1.09 54.06 18.17
C ALA E 251 0.00 53.19 17.56
N ALA E 252 1.15 53.80 17.32
CA ALA E 252 2.30 53.07 16.79
C ALA E 252 2.83 52.08 17.81
N ALA E 253 3.47 51.02 17.31
CA ALA E 253 4.00 49.98 18.18
C ALA E 253 5.04 49.17 17.41
N THR E 254 5.94 48.56 18.17
CA THR E 254 6.97 47.68 17.60
C THR E 254 6.49 46.25 17.64
N ALA E 255 6.53 45.59 16.49
CA ALA E 255 6.02 44.22 16.38
C ALA E 255 6.86 43.26 17.20
N GLY E 256 6.18 42.37 17.91
CA GLY E 256 6.83 41.31 18.65
C GLY E 256 5.92 40.10 18.69
N ALA E 257 6.38 39.07 19.39
CA ALA E 257 5.61 37.83 19.46
C ALA E 257 4.23 38.08 20.05
N THR E 258 4.11 39.04 20.97
CA THR E 258 2.84 39.32 21.63
C THR E 258 2.20 40.64 21.19
N VAL E 259 2.86 41.44 20.34
CA VAL E 259 2.45 42.81 20.08
C VAL E 259 2.30 43.00 18.58
N ALA E 260 1.17 43.58 18.17
CA ALA E 260 0.97 43.96 16.77
C ALA E 260 1.71 45.26 16.48
N GLY E 261 2.56 45.25 15.46
CA GLY E 261 3.32 46.44 15.10
C GLY E 261 2.49 47.39 14.24
N ARG E 262 2.69 48.68 14.48
CA ARG E 262 2.00 49.72 13.74
C ARG E 262 2.92 50.90 13.52
N VAL E 263 2.86 51.46 12.32
CA VAL E 263 3.50 52.73 12.00
C VAL E 263 2.39 53.71 11.62
N ASN E 264 2.53 54.95 12.07
CA ASN E 264 1.53 55.97 11.80
C ASN E 264 1.79 56.62 10.44
N GLY E 265 0.72 57.03 9.77
CA GLY E 265 0.86 57.74 8.52
C GLY E 265 1.13 59.22 8.71
N ALA E 266 1.69 59.84 7.67
CA ALA E 266 1.89 61.26 7.67
C ALA E 266 0.54 61.99 7.67
N VAL E 267 0.56 63.25 8.11
CA VAL E 267 -0.64 64.06 8.17
C VAL E 267 -0.32 65.45 7.64
N THR E 268 -1.07 65.91 6.64
CA THR E 268 -0.90 67.23 6.06
C THR E 268 -2.24 67.96 6.11
N ILE E 269 -2.31 69.04 6.86
CA ILE E 269 -3.52 69.82 7.00
C ILE E 269 -3.24 71.24 6.50
N THR E 270 -4.02 71.69 5.53
CA THR E 270 -3.77 72.98 4.88
C THR E 270 -5.06 73.79 4.87
N ASP E 271 -5.01 74.98 5.43
CA ASP E 271 -6.09 75.94 5.28
C ASP E 271 -6.16 76.42 3.83
N SER E 272 -7.38 76.63 3.32
CA SER E 272 -7.51 77.05 1.93
C SER E 272 -6.85 78.40 1.66
N ALA E 273 -6.68 79.24 2.68
CA ALA E 273 -6.06 80.55 2.51
C ALA E 273 -4.58 80.55 2.86
N ALA E 274 -3.96 79.38 2.97
CA ALA E 274 -2.60 79.29 3.50
C ALA E 274 -1.59 80.07 2.67
N ALA E 275 -1.82 80.19 1.36
CA ALA E 275 -0.86 80.87 0.50
C ALA E 275 -1.16 82.36 0.33
N SER E 276 -2.28 82.84 0.85
CA SER E 276 -2.72 84.20 0.55
C SER E 276 -1.99 85.22 1.43
N ALA E 277 -1.82 86.42 0.88
CA ALA E 277 -1.23 87.50 1.66
C ALA E 277 -2.26 88.29 2.46
N THR E 278 -3.55 88.14 2.13
CA THR E 278 -4.55 89.02 2.70
C THR E 278 -5.75 88.27 3.26
N THR E 279 -6.09 87.13 2.65
CA THR E 279 -7.29 86.42 3.01
C THR E 279 -7.12 85.67 4.34
N ALA E 280 -8.04 85.92 5.28
CA ALA E 280 -7.95 85.28 6.59
C ALA E 280 -8.17 83.78 6.47
N GLY E 281 -7.52 83.04 7.37
CA GLY E 281 -7.67 81.60 7.41
C GLY E 281 -8.92 81.19 8.15
N LYS E 282 -9.16 79.88 8.17
CA LYS E 282 -10.39 79.38 8.77
C LYS E 282 -10.16 78.24 9.76
N ILE E 283 -9.18 77.38 9.51
CA ILE E 283 -8.93 76.25 10.41
C ILE E 283 -8.29 76.79 11.68
N ALA E 284 -9.04 76.77 12.78
CA ALA E 284 -8.57 77.26 14.08
C ALA E 284 -8.13 76.15 15.01
N THR E 285 -8.69 74.95 14.87
CA THR E 285 -8.43 73.84 15.79
C THR E 285 -8.06 72.60 15.00
N VAL E 286 -7.01 71.91 15.43
CA VAL E 286 -6.61 70.63 14.89
C VAL E 286 -6.46 69.65 16.02
N THR E 287 -6.96 68.43 15.83
CA THR E 287 -6.82 67.34 16.79
C THR E 287 -6.11 66.20 16.10
N LEU E 288 -5.02 65.72 16.70
CA LEU E 288 -4.28 64.57 16.19
C LEU E 288 -4.23 63.50 17.28
N GLY E 289 -4.77 62.31 16.96
CA GLY E 289 -4.67 61.16 17.84
C GLY E 289 -3.72 60.12 17.28
N SER E 290 -2.46 60.19 17.72
CA SER E 290 -1.32 59.50 17.10
C SER E 290 -1.10 59.99 15.67
N PHE E 291 0.16 60.07 15.26
CA PHE E 291 0.48 60.65 13.96
C PHE E 291 1.92 60.34 13.62
N GLY E 292 2.22 60.30 12.32
CA GLY E 292 3.58 60.26 11.84
C GLY E 292 4.17 61.66 11.75
N ALA E 293 4.79 61.98 10.62
CA ALA E 293 5.26 63.33 10.37
C ALA E 293 4.07 64.19 9.97
N ALA E 294 3.72 65.16 10.82
CA ALA E 294 2.52 65.96 10.64
C ALA E 294 2.86 67.43 10.47
N THR E 295 2.11 68.11 9.60
CA THR E 295 2.21 69.55 9.41
C THR E 295 0.83 70.17 9.36
N ILE E 296 0.73 71.38 9.89
CA ILE E 296 -0.46 72.23 9.81
C ILE E 296 -0.02 73.57 9.25
N ASP E 297 -0.84 74.15 8.37
CA ASP E 297 -0.57 75.48 7.84
C ASP E 297 -1.87 76.27 7.83
N SER E 298 -2.05 77.14 8.82
CA SER E 298 -3.28 77.94 8.90
C SER E 298 -3.00 79.20 9.69
N SER E 299 -3.25 80.36 9.07
CA SER E 299 -3.15 81.64 9.77
C SER E 299 -4.16 81.76 10.91
N ALA E 300 -5.20 80.93 10.91
CA ALA E 300 -6.22 80.98 11.94
C ALA E 300 -5.98 80.03 13.09
N LEU E 301 -4.91 79.23 13.03
CA LEU E 301 -4.71 78.18 14.03
C LEU E 301 -4.40 78.76 15.40
N THR E 302 -5.18 78.35 16.40
CA THR E 302 -4.92 78.70 17.79
C THR E 302 -4.76 77.50 18.70
N THR E 303 -5.31 76.34 18.33
CA THR E 303 -5.40 75.21 19.25
C THR E 303 -5.04 73.92 18.53
N VAL E 304 -4.17 73.14 19.15
CA VAL E 304 -3.82 71.81 18.66
C VAL E 304 -3.99 70.84 19.83
N ASN E 305 -4.85 69.85 19.64
CA ASN E 305 -5.08 68.82 20.65
C ASN E 305 -4.32 67.58 20.22
N LEU E 306 -3.45 67.08 21.10
CA LEU E 306 -2.57 65.97 20.75
C LEU E 306 -2.68 64.86 21.78
N SER E 307 -2.68 63.62 21.27
CA SER E 307 -2.73 62.42 22.08
C SER E 307 -2.04 61.29 21.32
N GLY E 308 -1.69 60.22 22.03
CA GLY E 308 -1.15 59.04 21.38
C GLY E 308 0.32 59.17 21.02
N THR E 309 0.72 58.39 20.00
CA THR E 309 2.11 58.32 19.57
C THR E 309 2.33 59.23 18.35
N GLY E 310 3.18 60.23 18.52
CA GLY E 310 3.50 61.15 17.46
C GLY E 310 4.97 61.09 17.08
N THR E 311 5.26 61.39 15.82
CA THR E 311 6.65 61.52 15.38
C THR E 311 7.08 62.98 15.42
N SER E 312 6.48 63.82 14.58
CA SER E 312 6.84 65.24 14.56
C SER E 312 5.64 66.06 14.13
N LEU E 313 5.64 67.33 14.54
CA LEU E 313 4.59 68.27 14.17
C LEU E 313 5.23 69.61 13.86
N GLY E 314 5.07 70.07 12.62
CA GLY E 314 5.46 71.40 12.21
C GLY E 314 4.22 72.25 11.97
N ILE E 315 4.21 73.44 12.56
CA ILE E 315 3.03 74.28 12.55
C ILE E 315 3.35 75.54 11.75
N GLY E 316 2.65 75.72 10.63
CA GLY E 316 2.76 76.91 9.82
C GLY E 316 1.54 77.80 9.98
N ARG E 317 1.69 79.11 9.72
CA ARG E 317 0.60 80.06 9.96
C ARG E 317 0.20 80.79 8.68
N GLY E 318 0.25 80.11 7.55
CA GLY E 318 -0.09 80.80 6.33
C GLY E 318 1.03 81.74 5.88
N ALA E 319 0.64 82.73 5.07
CA ALA E 319 1.59 83.65 4.45
C ALA E 319 1.02 85.06 4.41
N LEU E 320 0.30 85.46 5.44
CA LEU E 320 -0.19 86.83 5.51
C LEU E 320 0.98 87.81 5.64
N THR E 321 0.84 88.96 4.96
CA THR E 321 1.87 90.00 5.03
C THR E 321 1.76 90.81 6.31
N ALA E 322 0.54 91.11 6.75
CA ALA E 322 0.33 91.87 7.98
C ALA E 322 0.90 91.15 9.20
N THR E 323 1.29 91.93 10.19
CA THR E 323 1.79 91.38 11.45
C THR E 323 0.61 90.88 12.29
N PRO E 324 0.63 89.62 12.73
CA PRO E 324 -0.49 89.12 13.53
C PRO E 324 -0.44 89.68 14.95
N THR E 325 -1.62 89.93 15.51
CA THR E 325 -1.75 90.36 16.90
C THR E 325 -2.03 89.21 17.85
N ALA E 326 -2.80 88.22 17.44
CA ALA E 326 -3.06 87.04 18.26
C ALA E 326 -1.98 86.01 17.96
N ASN E 327 -1.07 85.82 18.92
CA ASN E 327 0.08 84.95 18.70
C ASN E 327 0.24 83.97 19.84
N THR E 328 -0.88 83.40 20.31
CA THR E 328 -0.90 82.40 21.35
C THR E 328 -1.28 81.05 20.77
N LEU E 329 -0.46 80.04 21.04
CA LEU E 329 -0.72 78.66 20.62
C LEU E 329 -1.00 77.83 21.86
N THR E 330 -2.11 77.11 21.85
CA THR E 330 -2.49 76.23 22.94
C THR E 330 -2.37 74.78 22.50
N LEU E 331 -1.50 74.03 23.18
CA LEU E 331 -1.31 72.61 22.94
C LEU E 331 -1.94 71.84 24.09
N ASN E 332 -3.09 71.23 23.84
CA ASN E 332 -3.74 70.35 24.80
C ASN E 332 -3.25 68.93 24.53
N VAL E 333 -2.44 68.40 25.46
CA VAL E 333 -1.85 67.08 25.32
C VAL E 333 -2.47 66.15 26.36
N ASN E 334 -2.65 64.89 25.97
CA ASN E 334 -3.29 63.89 26.80
C ASN E 334 -2.68 62.55 26.41
N GLY E 335 -1.80 62.03 27.27
CA GLY E 335 -1.13 60.77 26.95
C GLY E 335 -0.31 60.83 25.68
N LEU E 336 0.30 61.98 25.40
CA LEU E 336 1.08 62.18 24.18
C LEU E 336 2.52 61.76 24.40
N THR E 337 3.09 61.08 23.40
CA THR E 337 4.51 60.83 23.34
C THR E 337 5.00 61.11 21.93
N THR E 338 5.87 62.09 21.77
CA THR E 338 6.49 62.36 20.48
C THR E 338 7.94 61.88 20.51
N THR E 339 8.38 61.29 19.40
CA THR E 339 9.77 60.92 19.25
C THR E 339 10.61 62.06 18.69
N GLY E 340 9.98 63.00 17.99
CA GLY E 340 10.66 64.16 17.43
C GLY E 340 10.07 65.46 17.91
N ALA E 341 10.23 66.53 17.12
CA ALA E 341 9.97 67.89 17.58
C ALA E 341 8.57 68.36 17.21
N ILE E 342 7.97 69.12 18.13
CA ILE E 342 6.87 70.03 17.82
C ILE E 342 7.50 71.39 17.55
N THR E 343 7.35 71.88 16.32
CA THR E 343 8.09 73.04 15.82
C THR E 343 7.16 74.15 15.35
N ASP E 344 7.41 75.37 15.82
CA ASP E 344 6.79 76.57 15.24
C ASP E 344 7.53 76.88 13.94
N SER E 345 6.95 76.43 12.82
CA SER E 345 7.61 76.61 11.54
C SER E 345 7.57 78.05 11.06
N GLU E 346 6.66 78.87 11.61
CA GLU E 346 6.54 80.24 11.15
C GLU E 346 7.55 81.16 11.80
N ALA E 347 8.04 80.82 13.00
CA ALA E 347 8.74 81.77 13.86
C ALA E 347 10.12 82.15 13.32
N ALA E 348 10.82 81.21 12.68
CA ALA E 348 12.22 81.44 12.32
C ALA E 348 12.36 82.62 11.34
N ALA E 349 11.57 82.63 10.28
CA ALA E 349 11.69 83.64 9.25
C ALA E 349 10.48 84.56 9.17
N ASP E 350 9.47 84.34 10.00
CA ASP E 350 8.24 85.12 9.93
C ASP E 350 7.76 85.30 11.36
N ASP E 351 6.48 85.60 11.53
CA ASP E 351 5.92 85.94 12.83
C ASP E 351 5.24 84.70 13.44
N GLY E 352 5.94 84.02 14.33
CA GLY E 352 5.42 82.86 15.01
C GLY E 352 4.70 83.20 16.30
N PHE E 353 4.48 82.16 17.10
CA PHE E 353 3.74 82.34 18.35
C PHE E 353 4.67 82.88 19.44
N THR E 354 4.17 83.86 20.19
CA THR E 354 4.93 84.46 21.29
C THR E 354 4.57 83.88 22.65
N THR E 355 3.36 83.30 22.79
CA THR E 355 2.94 82.60 23.99
C THR E 355 2.52 81.19 23.62
N ILE E 356 3.07 80.20 24.33
CA ILE E 356 2.71 78.81 24.15
C ILE E 356 2.15 78.27 25.46
N ASN E 357 0.91 77.80 25.42
CA ASN E 357 0.26 77.19 26.59
C ASN E 357 0.12 75.70 26.34
N ILE E 358 0.76 74.90 27.18
CA ILE E 358 0.66 73.46 27.10
C ILE E 358 -0.14 72.98 28.30
N ALA E 359 -1.29 72.36 28.03
CA ALA E 359 -2.20 71.87 29.06
C ALA E 359 -2.26 70.36 28.97
N GLY E 360 -1.74 69.69 29.98
CA GLY E 360 -1.75 68.24 30.06
C GLY E 360 -2.93 67.74 30.88
N SER E 361 -3.57 66.68 30.40
CA SER E 361 -4.79 66.21 31.06
C SER E 361 -4.87 64.70 31.00
N THR E 362 -5.53 64.12 32.01
CA THR E 362 -5.86 62.71 32.09
C THR E 362 -4.64 61.78 32.14
N ALA E 363 -3.70 61.92 31.22
CA ALA E 363 -2.55 61.03 31.20
C ALA E 363 -1.28 61.83 30.91
N SER E 364 -0.19 61.42 31.56
CA SER E 364 1.10 62.09 31.41
C SER E 364 1.54 62.13 29.95
N SER E 365 2.27 63.17 29.58
CA SER E 365 2.78 63.34 28.22
C SER E 365 4.26 63.66 28.24
N THR E 366 4.94 63.27 27.17
CA THR E 366 6.36 63.53 26.98
C THR E 366 6.59 64.02 25.56
N ILE E 367 7.02 65.27 25.44
CA ILE E 367 7.38 65.86 24.15
C ILE E 367 8.90 65.80 24.02
N ALA E 368 9.39 65.08 23.01
CA ALA E 368 10.83 64.92 22.85
C ALA E 368 11.51 66.27 22.68
N SER E 369 10.96 67.14 21.84
CA SER E 369 11.59 68.43 21.60
C SER E 369 10.52 69.46 21.27
N LEU E 370 10.61 70.63 21.90
CA LEU E 370 9.73 71.76 21.60
C LEU E 370 10.56 72.90 21.04
N VAL E 371 10.29 73.29 19.80
CA VAL E 371 11.08 74.30 19.10
C VAL E 371 10.18 75.47 18.75
N ALA E 372 10.49 76.66 19.30
CA ALA E 372 9.64 77.83 19.11
C ALA E 372 10.53 79.08 19.19
N ALA E 373 10.95 79.58 18.03
CA ALA E 373 11.96 80.62 17.98
C ALA E 373 11.43 82.01 18.34
N ASP E 374 10.11 82.20 18.38
CA ASP E 374 9.55 83.50 18.74
C ASP E 374 8.87 83.48 20.11
N ALA E 375 8.85 82.34 20.80
CA ALA E 375 8.16 82.24 22.08
C ALA E 375 8.90 83.01 23.17
N THR E 376 8.16 83.84 23.90
CA THR E 376 8.71 84.54 25.06
C THR E 376 8.07 84.07 26.36
N THR E 377 6.93 83.39 26.30
CA THR E 377 6.26 82.85 27.47
C THR E 377 5.79 81.42 27.20
N LEU E 378 6.16 80.51 28.09
CA LEU E 378 5.69 79.12 28.07
C LEU E 378 4.96 78.83 29.37
N ASN E 379 3.67 78.50 29.26
CA ASN E 379 2.83 78.15 30.41
C ASN E 379 2.43 76.70 30.31
N ILE E 380 2.63 75.95 31.40
CA ILE E 380 2.34 74.52 31.46
C ILE E 380 1.32 74.29 32.58
N SER E 381 0.11 73.91 32.18
CA SER E 381 -1.02 73.74 33.09
C SER E 381 -1.54 72.31 33.02
N GLY E 382 -2.57 72.03 33.81
CA GLY E 382 -3.32 70.80 33.70
C GLY E 382 -3.22 69.95 34.94
N ASP E 383 -3.74 68.72 34.82
CA ASP E 383 -3.79 67.79 35.93
C ASP E 383 -3.08 66.48 35.61
N ALA E 384 -2.18 66.48 34.64
CA ALA E 384 -1.36 65.32 34.31
C ALA E 384 0.01 65.82 33.90
N ARG E 385 1.05 65.05 34.24
CA ARG E 385 2.41 65.54 34.05
C ARG E 385 2.69 65.88 32.58
N VAL E 386 3.42 66.97 32.38
CA VAL E 386 3.94 67.33 31.06
C VAL E 386 5.46 67.31 31.15
N THR E 387 6.09 66.48 30.33
CA THR E 387 7.53 66.40 30.25
C THR E 387 7.98 66.91 28.88
N ILE E 388 8.87 67.89 28.88
CA ILE E 388 9.49 68.39 27.66
C ILE E 388 10.96 68.03 27.75
N THR E 389 11.33 66.94 27.06
CA THR E 389 12.69 66.42 27.18
C THR E 389 13.71 67.47 26.80
N SER E 390 13.45 68.21 25.73
CA SER E 390 14.33 69.29 25.34
C SER E 390 13.50 70.39 24.69
N HIS E 391 13.99 71.62 24.79
CA HIS E 391 13.35 72.76 24.16
C HIS E 391 14.40 73.65 23.53
N THR E 392 14.06 74.27 22.41
CA THR E 392 14.91 75.25 21.75
C THR E 392 14.05 76.49 21.54
N ALA E 393 14.20 77.46 22.44
CA ALA E 393 13.36 78.65 22.45
C ALA E 393 14.17 79.78 23.12
N ALA E 394 15.11 80.33 22.35
CA ALA E 394 16.07 81.28 22.89
C ALA E 394 15.43 82.59 23.31
N ALA E 395 14.24 82.91 22.81
CA ALA E 395 13.57 84.16 23.14
C ALA E 395 12.71 84.07 24.39
N LEU E 396 12.70 82.93 25.08
CA LEU E 396 11.88 82.81 26.29
C LEU E 396 12.39 83.75 27.37
N THR E 397 11.46 84.45 28.02
CA THR E 397 11.76 85.23 29.21
C THR E 397 11.11 84.68 30.46
N GLY E 398 10.12 83.79 30.32
CA GLY E 398 9.46 83.20 31.45
C GLY E 398 8.80 81.87 31.16
N ILE E 399 9.00 80.91 32.05
CA ILE E 399 8.26 79.66 32.07
C ILE E 399 7.50 79.59 33.40
N THR E 400 6.19 79.40 33.32
CA THR E 400 5.35 79.29 34.50
C THR E 400 4.58 77.98 34.46
N VAL E 401 4.63 77.24 35.56
CA VAL E 401 3.97 75.95 35.68
C VAL E 401 2.88 76.09 36.73
N THR E 402 1.64 75.81 36.31
CA THR E 402 0.52 75.69 37.24
C THR E 402 0.02 74.25 37.33
N ASN E 403 0.59 73.34 36.54
CA ASN E 403 0.14 71.96 36.48
C ASN E 403 0.20 71.32 37.86
N SER E 404 -0.94 70.83 38.35
CA SER E 404 -1.04 70.32 39.71
C SER E 404 -0.20 69.06 39.91
N VAL E 405 0.11 68.31 38.86
CA VAL E 405 0.97 67.15 39.00
C VAL E 405 2.43 67.55 38.89
N GLY E 406 2.77 68.41 37.94
CA GLY E 406 4.12 68.89 37.79
C GLY E 406 4.56 68.87 36.33
N ALA E 407 5.67 69.57 36.09
CA ALA E 407 6.30 69.62 34.79
C ALA E 407 7.76 69.26 34.92
N THR E 408 8.28 68.57 33.92
CA THR E 408 9.68 68.18 33.85
C THR E 408 10.27 68.74 32.57
N LEU E 409 11.35 69.51 32.70
CA LEU E 409 12.08 70.05 31.57
C LEU E 409 13.50 69.51 31.61
N GLY E 410 13.92 68.85 30.53
CA GLY E 410 15.19 68.15 30.52
C GLY E 410 16.36 69.01 30.08
N ALA E 411 16.07 70.09 29.36
CA ALA E 411 17.12 71.00 28.90
C ALA E 411 17.40 72.07 29.94
N GLU E 412 18.68 72.34 30.16
CA GLU E 412 19.05 73.35 31.13
C GLU E 412 18.52 74.71 30.70
N LEU E 413 17.87 75.41 31.61
CA LEU E 413 17.30 76.71 31.29
C LEU E 413 18.41 77.73 31.04
N ALA E 414 18.14 78.65 30.12
CA ALA E 414 19.04 79.78 29.89
C ALA E 414 19.21 80.58 31.19
N THR E 415 20.41 81.14 31.38
CA THR E 415 20.72 81.82 32.63
C THR E 415 19.82 83.03 32.87
N GLY E 416 19.35 83.68 31.81
CA GLY E 416 18.46 84.81 31.94
C GLY E 416 16.98 84.46 31.97
N LEU E 417 16.65 83.19 32.07
CA LEU E 417 15.27 82.72 32.00
C LEU E 417 14.71 82.50 33.39
N VAL E 418 13.53 83.06 33.64
CA VAL E 418 12.81 82.87 34.90
C VAL E 418 11.94 81.62 34.81
N PHE E 419 11.99 80.79 35.84
CA PHE E 419 11.10 79.63 35.97
C PHE E 419 10.32 79.74 37.27
N THR E 420 9.01 79.54 37.18
CA THR E 420 8.12 79.55 38.33
C THR E 420 7.38 78.22 38.36
N GLY E 421 7.71 77.37 39.33
CA GLY E 421 7.04 76.10 39.47
C GLY E 421 5.66 76.27 40.11
N GLY E 422 4.92 75.18 40.14
CA GLY E 422 3.60 75.20 40.75
C GLY E 422 3.47 74.25 41.91
N ALA E 423 2.23 73.94 42.31
CA ALA E 423 1.99 73.08 43.46
C ALA E 423 2.32 71.62 43.21
N GLY E 424 2.84 71.27 42.02
CA GLY E 424 3.19 69.91 41.71
C GLY E 424 4.69 69.68 41.82
N ALA E 425 5.07 68.44 41.50
CA ALA E 425 6.47 68.02 41.58
C ALA E 425 7.16 68.36 40.27
N ASP E 426 7.84 69.51 40.24
CA ASP E 426 8.50 70.01 39.04
C ASP E 426 9.99 69.69 39.07
N SER E 427 10.59 69.55 37.89
CA SER E 427 11.99 69.21 37.76
C SER E 427 12.63 70.00 36.64
N ILE E 428 13.72 70.70 36.95
CA ILE E 428 14.41 71.55 35.98
C ILE E 428 15.91 71.41 36.17
N LEU E 429 16.65 71.88 35.16
CA LEU E 429 18.09 71.99 35.20
C LEU E 429 18.46 73.47 35.14
N LEU E 430 19.39 73.88 35.99
CA LEU E 430 19.83 75.26 36.05
C LEU E 430 21.33 75.36 35.83
N GLY E 431 21.73 76.45 35.17
CA GLY E 431 23.11 76.86 35.14
C GLY E 431 23.35 77.99 36.11
N ALA E 432 24.34 78.83 35.78
CA ALA E 432 24.66 80.00 36.60
C ALA E 432 23.62 81.09 36.35
N THR E 433 22.40 80.81 36.80
CA THR E 433 21.25 81.67 36.49
C THR E 433 21.43 83.05 37.11
N THR E 434 20.79 84.05 36.48
CA THR E 434 20.80 85.41 36.98
C THR E 434 19.40 85.87 37.41
N LYS E 435 18.49 84.93 37.67
CA LYS E 435 17.11 85.25 37.96
C LYS E 435 16.68 84.55 39.25
N ALA E 436 15.50 84.92 39.74
CA ALA E 436 14.97 84.36 40.98
C ALA E 436 14.11 83.15 40.62
N ILE E 437 14.74 81.98 40.63
CA ILE E 437 14.05 80.73 40.29
C ILE E 437 13.26 80.25 41.51
N VAL E 438 12.00 79.91 41.28
CA VAL E 438 11.05 79.54 42.32
C VAL E 438 10.33 78.25 41.94
N MET E 439 10.32 77.27 42.86
CA MET E 439 9.75 75.95 42.59
C MET E 439 8.32 75.77 43.09
N GLY E 440 7.87 76.58 44.03
CA GLY E 440 6.53 76.38 44.57
C GLY E 440 6.42 75.13 45.44
N ALA E 441 5.18 74.83 45.81
CA ALA E 441 4.89 73.67 46.63
C ALA E 441 5.15 72.37 45.84
N GLY E 442 4.92 71.25 46.52
CA GLY E 442 5.22 69.94 45.95
C GLY E 442 6.70 69.60 46.06
N ASP E 443 7.00 68.34 45.84
CA ASP E 443 8.35 67.83 46.00
C ASP E 443 9.12 68.05 44.71
N ASP E 444 9.88 69.13 44.66
CA ASP E 444 10.53 69.55 43.43
C ASP E 444 11.95 69.02 43.36
N THR E 445 12.55 69.10 42.18
CA THR E 445 13.92 68.67 41.94
C THR E 445 14.61 69.68 41.05
N VAL E 446 15.78 70.16 41.47
CA VAL E 446 16.57 71.11 40.71
C VAL E 446 17.98 70.57 40.55
N THR E 447 18.46 70.50 39.31
CA THR E 447 19.81 70.06 39.01
C THR E 447 20.64 71.27 38.59
N VAL E 448 21.69 71.57 39.36
CA VAL E 448 22.55 72.73 39.09
C VAL E 448 23.84 72.22 38.46
N SER E 449 24.28 72.90 37.41
CA SER E 449 25.55 72.58 36.79
C SER E 449 26.66 73.50 37.26
N SER E 450 26.35 74.51 38.06
CA SER E 450 27.35 75.41 38.62
C SER E 450 27.01 75.66 40.09
N ALA E 451 27.96 75.38 40.98
CA ALA E 451 27.69 75.57 42.40
C ALA E 451 27.40 77.04 42.70
N THR E 452 28.04 77.94 41.98
CA THR E 452 27.85 79.38 42.14
C THR E 452 26.92 79.89 41.04
N LEU E 453 25.79 80.48 41.44
CA LEU E 453 24.86 81.09 40.50
C LEU E 453 25.41 82.43 39.99
N GLY E 454 24.72 82.98 38.99
CA GLY E 454 25.10 84.29 38.47
C GLY E 454 24.59 85.43 39.34
N ALA E 455 25.05 86.64 39.01
CA ALA E 455 24.64 87.83 39.75
C ALA E 455 23.13 87.99 39.72
N GLY E 456 22.53 88.10 40.90
CA GLY E 456 21.09 88.18 41.00
C GLY E 456 20.37 86.85 41.03
N GLY E 457 21.07 85.75 40.79
CA GLY E 457 20.42 84.46 40.72
C GLY E 457 20.16 83.85 42.09
N SER E 458 19.04 83.14 42.17
CA SER E 458 18.64 82.44 43.39
C SER E 458 17.64 81.36 42.99
N VAL E 459 17.62 80.28 43.78
CA VAL E 459 16.64 79.23 43.57
C VAL E 459 16.06 78.83 44.92
N ASN E 460 14.73 78.80 45.01
CA ASN E 460 14.02 78.38 46.20
C ASN E 460 13.23 77.12 45.90
N GLY E 461 13.44 76.09 46.71
CA GLY E 461 12.67 74.86 46.58
C GLY E 461 11.24 74.99 47.01
N GLY E 462 10.91 76.01 47.81
CA GLY E 462 9.55 76.20 48.27
C GLY E 462 9.12 75.13 49.27
N ASP E 463 7.81 75.12 49.52
CA ASP E 463 7.21 74.12 50.39
C ASP E 463 7.41 72.73 49.80
N GLY E 464 7.36 71.73 50.67
CA GLY E 464 7.56 70.36 50.27
C GLY E 464 8.98 69.89 50.54
N THR E 465 9.19 68.60 50.31
CA THR E 465 10.53 68.01 50.44
C THR E 465 11.21 68.06 49.08
N ASP E 466 12.22 68.90 48.98
CA ASP E 466 12.79 69.27 47.69
C ASP E 466 14.24 68.79 47.58
N VAL E 467 14.59 68.29 46.41
CA VAL E 467 15.90 67.69 46.15
C VAL E 467 16.71 68.64 45.30
N LEU E 468 17.93 68.94 45.75
CA LEU E 468 18.90 69.72 45.01
C LEU E 468 19.96 68.75 44.51
N VAL E 469 20.16 68.70 43.20
CA VAL E 469 21.09 67.77 42.58
C VAL E 469 22.34 68.53 42.22
N ALA E 470 23.47 68.13 42.80
CA ALA E 470 24.73 68.84 42.62
C ALA E 470 25.52 68.15 41.51
N ASN E 471 25.33 68.61 40.28
CA ASN E 471 26.14 68.13 39.18
C ASN E 471 27.36 69.02 39.01
N VAL E 472 28.16 69.05 40.09
CA VAL E 472 29.28 69.96 40.24
C VAL E 472 30.37 69.27 41.06
N ASN E 473 31.57 69.83 41.01
CA ASN E 473 32.71 69.36 41.78
C ASN E 473 32.78 70.16 43.08
N GLY E 474 32.14 69.65 44.12
CA GLY E 474 32.13 70.34 45.42
C GLY E 474 30.97 71.32 45.53
N SER E 475 30.49 71.47 46.77
CA SER E 475 29.33 72.32 47.03
C SER E 475 29.21 72.61 48.52
N SER E 476 28.58 73.77 48.85
CA SER E 476 28.15 74.14 50.21
C SER E 476 26.93 75.06 50.07
N PHE E 477 25.76 74.44 49.89
CA PHE E 477 24.56 75.19 49.50
C PHE E 477 23.81 75.81 50.68
N SER E 478 23.78 75.12 51.83
CA SER E 478 22.99 75.67 52.94
C SER E 478 23.58 76.99 53.43
N ALA E 479 24.89 77.19 53.26
CA ALA E 479 25.52 78.45 53.64
C ALA E 479 25.31 79.55 52.60
N ASP E 480 24.88 79.19 51.40
CA ASP E 480 24.68 80.19 50.36
C ASP E 480 23.25 80.70 50.47
N PRO E 481 23.04 81.99 50.79
CA PRO E 481 21.68 82.52 50.88
C PRO E 481 20.96 82.56 49.55
N ALA E 482 21.67 82.40 48.43
CA ALA E 482 21.01 82.36 47.14
C ALA E 482 20.21 81.07 46.96
N PHE E 483 20.50 80.04 47.75
CA PHE E 483 19.77 78.78 47.74
C PHE E 483 18.93 78.66 48.99
N GLY E 484 17.72 78.11 48.84
CA GLY E 484 16.83 77.93 49.97
C GLY E 484 15.78 76.88 49.70
N GLY E 485 15.28 76.26 50.78
CA GLY E 485 14.15 75.38 50.71
C GLY E 485 14.42 73.96 50.25
N PHE E 486 15.69 73.55 50.20
CA PHE E 486 16.05 72.21 49.76
C PHE E 486 16.44 71.37 50.97
N GLU E 487 15.73 70.26 51.14
CA GLU E 487 15.87 69.36 52.28
C GLU E 487 16.74 68.16 51.97
N THR E 488 16.86 67.78 50.69
CA THR E 488 17.64 66.63 50.28
C THR E 488 18.72 67.05 49.29
N LEU E 489 19.91 66.50 49.46
CA LEU E 489 21.05 66.77 48.59
C LEU E 489 21.43 65.49 47.85
N ARG E 490 21.33 65.53 46.53
CA ARG E 490 21.76 64.42 45.67
C ARG E 490 23.03 64.83 44.94
N VAL E 491 24.03 63.95 44.94
CA VAL E 491 25.24 64.15 44.16
C VAL E 491 25.15 63.16 43.00
N ALA E 492 24.86 63.69 41.80
CA ALA E 492 24.67 62.86 40.62
C ALA E 492 24.87 63.71 39.38
N GLY E 493 25.52 63.14 38.37
CA GLY E 493 25.72 63.82 37.11
C GLY E 493 27.08 63.59 36.49
N ALA E 494 27.24 63.98 35.23
CA ALA E 494 28.49 63.78 34.51
C ALA E 494 29.63 64.64 35.05
N ALA E 495 29.33 65.64 35.88
CA ALA E 495 30.35 66.45 36.53
C ALA E 495 30.31 66.35 38.04
N ALA E 496 29.52 65.42 38.59
CA ALA E 496 29.35 65.30 40.04
C ALA E 496 30.56 64.60 40.66
N GLN E 497 31.11 65.20 41.72
CA GLN E 497 32.43 64.85 42.21
C GLN E 497 32.72 65.71 43.44
N GLY E 498 33.82 65.39 44.14
CA GLY E 498 34.38 66.27 45.14
C GLY E 498 33.62 66.29 46.46
N SER E 499 33.96 67.29 47.27
CA SER E 499 33.48 67.37 48.64
C SER E 499 32.24 68.25 48.71
N HIS E 500 31.15 67.68 49.21
CA HIS E 500 29.86 68.36 49.31
C HIS E 500 29.47 68.49 50.77
N ASN E 501 29.19 69.72 51.18
CA ASN E 501 28.84 70.01 52.56
C ASN E 501 27.41 69.56 52.79
N ALA E 502 27.23 68.56 53.65
CA ALA E 502 25.90 68.03 53.94
C ALA E 502 25.16 68.78 55.04
N ASN E 503 25.80 69.80 55.64
CA ASN E 503 25.13 70.61 56.65
C ASN E 503 23.88 71.27 56.09
N GLY E 504 22.78 71.19 56.83
CA GLY E 504 21.52 71.77 56.44
C GLY E 504 20.66 70.90 55.55
N PHE E 505 21.02 69.64 55.38
CA PHE E 505 20.25 68.68 54.60
C PHE E 505 19.85 67.52 55.48
N THR E 506 18.60 67.09 55.36
CA THR E 506 18.07 66.00 56.18
C THR E 506 18.22 64.64 55.52
N ALA E 507 18.62 64.57 54.26
CA ALA E 507 18.83 63.30 53.60
C ALA E 507 19.84 63.48 52.48
N LEU E 508 20.61 62.44 52.21
CA LEU E 508 21.60 62.45 51.15
C LEU E 508 21.27 61.39 50.11
N GLN E 509 21.60 61.70 48.85
CA GLN E 509 21.39 60.76 47.77
C GLN E 509 22.63 60.75 46.87
N LEU E 510 22.82 59.63 46.18
CA LEU E 510 23.98 59.47 45.31
C LEU E 510 23.57 58.71 44.06
N GLY E 511 23.97 59.23 42.90
CA GLY E 511 23.72 58.57 41.64
C GLY E 511 24.99 58.35 40.87
N ALA E 512 24.90 58.32 39.54
CA ALA E 512 26.10 58.23 38.71
C ALA E 512 26.93 59.48 38.91
N THR E 513 28.26 59.31 38.91
CA THR E 513 29.15 60.41 39.24
C THR E 513 30.35 60.40 38.30
N ALA E 514 31.11 61.49 38.35
CA ALA E 514 32.35 61.62 37.60
C ALA E 514 33.57 61.15 38.38
N GLY E 515 33.48 61.07 39.71
CA GLY E 515 34.59 60.63 40.52
C GLY E 515 34.19 60.61 41.98
N ALA E 516 35.17 60.27 42.82
CA ALA E 516 34.89 60.05 44.23
C ALA E 516 34.28 61.30 44.88
N THR E 517 33.24 61.10 45.68
CA THR E 517 32.56 62.20 46.35
C THR E 517 32.59 61.98 47.86
N THR E 518 32.72 63.07 48.60
CA THR E 518 32.71 63.03 50.05
C THR E 518 31.62 63.95 50.56
N PHE E 519 30.76 63.42 51.42
CA PHE E 519 29.79 64.21 52.15
C PHE E 519 30.41 64.60 53.49
N THR E 520 30.58 65.89 53.72
CA THR E 520 31.12 66.41 54.97
C THR E 520 30.01 66.98 55.84
N ASN E 521 30.32 67.11 57.14
CA ASN E 521 29.42 67.72 58.12
C ASN E 521 28.05 67.05 58.14
N VAL E 522 28.04 65.71 58.06
CA VAL E 522 26.77 64.98 58.05
C VAL E 522 26.19 64.97 59.46
N ALA E 523 24.99 65.54 59.60
CA ALA E 523 24.34 65.62 60.89
C ALA E 523 23.86 64.24 61.33
N VAL E 524 23.57 64.12 62.63
CA VAL E 524 23.02 62.89 63.16
C VAL E 524 21.67 62.58 62.53
N ASN E 525 21.36 61.29 62.40
CA ASN E 525 20.07 60.81 61.89
C ASN E 525 19.85 61.23 60.43
N VAL E 526 20.91 61.31 59.65
CA VAL E 526 20.84 61.60 58.22
C VAL E 526 21.43 60.42 57.47
N GLY E 527 20.65 59.87 56.54
CA GLY E 527 21.05 58.70 55.79
C GLY E 527 21.42 59.01 54.35
N LEU E 528 22.06 58.02 53.72
CA LEU E 528 22.48 58.10 52.33
C LEU E 528 21.74 57.03 51.55
N THR E 529 21.12 57.43 50.44
CA THR E 529 20.44 56.50 49.53
C THR E 529 21.18 56.50 48.20
N VAL E 530 21.73 55.35 47.83
CA VAL E 530 22.42 55.21 46.56
C VAL E 530 21.42 54.76 45.51
N LEU E 531 21.32 55.52 44.42
CA LEU E 531 20.33 55.30 43.37
C LEU E 531 20.92 54.78 42.07
N ALA E 532 22.23 54.90 41.87
CA ALA E 532 22.88 54.43 40.66
C ALA E 532 24.35 54.21 40.98
N ALA E 533 25.03 53.44 40.13
CA ALA E 533 26.42 53.10 40.39
C ALA E 533 27.29 54.35 40.33
N PRO E 534 27.93 54.74 41.44
CA PRO E 534 28.82 55.90 41.41
C PRO E 534 30.21 55.52 40.92
N THR E 535 31.05 56.54 40.74
CA THR E 535 32.44 56.37 40.37
C THR E 535 33.33 56.85 41.51
N GLY E 536 34.32 56.04 41.88
CA GLY E 536 35.20 56.35 42.99
C GLY E 536 34.55 56.04 44.33
N THR E 537 35.37 56.09 45.38
CA THR E 537 34.88 55.79 46.72
C THR E 537 33.96 56.91 47.21
N THR E 538 32.87 56.53 47.84
CA THR E 538 31.98 57.48 48.51
C THR E 538 32.34 57.52 49.99
N THR E 539 32.62 58.71 50.49
CA THR E 539 33.03 58.91 51.89
C THR E 539 31.98 59.70 52.63
N VAL E 540 31.51 59.18 53.75
CA VAL E 540 30.57 59.87 54.61
C VAL E 540 31.32 60.29 55.87
N THR E 541 31.51 61.59 56.04
CA THR E 541 32.20 62.12 57.21
C THR E 541 31.18 62.72 58.16
N LEU E 542 30.94 62.04 59.28
CA LEU E 542 29.98 62.52 60.25
C LEU E 542 30.47 63.82 60.88
N ALA E 543 29.53 64.66 61.27
CA ALA E 543 29.90 65.87 61.98
C ALA E 543 30.53 65.54 63.34
N ASN E 544 30.07 64.45 63.96
CA ASN E 544 30.63 64.02 65.24
C ASN E 544 30.45 62.50 65.34
N ALA E 545 31.55 61.76 65.17
CA ALA E 545 31.59 60.32 65.37
C ALA E 545 32.26 59.92 66.68
N THR E 546 32.47 60.87 67.61
CA THR E 546 33.21 60.55 68.83
C THR E 546 32.43 59.65 69.80
N GLY E 547 31.11 59.56 69.64
CA GLY E 547 30.30 58.77 70.53
C GLY E 547 30.56 57.28 70.40
N THR E 548 30.06 56.54 71.40
CA THR E 548 30.23 55.10 71.46
C THR E 548 29.23 54.34 70.59
N SER E 549 28.10 54.95 70.24
CA SER E 549 26.99 54.21 69.64
C SER E 549 26.44 54.95 68.42
N ASP E 550 27.32 55.32 67.49
CA ASP E 550 26.90 56.01 66.29
C ASP E 550 26.27 55.04 65.28
N VAL E 551 25.16 55.46 64.68
CA VAL E 551 24.38 54.65 63.75
C VAL E 551 24.28 55.39 62.41
N PHE E 552 24.35 54.63 61.32
CA PHE E 552 24.15 55.18 59.98
C PHE E 552 23.23 54.28 59.18
N ASN E 553 22.31 54.88 58.45
CA ASN E 553 21.34 54.17 57.61
C ASN E 553 21.71 54.38 56.15
N LEU E 554 22.26 53.34 55.54
CA LEU E 554 22.60 53.34 54.13
C LEU E 554 21.53 52.56 53.38
N THR E 555 20.97 53.16 52.32
CA THR E 555 19.94 52.55 51.52
C THR E 555 20.40 52.42 50.07
N LEU E 556 20.20 51.24 49.49
CA LEU E 556 20.41 51.00 48.08
C LEU E 556 19.06 50.76 47.45
N SER E 557 18.67 51.63 46.51
CA SER E 557 17.35 51.60 45.91
C SER E 557 17.49 51.64 44.40
N SER E 558 16.93 50.62 43.73
CA SER E 558 17.06 50.50 42.28
C SER E 558 16.04 49.49 41.78
N SER E 559 15.78 49.54 40.47
CA SER E 559 14.89 48.56 39.82
C SER E 559 15.64 47.29 39.43
N ALA E 560 16.90 47.42 39.03
CA ALA E 560 17.74 46.31 38.66
C ALA E 560 18.94 46.24 39.61
N ALA E 561 19.80 45.26 39.39
CA ALA E 561 20.98 45.07 40.23
C ALA E 561 21.81 46.34 40.28
N LEU E 562 22.17 46.77 41.49
CA LEU E 562 22.86 48.02 41.71
C LEU E 562 24.22 47.76 42.36
N ALA E 563 25.29 48.18 41.68
CA ALA E 563 26.64 48.11 42.23
C ALA E 563 26.92 49.42 42.95
N ALA E 564 26.70 49.42 44.27
CA ALA E 564 26.85 50.67 45.02
C ALA E 564 28.31 51.10 45.16
N GLY E 565 29.27 50.23 44.87
CA GLY E 565 30.66 50.59 45.00
C GLY E 565 31.12 50.61 46.46
N THR E 566 32.18 51.35 46.70
CA THR E 566 32.78 51.43 48.04
C THR E 566 32.21 52.62 48.80
N VAL E 567 31.71 52.36 50.00
CA VAL E 567 31.20 53.42 50.86
C VAL E 567 31.94 53.39 52.19
N ALA E 568 32.52 54.53 52.57
CA ALA E 568 33.35 54.64 53.76
C ALA E 568 32.54 55.33 54.85
N LEU E 569 32.37 54.63 55.98
CA LEU E 569 31.61 55.11 57.14
C LEU E 569 32.51 55.01 58.37
N ALA E 570 33.44 55.96 58.50
CA ALA E 570 34.35 55.94 59.65
C ALA E 570 33.61 56.34 60.93
N GLY E 571 33.99 55.69 62.03
CA GLY E 571 33.47 56.04 63.34
C GLY E 571 32.06 55.62 63.61
N VAL E 572 31.44 54.87 62.71
CA VAL E 572 30.08 54.42 62.87
C VAL E 572 30.12 53.02 63.48
N GLU E 573 29.38 52.84 64.57
CA GLU E 573 29.40 51.57 65.30
C GLU E 573 28.32 50.60 64.82
N THR E 574 27.20 51.11 64.30
CA THR E 574 26.13 50.28 63.77
C THR E 574 25.77 50.77 62.37
N VAL E 575 25.88 49.89 61.37
CA VAL E 575 25.56 50.21 59.98
C VAL E 575 24.33 49.43 59.56
N ASN E 576 23.26 50.14 59.26
CA ASN E 576 22.04 49.55 58.73
C ASN E 576 22.02 49.73 57.23
N ILE E 577 21.87 48.63 56.50
CA ILE E 577 21.88 48.63 55.04
C ILE E 577 20.55 48.09 54.55
N ALA E 578 19.82 48.90 53.80
CA ALA E 578 18.56 48.47 53.19
C ALA E 578 18.79 48.28 51.70
N ALA E 579 18.64 47.04 51.24
CA ALA E 579 18.73 46.71 49.83
C ALA E 579 17.30 46.59 49.32
N THR E 580 16.81 47.62 48.64
CA THR E 580 15.41 47.70 48.26
C THR E 580 15.25 47.66 46.75
N ASP E 581 14.36 46.78 46.29
CA ASP E 581 14.01 46.60 44.88
C ASP E 581 12.69 47.32 44.62
N THR E 582 12.66 48.16 43.59
CA THR E 582 11.45 48.91 43.27
C THR E 582 10.46 48.14 42.37
N ASN E 583 10.88 47.07 41.72
CA ASN E 583 9.95 46.25 40.93
C ASN E 583 9.87 44.83 41.49
N THR E 584 9.26 43.93 40.72
CA THR E 584 8.90 42.60 41.15
C THR E 584 9.89 41.52 40.74
N THR E 585 10.93 41.86 40.02
CA THR E 585 11.94 40.90 39.57
C THR E 585 13.12 40.88 40.55
N ALA E 586 13.43 39.69 41.06
CA ALA E 586 14.50 39.55 42.04
C ALA E 586 15.85 39.97 41.46
N HIS E 587 16.63 40.68 42.26
CA HIS E 587 18.01 41.01 41.91
C HIS E 587 18.83 41.11 43.20
N VAL E 588 20.15 41.16 43.02
CA VAL E 588 21.12 41.19 44.11
C VAL E 588 22.03 42.39 43.91
N ASP E 589 22.15 43.23 44.94
CA ASP E 589 23.06 44.37 44.93
C ASP E 589 24.46 43.96 45.38
N THR E 590 25.44 44.79 45.02
CA THR E 590 26.80 44.64 45.52
C THR E 590 27.23 45.92 46.22
N LEU E 591 28.05 45.78 47.26
CA LEU E 591 28.52 46.91 48.05
C LEU E 591 29.83 46.53 48.74
N THR E 592 30.80 47.44 48.72
CA THR E 592 32.03 47.31 49.48
C THR E 592 31.96 48.28 50.66
N LEU E 593 31.76 47.74 51.87
CA LEU E 593 31.60 48.57 53.05
C LEU E 593 32.93 48.71 53.77
N GLN E 594 33.36 49.94 53.94
CA GLN E 594 34.55 50.27 54.74
C GLN E 594 34.01 50.97 55.98
N ALA E 595 33.94 50.22 57.09
CA ALA E 595 33.39 50.71 58.36
C ALA E 595 34.22 50.05 59.47
N THR E 596 35.42 50.59 59.70
CA THR E 596 36.39 49.92 60.57
C THR E 596 36.01 49.98 62.03
N SER E 597 35.03 50.79 62.41
CA SER E 597 34.54 50.84 63.79
C SER E 597 33.19 50.17 63.97
N ALA E 598 32.64 49.57 62.93
CA ALA E 598 31.32 48.97 63.03
C ALA E 598 31.40 47.69 63.86
N LYS E 599 30.48 47.55 64.81
CA LYS E 599 30.35 46.32 65.58
C LYS E 599 29.12 45.51 65.19
N SER E 600 28.14 46.13 64.53
CA SER E 600 26.93 45.47 64.06
C SER E 600 26.57 45.98 62.69
N ILE E 601 26.29 45.06 61.77
CA ILE E 601 25.76 45.37 60.46
C ILE E 601 24.40 44.70 60.37
N VAL E 602 23.37 45.48 60.02
CA VAL E 602 22.02 44.96 59.89
C VAL E 602 21.57 45.22 58.46
N VAL E 603 21.09 44.16 57.79
CA VAL E 603 20.59 44.25 56.43
C VAL E 603 19.10 43.98 56.43
N THR E 604 18.34 44.87 55.79
CA THR E 604 16.91 44.73 55.58
C THR E 604 16.63 44.89 54.08
N GLY E 605 15.38 44.65 53.69
CA GLY E 605 14.93 44.95 52.34
C GLY E 605 14.45 43.71 51.60
N ASN E 606 14.21 43.90 50.29
CA ASN E 606 13.68 42.85 49.43
C ASN E 606 14.61 42.54 48.26
N ALA E 607 15.89 42.84 48.39
CA ALA E 607 16.87 42.52 47.38
C ALA E 607 18.06 41.85 48.03
N GLY E 608 18.82 41.11 47.22
CA GLY E 608 20.04 40.49 47.71
C GLY E 608 21.13 41.52 47.96
N LEU E 609 22.17 41.07 48.66
CA LEU E 609 23.30 41.95 48.92
C LEU E 609 24.57 41.10 48.96
N ASN E 610 25.44 41.27 47.98
CA ASN E 610 26.79 40.72 48.01
C ASN E 610 27.66 41.79 48.65
N LEU E 611 27.97 41.63 49.92
CA LEU E 611 28.65 42.65 50.71
C LEU E 611 30.12 42.32 50.83
N THR E 612 30.97 43.16 50.26
CA THR E 612 32.41 43.07 50.51
C THR E 612 32.72 43.76 51.85
N ASN E 613 33.40 43.01 52.73
CA ASN E 613 33.52 43.35 54.14
C ASN E 613 34.97 43.45 54.60
N THR E 614 35.91 43.40 53.65
CA THR E 614 37.34 43.38 53.96
C THR E 614 37.73 44.52 54.90
N GLY E 615 38.49 44.19 55.94
CA GLY E 615 39.03 45.18 56.84
C GLY E 615 38.12 45.57 57.97
N ASN E 616 36.86 45.10 57.99
CA ASN E 616 35.92 45.47 59.04
C ASN E 616 36.07 44.52 60.23
N THR E 617 37.17 44.72 60.96
CA THR E 617 37.60 43.78 61.99
C THR E 617 36.82 43.92 63.30
N ALA E 618 36.03 44.97 63.48
CA ALA E 618 35.32 45.16 64.73
C ALA E 618 33.92 44.56 64.73
N VAL E 619 33.43 44.08 63.59
CA VAL E 619 32.10 43.50 63.50
C VAL E 619 32.02 42.20 64.29
N THR E 620 31.06 42.15 65.22
CA THR E 620 30.71 40.91 65.90
C THR E 620 29.28 40.47 65.60
N SER E 621 28.53 41.23 64.82
CA SER E 621 27.14 40.91 64.55
C SER E 621 26.78 41.33 63.13
N PHE E 622 26.37 40.37 62.31
CA PHE E 622 25.83 40.62 60.98
C PHE E 622 24.44 39.99 60.96
N ASP E 623 23.42 40.82 60.87
CA ASP E 623 22.02 40.38 60.96
C ASP E 623 21.32 40.78 59.67
N ALA E 624 21.14 39.80 58.77
CA ALA E 624 20.33 39.97 57.57
C ALA E 624 19.03 39.18 57.65
N SER E 625 18.59 38.85 58.87
CA SER E 625 17.43 37.98 59.03
C SER E 625 16.15 38.59 58.49
N ALA E 626 16.06 39.92 58.40
CA ALA E 626 14.87 40.60 57.93
C ALA E 626 14.74 40.65 56.42
N VAL E 627 15.77 40.26 55.68
CA VAL E 627 15.73 40.34 54.22
C VAL E 627 14.71 39.35 53.69
N THR E 628 13.84 39.81 52.80
CA THR E 628 12.77 39.00 52.24
C THR E 628 13.00 38.75 50.77
N GLY E 629 12.35 37.70 50.25
CA GLY E 629 12.44 37.34 48.86
C GLY E 629 13.32 36.15 48.62
N THR E 630 12.79 35.13 47.94
CA THR E 630 13.55 33.90 47.72
C THR E 630 14.82 34.17 46.92
N GLY E 631 14.82 35.18 46.06
CA GLY E 631 15.99 35.49 45.28
C GLY E 631 16.98 36.44 45.95
N SER E 632 16.73 36.89 47.18
CA SER E 632 17.56 37.92 47.81
C SER E 632 18.78 37.28 48.49
N ALA E 633 19.69 36.79 47.65
CA ALA E 633 20.89 36.12 48.14
C ALA E 633 21.81 37.12 48.85
N VAL E 634 22.21 36.79 50.08
CA VAL E 634 23.11 37.64 50.87
C VAL E 634 24.42 36.90 51.09
N THR E 635 25.54 37.59 50.82
CA THR E 635 26.87 37.01 50.96
C THR E 635 27.69 37.82 51.96
N PHE E 636 28.26 37.13 52.95
CA PHE E 636 29.01 37.79 54.02
C PHE E 636 30.19 36.93 54.41
N VAL E 637 31.36 37.56 54.55
CA VAL E 637 32.57 36.93 55.04
C VAL E 637 33.09 37.77 56.21
N SER E 638 33.15 37.16 57.40
CA SER E 638 33.60 37.89 58.57
C SER E 638 35.07 38.30 58.43
N ALA E 639 35.37 39.52 58.88
CA ALA E 639 36.74 40.01 58.94
C ALA E 639 37.28 40.06 60.36
N ASN E 640 36.55 39.51 61.33
CA ASN E 640 36.95 39.61 62.73
C ASN E 640 38.13 38.70 63.01
N THR E 641 39.20 39.24 63.61
CA THR E 641 40.40 38.46 63.88
C THR E 641 40.76 38.40 65.36
N THR E 642 39.90 38.84 66.26
CA THR E 642 40.22 38.77 67.68
C THR E 642 40.06 37.33 68.16
N VAL E 643 41.07 36.83 68.86
CA VAL E 643 41.06 35.46 69.36
C VAL E 643 39.93 35.29 70.37
N GLY E 644 39.16 34.21 70.22
CA GLY E 644 38.08 33.87 71.14
C GLY E 644 36.86 34.74 71.08
N GLU E 645 36.64 35.44 69.97
CA GLU E 645 35.49 36.33 69.86
C GLU E 645 34.21 35.55 69.58
N VAL E 646 33.10 36.09 70.06
CA VAL E 646 31.78 35.58 69.73
C VAL E 646 31.23 36.45 68.60
N VAL E 647 30.87 35.82 67.49
CA VAL E 647 30.37 36.51 66.31
C VAL E 647 29.08 35.83 65.86
N THR E 648 28.08 36.63 65.53
CA THR E 648 26.79 36.12 65.08
C THR E 648 26.51 36.57 63.65
N ILE E 649 26.18 35.61 62.78
CA ILE E 649 25.93 35.86 61.37
C ILE E 649 24.60 35.23 61.00
N ARG E 650 23.64 36.06 60.59
CA ARG E 650 22.30 35.60 60.25
C ARG E 650 22.00 35.94 58.79
N GLY E 651 21.64 34.93 58.02
CA GLY E 651 21.13 35.13 56.68
C GLY E 651 19.64 35.43 56.70
N GLY E 652 19.09 35.63 55.50
CA GLY E 652 17.68 35.91 55.37
C GLY E 652 16.93 34.89 54.54
N ALA E 653 15.87 35.35 53.86
CA ALA E 653 15.04 34.46 53.05
C ALA E 653 15.78 33.93 51.83
N GLY E 654 16.88 34.55 51.43
CA GLY E 654 17.58 34.14 50.24
C GLY E 654 18.54 32.99 50.46
N ALA E 655 19.09 32.52 49.33
CA ALA E 655 20.11 31.47 49.33
C ALA E 655 21.44 32.12 49.63
N ASP E 656 21.79 32.15 50.91
CA ASP E 656 22.88 32.98 51.41
C ASP E 656 24.18 32.19 51.50
N SER E 657 25.28 32.92 51.48
CA SER E 657 26.62 32.36 51.66
C SER E 657 27.27 33.10 52.82
N LEU E 658 27.41 32.40 53.95
CA LEU E 658 27.84 33.00 55.21
C LEU E 658 29.12 32.32 55.69
N THR E 659 30.17 33.11 55.90
CA THR E 659 31.47 32.62 56.33
C THR E 659 31.94 33.37 57.56
N GLY E 660 32.34 32.64 58.60
CA GLY E 660 32.93 33.20 59.79
C GLY E 660 34.42 33.40 59.66
N SER E 661 35.12 33.33 60.79
CA SER E 661 36.58 33.43 60.78
C SER E 661 37.16 32.36 61.69
N ALA E 662 38.41 31.99 61.41
CA ALA E 662 39.07 30.91 62.15
C ALA E 662 39.26 31.29 63.61
N THR E 663 39.53 32.56 63.89
CA THR E 663 39.77 33.03 65.25
C THR E 663 38.50 33.18 66.07
N ALA E 664 37.33 33.13 65.44
CA ALA E 664 36.08 33.44 66.12
C ALA E 664 35.30 32.17 66.37
N ASN E 665 34.53 32.18 67.46
CA ASN E 665 33.46 31.21 67.67
C ASN E 665 32.21 31.78 67.03
N ASP E 666 31.95 31.39 65.79
CA ASP E 666 30.87 31.96 65.00
C ASP E 666 29.57 31.20 65.22
N THR E 667 28.51 31.93 65.54
CA THR E 667 27.15 31.41 65.49
C THR E 667 26.53 31.84 64.15
N ILE E 668 26.32 30.88 63.26
CA ILE E 668 25.83 31.18 61.91
C ILE E 668 24.47 30.53 61.71
N ILE E 669 23.49 31.34 61.29
CA ILE E 669 22.11 30.91 61.10
C ILE E 669 21.68 31.28 59.68
N GLY E 670 21.34 30.28 58.87
CA GLY E 670 21.04 30.54 57.48
C GLY E 670 19.67 31.11 57.23
N GLY E 671 18.69 30.74 58.04
CA GLY E 671 17.31 31.10 57.77
C GLY E 671 16.72 30.25 56.66
N ALA E 672 15.67 30.79 56.04
CA ALA E 672 15.05 30.11 54.91
C ALA E 672 16.00 30.10 53.72
N GLY E 673 15.68 29.27 52.73
CA GLY E 673 16.47 29.20 51.52
C GLY E 673 17.67 28.27 51.63
N ALA E 674 18.23 27.94 50.47
CA ALA E 674 19.35 27.01 50.35
C ALA E 674 20.65 27.75 50.66
N ASP E 675 21.06 27.66 51.91
CA ASP E 675 22.18 28.43 52.44
C ASP E 675 23.46 27.60 52.46
N THR E 676 24.59 28.29 52.42
CA THR E 676 25.90 27.67 52.56
C THR E 676 26.61 28.30 53.74
N LEU E 677 26.91 27.48 54.75
CA LEU E 677 27.53 27.92 55.98
C LEU E 677 28.95 27.35 56.02
N VAL E 678 29.95 28.23 56.03
CA VAL E 678 31.34 27.83 55.83
C VAL E 678 32.06 27.85 57.18
N TYR E 679 32.68 26.73 57.53
CA TYR E 679 33.46 26.61 58.76
C TYR E 679 34.94 26.76 58.42
N THR E 680 35.62 27.66 59.14
CA THR E 680 37.03 27.92 58.91
C THR E 680 37.91 27.71 60.14
N GLY E 681 37.33 27.34 61.28
CA GLY E 681 38.07 27.17 62.50
C GLY E 681 37.29 27.72 63.69
N GLY E 682 37.72 27.32 64.89
CA GLY E 682 37.07 27.76 66.10
C GLY E 682 35.94 26.84 66.54
N THR E 683 35.22 27.32 67.56
CA THR E 683 34.08 26.60 68.13
C THR E 683 32.82 27.23 67.53
N ASP E 684 32.38 26.68 66.39
CA ASP E 684 31.31 27.30 65.63
C ASP E 684 30.00 26.52 65.78
N THR E 685 28.89 27.24 65.66
CA THR E 685 27.55 26.69 65.83
C THR E 685 26.75 27.04 64.59
N PHE E 686 26.47 26.05 63.75
CA PHE E 686 25.78 26.25 62.48
C PHE E 686 24.34 25.82 62.59
N THR E 687 23.43 26.67 62.13
CA THR E 687 22.01 26.35 62.04
C THR E 687 21.58 26.65 60.61
N GLY E 688 21.31 25.59 59.84
CA GLY E 688 20.95 25.78 58.45
C GLY E 688 19.58 26.42 58.28
N GLY E 689 18.65 26.09 59.17
CA GLY E 689 17.28 26.52 59.01
C GLY E 689 16.56 25.66 57.98
N THR E 690 15.36 26.12 57.62
CA THR E 690 14.61 25.46 56.55
C THR E 690 15.40 25.52 55.24
N GLY E 691 15.11 24.57 54.37
CA GLY E 691 15.75 24.51 53.07
C GLY E 691 16.91 23.55 53.04
N ALA E 692 17.27 23.13 51.83
CA ALA E 692 18.41 22.24 51.63
C ALA E 692 19.67 23.06 51.79
N ASP E 693 20.30 22.93 52.96
CA ASP E 693 21.43 23.76 53.33
C ASP E 693 22.74 22.98 53.16
N ILE E 694 23.83 23.72 52.98
CA ILE E 694 25.15 23.16 52.82
C ILE E 694 26.04 23.65 53.95
N PHE E 695 26.70 22.73 54.63
CA PHE E 695 27.68 23.03 55.66
C PHE E 695 29.05 22.72 55.07
N ASP E 696 29.74 23.78 54.62
CA ASP E 696 31.02 23.66 53.92
C ASP E 696 32.14 23.69 54.95
N ILE E 697 32.80 22.55 55.15
CA ILE E 697 33.85 22.41 56.14
C ILE E 697 35.19 22.58 55.43
N ASN E 698 35.89 23.67 55.71
CA ASN E 698 37.17 23.96 55.09
C ASN E 698 38.36 23.86 56.04
N ALA E 699 38.12 23.61 57.33
CA ALA E 699 39.19 23.51 58.31
C ALA E 699 39.00 22.27 59.18
N ILE E 700 40.12 21.71 59.63
CA ILE E 700 40.08 20.49 60.44
C ILE E 700 39.54 20.77 61.83
N GLY E 701 39.95 21.90 62.42
CA GLY E 701 39.60 22.21 63.79
C GLY E 701 40.44 21.38 64.75
N THR E 702 39.96 21.28 65.99
CA THR E 702 40.60 20.46 67.02
C THR E 702 39.58 19.52 67.62
N SER E 703 40.04 18.66 68.53
CA SER E 703 39.14 17.73 69.21
C SER E 703 38.21 18.44 70.19
N THR E 704 38.51 19.68 70.57
CA THR E 704 37.64 20.44 71.46
C THR E 704 37.05 21.69 70.84
N ALA E 705 37.64 22.20 69.76
CA ALA E 705 37.13 23.38 69.05
C ALA E 705 36.76 22.93 67.65
N PHE E 706 35.46 22.68 67.45
CA PHE E 706 34.94 22.20 66.17
C PHE E 706 33.58 22.84 65.96
N VAL E 707 32.95 22.57 64.82
CA VAL E 707 31.65 23.14 64.48
C VAL E 707 30.56 22.16 64.90
N THR E 708 29.45 22.70 65.41
CA THR E 708 28.27 21.94 65.76
C THR E 708 27.11 22.38 64.89
N ILE E 709 26.50 21.43 64.18
CA ILE E 709 25.34 21.70 63.34
C ILE E 709 24.09 21.32 64.14
N THR E 710 23.21 22.30 64.35
CA THR E 710 22.11 22.13 65.29
C THR E 710 20.86 21.49 64.69
N ASP E 711 20.68 21.55 63.36
CA ASP E 711 19.42 21.12 62.77
C ASP E 711 19.66 20.35 61.47
N ALA E 712 20.64 19.44 61.50
CA ALA E 712 20.92 18.61 60.33
C ALA E 712 19.72 17.74 60.00
N ALA E 713 19.28 17.79 58.75
CA ALA E 713 18.07 17.11 58.32
C ALA E 713 18.24 16.56 56.91
N VAL E 714 17.30 15.71 56.51
CA VAL E 714 17.29 15.18 55.15
C VAL E 714 17.24 16.32 54.16
N GLY E 715 18.17 16.29 53.19
CA GLY E 715 18.31 17.39 52.26
C GLY E 715 19.55 18.21 52.51
N ASP E 716 19.87 18.48 53.78
CA ASP E 716 21.11 19.19 54.07
C ASP E 716 22.31 18.35 53.64
N LYS E 717 23.42 19.01 53.36
CA LYS E 717 24.62 18.33 52.92
C LYS E 717 25.84 18.78 53.73
N LEU E 718 26.90 17.99 53.63
CA LEU E 718 28.12 18.16 54.43
C LEU E 718 29.32 18.03 53.50
N ASP E 719 29.90 19.16 53.12
CA ASP E 719 30.99 19.21 52.15
C ASP E 719 32.32 19.10 52.90
N LEU E 720 33.05 18.02 52.64
CA LEU E 720 34.29 17.74 53.35
C LEU E 720 35.51 17.71 52.41
N VAL E 721 35.40 18.30 51.22
CA VAL E 721 36.55 18.37 50.32
C VAL E 721 37.70 19.13 50.96
N GLY E 722 37.40 20.14 51.76
CA GLY E 722 38.46 20.95 52.34
C GLY E 722 39.28 20.24 53.40
N ILE E 723 38.77 19.14 53.95
CA ILE E 723 39.43 18.43 55.04
C ILE E 723 39.95 17.04 54.65
N SER E 724 39.82 16.63 53.38
CA SER E 724 40.38 15.35 52.91
C SER E 724 41.89 15.52 52.78
N THR E 725 42.59 15.42 53.93
CA THR E 725 44.02 15.69 53.94
C THR E 725 44.77 14.81 52.97
N ASN E 726 44.39 13.53 52.88
CA ASN E 726 45.07 12.55 52.05
C ASN E 726 44.07 11.95 51.08
N GLY E 727 44.27 12.20 49.78
CA GLY E 727 43.35 11.67 48.80
C GLY E 727 41.97 12.29 48.93
N ALA E 728 40.96 11.47 48.65
CA ALA E 728 39.57 11.89 48.71
C ALA E 728 38.76 10.86 49.48
N ILE E 729 37.71 11.33 50.14
CA ILE E 729 36.80 10.43 50.85
C ILE E 729 36.06 9.58 49.84
N ALA E 730 36.11 8.26 50.04
CA ALA E 730 35.51 7.34 49.07
C ALA E 730 34.01 7.53 49.01
N ASP E 731 33.45 7.41 47.81
CA ASP E 731 32.02 7.54 47.63
C ASP E 731 31.30 6.31 48.15
N GLY E 732 30.01 6.46 48.38
CA GLY E 732 29.17 5.36 48.81
C GLY E 732 28.37 5.70 50.06
N ALA E 733 27.49 4.78 50.42
CA ALA E 733 26.77 4.91 51.66
C ALA E 733 27.72 4.84 52.85
N PHE E 734 27.33 5.51 53.93
CA PHE E 734 28.20 5.58 55.10
C PHE E 734 28.34 4.21 55.76
N GLY E 735 27.22 3.59 56.10
CA GLY E 735 27.23 2.30 56.72
C GLY E 735 26.81 2.35 58.18
N ALA E 736 27.12 1.27 58.89
CA ALA E 736 26.79 1.19 60.30
C ALA E 736 27.64 2.17 61.12
N ALA E 737 27.04 2.68 62.19
CA ALA E 737 27.75 3.55 63.11
C ALA E 737 28.76 2.76 63.93
N VAL E 738 29.79 3.46 64.40
CA VAL E 738 30.66 2.89 65.42
C VAL E 738 29.90 2.81 66.74
N THR E 739 29.86 1.62 67.33
CA THR E 739 29.12 1.37 68.56
C THR E 739 30.06 0.82 69.62
N LEU E 740 30.00 1.39 70.82
CA LEU E 740 30.83 0.97 71.93
C LEU E 740 29.96 0.65 73.14
N GLY E 741 30.62 0.30 74.25
CA GLY E 741 29.93 -0.11 75.46
C GLY E 741 29.19 1.03 76.15
N ALA E 742 28.41 0.66 77.17
CA ALA E 742 27.49 1.60 77.80
C ALA E 742 28.20 2.77 78.46
N ALA E 743 29.45 2.59 78.89
CA ALA E 743 30.20 3.65 79.55
C ALA E 743 31.31 4.20 78.68
N ALA E 744 31.23 4.00 77.37
CA ALA E 744 32.27 4.51 76.50
C ALA E 744 32.26 6.04 76.50
N THR E 745 33.45 6.63 76.53
CA THR E 745 33.55 8.07 76.50
C THR E 745 33.71 8.54 75.06
N LEU E 746 33.56 9.85 74.87
CA LEU E 746 33.76 10.43 73.55
C LEU E 746 35.18 10.18 73.06
N ALA E 747 36.17 10.21 73.97
CA ALA E 747 37.56 10.01 73.57
C ALA E 747 37.80 8.63 72.95
N GLN E 748 37.19 7.58 73.49
CA GLN E 748 37.40 6.26 72.87
C GLN E 748 36.57 6.11 71.60
N TYR E 749 35.38 6.71 71.54
CA TYR E 749 34.64 6.74 70.28
C TYR E 749 35.47 7.41 69.20
N LEU E 750 36.15 8.50 69.54
CA LEU E 750 37.01 9.17 68.56
C LEU E 750 38.18 8.27 68.15
N ASP E 751 38.79 7.58 69.12
CA ASP E 751 39.89 6.68 68.81
C ASP E 751 39.42 5.48 68.01
N ALA E 752 38.22 4.97 68.30
CA ALA E 752 37.69 3.84 67.55
C ALA E 752 37.40 4.22 66.11
N ALA E 753 36.85 5.43 65.89
CA ALA E 753 36.61 5.90 64.53
C ALA E 753 37.91 6.12 63.78
N ALA E 754 38.96 6.55 64.47
CA ALA E 754 40.26 6.84 63.86
C ALA E 754 41.25 5.70 64.03
N ALA E 755 40.77 4.48 64.30
CA ALA E 755 41.68 3.37 64.53
C ALA E 755 42.40 2.96 63.25
N GLY E 756 41.81 3.23 62.09
CA GLY E 756 42.36 2.78 60.82
C GLY E 756 43.52 3.62 60.33
N ASP E 757 43.93 3.33 59.08
CA ASP E 757 45.05 3.97 58.41
C ASP E 757 44.50 4.97 57.41
N GLY E 758 44.60 6.26 57.73
CA GLY E 758 44.16 7.31 56.82
C GLY E 758 45.25 8.09 56.13
N SER E 759 46.52 7.71 56.34
CA SER E 759 47.62 8.44 55.73
C SER E 759 47.61 8.32 54.21
N GLY E 760 47.20 7.17 53.69
CA GLY E 760 47.13 6.99 52.26
C GLY E 760 45.88 7.63 51.69
N THR E 761 44.74 7.32 52.30
CA THR E 761 43.47 7.91 51.91
C THR E 761 42.65 8.19 53.15
N SER E 762 42.16 9.42 53.29
CA SER E 762 41.36 9.76 54.46
C SER E 762 40.03 9.02 54.40
N VAL E 763 39.57 8.55 55.56
CA VAL E 763 38.36 7.76 55.66
C VAL E 763 37.38 8.46 56.58
N ALA E 764 36.09 8.23 56.34
CA ALA E 764 35.03 8.80 57.14
C ALA E 764 34.33 7.71 57.95
N LYS E 765 34.13 7.96 59.23
CA LYS E 765 33.35 7.09 60.10
C LYS E 765 32.44 7.97 60.94
N TRP E 766 31.44 7.35 61.58
CA TRP E 766 30.49 8.10 62.38
C TRP E 766 30.04 7.29 63.58
N PHE E 767 29.54 7.98 64.58
CA PHE E 767 29.03 7.34 65.78
C PHE E 767 28.05 8.28 66.47
N GLN E 768 27.39 7.76 67.50
CA GLN E 768 26.48 8.55 68.32
C GLN E 768 26.90 8.43 69.78
N PHE E 769 27.04 9.57 70.44
CA PHE E 769 27.48 9.61 71.83
C PHE E 769 26.77 10.74 72.54
N GLY E 770 26.34 10.46 73.76
CA GLY E 770 25.71 11.49 74.59
C GLY E 770 24.49 12.13 73.98
N GLY E 771 23.78 11.42 73.11
CA GLY E 771 22.59 11.98 72.49
C GLY E 771 22.85 12.83 71.26
N ASP E 772 24.09 12.89 70.78
CA ASP E 772 24.43 13.63 69.58
C ASP E 772 25.13 12.69 68.60
N THR E 773 25.21 13.14 67.35
CA THR E 773 25.82 12.37 66.28
C THR E 773 27.10 13.04 65.85
N TYR E 774 28.13 12.23 65.58
CA TYR E 774 29.45 12.74 65.26
C TYR E 774 29.94 12.10 63.97
N VAL E 775 30.65 12.90 63.17
CA VAL E 775 31.28 12.44 61.94
C VAL E 775 32.78 12.67 62.08
N VAL E 776 33.57 11.67 61.69
CA VAL E 776 35.01 11.73 61.84
C VAL E 776 35.65 11.49 60.49
N VAL E 777 36.72 12.23 60.21
CA VAL E 777 37.56 11.98 59.04
C VAL E 777 38.92 11.58 59.57
N ASP E 778 39.30 10.32 59.34
CA ASP E 778 40.59 9.80 59.80
C ASP E 778 41.59 10.00 58.67
N SER E 779 42.60 10.84 58.92
CA SER E 779 43.66 11.12 57.96
C SER E 779 45.03 10.86 58.58
N SER E 780 45.10 9.89 59.49
CA SER E 780 46.34 9.59 60.18
C SER E 780 46.49 8.10 60.37
N ALA E 781 47.76 7.65 60.35
CA ALA E 781 48.05 6.22 60.41
C ALA E 781 47.82 5.65 61.80
N GLY E 782 47.99 6.46 62.84
CA GLY E 782 47.85 5.96 64.19
C GLY E 782 46.43 5.48 64.48
N ALA E 783 46.34 4.63 65.51
CA ALA E 783 45.06 4.10 65.95
C ALA E 783 44.34 5.03 66.91
N THR E 784 44.97 6.12 67.31
CA THR E 784 44.37 7.11 68.20
C THR E 784 44.02 8.36 67.42
N PHE E 785 42.88 8.97 67.75
CA PHE E 785 42.48 10.22 67.11
C PHE E 785 43.48 11.32 67.40
N VAL E 786 43.95 11.97 66.34
CA VAL E 786 44.97 13.01 66.44
C VAL E 786 44.29 14.37 66.24
N SER E 787 44.34 15.20 67.28
CA SER E 787 43.72 16.51 67.21
C SER E 787 44.50 17.40 66.25
N GLY E 788 43.76 18.12 65.39
CA GLY E 788 44.34 19.01 64.42
C GLY E 788 44.69 18.39 63.08
N ALA E 789 44.77 17.07 62.99
CA ALA E 789 44.99 16.41 61.72
C ALA E 789 43.77 15.62 61.25
N ASP E 790 43.16 14.84 62.13
CA ASP E 790 41.86 14.27 61.89
C ASP E 790 40.79 15.20 62.44
N ALA E 791 39.61 15.17 61.82
CA ALA E 791 38.55 16.11 62.15
C ALA E 791 37.34 15.39 62.74
N VAL E 792 36.61 16.11 63.58
CA VAL E 792 35.34 15.64 64.13
C VAL E 792 34.31 16.75 63.94
N ILE E 793 33.13 16.38 63.43
CA ILE E 793 32.02 17.30 63.21
C ILE E 793 30.83 16.78 64.01
N LYS E 794 30.18 17.68 64.75
CA LYS E 794 29.11 17.30 65.66
C LYS E 794 27.76 17.73 65.10
N LEU E 795 26.81 16.80 65.11
CA LEU E 795 25.42 17.04 64.77
C LEU E 795 24.60 16.88 66.05
N THR E 796 23.78 17.87 66.37
CA THR E 796 23.14 17.92 67.68
C THR E 796 22.23 16.73 67.96
N GLY E 797 21.17 16.57 67.19
CA GLY E 797 20.25 15.47 67.46
C GLY E 797 20.88 14.09 67.22
N LEU E 798 20.04 13.08 67.39
CA LEU E 798 20.39 11.73 66.96
C LEU E 798 19.93 11.63 65.51
N VAL E 799 20.88 11.61 64.58
CA VAL E 799 20.58 11.58 63.16
C VAL E 799 21.20 10.31 62.57
N THR E 800 20.35 9.48 61.97
CA THR E 800 20.81 8.23 61.36
C THR E 800 21.53 8.54 60.06
N LEU E 801 22.81 8.15 59.97
CA LEU E 801 23.62 8.37 58.79
C LEU E 801 23.82 7.11 57.97
N THR E 802 23.11 6.02 58.30
CA THR E 802 23.41 4.75 57.65
C THR E 802 23.05 4.78 56.17
N THR E 803 21.90 5.34 55.81
CA THR E 803 21.43 5.39 54.43
C THR E 803 21.88 6.63 53.68
N SER E 804 22.68 7.50 54.32
CA SER E 804 23.18 8.70 53.67
C SER E 804 24.51 8.40 52.97
N ALA E 805 24.69 8.96 51.78
CA ALA E 805 25.78 8.60 50.90
C ALA E 805 26.70 9.77 50.63
N PHE E 806 27.98 9.46 50.44
CA PHE E 806 28.99 10.44 50.04
C PHE E 806 29.06 10.51 48.52
N ALA E 807 28.95 11.72 47.97
CA ALA E 807 29.12 11.96 46.55
C ALA E 807 30.16 13.05 46.36
N THR E 808 31.28 12.70 45.74
CA THR E 808 32.46 13.56 45.63
C THR E 808 32.73 14.29 46.94
N GLU E 809 32.96 13.50 47.98
CA GLU E 809 33.32 13.99 49.31
C GLU E 809 32.25 14.88 49.91
N VAL E 810 31.02 14.78 49.43
CA VAL E 810 29.89 15.52 49.96
C VAL E 810 28.85 14.51 50.43
N LEU E 811 28.50 14.59 51.71
CA LEU E 811 27.52 13.70 52.31
C LEU E 811 26.16 14.39 52.28
N THR E 812 25.19 13.74 51.66
CA THR E 812 23.82 14.25 51.62
C THR E 812 22.97 13.43 52.59
N LEU E 813 22.38 14.10 53.56
CA LEU E 813 21.62 13.40 54.58
C LEU E 813 20.39 12.75 53.95
N ALA E 814 20.22 11.45 54.23
CA ALA E 814 19.10 10.69 53.73
C ALA E 814 18.43 9.92 54.85
N SER F 33 -4.21 59.21 -5.75
CA SER F 33 -5.66 59.17 -5.63
C SER F 33 -6.31 58.54 -6.87
N GLY F 34 -6.88 59.40 -7.72
CA GLY F 34 -7.44 58.94 -8.97
C GLY F 34 -8.67 58.06 -8.87
N VAL F 35 -9.50 58.15 -9.90
CA VAL F 35 -10.54 57.16 -10.15
C VAL F 35 -9.96 56.15 -11.12
N SER F 36 -10.12 54.87 -10.80
CA SER F 36 -9.54 53.82 -11.62
C SER F 36 -10.26 53.75 -12.96
N GLY F 37 -9.51 53.92 -14.04
CA GLY F 37 -10.09 53.93 -15.37
C GLY F 37 -10.12 52.55 -15.98
N SER F 38 -9.64 52.45 -17.22
CA SER F 38 -9.75 51.22 -18.00
C SER F 38 -8.36 50.62 -18.20
N THR F 39 -8.34 49.33 -18.48
CA THR F 39 -7.14 48.67 -18.98
C THR F 39 -7.36 48.38 -20.47
N LEU F 40 -6.45 48.88 -21.29
CA LEU F 40 -6.59 48.91 -22.75
C LEU F 40 -5.42 48.14 -23.34
N SER F 41 -5.68 46.88 -23.72
CA SER F 41 -4.64 46.02 -24.26
C SER F 41 -4.48 46.22 -25.77
N LEU F 42 -3.26 46.52 -26.18
CA LEU F 42 -2.97 46.57 -27.61
C LEU F 42 -2.94 45.16 -28.18
N THR F 43 -3.11 45.06 -29.50
CA THR F 43 -3.12 43.80 -30.23
C THR F 43 -2.00 43.81 -31.26
N THR F 44 -1.84 42.65 -31.93
CA THR F 44 -0.90 42.52 -33.03
C THR F 44 -1.42 43.15 -34.31
N GLY F 45 -2.66 43.63 -34.33
CA GLY F 45 -3.18 44.44 -35.42
C GLY F 45 -2.91 45.91 -35.12
N THR F 46 -3.46 46.78 -35.99
CA THR F 46 -3.34 48.24 -35.79
C THR F 46 -4.40 48.73 -34.82
N ASP F 47 -3.97 49.29 -33.68
CA ASP F 47 -4.94 49.70 -32.65
C ASP F 47 -5.13 51.21 -32.65
N THR F 48 -6.36 51.63 -32.33
CA THR F 48 -6.69 53.04 -32.12
C THR F 48 -7.45 53.09 -30.79
N LEU F 49 -6.73 53.36 -29.70
CA LEU F 49 -7.28 53.26 -28.35
C LEU F 49 -7.28 54.62 -27.69
N THR F 50 -8.45 55.03 -27.20
CA THR F 50 -8.63 56.28 -26.48
C THR F 50 -9.08 55.96 -25.07
N GLY F 51 -8.41 56.54 -24.10
CA GLY F 51 -8.69 56.30 -22.70
C GLY F 51 -9.96 57.01 -22.25
N THR F 52 -10.20 56.92 -20.94
CA THR F 52 -11.31 57.59 -20.31
C THR F 52 -10.82 58.88 -19.65
N ALA F 53 -11.74 59.58 -18.99
CA ALA F 53 -11.36 60.73 -18.19
C ALA F 53 -10.71 60.33 -16.87
N ASN F 54 -10.56 59.02 -16.61
CA ASN F 54 -9.96 58.54 -15.39
C ASN F 54 -8.57 57.98 -15.68
N ASN F 55 -8.01 57.30 -14.67
CA ASN F 55 -6.66 56.78 -14.73
C ASN F 55 -6.66 55.45 -15.47
N ASP F 56 -6.15 55.45 -16.70
CA ASP F 56 -6.17 54.27 -17.56
C ASP F 56 -4.78 53.65 -17.63
N THR F 57 -4.76 52.38 -17.99
CA THR F 57 -3.53 51.62 -18.18
C THR F 57 -3.51 51.03 -19.59
N PHE F 58 -2.54 51.45 -20.39
CA PHE F 58 -2.35 50.90 -21.72
C PHE F 58 -1.30 49.81 -21.65
N VAL F 59 -1.68 48.59 -22.07
CA VAL F 59 -0.82 47.43 -22.01
C VAL F 59 -0.38 47.09 -23.43
N ALA F 60 0.90 47.31 -23.72
CA ALA F 60 1.49 46.99 -25.02
C ALA F 60 2.45 45.81 -24.83
N GLY F 61 1.87 44.65 -24.53
CA GLY F 61 2.63 43.43 -24.33
C GLY F 61 2.87 42.63 -25.59
N GLU F 62 2.99 41.31 -25.41
CA GLU F 62 3.15 40.33 -26.47
C GLU F 62 1.92 39.43 -26.57
N VAL F 63 1.67 38.95 -27.78
CA VAL F 63 0.69 37.90 -28.02
C VAL F 63 1.45 36.76 -28.67
N ALA F 64 1.64 35.67 -27.92
CA ALA F 64 2.33 34.48 -28.44
C ALA F 64 3.69 34.85 -29.02
N GLY F 65 4.41 35.72 -28.32
CA GLY F 65 5.74 36.11 -28.73
C GLY F 65 5.82 37.26 -29.70
N ALA F 66 4.68 37.83 -30.11
CA ALA F 66 4.65 38.91 -31.08
C ALA F 66 4.28 40.22 -30.38
N ALA F 67 5.05 41.28 -30.66
CA ALA F 67 4.81 42.57 -30.05
C ALA F 67 3.46 43.12 -30.49
N THR F 68 2.83 43.88 -29.60
CA THR F 68 1.55 44.51 -29.87
C THR F 68 1.64 46.01 -30.11
N LEU F 69 2.78 46.64 -29.80
CA LEU F 69 3.02 48.01 -30.27
C LEU F 69 3.55 47.90 -31.69
N THR F 70 2.72 48.27 -32.66
CA THR F 70 2.98 47.93 -34.05
C THR F 70 2.73 49.16 -34.91
N VAL F 71 3.09 49.04 -36.19
CA VAL F 71 3.03 50.16 -37.12
C VAL F 71 1.64 50.77 -37.09
N GLY F 72 1.58 52.10 -36.93
CA GLY F 72 0.32 52.81 -37.06
C GLY F 72 -0.52 52.88 -35.80
N ASP F 73 -0.11 52.23 -34.71
CA ASP F 73 -0.89 52.26 -33.48
C ASP F 73 -1.09 53.70 -33.03
N THR F 74 -2.29 54.01 -32.52
CA THR F 74 -2.62 55.34 -32.04
C THR F 74 -3.19 55.26 -30.62
N LEU F 75 -2.49 55.89 -29.66
CA LEU F 75 -2.90 55.88 -28.26
C LEU F 75 -3.13 57.30 -27.76
N SER F 76 -4.30 57.54 -27.16
N SER F 76 -4.29 57.53 -27.14
CA SER F 76 -4.66 58.84 -26.61
CA SER F 76 -4.68 58.83 -26.61
C SER F 76 -5.19 58.66 -25.20
C SER F 76 -5.20 58.66 -25.20
N GLY F 77 -4.49 59.24 -24.22
CA GLY F 77 -4.82 58.96 -22.83
C GLY F 77 -6.07 59.66 -22.33
N GLY F 78 -6.37 60.83 -22.87
CA GLY F 78 -7.44 61.63 -22.31
C GLY F 78 -7.02 62.23 -20.97
N ALA F 79 -8.02 62.81 -20.30
CA ALA F 79 -7.80 63.41 -18.99
C ALA F 79 -7.47 62.33 -17.97
N GLY F 80 -6.94 62.78 -16.82
CA GLY F 80 -6.55 61.86 -15.78
C GLY F 80 -5.11 61.39 -15.94
N THR F 81 -4.66 60.65 -14.94
CA THR F 81 -3.29 60.16 -14.87
C THR F 81 -3.20 58.78 -15.51
N ASP F 82 -2.51 58.70 -16.64
CA ASP F 82 -2.53 57.52 -17.49
C ASP F 82 -1.13 56.92 -17.59
N VAL F 83 -1.07 55.61 -17.86
CA VAL F 83 0.18 54.86 -17.89
C VAL F 83 0.21 53.96 -19.12
N LEU F 84 1.38 53.85 -19.74
CA LEU F 84 1.60 52.90 -20.82
C LEU F 84 2.69 51.94 -20.39
N ASN F 85 2.37 50.64 -20.36
CA ASN F 85 3.31 49.58 -20.04
C ASN F 85 3.65 48.83 -21.31
N TRP F 86 4.87 49.01 -21.79
CA TRP F 86 5.34 48.43 -23.04
C TRP F 86 6.35 47.35 -22.67
N VAL F 87 5.99 46.08 -22.90
CA VAL F 87 6.83 44.96 -22.48
C VAL F 87 6.86 43.94 -23.60
N GLN F 88 8.06 43.54 -24.01
CA GLN F 88 8.21 42.61 -25.11
C GLN F 88 9.59 41.98 -25.05
N ALA F 89 9.69 40.75 -25.54
CA ALA F 89 10.97 40.06 -25.54
C ALA F 89 11.95 40.71 -26.50
N ALA F 90 11.50 41.11 -27.68
CA ALA F 90 12.40 41.69 -28.67
C ALA F 90 12.94 43.04 -28.21
N ALA F 91 14.12 43.38 -28.72
CA ALA F 91 14.73 44.67 -28.45
C ALA F 91 13.81 45.82 -28.86
N VAL F 92 13.84 46.89 -28.10
CA VAL F 92 13.21 48.14 -28.49
C VAL F 92 14.22 49.00 -29.23
N THR F 93 13.93 49.36 -30.49
CA THR F 93 14.87 50.17 -31.24
C THR F 93 14.34 51.58 -31.54
N ALA F 94 13.03 51.77 -31.50
CA ALA F 94 12.36 53.05 -31.67
C ALA F 94 10.88 52.77 -31.49
N LEU F 95 10.10 53.82 -31.42
CA LEU F 95 8.67 53.67 -31.66
C LEU F 95 8.47 53.13 -33.07
N PRO F 96 7.61 52.14 -33.27
CA PRO F 96 7.38 51.64 -34.63
C PRO F 96 6.85 52.74 -35.53
N THR F 97 7.06 52.56 -36.84
CA THR F 97 6.62 53.54 -37.83
C THR F 97 5.15 53.89 -37.66
N GLY F 98 4.86 55.20 -37.69
CA GLY F 98 3.51 55.71 -37.68
C GLY F 98 2.80 55.67 -36.36
N VAL F 99 3.52 55.35 -35.27
CA VAL F 99 2.91 55.26 -33.95
C VAL F 99 2.70 56.67 -33.40
N THR F 100 1.53 56.91 -32.82
CA THR F 100 1.26 58.18 -32.17
C THR F 100 0.80 57.94 -30.74
N ILE F 101 1.44 58.61 -29.78
CA ILE F 101 1.14 58.49 -28.36
C ILE F 101 0.96 59.90 -27.78
N SER F 102 -0.20 60.15 -27.18
CA SER F 102 -0.41 61.44 -26.52
C SER F 102 -1.30 61.26 -25.30
N GLY F 103 -1.16 62.20 -24.37
CA GLY F 103 -1.99 62.22 -23.18
C GLY F 103 -1.66 61.18 -22.14
N ILE F 104 -0.55 60.47 -22.29
CA ILE F 104 -0.16 59.42 -21.36
C ILE F 104 1.04 59.93 -20.54
N GLU F 105 0.85 60.00 -19.22
CA GLU F 105 1.80 60.68 -18.34
C GLU F 105 3.04 59.83 -18.02
N THR F 106 2.90 58.51 -17.96
CA THR F 106 4.01 57.62 -17.62
C THR F 106 4.14 56.51 -18.66
N MET F 107 5.38 56.23 -19.07
CA MET F 107 5.66 55.14 -20.00
C MET F 107 6.68 54.19 -19.38
N ASN F 108 6.27 52.94 -19.15
CA ASN F 108 7.19 51.91 -18.68
C ASN F 108 7.59 51.06 -19.87
N VAL F 109 8.89 50.86 -20.07
CA VAL F 109 9.42 50.12 -21.20
C VAL F 109 10.33 49.02 -20.68
N THR F 110 9.97 47.77 -20.95
CA THR F 110 10.72 46.59 -20.51
C THR F 110 10.95 45.69 -21.71
N SER F 111 12.21 45.34 -21.97
CA SER F 111 12.51 44.48 -23.10
C SER F 111 13.36 43.31 -22.63
N GLY F 112 13.27 42.21 -23.38
CA GLY F 112 14.13 41.06 -23.16
C GLY F 112 15.50 41.22 -23.75
N ALA F 113 15.70 42.30 -24.51
CA ALA F 113 17.01 42.63 -25.05
C ALA F 113 17.29 44.10 -24.78
N ALA F 114 17.99 44.77 -25.68
CA ALA F 114 18.40 46.15 -25.48
C ALA F 114 17.23 47.10 -25.71
N ILE F 115 17.38 48.32 -25.18
CA ILE F 115 16.42 49.40 -25.38
C ILE F 115 17.16 50.58 -25.99
N THR F 116 16.68 51.03 -27.15
CA THR F 116 17.11 52.30 -27.75
C THR F 116 15.88 53.14 -28.03
N LEU F 117 15.78 54.29 -27.36
CA LEU F 117 14.52 55.04 -27.41
C LEU F 117 14.80 56.51 -27.14
N ASN F 118 14.20 57.38 -27.95
CA ASN F 118 14.29 58.83 -27.81
C ASN F 118 12.87 59.39 -27.75
N THR F 119 12.46 59.87 -26.59
CA THR F 119 11.12 60.42 -26.41
C THR F 119 11.14 61.95 -26.28
N SER F 120 12.21 62.60 -26.71
CA SER F 120 12.31 64.05 -26.56
C SER F 120 11.48 64.82 -27.57
N SER F 121 10.81 64.11 -28.48
CA SER F 121 9.87 64.72 -29.39
C SER F 121 8.72 63.75 -29.58
N GLY F 122 7.54 64.31 -29.84
CA GLY F 122 6.35 63.49 -29.83
C GLY F 122 5.96 63.22 -28.38
N VAL F 123 5.34 62.06 -28.15
CA VAL F 123 4.81 61.63 -26.84
C VAL F 123 4.32 62.83 -26.04
N THR F 124 3.37 63.56 -26.62
CA THR F 124 2.82 64.73 -25.95
C THR F 124 2.22 64.32 -24.62
N GLY F 125 2.57 65.07 -23.58
CA GLY F 125 2.07 64.86 -22.23
C GLY F 125 2.87 63.87 -21.41
N LEU F 126 3.95 63.32 -21.95
CA LEU F 126 4.75 62.37 -21.18
C LEU F 126 5.62 63.11 -20.17
N THR F 127 5.53 62.70 -18.89
CA THR F 127 6.35 63.30 -17.84
C THR F 127 7.29 62.32 -17.15
N ALA F 128 7.11 61.00 -17.34
CA ALA F 128 7.99 60.01 -16.73
C ALA F 128 8.23 58.84 -17.69
N LEU F 129 9.51 58.55 -17.95
CA LEU F 129 9.94 57.42 -18.76
C LEU F 129 10.79 56.49 -17.91
N ASN F 130 10.38 55.21 -17.82
CA ASN F 130 11.11 54.19 -17.07
C ASN F 130 11.47 53.07 -18.03
N THR F 131 12.77 52.79 -18.16
CA THR F 131 13.26 51.79 -19.10
C THR F 131 14.02 50.71 -18.34
N ASN F 132 13.75 49.44 -18.68
CA ASN F 132 14.21 48.30 -17.91
C ASN F 132 14.76 47.22 -18.83
N THR F 133 16.04 46.85 -18.63
CA THR F 133 16.65 45.72 -19.31
C THR F 133 17.39 44.85 -18.31
N SER F 134 17.75 43.64 -18.77
CA SER F 134 18.58 42.72 -18.01
C SER F 134 19.56 42.08 -18.98
N GLY F 135 20.85 42.23 -18.71
CA GLY F 135 21.85 41.70 -19.63
C GLY F 135 21.85 42.31 -21.01
N ALA F 136 21.48 43.58 -21.14
CA ALA F 136 21.50 44.22 -22.45
C ALA F 136 21.59 45.74 -22.28
N ALA F 137 22.11 46.38 -23.33
CA ALA F 137 22.43 47.80 -23.28
C ALA F 137 21.17 48.66 -23.24
N GLN F 138 21.36 49.90 -22.82
CA GLN F 138 20.33 50.93 -22.87
C GLN F 138 20.94 52.17 -23.48
N THR F 139 20.23 52.77 -24.45
CA THR F 139 20.62 54.03 -25.09
C THR F 139 19.35 54.87 -25.15
N VAL F 140 19.15 55.73 -24.15
CA VAL F 140 17.87 56.39 -23.94
C VAL F 140 18.06 57.91 -23.86
N THR F 141 17.24 58.63 -24.63
CA THR F 141 17.17 60.09 -24.56
C THR F 141 15.73 60.48 -24.21
N ALA F 142 15.58 61.20 -23.10
CA ALA F 142 14.28 61.70 -22.68
C ALA F 142 14.18 63.21 -22.94
N GLY F 143 12.95 63.70 -23.05
CA GLY F 143 12.72 65.13 -23.10
C GLY F 143 13.09 65.82 -21.80
N ALA F 144 13.35 67.13 -21.90
CA ALA F 144 13.80 67.89 -20.74
C ALA F 144 12.74 67.96 -19.64
N GLY F 145 11.49 67.62 -19.94
CA GLY F 145 10.45 67.59 -18.94
C GLY F 145 10.05 66.21 -18.45
N GLN F 146 10.82 65.19 -18.76
CA GLN F 146 10.49 63.81 -18.40
C GLN F 146 11.47 63.27 -17.39
N ASN F 147 10.96 62.83 -16.23
CA ASN F 147 11.80 62.12 -15.29
C ASN F 147 12.15 60.75 -15.87
N LEU F 148 13.44 60.47 -15.96
CA LEU F 148 13.95 59.25 -16.55
C LEU F 148 14.55 58.36 -15.47
N THR F 149 14.16 57.09 -15.45
CA THR F 149 14.77 56.08 -14.59
C THR F 149 15.18 54.89 -15.45
N ALA F 150 16.48 54.70 -15.63
CA ALA F 150 17.03 53.58 -16.40
C ALA F 150 17.55 52.52 -15.44
N THR F 151 16.87 51.36 -15.39
CA THR F 151 17.22 50.26 -14.51
C THR F 151 17.76 49.11 -15.34
N THR F 152 18.99 48.70 -15.06
CA THR F 152 19.64 47.62 -15.79
C THR F 152 20.12 46.56 -14.81
N ALA F 153 19.62 45.35 -14.97
CA ALA F 153 20.13 44.21 -14.22
C ALA F 153 21.18 43.50 -15.04
N ALA F 154 22.13 42.86 -14.36
CA ALA F 154 23.16 42.04 -15.01
C ALA F 154 23.76 42.76 -16.20
N GLN F 155 24.17 44.00 -15.98
CA GLN F 155 24.65 44.84 -17.09
C GLN F 155 25.91 44.25 -17.70
N ALA F 156 26.76 43.68 -16.86
CA ALA F 156 28.03 43.07 -17.30
C ALA F 156 28.80 44.01 -18.24
N ALA F 157 29.04 43.57 -19.47
CA ALA F 157 29.83 44.33 -20.46
C ALA F 157 28.98 45.25 -21.34
N ASN F 158 27.67 45.26 -21.14
CA ASN F 158 26.83 46.17 -21.90
C ASN F 158 26.96 47.60 -21.39
N ASN F 159 26.82 48.56 -22.30
CA ASN F 159 26.96 49.97 -21.96
C ASN F 159 25.59 50.60 -21.76
N VAL F 160 25.52 51.52 -20.81
CA VAL F 160 24.32 52.30 -20.52
C VAL F 160 24.63 53.75 -20.80
N ALA F 161 23.80 54.38 -21.63
CA ALA F 161 23.95 55.80 -21.98
C ALA F 161 22.59 56.46 -21.91
N VAL F 162 22.46 57.51 -21.11
CA VAL F 162 21.21 58.25 -21.02
C VAL F 162 21.48 59.73 -21.25
N ASP F 163 20.49 60.40 -21.86
CA ASP F 163 20.60 61.81 -22.19
C ASP F 163 19.25 62.48 -22.00
N GLY F 164 19.29 63.81 -21.89
CA GLY F 164 18.05 64.56 -21.73
C GLY F 164 17.46 64.35 -20.34
N GLY F 165 16.14 64.47 -20.26
CA GLY F 165 15.41 64.21 -19.03
C GLY F 165 15.30 65.40 -18.10
N ALA F 166 14.38 65.27 -17.14
CA ALA F 166 14.30 66.19 -16.01
C ALA F 166 15.19 65.65 -14.90
N ASN F 167 14.62 64.99 -13.89
CA ASN F 167 15.43 64.18 -12.98
C ASN F 167 15.81 62.89 -13.67
N VAL F 168 17.08 62.53 -13.60
CA VAL F 168 17.59 61.33 -14.23
C VAL F 168 18.11 60.38 -13.15
N THR F 169 17.70 59.11 -13.23
CA THR F 169 18.15 58.09 -12.30
C THR F 169 18.63 56.88 -13.09
N VAL F 170 19.86 56.45 -12.81
CA VAL F 170 20.45 55.26 -13.39
C VAL F 170 20.67 54.29 -12.25
N ALA F 171 20.07 53.10 -12.34
CA ALA F 171 20.15 52.07 -11.30
C ALA F 171 20.64 50.77 -11.93
N SER F 172 21.93 50.48 -11.81
CA SER F 172 22.57 49.38 -12.50
C SER F 172 23.23 48.43 -11.51
N THR F 173 22.95 47.14 -11.67
CA THR F 173 23.54 46.09 -10.86
C THR F 173 24.17 45.04 -11.76
N GLY F 174 25.06 44.24 -11.18
CA GLY F 174 25.78 43.24 -11.95
C GLY F 174 26.65 43.83 -13.05
N VAL F 175 27.09 45.07 -12.89
CA VAL F 175 27.94 45.71 -13.89
C VAL F 175 29.32 45.09 -13.84
N THR F 176 29.94 44.92 -15.00
CA THR F 176 31.36 44.61 -15.03
C THR F 176 32.08 45.69 -15.84
N SER F 177 32.61 45.35 -17.01
CA SER F 177 33.33 46.33 -17.79
C SER F 177 32.42 47.32 -18.51
N GLY F 178 31.11 47.12 -18.49
CA GLY F 178 30.21 48.03 -19.19
C GLY F 178 30.25 49.43 -18.57
N THR F 179 30.13 50.44 -19.43
CA THR F 179 30.24 51.83 -18.99
C THR F 179 28.86 52.42 -18.67
N THR F 180 28.91 53.59 -18.03
CA THR F 180 27.74 54.37 -17.66
C THR F 180 28.01 55.83 -18.01
N THR F 181 27.21 56.39 -18.92
CA THR F 181 27.42 57.75 -19.41
C THR F 181 26.09 58.51 -19.38
N VAL F 182 26.08 59.64 -18.69
CA VAL F 182 24.89 60.47 -18.53
C VAL F 182 25.15 61.86 -19.10
N GLY F 183 24.27 62.31 -19.98
CA GLY F 183 24.30 63.69 -20.42
C GLY F 183 25.42 64.03 -21.38
N ALA F 184 26.04 63.03 -22.01
CA ALA F 184 27.11 63.31 -22.96
C ALA F 184 26.62 64.10 -24.17
N ASN F 185 25.35 63.94 -24.52
CA ASN F 185 24.75 64.64 -25.64
C ASN F 185 23.81 65.74 -25.21
N SER F 186 23.06 65.55 -24.13
CA SER F 186 22.22 66.62 -23.62
C SER F 186 22.03 66.37 -22.13
N ALA F 187 22.31 67.38 -21.32
CA ALA F 187 22.31 67.23 -19.87
C ALA F 187 20.90 67.13 -19.32
N ALA F 188 20.79 66.47 -18.16
CA ALA F 188 19.54 66.48 -17.42
C ALA F 188 19.18 67.90 -17.00
N SER F 189 17.90 68.24 -17.10
CA SER F 189 17.44 69.54 -16.63
C SER F 189 17.35 69.57 -15.11
N GLY F 190 17.14 68.42 -14.45
CA GLY F 190 17.10 68.34 -12.99
C GLY F 190 18.30 67.65 -12.38
N THR F 191 18.08 66.79 -11.38
CA THR F 191 19.17 66.11 -10.71
C THR F 191 19.57 64.85 -11.45
N VAL F 192 20.78 64.36 -11.14
CA VAL F 192 21.30 63.11 -11.68
C VAL F 192 21.64 62.19 -10.52
N SER F 193 21.18 60.95 -10.60
CA SER F 193 21.53 59.93 -9.61
C SER F 193 21.93 58.64 -10.31
N VAL F 194 23.17 58.22 -10.11
CA VAL F 194 23.75 57.03 -10.72
C VAL F 194 24.13 56.09 -9.59
N SER F 195 23.67 54.84 -9.68
CA SER F 195 24.09 53.75 -8.79
C SER F 195 24.60 52.59 -9.63
N VAL F 196 25.83 52.16 -9.36
CA VAL F 196 26.51 51.13 -10.13
C VAL F 196 27.08 50.12 -9.14
N ALA F 197 26.64 48.86 -9.25
CA ALA F 197 27.08 47.79 -8.36
C ALA F 197 27.75 46.69 -9.16
N ASN F 198 28.91 46.23 -8.68
CA ASN F 198 29.73 45.23 -9.35
C ASN F 198 30.17 44.21 -8.32
N SER F 199 29.91 42.94 -8.60
CA SER F 199 30.32 41.85 -7.72
C SER F 199 31.37 40.96 -8.38
N SER F 200 31.86 41.33 -9.55
CA SER F 200 32.92 40.61 -10.23
C SER F 200 34.29 41.09 -9.76
N THR F 201 35.34 40.52 -10.36
CA THR F 201 36.68 41.06 -10.26
C THR F 201 37.07 41.87 -11.48
N THR F 202 36.14 42.06 -12.41
CA THR F 202 36.41 42.85 -13.61
C THR F 202 36.21 44.32 -13.29
N THR F 203 37.24 45.12 -13.57
CA THR F 203 37.20 46.54 -13.24
C THR F 203 35.95 47.20 -13.82
N THR F 204 35.23 47.92 -12.96
CA THR F 204 33.97 48.53 -13.38
C THR F 204 34.21 49.52 -14.51
N GLY F 205 33.37 49.45 -15.55
CA GLY F 205 33.49 50.39 -16.65
C GLY F 205 33.29 51.82 -16.19
N ALA F 206 33.97 52.74 -16.88
CA ALA F 206 34.00 54.14 -16.46
C ALA F 206 32.60 54.75 -16.37
N ILE F 207 32.44 55.66 -15.41
CA ILE F 207 31.20 56.38 -15.18
C ILE F 207 31.44 57.86 -15.47
N ALA F 208 30.61 58.44 -16.34
CA ALA F 208 30.73 59.82 -16.75
C ALA F 208 29.35 60.49 -16.68
N VAL F 209 29.30 61.67 -16.07
CA VAL F 209 28.08 62.47 -16.01
C VAL F 209 28.42 63.89 -16.47
N THR F 210 27.57 64.46 -17.31
CA THR F 210 27.71 65.86 -17.72
C THR F 210 26.41 66.60 -17.47
N GLY F 211 26.46 67.64 -16.62
CA GLY F 211 25.33 68.49 -16.38
C GLY F 211 24.37 67.96 -15.33
N GLY F 212 23.40 68.81 -14.98
CA GLY F 212 22.47 68.51 -13.90
C GLY F 212 22.55 69.55 -12.80
N THR F 213 21.47 69.77 -12.05
CA THR F 213 21.52 70.75 -10.97
C THR F 213 22.36 70.22 -9.80
N ALA F 214 22.34 68.91 -9.58
CA ALA F 214 23.18 68.25 -8.60
C ALA F 214 23.38 66.81 -9.05
N VAL F 215 24.58 66.27 -8.82
CA VAL F 215 24.96 64.96 -9.32
C VAL F 215 25.40 64.09 -8.16
N THR F 216 24.90 62.86 -8.12
CA THR F 216 25.38 61.85 -7.19
C THR F 216 25.71 60.60 -7.99
N VAL F 217 26.95 60.12 -7.84
CA VAL F 217 27.41 58.87 -8.42
C VAL F 217 27.78 57.97 -7.25
N ALA F 218 27.02 56.89 -7.05
CA ALA F 218 27.23 55.96 -5.95
C ALA F 218 27.63 54.61 -6.52
N GLN F 219 28.85 54.17 -6.19
CA GLN F 219 29.40 52.89 -6.60
C GLN F 219 29.45 51.94 -5.41
N THR F 220 29.26 50.65 -5.69
CA THR F 220 29.49 49.61 -4.68
C THR F 220 30.25 48.45 -5.31
N ALA F 221 31.08 47.81 -4.50
CA ALA F 221 31.83 46.62 -4.87
C ALA F 221 31.39 45.47 -3.98
N GLY F 222 31.01 44.35 -4.61
CA GLY F 222 30.53 43.19 -3.89
C GLY F 222 31.30 41.92 -4.23
N ASN F 223 32.56 42.06 -4.63
CA ASN F 223 33.39 40.92 -4.97
C ASN F 223 33.62 40.02 -3.75
N ALA F 224 34.05 38.79 -4.03
CA ALA F 224 34.15 37.73 -3.04
C ALA F 224 35.27 37.99 -2.04
N VAL F 225 35.27 37.19 -0.97
CA VAL F 225 36.09 37.36 0.22
C VAL F 225 37.60 37.27 0.00
N ASN F 226 38.08 36.69 -1.09
CA ASN F 226 39.52 36.62 -1.28
C ASN F 226 39.90 37.08 -2.68
N THR F 227 39.11 38.02 -3.20
CA THR F 227 39.29 38.60 -4.50
C THR F 227 39.45 40.12 -4.37
N THR F 228 39.98 40.74 -5.41
CA THR F 228 40.16 42.18 -5.47
C THR F 228 39.42 42.74 -6.69
N LEU F 229 38.65 43.80 -6.47
CA LEU F 229 37.95 44.51 -7.52
C LEU F 229 38.40 45.97 -7.50
N THR F 230 38.80 46.48 -8.67
CA THR F 230 39.08 47.89 -8.84
C THR F 230 37.81 48.58 -9.33
N GLN F 231 37.37 49.60 -8.61
CA GLN F 231 36.13 50.27 -8.93
C GLN F 231 36.33 51.28 -10.06
N ALA F 232 35.22 51.81 -10.56
CA ALA F 232 35.24 52.62 -11.77
C ALA F 232 35.80 54.01 -11.50
N ASP F 233 36.58 54.51 -12.47
CA ASP F 233 36.87 55.93 -12.52
C ASP F 233 35.59 56.71 -12.82
N VAL F 234 35.44 57.85 -12.14
CA VAL F 234 34.25 58.68 -12.27
C VAL F 234 34.67 60.05 -12.75
N THR F 235 34.00 60.54 -13.78
CA THR F 235 34.19 61.89 -14.27
C THR F 235 32.84 62.61 -14.21
N VAL F 236 32.82 63.76 -13.55
CA VAL F 236 31.62 64.59 -13.49
C VAL F 236 31.97 65.98 -13.97
N THR F 237 31.36 66.38 -15.08
CA THR F 237 31.50 67.73 -15.60
C THR F 237 30.18 68.45 -15.41
N GLY F 238 30.21 69.52 -14.63
CA GLY F 238 28.99 70.27 -14.39
C GLY F 238 28.59 71.07 -15.60
N ASN F 239 27.38 71.61 -15.54
CA ASN F 239 27.01 72.67 -16.46
C ASN F 239 26.72 73.92 -15.63
N SER F 240 26.13 74.92 -16.25
CA SER F 240 25.86 76.18 -15.56
C SER F 240 24.91 76.02 -14.38
N SER F 241 24.29 74.85 -14.20
CA SER F 241 23.33 74.60 -13.12
C SER F 241 23.89 73.77 -11.98
N THR F 242 25.04 73.11 -12.15
CA THR F 242 25.53 72.13 -11.19
C THR F 242 26.10 72.81 -9.94
N THR F 243 25.38 72.72 -8.82
CA THR F 243 25.81 73.31 -7.57
C THR F 243 26.50 72.34 -6.62
N ALA F 244 26.27 71.03 -6.77
CA ALA F 244 26.82 70.06 -5.82
C ALA F 244 27.10 68.75 -6.56
N VAL F 245 28.20 68.11 -6.18
CA VAL F 245 28.60 66.83 -6.75
C VAL F 245 28.98 65.88 -5.62
N THR F 246 28.47 64.65 -5.68
CA THR F 246 28.74 63.60 -4.73
C THR F 246 29.19 62.35 -5.45
N VAL F 247 30.31 61.77 -5.00
CA VAL F 247 30.84 60.55 -5.60
C VAL F 247 31.28 59.63 -4.46
N THR F 248 30.62 58.48 -4.32
CA THR F 248 30.93 57.55 -3.25
C THR F 248 31.26 56.18 -3.83
N GLN F 249 32.12 55.46 -3.13
CA GLN F 249 32.57 54.13 -3.51
C GLN F 249 32.64 53.25 -2.27
N THR F 250 32.83 51.95 -2.51
CA THR F 250 33.15 51.03 -1.43
C THR F 250 34.57 51.29 -0.94
N ALA F 251 34.76 51.27 0.37
CA ALA F 251 36.08 51.54 0.93
C ALA F 251 37.11 50.57 0.40
N ALA F 252 38.32 51.07 0.16
CA ALA F 252 39.40 50.23 -0.30
C ALA F 252 39.84 49.26 0.79
N ALA F 253 40.40 48.13 0.37
CA ALA F 253 40.88 47.11 1.30
C ALA F 253 41.82 46.18 0.56
N THR F 254 42.70 45.54 1.33
CA THR F 254 43.60 44.54 0.79
C THR F 254 42.97 43.17 0.95
N ALA F 255 42.92 42.40 -0.14
CA ALA F 255 42.26 41.10 -0.08
C ALA F 255 43.00 40.15 0.85
N GLY F 256 42.25 39.40 1.64
CA GLY F 256 42.79 38.37 2.49
C GLY F 256 41.78 37.26 2.62
N ALA F 257 42.12 36.25 3.43
CA ALA F 257 41.22 35.10 3.58
C ALA F 257 39.85 35.50 4.11
N THR F 258 39.78 36.54 4.94
CA THR F 258 38.54 36.96 5.56
C THR F 258 37.96 38.24 4.97
N VAL F 259 38.68 38.94 4.10
CA VAL F 259 38.31 40.29 3.66
C VAL F 259 38.38 40.41 2.14
N ALA F 260 37.35 41.02 1.56
CA ALA F 260 37.33 41.30 0.13
C ALA F 260 38.17 42.53 -0.19
N GLY F 261 39.07 42.38 -1.16
CA GLY F 261 39.91 43.50 -1.58
C GLY F 261 39.19 44.40 -2.56
N ARG F 262 39.45 45.70 -2.44
CA ARG F 262 38.85 46.72 -3.30
C ARG F 262 39.88 47.80 -3.56
N VAL F 263 39.90 48.31 -4.77
CA VAL F 263 40.69 49.49 -5.12
C VAL F 263 39.72 50.59 -5.57
N ASN F 264 39.98 51.82 -5.16
CA ASN F 264 39.11 52.93 -5.52
C ASN F 264 39.47 53.49 -6.89
N GLY F 265 38.43 53.94 -7.61
CA GLY F 265 38.65 54.56 -8.89
C GLY F 265 38.99 56.04 -8.77
N ALA F 266 39.63 56.56 -9.81
CA ALA F 266 39.92 57.98 -9.87
C ALA F 266 38.62 58.77 -9.95
N VAL F 267 38.71 60.05 -9.57
CA VAL F 267 37.55 60.94 -9.57
C VAL F 267 37.98 62.29 -10.16
N THR F 268 37.27 62.74 -11.18
CA THR F 268 37.52 64.03 -11.81
C THR F 268 36.23 64.83 -11.85
N ILE F 269 36.21 65.96 -11.15
CA ILE F 269 35.04 66.83 -11.08
C ILE F 269 35.43 68.20 -11.61
N THR F 270 34.71 68.68 -12.63
CA THR F 270 35.06 69.91 -13.32
C THR F 270 33.84 70.83 -13.45
N ASP F 271 33.98 72.05 -12.94
CA ASP F 271 32.97 73.07 -13.19
C ASP F 271 33.01 73.46 -14.66
N SER F 272 31.83 73.73 -15.25
CA SER F 272 31.79 74.07 -16.67
C SER F 272 32.54 75.36 -16.99
N ALA F 273 32.72 76.25 -16.01
CA ALA F 273 33.42 77.51 -16.22
C ALA F 273 34.88 77.45 -15.77
N ALA F 274 35.41 76.24 -15.55
CA ALA F 274 36.73 76.12 -14.92
C ALA F 274 37.83 76.78 -15.74
N ALA F 275 37.67 76.85 -17.06
CA ALA F 275 38.69 77.43 -17.93
C ALA F 275 38.46 78.91 -18.20
N SER F 276 37.38 79.49 -17.71
CA SER F 276 37.02 80.85 -18.08
C SER F 276 37.80 81.88 -17.24
N ALA F 277 38.04 83.04 -17.87
CA ALA F 277 38.67 84.15 -17.17
C ALA F 277 37.67 85.03 -16.45
N THR F 278 36.38 84.94 -16.80
CA THR F 278 35.39 85.88 -16.30
C THR F 278 34.14 85.21 -15.75
N THR F 279 33.76 84.07 -16.31
CA THR F 279 32.48 83.46 -15.96
C THR F 279 32.55 82.81 -14.57
N ALA F 280 31.61 83.17 -13.69
CA ALA F 280 31.58 82.61 -12.35
C ALA F 280 31.28 81.11 -12.39
N GLY F 281 31.81 80.40 -11.40
CA GLY F 281 31.58 78.97 -11.27
C GLY F 281 30.25 78.65 -10.60
N LYS F 282 29.95 77.36 -10.52
CA LYS F 282 28.68 76.92 -9.97
C LYS F 282 28.82 75.83 -8.92
N ILE F 283 29.80 74.93 -9.09
CA ILE F 283 29.98 73.84 -8.13
C ILE F 283 30.62 74.40 -6.87
N ALA F 284 29.84 74.48 -5.80
CA ALA F 284 30.29 74.96 -4.50
C ALA F 284 30.58 73.85 -3.50
N THR F 285 29.97 72.67 -3.65
CA THR F 285 30.12 71.59 -2.68
C THR F 285 30.43 70.29 -3.42
N VAL F 286 31.43 69.57 -2.91
CA VAL F 286 31.79 68.24 -3.40
C VAL F 286 31.85 67.28 -2.22
N THR F 287 31.31 66.08 -2.41
CA THR F 287 31.34 65.03 -1.40
C THR F 287 31.99 63.79 -2.00
N LEU F 288 33.02 63.29 -1.33
CA LEU F 288 33.73 62.08 -1.73
C LEU F 288 33.67 61.07 -0.59
N GLY F 289 33.11 59.91 -0.86
CA GLY F 289 33.13 58.80 0.06
C GLY F 289 34.03 57.70 -0.46
N SER F 290 35.29 57.71 -0.02
CA SER F 290 36.39 56.91 -0.57
C SER F 290 36.74 57.35 -1.97
N PHE F 291 38.02 57.29 -2.34
CA PHE F 291 38.42 57.78 -3.65
C PHE F 291 39.85 57.38 -3.94
N GLY F 292 40.18 57.25 -5.23
CA GLY F 292 41.55 57.09 -5.65
C GLY F 292 42.20 58.46 -5.77
N ALA F 293 42.89 58.72 -6.88
CA ALA F 293 43.42 60.05 -7.15
C ALA F 293 42.27 60.94 -7.62
N ALA F 294 41.92 61.93 -6.80
CA ALA F 294 40.75 62.76 -7.05
C ALA F 294 41.20 64.20 -7.29
N THR F 295 40.53 64.89 -8.21
CA THR F 295 40.76 66.31 -8.45
C THR F 295 39.43 67.03 -8.59
N ILE F 296 39.39 68.26 -8.10
CA ILE F 296 38.26 69.17 -8.27
C ILE F 296 38.78 70.47 -8.86
N ASP F 297 38.03 71.05 -9.80
CA ASP F 297 38.37 72.34 -10.39
C ASP F 297 37.10 73.18 -10.46
N SER F 298 36.96 74.15 -9.54
CA SER F 298 35.79 75.02 -9.50
C SER F 298 36.12 76.32 -8.79
N SER F 299 35.90 77.45 -9.48
CA SER F 299 36.03 78.76 -8.86
C SER F 299 35.01 78.98 -7.75
N ALA F 300 33.93 78.20 -7.69
CA ALA F 300 32.91 78.39 -6.68
C ALA F 300 33.07 77.46 -5.49
N LEU F 301 34.06 76.57 -5.52
CA LEU F 301 34.15 75.56 -4.48
C LEU F 301 34.50 76.19 -3.14
N THR F 302 33.67 75.90 -2.14
CA THR F 302 33.95 76.31 -0.77
C THR F 302 33.98 75.16 0.22
N THR F 303 33.33 74.03 -0.10
CA THR F 303 33.13 72.96 0.86
C THR F 303 33.39 71.62 0.22
N VAL F 304 34.20 70.79 0.89
CA VAL F 304 34.47 69.42 0.48
C VAL F 304 34.22 68.50 1.67
N ASN F 305 33.31 67.55 1.50
CA ASN F 305 32.99 66.56 2.52
C ASN F 305 33.65 65.24 2.17
N LEU F 306 34.49 64.74 3.09
CA LEU F 306 35.33 63.58 2.81
C LEU F 306 35.14 62.51 3.86
N SER F 307 35.11 61.26 3.39
CA SER F 307 34.98 60.09 4.26
C SER F 307 35.66 58.92 3.59
N GLY F 308 35.94 57.88 4.39
CA GLY F 308 36.43 56.64 3.81
C GLY F 308 37.91 56.65 3.47
N THR F 309 38.28 55.81 2.50
CA THR F 309 39.68 55.61 2.10
C THR F 309 39.98 56.45 0.87
N GLY F 310 40.86 57.44 1.04
CA GLY F 310 41.26 58.30 -0.06
C GLY F 310 42.74 58.15 -0.38
N THR F 311 43.07 58.36 -1.66
CA THR F 311 44.48 58.37 -2.07
C THR F 311 45.02 59.80 -2.05
N SER F 312 44.50 60.65 -2.93
CA SER F 312 44.96 62.02 -3.02
C SER F 312 43.81 62.91 -3.49
N LEU F 313 43.90 64.19 -3.15
CA LEU F 313 42.91 65.18 -3.57
C LEU F 313 43.62 66.47 -3.94
N GLY F 314 43.51 66.85 -5.20
CA GLY F 314 43.98 68.15 -5.67
C GLY F 314 42.79 69.05 -5.93
N ILE F 315 42.88 70.27 -5.43
CA ILE F 315 41.77 71.22 -5.51
C ILE F 315 42.22 72.43 -6.32
N GLY F 316 41.57 72.63 -7.48
CA GLY F 316 41.78 73.80 -8.31
C GLY F 316 40.57 74.73 -8.26
N ARG F 317 40.77 76.02 -8.54
CA ARG F 317 39.71 77.01 -8.40
C ARG F 317 39.40 77.69 -9.74
N GLY F 318 39.50 76.97 -10.84
CA GLY F 318 39.23 77.60 -12.11
C GLY F 318 40.38 78.48 -12.57
N ALA F 319 40.06 79.44 -13.43
CA ALA F 319 41.09 80.27 -14.04
C ALA F 319 40.64 81.72 -14.18
N LEU F 320 39.87 82.22 -13.22
CA LEU F 320 39.47 83.62 -13.25
C LEU F 320 40.69 84.56 -13.12
N THR F 321 40.63 85.67 -13.86
CA THR F 321 41.72 86.65 -13.79
C THR F 321 41.60 87.53 -12.56
N ALA F 322 40.38 87.90 -12.18
CA ALA F 322 40.18 88.71 -10.99
C ALA F 322 40.69 87.99 -9.75
N THR F 323 41.16 88.78 -8.78
CA THR F 323 41.58 88.24 -7.49
C THR F 323 40.36 87.93 -6.64
N PRO F 324 40.23 86.71 -6.14
CA PRO F 324 39.06 86.38 -5.32
C PRO F 324 39.14 87.04 -3.95
N THR F 325 37.97 87.40 -3.43
CA THR F 325 37.83 87.94 -2.08
C THR F 325 37.46 86.87 -1.04
N ALA F 326 36.66 85.87 -1.42
CA ALA F 326 36.31 84.76 -0.52
C ALA F 326 37.26 83.59 -0.73
N ASN F 327 38.11 83.32 0.25
CA ASN F 327 39.16 82.30 0.09
C ASN F 327 39.17 81.32 1.26
N THR F 328 37.98 80.87 1.65
CA THR F 328 37.81 79.91 2.73
C THR F 328 37.41 78.55 2.18
N LEU F 329 38.15 77.51 2.58
CA LEU F 329 37.86 76.13 2.24
C LEU F 329 37.49 75.36 3.49
N THR F 330 36.36 74.67 3.47
CA THR F 330 35.92 73.84 4.59
C THR F 330 36.05 72.38 4.21
N LEU F 331 36.84 71.64 4.97
CA LEU F 331 36.96 70.20 4.82
C LEU F 331 36.22 69.56 5.99
N ASN F 332 35.04 69.00 5.70
CA ASN F 332 34.30 68.23 6.70
C ASN F 332 34.71 66.78 6.55
N VAL F 333 35.47 66.28 7.53
CA VAL F 333 36.03 64.93 7.47
C VAL F 333 35.35 64.04 8.50
N ASN F 334 35.15 62.77 8.11
CA ASN F 334 34.45 61.80 8.94
C ASN F 334 35.01 60.42 8.59
N GLY F 335 35.80 59.84 9.48
CA GLY F 335 36.39 58.54 9.23
C GLY F 335 37.25 58.50 7.99
N LEU F 336 37.94 59.59 7.69
CA LEU F 336 38.76 59.71 6.49
C LEU F 336 40.17 59.24 6.77
N THR F 337 40.73 58.49 5.83
CA THR F 337 42.15 58.16 5.84
C THR F 337 42.68 58.38 4.43
N THR F 338 43.60 59.31 4.27
CA THR F 338 44.26 59.48 2.99
C THR F 338 45.69 58.95 3.10
N THR F 339 46.13 58.29 2.05
CA THR F 339 47.51 57.85 1.96
C THR F 339 48.40 58.92 1.35
N GLY F 340 47.83 59.83 0.56
CA GLY F 340 48.59 60.90 -0.03
C GLY F 340 48.06 62.25 0.38
N ALA F 341 48.31 63.26 -0.45
CA ALA F 341 48.15 64.65 -0.05
C ALA F 341 46.80 65.21 -0.47
N ILE F 342 46.24 66.05 0.39
CA ILE F 342 45.21 67.00 -0.02
C ILE F 342 45.92 68.30 -0.34
N THR F 343 45.85 68.73 -1.59
CA THR F 343 46.66 69.83 -2.09
C THR F 343 45.78 70.94 -2.65
N ASP F 344 46.03 72.16 -2.20
CA ASP F 344 45.48 73.36 -2.82
C ASP F 344 46.30 73.62 -4.08
N SER F 345 45.79 73.15 -5.22
CA SER F 345 46.52 73.23 -6.47
C SER F 345 46.55 74.65 -7.03
N GLU F 346 45.68 75.54 -6.56
CA GLU F 346 45.66 76.89 -7.07
C GLU F 346 46.70 77.79 -6.41
N ALA F 347 47.08 77.46 -5.18
CA ALA F 347 47.79 78.45 -4.34
C ALA F 347 49.19 78.72 -4.85
N ALA F 348 49.87 77.70 -5.38
CA ALA F 348 51.29 77.83 -5.69
C ALA F 348 51.54 78.94 -6.72
N ALA F 349 50.78 78.95 -7.81
CA ALA F 349 51.01 79.90 -8.87
C ALA F 349 49.87 80.89 -9.04
N ASP F 350 48.80 80.77 -8.26
CA ASP F 350 47.62 81.62 -8.39
C ASP F 350 47.08 81.86 -6.99
N ASP F 351 45.82 82.22 -6.90
CA ASP F 351 45.20 82.66 -5.65
C ASP F 351 44.45 81.49 -5.01
N GLY F 352 45.10 80.84 -4.04
CA GLY F 352 44.51 79.73 -3.31
C GLY F 352 43.77 80.16 -2.06
N PHE F 353 43.49 79.17 -1.20
CA PHE F 353 42.74 79.42 0.02
C PHE F 353 43.64 79.97 1.12
N THR F 354 43.14 81.00 1.82
CA THR F 354 43.85 81.61 2.93
C THR F 354 43.35 81.10 4.28
N THR F 355 42.11 80.61 4.33
CA THR F 355 41.56 79.98 5.53
C THR F 355 41.12 78.56 5.19
N ILE F 356 41.60 77.61 5.97
CA ILE F 356 41.21 76.20 5.85
C ILE F 356 40.59 75.78 7.17
N ASN F 357 39.33 75.36 7.13
CA ASN F 357 38.64 74.85 8.29
C ASN F 357 38.47 73.34 8.11
N ILE F 358 39.05 72.56 8.99
CA ILE F 358 38.88 71.11 8.95
C ILE F 358 38.03 70.73 10.14
N ALA F 359 36.86 70.18 9.88
CA ALA F 359 35.91 69.82 10.91
C ALA F 359 35.79 68.31 10.92
N GLY F 360 36.30 67.68 11.98
CA GLY F 360 36.23 66.23 12.10
C GLY F 360 35.02 65.80 12.90
N SER F 361 34.33 64.78 12.40
CA SER F 361 33.08 64.38 13.03
C SER F 361 32.90 62.87 12.98
N THR F 362 32.16 62.36 13.98
CA THR F 362 31.74 60.97 14.11
C THR F 362 32.87 59.96 14.31
N ALA F 363 33.87 59.96 13.44
CA ALA F 363 34.95 59.00 13.53
C ALA F 363 36.27 59.69 13.20
N SER F 364 37.33 59.28 13.91
CA SER F 364 38.63 59.91 13.74
C SER F 364 39.09 59.86 12.27
N SER F 365 39.87 60.87 11.88
CA SER F 365 40.41 60.98 10.54
C SER F 365 41.91 61.22 10.58
N THR F 366 42.60 60.74 9.54
CA THR F 366 44.04 60.94 9.38
C THR F 366 44.32 61.38 7.95
N ILE F 367 44.84 62.59 7.80
CA ILE F 367 45.28 63.12 6.52
C ILE F 367 46.79 62.99 6.45
N ALA F 368 47.29 62.22 5.47
CA ALA F 368 48.72 62.00 5.35
C ALA F 368 49.48 63.30 5.15
N SER F 369 48.98 64.16 4.26
CA SER F 369 49.66 65.40 3.91
C SER F 369 48.64 66.47 3.56
N LEU F 370 48.79 67.65 4.15
CA LEU F 370 47.98 68.81 3.80
C LEU F 370 48.90 69.86 3.21
N VAL F 371 48.67 70.19 1.95
CA VAL F 371 49.53 71.13 1.22
C VAL F 371 48.69 72.32 0.80
N ALA F 372 49.02 73.49 1.34
CA ALA F 372 48.23 74.69 1.12
C ALA F 372 49.18 75.88 1.20
N ALA F 373 49.66 76.34 0.05
CA ALA F 373 50.73 77.33 0.00
C ALA F 373 50.25 78.75 0.28
N ASP F 374 48.95 79.01 0.27
CA ASP F 374 48.43 80.35 0.55
C ASP F 374 47.70 80.40 1.89
N ALA F 375 47.65 79.30 2.63
CA ALA F 375 46.91 79.30 3.88
C ALA F 375 47.66 80.06 4.96
N THR F 376 46.94 80.97 5.64
CA THR F 376 47.45 81.67 6.80
C THR F 376 46.75 81.29 8.09
N THR F 377 45.57 80.67 7.98
CA THR F 377 44.78 80.25 9.13
C THR F 377 44.30 78.82 8.93
N LEU F 378 44.59 77.96 9.91
CA LEU F 378 44.08 76.58 9.94
C LEU F 378 43.27 76.42 11.22
N ASN F 379 41.98 76.14 11.06
CA ASN F 379 41.08 75.92 12.19
C ASN F 379 40.62 74.47 12.18
N ILE F 380 40.78 73.79 13.31
CA ILE F 380 40.44 72.37 13.41
C ILE F 380 39.37 72.24 14.47
N SER F 381 38.17 71.88 14.06
CA SER F 381 37.01 71.77 14.93
C SER F 381 36.45 70.34 14.88
N GLY F 382 35.39 70.11 15.65
CA GLY F 382 34.61 68.89 15.57
C GLY F 382 34.66 68.07 16.84
N ASP F 383 34.10 66.85 16.74
CA ASP F 383 33.99 65.95 17.89
C ASP F 383 34.66 64.60 17.64
N ALA F 384 35.58 64.53 16.69
CA ALA F 384 36.35 63.33 16.41
C ALA F 384 37.75 63.76 16.02
N ARG F 385 38.75 62.95 16.42
CA ARG F 385 40.14 63.37 16.25
C ARG F 385 40.46 63.68 14.79
N VAL F 386 41.24 64.72 14.59
CA VAL F 386 41.81 65.04 13.28
C VAL F 386 43.32 64.97 13.40
N THR F 387 43.94 64.09 12.61
CA THR F 387 45.38 63.95 12.55
C THR F 387 45.87 64.38 11.17
N ILE F 388 46.81 65.32 11.15
CA ILE F 388 47.49 65.74 9.94
C ILE F 388 48.93 65.29 10.07
N THR F 389 49.26 64.17 9.43
CA THR F 389 50.58 63.56 9.62
C THR F 389 51.68 64.52 9.23
N SER F 390 51.50 65.26 8.13
CA SER F 390 52.45 66.29 7.75
C SER F 390 51.68 67.38 7.02
N HIS F 391 52.21 68.60 7.08
CA HIS F 391 51.63 69.73 6.38
C HIS F 391 52.74 70.55 5.74
N THR F 392 52.43 71.15 4.60
CA THR F 392 53.32 72.06 3.90
C THR F 392 52.52 73.33 3.66
N ALA F 393 52.74 74.33 4.52
CA ALA F 393 51.95 75.55 4.51
C ALA F 393 52.76 76.68 5.13
N ALA F 394 53.75 77.18 4.39
CA ALA F 394 54.73 78.11 4.94
C ALA F 394 54.12 79.46 5.31
N ALA F 395 52.97 79.81 4.76
CA ALA F 395 52.36 81.11 5.03
C ALA F 395 51.44 81.10 6.24
N LEU F 396 51.38 79.98 6.98
CA LEU F 396 50.50 79.92 8.14
C LEU F 396 51.01 80.87 9.22
N THR F 397 50.08 81.64 9.80
CA THR F 397 50.37 82.44 10.98
C THR F 397 49.62 81.95 12.22
N GLY F 398 48.60 81.13 12.04
CA GLY F 398 47.86 80.61 13.18
C GLY F 398 47.15 79.29 12.94
N ILE F 399 47.28 78.38 13.89
CA ILE F 399 46.50 77.16 13.95
C ILE F 399 45.69 77.21 15.24
N THR F 400 44.38 77.05 15.12
CA THR F 400 43.48 77.04 16.28
C THR F 400 42.69 75.74 16.28
N VAL F 401 42.70 75.05 17.41
CA VAL F 401 42.00 73.78 17.58
C VAL F 401 40.86 73.99 18.57
N THR F 402 39.63 73.74 18.12
CA THR F 402 38.48 73.68 18.99
C THR F 402 37.93 72.28 19.11
N ASN F 403 38.51 71.31 18.38
CA ASN F 403 38.03 69.94 18.38
C ASN F 403 38.06 69.36 19.79
N SER F 404 36.89 68.91 20.27
CA SER F 404 36.76 68.44 21.63
C SER F 404 37.52 67.14 21.90
N VAL F 405 37.79 66.33 20.88
CA VAL F 405 38.61 65.13 21.07
C VAL F 405 40.09 65.48 20.97
N GLY F 406 40.46 66.31 20.00
CA GLY F 406 41.82 66.76 19.85
C GLY F 406 42.36 66.71 18.44
N ALA F 407 43.48 67.39 18.20
CA ALA F 407 44.15 67.38 16.91
C ALA F 407 45.60 66.98 17.10
N THR F 408 46.12 66.21 16.14
CA THR F 408 47.51 65.78 16.14
C THR F 408 48.14 66.25 14.85
N LEU F 409 49.22 67.02 14.96
CA LEU F 409 49.99 67.46 13.81
C LEU F 409 51.41 66.93 13.93
N GLY F 410 51.87 66.23 12.90
CA GLY F 410 53.13 65.52 12.93
C GLY F 410 54.33 66.31 12.46
N ALA F 411 54.10 67.37 11.69
CA ALA F 411 55.16 68.23 11.20
C ALA F 411 55.45 69.34 12.21
N GLU F 412 56.73 69.61 12.43
CA GLU F 412 57.11 70.65 13.38
C GLU F 412 56.61 72.00 12.90
N LEU F 413 55.95 72.74 13.79
CA LEU F 413 55.43 74.05 13.43
C LEU F 413 56.56 75.04 13.17
N ALA F 414 56.32 75.97 12.26
CA ALA F 414 57.25 77.07 12.02
C ALA F 414 57.43 77.89 13.28
N THR F 415 58.64 78.43 13.45
CA THR F 415 58.95 79.15 14.69
C THR F 415 58.05 80.36 14.87
N GLY F 416 57.57 80.96 13.78
CA GLY F 416 56.69 82.12 13.86
C GLY F 416 55.22 81.81 13.91
N LEU F 417 54.86 80.54 14.05
CA LEU F 417 53.47 80.10 13.97
C LEU F 417 52.89 79.95 15.37
N VAL F 418 51.73 80.57 15.60
CA VAL F 418 51.03 80.46 16.87
C VAL F 418 50.11 79.24 16.82
N PHE F 419 50.15 78.42 17.87
CA PHE F 419 49.24 77.29 18.00
C PHE F 419 48.41 77.48 19.26
N THR F 420 47.10 77.29 19.13
CA THR F 420 46.16 77.37 20.24
C THR F 420 45.38 76.06 20.28
N GLY F 421 45.67 75.22 21.27
CA GLY F 421 44.95 73.98 21.44
C GLY F 421 43.60 74.21 22.08
N GLY F 422 42.81 73.14 22.13
CA GLY F 422 41.51 73.20 22.77
C GLY F 422 41.38 72.26 23.96
N ALA F 423 40.14 71.99 24.37
CA ALA F 423 39.89 71.17 25.54
C ALA F 423 40.19 69.69 25.32
N GLY F 424 40.66 69.31 24.12
CA GLY F 424 40.96 67.93 23.83
C GLY F 424 42.46 67.64 23.92
N ALA F 425 42.80 66.40 23.62
CA ALA F 425 44.18 65.92 23.72
C ALA F 425 44.89 66.24 22.41
N ASP F 426 45.62 67.36 22.40
CA ASP F 426 46.30 67.83 21.21
C ASP F 426 47.78 67.45 21.25
N SER F 427 48.37 67.27 20.07
CA SER F 427 49.78 66.87 20.02
C SER F 427 50.46 67.61 18.88
N ILE F 428 51.56 68.31 19.20
CA ILE F 428 52.30 69.11 18.24
C ILE F 428 53.81 68.93 18.47
N LEU F 429 54.58 69.37 17.48
CA LEU F 429 56.03 69.45 17.53
C LEU F 429 56.43 70.91 17.40
N LEU F 430 57.37 71.35 18.23
CA LEU F 430 57.84 72.73 18.23
C LEU F 430 59.34 72.80 18.03
N GLY F 431 59.77 73.86 17.37
CA GLY F 431 61.16 74.28 17.35
C GLY F 431 61.39 75.45 18.29
N ALA F 432 62.37 76.29 17.97
CA ALA F 432 62.69 77.47 18.78
C ALA F 432 61.67 78.57 18.51
N THR F 433 60.45 78.31 18.97
CA THR F 433 59.33 79.19 18.65
C THR F 433 59.53 80.57 19.23
N THR F 434 58.92 81.56 18.58
CA THR F 434 58.94 82.95 19.04
C THR F 434 57.55 83.42 19.45
N LYS F 435 56.65 82.48 19.74
CA LYS F 435 55.26 82.79 20.00
C LYS F 435 54.81 82.16 21.31
N ALA F 436 53.62 82.54 21.74
CA ALA F 436 53.01 82.04 22.97
C ALA F 436 52.14 80.85 22.58
N ILE F 437 52.72 79.65 22.67
CA ILE F 437 52.00 78.42 22.38
C ILE F 437 51.20 78.01 23.61
N VAL F 438 49.91 77.71 23.40
CA VAL F 438 49.01 77.30 24.47
C VAL F 438 48.28 76.05 24.03
N MET F 439 48.28 75.03 24.89
CA MET F 439 47.71 73.72 24.59
C MET F 439 46.29 73.56 25.11
N GLY F 440 45.87 74.39 26.06
CA GLY F 440 44.55 74.28 26.62
C GLY F 440 44.37 73.09 27.53
N ALA F 441 43.11 72.88 27.90
CA ALA F 441 42.73 71.75 28.75
C ALA F 441 42.95 70.45 28.00
N GLY F 442 42.66 69.33 28.67
CA GLY F 442 42.91 68.03 28.13
C GLY F 442 44.37 67.62 28.27
N ASP F 443 44.62 66.33 28.06
CA ASP F 443 45.95 65.76 28.24
C ASP F 443 46.73 65.89 26.94
N ASP F 444 47.56 66.94 26.87
CA ASP F 444 48.27 67.32 25.66
C ASP F 444 49.69 66.77 25.64
N THR F 445 50.30 66.82 24.45
CA THR F 445 51.67 66.38 24.25
C THR F 445 52.38 67.37 23.34
N VAL F 446 53.53 67.87 23.78
CA VAL F 446 54.35 68.80 23.00
C VAL F 446 55.76 68.22 22.89
N THR F 447 56.27 68.12 21.66
CA THR F 447 57.62 67.65 21.39
C THR F 447 58.47 68.84 20.96
N VAL F 448 59.50 69.18 21.75
CA VAL F 448 60.36 70.32 21.47
C VAL F 448 61.69 69.81 20.89
N SER F 449 62.13 70.43 19.81
CA SER F 449 63.43 70.12 19.22
C SER F 449 64.51 71.10 19.66
N SER F 450 64.16 72.12 20.42
CA SER F 450 65.14 73.06 20.95
C SER F 450 64.78 73.33 22.40
N ALA F 451 65.71 73.05 23.30
CA ALA F 451 65.43 73.25 24.73
C ALA F 451 65.21 74.73 25.02
N THR F 452 65.93 75.60 24.33
CA THR F 452 65.80 77.05 24.48
C THR F 452 64.94 77.59 23.33
N LEU F 453 63.80 78.18 23.68
CA LEU F 453 62.92 78.78 22.70
C LEU F 453 63.50 80.12 22.20
N GLY F 454 62.85 80.67 21.17
CA GLY F 454 63.26 81.98 20.68
C GLY F 454 62.69 83.10 21.51
N ALA F 455 63.17 84.31 21.23
CA ALA F 455 62.71 85.49 21.95
C ALA F 455 61.21 85.64 21.78
N GLY F 456 60.50 85.77 22.91
CA GLY F 456 59.05 85.82 22.91
C GLY F 456 58.37 84.47 22.96
N GLY F 457 59.11 83.37 22.83
CA GLY F 457 58.49 82.05 22.79
C GLY F 457 58.18 81.50 24.18
N SER F 458 57.08 80.77 24.26
CA SER F 458 56.64 80.13 25.50
C SER F 458 55.67 79.00 25.14
N VAL F 459 55.63 77.97 25.98
CA VAL F 459 54.69 76.85 25.82
C VAL F 459 54.02 76.57 27.15
N ASN F 460 52.70 76.56 27.15
CA ASN F 460 51.92 76.22 28.35
C ASN F 460 51.13 74.95 28.07
N GLY F 461 51.34 73.94 28.91
CA GLY F 461 50.58 72.72 28.80
C GLY F 461 49.13 72.88 29.20
N GLY F 462 48.81 73.91 29.96
CA GLY F 462 47.45 74.14 30.39
C GLY F 462 46.96 73.11 31.39
N ASP F 463 45.65 73.15 31.62
CA ASP F 463 44.99 72.18 32.49
C ASP F 463 45.14 70.79 31.91
N GLY F 464 45.05 69.79 32.78
CA GLY F 464 45.21 68.41 32.41
C GLY F 464 46.61 67.89 32.72
N THR F 465 46.78 66.59 32.51
CA THR F 465 48.08 65.96 32.69
C THR F 465 48.79 65.99 31.35
N ASP F 466 49.82 66.82 31.27
CA ASP F 466 50.43 67.18 30.00
C ASP F 466 51.87 66.67 29.93
N VAL F 467 52.24 66.16 28.76
CA VAL F 467 53.53 65.52 28.52
C VAL F 467 54.38 66.44 27.67
N LEU F 468 55.61 66.70 28.12
CA LEU F 468 56.60 67.43 27.36
C LEU F 468 57.67 66.46 26.88
N VAL F 469 57.85 66.38 25.57
CA VAL F 469 58.80 65.43 24.99
C VAL F 469 60.06 66.19 24.61
N ALA F 470 61.18 65.82 25.24
CA ALA F 470 62.43 66.55 25.05
C ALA F 470 63.28 65.84 23.99
N ASN F 471 63.12 66.25 22.74
CA ASN F 471 63.99 65.74 21.66
C ASN F 471 65.22 66.64 21.52
N VAL F 472 65.99 66.70 22.60
CA VAL F 472 67.11 67.62 22.72
C VAL F 472 68.21 66.95 23.55
N ASN F 473 69.42 67.50 23.45
CA ASN F 473 70.56 67.03 24.23
C ASN F 473 70.64 67.88 25.50
N GLY F 474 70.04 67.37 26.57
CA GLY F 474 70.00 68.05 27.86
C GLY F 474 68.81 68.97 27.99
N SER F 475 68.34 69.13 29.22
CA SER F 475 67.13 69.93 29.45
C SER F 475 67.01 70.32 30.93
N SER F 476 66.37 71.47 31.17
CA SER F 476 65.94 71.90 32.51
C SER F 476 64.72 72.81 32.33
N PHE F 477 63.56 72.19 32.15
CA PHE F 477 62.36 72.91 31.72
C PHE F 477 61.58 73.55 32.88
N SER F 478 61.53 72.87 34.02
CA SER F 478 60.72 73.40 35.11
C SER F 478 61.30 74.69 35.67
N ALA F 479 62.60 74.90 35.52
CA ALA F 479 63.21 76.16 35.93
C ALA F 479 63.03 77.25 34.89
N ASP F 480 62.66 76.90 33.66
CA ASP F 480 62.51 77.89 32.60
C ASP F 480 61.09 78.42 32.67
N PRO F 481 60.89 79.71 32.97
CA PRO F 481 59.54 80.26 33.01
C PRO F 481 58.85 80.34 31.66
N ALA F 482 59.58 80.12 30.55
CA ALA F 482 58.91 80.07 29.26
C ALA F 482 58.09 78.79 29.09
N PHE F 483 58.35 77.78 29.91
CA PHE F 483 57.59 76.54 29.91
C PHE F 483 56.72 76.47 31.16
N GLY F 484 55.51 75.96 31.01
CA GLY F 484 54.62 75.82 32.15
C GLY F 484 53.56 74.77 31.90
N GLY F 485 53.04 74.23 32.99
CA GLY F 485 51.90 73.33 32.93
C GLY F 485 52.21 71.91 32.52
N PHE F 486 53.47 71.50 32.50
CA PHE F 486 53.83 70.15 32.07
C PHE F 486 54.19 69.30 33.29
N GLU F 487 53.48 68.18 33.42
CA GLU F 487 53.56 67.26 34.56
C GLU F 487 54.42 66.04 34.29
N THR F 488 54.55 65.64 33.02
CA THR F 488 55.32 64.46 32.65
C THR F 488 56.40 64.83 31.66
N LEU F 489 57.60 64.28 31.85
CA LEU F 489 58.73 64.53 30.97
C LEU F 489 59.11 63.23 30.26
N ARG F 490 59.02 63.22 28.94
CA ARG F 490 59.47 62.10 28.12
C ARG F 490 60.71 62.52 27.36
N VAL F 491 61.74 61.67 27.39
CA VAL F 491 62.95 61.87 26.58
C VAL F 491 62.89 60.85 25.44
N ALA F 492 62.62 61.35 24.24
CA ALA F 492 62.46 60.48 23.08
C ALA F 492 62.68 61.31 21.82
N GLY F 493 63.33 60.70 20.83
CA GLY F 493 63.54 61.38 19.56
C GLY F 493 64.91 61.11 18.98
N ALA F 494 65.10 61.50 17.70
CA ALA F 494 66.38 61.30 17.03
C ALA F 494 67.50 62.18 17.59
N ALA F 495 67.19 63.19 18.39
CA ALA F 495 68.21 64.02 19.03
C ALA F 495 68.14 63.94 20.55
N ALA F 496 67.34 63.04 21.10
CA ALA F 496 67.14 62.96 22.54
C ALA F 496 68.34 62.27 23.19
N GLN F 497 68.88 62.90 24.24
CA GLN F 497 70.20 62.54 24.76
C GLN F 497 70.49 63.39 25.99
N GLY F 498 71.58 63.05 26.66
CA GLY F 498 72.14 63.93 27.66
C GLY F 498 71.38 63.95 28.98
N SER F 499 71.72 64.96 29.78
CA SER F 499 71.23 65.04 31.15
C SER F 499 70.00 65.94 31.18
N HIS F 500 68.88 65.39 31.66
CA HIS F 500 67.61 66.11 31.71
C HIS F 500 67.18 66.26 33.17
N ASN F 501 66.89 67.50 33.56
CA ASN F 501 66.51 67.80 34.94
C ASN F 501 65.05 67.39 35.16
N ALA F 502 64.83 66.40 36.01
CA ALA F 502 63.49 65.90 36.28
C ALA F 502 62.77 66.67 37.38
N ASN F 503 63.42 67.66 37.99
CA ASN F 503 62.77 68.47 39.01
C ASN F 503 61.51 69.10 38.43
N GLY F 504 60.41 69.04 39.19
CA GLY F 504 59.14 69.60 38.78
C GLY F 504 58.29 68.72 37.89
N PHE F 505 58.64 67.44 37.74
CA PHE F 505 57.85 66.49 36.97
C PHE F 505 57.43 65.33 37.85
N THR F 506 56.16 64.92 37.73
CA THR F 506 55.64 63.85 38.56
C THR F 506 55.75 62.48 37.90
N ALA F 507 56.15 62.42 36.63
CA ALA F 507 56.34 61.13 35.97
C ALA F 507 57.37 61.29 34.86
N LEU F 508 58.13 60.23 34.60
CA LEU F 508 59.12 60.25 33.54
C LEU F 508 58.82 59.15 32.53
N GLN F 509 59.13 59.44 31.27
CA GLN F 509 58.97 58.47 30.20
C GLN F 509 60.21 58.50 29.33
N LEU F 510 60.45 57.38 28.65
CA LEU F 510 61.63 57.23 27.81
C LEU F 510 61.27 56.46 26.54
N GLY F 511 61.72 56.99 25.40
CA GLY F 511 61.54 56.31 24.11
C GLY F 511 62.84 56.09 23.37
N ALA F 512 62.79 56.07 22.05
CA ALA F 512 64.01 55.98 21.26
C ALA F 512 64.86 57.24 21.46
N THR F 513 66.18 57.06 21.49
CA THR F 513 67.09 58.14 21.79
C THR F 513 68.28 58.07 20.85
N ALA F 514 69.07 59.16 20.84
CA ALA F 514 70.31 59.22 20.09
C ALA F 514 71.51 58.75 20.92
N GLY F 515 71.36 58.70 22.24
CA GLY F 515 72.45 58.29 23.10
C GLY F 515 72.03 58.27 24.55
N ALA F 516 73.00 58.01 25.41
CA ALA F 516 72.72 57.79 26.83
C ALA F 516 71.99 58.98 27.44
N THR F 517 71.01 58.68 28.28
CA THR F 517 70.20 59.70 28.92
C THR F 517 70.31 59.58 30.43
N THR F 518 70.36 60.74 31.11
CA THR F 518 70.37 60.79 32.57
C THR F 518 69.22 61.68 33.04
N PHE F 519 68.42 61.16 33.96
CA PHE F 519 67.43 61.97 34.68
C PHE F 519 68.06 62.40 36.01
N THR F 520 68.19 63.71 36.21
CA THR F 520 68.71 64.24 37.45
C THR F 520 67.59 64.78 38.34
N ASN F 521 67.90 64.93 39.64
CA ASN F 521 66.98 65.53 40.60
C ASN F 521 65.62 64.82 40.61
N VAL F 522 65.61 63.49 40.54
CA VAL F 522 64.35 62.77 40.50
C VAL F 522 63.71 62.76 41.88
N ALA F 523 62.51 63.32 41.98
CA ALA F 523 61.85 63.40 43.28
C ALA F 523 61.40 62.02 43.75
N VAL F 524 61.12 61.93 45.05
CA VAL F 524 60.61 60.69 45.60
C VAL F 524 59.24 60.38 44.96
N ASN F 525 58.95 59.08 44.82
CA ASN F 525 57.66 58.59 44.30
C ASN F 525 57.43 59.02 42.85
N VAL F 526 58.48 59.09 42.05
CA VAL F 526 58.39 59.41 40.62
C VAL F 526 58.95 58.21 39.87
N GLY F 527 58.16 57.65 38.96
CA GLY F 527 58.56 56.46 38.23
C GLY F 527 58.97 56.76 36.80
N LEU F 528 59.62 55.77 36.19
CA LEU F 528 60.06 55.85 34.81
C LEU F 528 59.32 54.79 34.02
N THR F 529 58.72 55.20 32.90
CA THR F 529 58.04 54.26 31.98
C THR F 529 58.79 54.27 30.66
N VAL F 530 59.32 53.12 30.27
CA VAL F 530 60.03 52.96 29.01
C VAL F 530 59.04 52.52 27.95
N LEU F 531 58.93 53.30 26.86
CA LEU F 531 57.93 53.03 25.82
C LEU F 531 58.54 52.53 24.52
N ALA F 532 59.84 52.66 24.32
CA ALA F 532 60.51 52.19 23.11
C ALA F 532 61.97 52.00 23.45
N ALA F 533 62.66 51.23 22.62
CA ALA F 533 64.05 50.88 22.91
C ALA F 533 64.94 52.11 22.88
N PRO F 534 65.56 52.48 23.99
CA PRO F 534 66.47 53.64 23.99
C PRO F 534 67.85 53.23 23.49
N THR F 535 68.70 54.23 23.34
CA THR F 535 70.10 54.03 22.96
C THR F 535 70.99 54.49 24.10
N GLY F 536 71.97 53.67 24.46
CA GLY F 536 72.86 53.99 25.55
C GLY F 536 72.23 53.77 26.92
N THR F 537 73.09 53.82 27.94
CA THR F 537 72.63 53.57 29.30
C THR F 537 71.73 54.71 29.78
N THR F 538 70.61 54.36 30.41
CA THR F 538 69.73 55.32 31.05
C THR F 538 70.03 55.36 32.54
N THR F 539 70.35 56.56 33.05
CA THR F 539 70.71 56.75 34.46
C THR F 539 69.64 57.57 35.15
N VAL F 540 69.13 57.05 36.26
CA VAL F 540 68.14 57.76 37.09
C VAL F 540 68.85 58.17 38.37
N THR F 541 69.05 59.48 38.54
CA THR F 541 69.71 60.01 39.72
C THR F 541 68.67 60.62 40.65
N LEU F 542 68.42 59.94 41.77
CA LEU F 542 67.44 60.41 42.72
C LEU F 542 67.94 61.69 43.36
N ALA F 543 67.00 62.56 43.75
CA ALA F 543 67.38 63.76 44.47
C ALA F 543 67.98 63.42 45.83
N ASN F 544 67.49 62.34 46.46
CA ASN F 544 68.03 61.92 47.76
C ASN F 544 67.86 60.41 47.88
N ALA F 545 68.95 59.68 47.70
CA ALA F 545 68.99 58.24 47.88
C ALA F 545 69.66 57.83 49.19
N THR F 546 69.80 58.75 50.13
CA THR F 546 70.53 58.44 51.37
C THR F 546 69.75 57.52 52.30
N GLY F 547 68.43 57.44 52.16
CA GLY F 547 67.63 56.65 53.07
C GLY F 547 67.87 55.16 52.93
N THR F 548 67.43 54.43 53.97
CA THR F 548 67.64 52.99 54.05
C THR F 548 66.68 52.19 53.18
N SER F 549 65.55 52.75 52.81
CA SER F 549 64.47 51.98 52.20
C SER F 549 63.90 52.73 50.99
N ASP F 550 64.78 53.14 50.07
CA ASP F 550 64.35 53.86 48.88
C ASP F 550 63.74 52.87 47.87
N VAL F 551 62.62 53.28 47.28
CA VAL F 551 61.87 52.45 46.32
C VAL F 551 61.76 53.19 44.99
N PHE F 552 61.87 52.45 43.88
CA PHE F 552 61.67 53.01 42.56
C PHE F 552 60.80 52.07 41.72
N ASN F 553 59.86 52.66 40.98
CA ASN F 553 58.93 51.90 40.14
C ASN F 553 59.30 52.12 38.68
N LEU F 554 59.88 51.10 38.06
CA LEU F 554 60.24 51.12 36.65
C LEU F 554 59.19 50.33 35.87
N THR F 555 58.66 50.94 34.81
CA THR F 555 57.62 50.32 33.99
C THR F 555 58.13 50.18 32.55
N LEU F 556 57.90 49.01 31.97
CA LEU F 556 58.10 48.77 30.55
C LEU F 556 56.73 48.54 29.94
N SER F 557 56.35 49.40 28.99
CA SER F 557 55.02 49.35 28.39
C SER F 557 55.14 49.37 26.87
N SER F 558 54.62 48.34 26.22
CA SER F 558 54.75 48.23 24.78
C SER F 558 53.77 47.18 24.26
N SER F 559 53.52 47.24 22.95
CA SER F 559 52.66 46.26 22.31
C SER F 559 53.42 45.00 21.92
N ALA F 560 54.68 45.14 21.54
CA ALA F 560 55.52 44.02 21.19
C ALA F 560 56.72 43.97 22.13
N ALA F 561 57.58 42.98 21.89
CA ALA F 561 58.77 42.80 22.72
C ALA F 561 59.59 44.08 22.79
N LEU F 562 59.95 44.49 24.01
CA LEU F 562 60.62 45.75 24.24
C LEU F 562 61.99 45.49 24.86
N ALA F 563 63.04 45.92 24.17
CA ALA F 563 64.40 45.86 24.71
C ALA F 563 64.65 47.19 25.42
N ALA F 564 64.42 47.21 26.72
CA ALA F 564 64.53 48.45 27.48
C ALA F 564 65.96 48.91 27.65
N GLY F 565 66.94 48.05 27.38
CA GLY F 565 68.33 48.44 27.53
C GLY F 565 68.77 48.49 28.99
N THR F 566 69.84 49.26 29.23
CA THR F 566 70.45 49.34 30.55
C THR F 566 69.86 50.53 31.31
N VAL F 567 69.36 50.26 32.51
CA VAL F 567 68.80 51.28 33.40
C VAL F 567 69.55 51.23 34.73
N ALA F 568 70.13 52.36 35.13
CA ALA F 568 70.95 52.47 36.34
C ALA F 568 70.14 53.20 37.42
N LEU F 569 69.92 52.50 38.54
CA LEU F 569 69.16 53.03 39.68
C LEU F 569 70.04 52.90 40.92
N ALA F 570 70.99 53.82 41.06
CA ALA F 570 71.91 53.78 42.20
C ALA F 570 71.21 54.17 43.48
N GLY F 571 71.59 53.50 44.59
CA GLY F 571 71.06 53.87 45.89
C GLY F 571 69.62 53.48 46.16
N VAL F 572 69.01 52.71 45.27
CA VAL F 572 67.64 52.25 45.43
C VAL F 572 67.69 50.86 46.02
N GLU F 573 66.95 50.65 47.11
CA GLU F 573 66.98 49.38 47.83
C GLU F 573 65.92 48.39 47.34
N THR F 574 64.82 48.89 46.77
CA THR F 574 63.75 48.05 46.23
C THR F 574 63.41 48.54 44.84
N VAL F 575 63.55 47.66 43.85
CA VAL F 575 63.22 47.98 42.45
C VAL F 575 61.99 47.19 42.06
N ASN F 576 60.92 47.92 41.73
CA ASN F 576 59.70 47.32 41.21
C ASN F 576 59.70 47.48 39.70
N ILE F 577 59.55 46.36 38.99
CA ILE F 577 59.57 46.35 37.53
C ILE F 577 58.23 45.82 37.05
N ALA F 578 57.50 46.65 36.32
CA ALA F 578 56.24 46.26 35.72
C ALA F 578 56.46 46.06 34.23
N ALA F 579 56.31 44.83 33.77
CA ALA F 579 56.41 44.48 32.35
C ALA F 579 54.99 44.37 31.82
N THR F 580 54.55 45.39 31.09
CA THR F 580 53.16 45.53 30.67
C THR F 580 53.03 45.40 29.16
N ASP F 581 52.11 44.53 28.73
CA ASP F 581 51.76 44.30 27.32
C ASP F 581 50.47 45.04 27.03
N THR F 582 50.44 45.85 25.97
CA THR F 582 49.23 46.58 25.64
C THR F 582 48.26 45.78 24.78
N ASN F 583 48.69 44.69 24.14
CA ASN F 583 47.77 43.84 23.40
C ASN F 583 47.73 42.41 23.99
N THR F 584 47.11 41.50 23.25
CA THR F 584 46.78 40.16 23.72
C THR F 584 47.76 39.09 23.24
N THR F 585 48.78 39.44 22.47
CA THR F 585 49.77 38.47 22.02
C THR F 585 50.95 38.48 22.99
N ALA F 586 51.27 37.32 23.54
CA ALA F 586 52.31 37.23 24.55
C ALA F 586 53.66 37.65 23.97
N HIS F 587 54.43 38.39 24.78
CA HIS F 587 55.80 38.73 24.43
C HIS F 587 56.63 38.86 25.70
N VAL F 588 57.94 38.90 25.51
CA VAL F 588 58.90 38.94 26.61
C VAL F 588 59.79 40.15 26.43
N ASP F 589 59.90 40.98 27.47
CA ASP F 589 60.77 42.14 27.45
C ASP F 589 62.18 41.76 27.91
N THR F 590 63.14 42.61 27.55
CA THR F 590 64.50 42.48 28.06
C THR F 590 64.93 43.76 28.76
N LEU F 591 65.73 43.61 29.80
CA LEU F 591 66.18 44.74 30.60
C LEU F 591 67.47 44.36 31.30
N THR F 592 68.45 45.28 31.26
CA THR F 592 69.69 45.16 32.02
C THR F 592 69.61 46.14 33.18
N LEU F 593 69.45 45.64 34.39
CA LEU F 593 69.29 46.47 35.58
C LEU F 593 70.62 46.63 36.27
N GLN F 594 71.05 47.87 36.46
CA GLN F 594 72.23 48.19 37.26
C GLN F 594 71.72 48.87 38.52
N ALA F 595 71.66 48.11 39.63
CA ALA F 595 71.10 48.59 40.90
C ALA F 595 71.93 47.99 42.07
N THR F 596 73.10 48.59 42.32
CA THR F 596 74.06 47.97 43.23
C THR F 596 73.63 48.01 44.69
N SER F 597 72.63 48.80 45.06
CA SER F 597 72.14 48.82 46.43
C SER F 597 70.80 48.12 46.60
N ALA F 598 70.27 47.53 45.53
CA ALA F 598 68.98 46.88 45.64
C ALA F 598 69.10 45.60 46.43
N LYS F 599 68.19 45.40 47.39
CA LYS F 599 68.09 44.14 48.10
C LYS F 599 66.88 43.33 47.66
N SER F 600 65.90 43.98 47.04
CA SER F 600 64.68 43.33 46.59
C SER F 600 64.33 43.85 45.21
N ILE F 601 64.07 42.90 44.32
CA ILE F 601 63.52 43.15 42.99
C ILE F 601 62.18 42.46 42.91
N VAL F 602 61.15 43.21 42.52
CA VAL F 602 59.80 42.70 42.35
C VAL F 602 59.37 42.94 40.91
N VAL F 603 58.91 41.89 40.24
CA VAL F 603 58.46 41.97 38.85
C VAL F 603 56.96 41.74 38.81
N THR F 604 56.25 42.61 38.11
CA THR F 604 54.82 42.49 37.90
C THR F 604 54.52 42.58 36.41
N GLY F 605 53.27 42.32 36.07
CA GLY F 605 52.76 42.58 34.74
C GLY F 605 52.27 41.32 34.04
N ASN F 606 51.99 41.49 32.75
CA ASN F 606 51.46 40.44 31.90
C ASN F 606 52.41 40.14 30.74
N ALA F 607 53.69 40.45 30.90
CA ALA F 607 54.69 40.18 29.88
C ALA F 607 55.89 39.51 30.53
N GLY F 608 56.65 38.79 29.71
CA GLY F 608 57.89 38.20 30.18
C GLY F 608 58.96 39.23 30.41
N LEU F 609 60.02 38.81 31.10
CA LEU F 609 61.14 39.71 31.37
C LEU F 609 62.41 38.87 31.44
N ASN F 610 63.29 39.04 30.46
CA ASN F 610 64.64 38.50 30.55
C ASN F 610 65.52 39.59 31.16
N LEU F 611 65.83 39.43 32.43
CA LEU F 611 66.49 40.47 33.21
C LEU F 611 67.98 40.15 33.31
N THR F 612 68.81 41.03 32.74
CA THR F 612 70.25 40.94 33.00
C THR F 612 70.55 41.63 34.33
N ASN F 613 71.21 40.89 35.23
CA ASN F 613 71.30 41.25 36.64
C ASN F 613 72.75 41.37 37.10
N THR F 614 73.70 41.33 36.16
CA THR F 614 75.12 41.34 36.48
C THR F 614 75.46 42.51 37.40
N GLY F 615 76.20 42.21 38.48
CA GLY F 615 76.69 43.22 39.38
C GLY F 615 75.76 43.59 40.51
N ASN F 616 74.53 43.07 40.53
CA ASN F 616 73.57 43.41 41.58
C ASN F 616 73.76 42.47 42.77
N THR F 617 74.83 42.73 43.54
CA THR F 617 75.28 41.81 44.58
C THR F 617 74.50 41.92 45.89
N ALA F 618 73.68 42.95 46.09
CA ALA F 618 72.96 43.07 47.36
C ALA F 618 71.57 42.44 47.37
N VAL F 619 71.04 42.03 46.21
CA VAL F 619 69.70 41.44 46.15
C VAL F 619 69.68 40.11 46.88
N THR F 620 68.76 39.98 47.82
CA THR F 620 68.47 38.70 48.46
C THR F 620 67.07 38.19 48.13
N SER F 621 66.30 38.96 47.35
CA SER F 621 64.93 38.58 47.04
C SER F 621 64.54 39.05 45.64
N PHE F 622 64.16 38.10 44.78
CA PHE F 622 63.60 38.36 43.46
C PHE F 622 62.21 37.74 43.42
N ASP F 623 61.18 38.58 43.33
CA ASP F 623 59.80 38.13 43.42
C ASP F 623 59.06 38.51 42.14
N ALA F 624 58.92 37.54 41.23
CA ALA F 624 58.11 37.68 40.04
C ALA F 624 56.82 36.86 40.12
N SER F 625 56.39 36.51 41.35
CA SER F 625 55.25 35.63 41.53
C SER F 625 53.95 36.24 41.00
N ALA F 626 53.88 37.56 40.93
CA ALA F 626 52.67 38.23 40.48
C ALA F 626 52.56 38.29 38.96
N VAL F 627 53.61 37.90 38.24
CA VAL F 627 53.59 37.98 36.79
C VAL F 627 52.57 36.99 36.24
N THR F 628 51.73 37.46 35.33
CA THR F 628 50.66 36.67 34.74
C THR F 628 50.91 36.43 33.26
N GLY F 629 50.26 35.37 32.75
CA GLY F 629 50.36 35.00 31.36
C GLY F 629 51.24 33.79 31.14
N THR F 630 50.71 32.76 30.46
CA THR F 630 51.49 31.54 30.24
C THR F 630 52.77 31.82 29.45
N GLY F 631 52.75 32.84 28.59
CA GLY F 631 53.93 33.15 27.83
C GLY F 631 54.90 34.10 28.49
N SER F 632 54.63 34.55 29.72
CA SER F 632 55.43 35.61 30.35
C SER F 632 56.67 35.02 31.02
N ALA F 633 57.58 34.53 30.17
CA ALA F 633 58.79 33.88 30.67
C ALA F 633 59.71 34.87 31.36
N VAL F 634 60.14 34.55 32.58
CA VAL F 634 61.03 35.39 33.37
C VAL F 634 62.37 34.68 33.54
N THR F 635 63.45 35.39 33.27
CA THR F 635 64.80 34.85 33.39
C THR F 635 65.59 35.67 34.39
N PHE F 636 66.16 34.99 35.39
CA PHE F 636 66.90 35.67 36.45
C PHE F 636 68.08 34.83 36.89
N VAL F 637 69.24 35.46 37.00
CA VAL F 637 70.46 34.84 37.51
C VAL F 637 70.96 35.69 38.66
N SER F 638 71.03 35.09 39.84
CA SER F 638 71.49 35.81 41.03
C SER F 638 72.94 36.25 40.90
N ALA F 639 73.21 37.47 41.34
CA ALA F 639 74.56 38.01 41.40
C ALA F 639 75.10 38.10 42.82
N ASN F 640 74.41 37.51 43.80
CA ASN F 640 74.82 37.63 45.19
C ASN F 640 76.02 36.75 45.47
N THR F 641 77.05 37.33 46.07
CA THR F 641 78.28 36.61 46.38
C THR F 641 78.57 36.56 47.87
N THR F 642 77.61 36.93 48.71
CA THR F 642 77.83 36.89 50.14
C THR F 642 77.83 35.44 50.62
N VAL F 643 78.87 35.06 51.37
CA VAL F 643 78.99 33.71 51.90
C VAL F 643 77.86 33.47 52.89
N GLY F 644 77.18 32.33 52.74
CA GLY F 644 76.11 31.96 53.65
C GLY F 644 74.87 32.81 53.57
N GLU F 645 74.65 33.49 52.46
CA GLU F 645 73.48 34.36 52.34
C GLU F 645 72.25 33.52 52.05
N VAL F 646 71.10 33.99 52.53
CA VAL F 646 69.81 33.41 52.19
C VAL F 646 69.21 34.26 51.08
N VAL F 647 68.85 33.62 49.98
CA VAL F 647 68.30 34.27 48.80
C VAL F 647 67.03 33.56 48.36
N THR F 648 66.00 34.34 48.04
CA THR F 648 64.72 33.82 47.60
C THR F 648 64.44 34.29 46.18
N ILE F 649 64.14 33.35 45.29
CA ILE F 649 63.88 33.63 43.88
C ILE F 649 62.55 32.98 43.50
N ARG F 650 61.58 33.79 43.10
CA ARG F 650 60.25 33.31 42.75
C ARG F 650 59.93 33.62 41.30
N GLY F 651 59.54 32.60 40.55
CA GLY F 651 59.05 32.77 39.20
C GLY F 651 57.58 33.12 39.19
N GLY F 652 57.05 33.30 37.98
CA GLY F 652 55.64 33.59 37.82
C GLY F 652 54.88 32.55 37.02
N ALA F 653 53.81 33.00 36.34
CA ALA F 653 52.99 32.09 35.56
C ALA F 653 53.72 31.55 34.34
N GLY F 654 54.81 32.18 33.93
CA GLY F 654 55.51 31.77 32.73
C GLY F 654 56.50 30.63 32.93
N ALA F 655 57.05 30.18 31.80
CA ALA F 655 58.08 29.15 31.77
C ALA F 655 59.41 29.83 32.05
N ASP F 656 59.77 29.86 33.33
CA ASP F 656 60.85 30.70 33.84
C ASP F 656 62.17 29.93 33.92
N SER F 657 63.27 30.69 33.91
CA SER F 657 64.60 30.13 34.12
C SER F 657 65.24 30.87 35.29
N LEU F 658 65.40 30.18 36.41
CA LEU F 658 65.82 30.80 37.66
C LEU F 658 67.11 30.15 38.14
N THR F 659 68.15 30.96 38.33
CA THR F 659 69.47 30.49 38.75
C THR F 659 69.90 31.26 40.00
N GLY F 660 70.32 30.53 41.01
CA GLY F 660 70.88 31.12 42.22
C GLY F 660 72.36 31.37 42.08
N SER F 661 73.07 31.31 43.21
CA SER F 661 74.53 31.47 43.20
C SER F 661 75.14 30.42 44.10
N ALA F 662 76.40 30.08 43.81
CA ALA F 662 77.10 29.04 44.55
C ALA F 662 77.28 29.43 46.01
N THR F 663 77.48 30.70 46.29
CA THR F 663 77.71 31.17 47.66
C THR F 663 76.44 31.25 48.49
N ALA F 664 75.27 31.17 47.87
CA ALA F 664 74.01 31.43 48.55
C ALA F 664 73.23 30.15 48.81
N ASN F 665 72.49 30.17 49.91
CA ASN F 665 71.44 29.18 50.15
C ASN F 665 70.19 29.73 49.48
N ASP F 666 69.96 29.31 48.23
CA ASP F 666 68.89 29.84 47.42
C ASP F 666 67.61 29.03 47.62
N THR F 667 66.53 29.73 47.96
CA THR F 667 65.19 29.16 47.89
C THR F 667 64.56 29.62 46.58
N ILE F 668 64.37 28.70 45.66
CA ILE F 668 63.88 29.00 44.31
C ILE F 668 62.52 28.33 44.11
N ILE F 669 61.53 29.12 43.71
CA ILE F 669 60.15 28.66 43.56
C ILE F 669 59.67 29.03 42.15
N GLY F 670 59.36 28.02 41.34
CA GLY F 670 59.04 28.28 39.95
C GLY F 670 57.65 28.82 39.71
N GLY F 671 56.70 28.42 40.54
CA GLY F 671 55.31 28.76 40.27
C GLY F 671 54.74 27.90 39.15
N ALA F 672 53.68 28.43 38.53
CA ALA F 672 53.06 27.75 37.41
C ALA F 672 54.00 27.74 36.21
N GLY F 673 53.68 26.89 35.24
CA GLY F 673 54.45 26.81 34.02
C GLY F 673 55.67 25.90 34.12
N ALA F 674 56.24 25.60 32.96
CA ALA F 674 57.38 24.69 32.84
C ALA F 674 58.65 25.46 33.17
N ASP F 675 59.10 25.37 34.41
CA ASP F 675 60.20 26.17 34.91
C ASP F 675 61.49 25.37 34.91
N THR F 676 62.62 26.09 34.87
CA THR F 676 63.94 25.50 34.95
C THR F 676 64.70 26.14 36.11
N LEU F 677 65.02 25.32 37.13
CA LEU F 677 65.65 25.78 38.36
C LEU F 677 67.07 25.23 38.43
N VAL F 678 68.05 26.12 38.40
CA VAL F 678 69.45 25.75 38.21
C VAL F 678 70.21 25.83 39.54
N TYR F 679 70.86 24.72 39.91
CA TYR F 679 71.65 24.65 41.13
C TYR F 679 73.13 24.83 40.79
N THR F 680 73.79 25.75 41.51
CA THR F 680 75.20 26.04 41.25
C THR F 680 76.07 25.88 42.48
N GLY F 681 75.52 25.46 43.61
CA GLY F 681 76.26 25.29 44.84
C GLY F 681 75.48 25.80 46.03
N GLY F 682 75.91 25.37 47.21
CA GLY F 682 75.26 25.76 48.45
C GLY F 682 74.13 24.84 48.85
N THR F 683 73.42 25.28 49.88
CA THR F 683 72.28 24.53 50.43
C THR F 683 71.01 25.16 49.86
N ASP F 684 70.56 24.64 48.73
CA ASP F 684 69.46 25.23 47.99
C ASP F 684 68.20 24.39 48.15
N THR F 685 67.05 25.08 48.03
CA THR F 685 65.72 24.48 48.20
C THR F 685 64.90 24.81 46.96
N PHE F 686 64.62 23.80 46.15
CA PHE F 686 63.90 23.99 44.88
C PHE F 686 62.45 23.55 45.03
N THR F 687 61.53 24.40 44.57
CA THR F 687 60.12 24.05 44.46
C THR F 687 59.69 24.36 43.04
N GLY F 688 59.45 23.31 42.24
CA GLY F 688 59.10 23.51 40.85
C GLY F 688 57.71 24.09 40.67
N GLY F 689 56.78 23.72 41.54
CA GLY F 689 55.40 24.10 41.37
C GLY F 689 54.70 23.22 40.34
N THR F 690 53.48 23.66 39.99
CA THR F 690 52.74 23.00 38.92
C THR F 690 53.53 23.09 37.62
N GLY F 691 53.25 22.14 36.73
CA GLY F 691 53.91 22.13 35.44
C GLY F 691 55.08 21.17 35.43
N ALA F 692 55.48 20.80 34.20
CA ALA F 692 56.64 19.95 33.97
C ALA F 692 57.88 20.82 34.13
N ASP F 693 58.52 20.70 35.29
CA ASP F 693 59.64 21.56 35.66
C ASP F 693 60.95 20.82 35.47
N ILE F 694 62.03 21.59 35.29
CA ILE F 694 63.36 21.03 35.12
C ILE F 694 64.24 21.53 36.25
N PHE F 695 64.92 20.61 36.93
CA PHE F 695 65.89 20.94 37.96
C PHE F 695 67.27 20.66 37.39
N ASP F 696 67.93 21.71 36.91
CA ASP F 696 69.21 21.59 36.22
C ASP F 696 70.33 21.65 37.26
N ILE F 697 71.03 20.54 37.41
CA ILE F 697 72.10 20.41 38.40
C ILE F 697 73.40 20.73 37.67
N ASN F 698 74.00 21.87 38.00
CA ASN F 698 75.23 22.31 37.35
C ASN F 698 76.44 22.26 38.28
N ALA F 699 76.25 21.95 39.55
CA ALA F 699 77.33 21.84 40.51
C ALA F 699 77.16 20.58 41.35
N ILE F 700 78.31 20.04 41.78
CA ILE F 700 78.30 18.81 42.56
C ILE F 700 77.80 19.07 43.97
N GLY F 701 78.21 20.18 44.57
CA GLY F 701 77.90 20.45 45.96
C GLY F 701 78.79 19.64 46.89
N THR F 702 78.34 19.51 48.13
CA THR F 702 79.03 18.71 49.14
C THR F 702 78.05 17.72 49.75
N SER F 703 78.57 16.86 50.64
CA SER F 703 77.74 15.88 51.33
C SER F 703 76.80 16.53 52.34
N THR F 704 77.05 17.78 52.71
CA THR F 704 76.19 18.51 53.62
C THR F 704 75.53 19.74 52.99
N ALA F 705 76.06 20.25 51.89
CA ALA F 705 75.49 21.41 51.18
C ALA F 705 75.09 20.94 49.79
N PHE F 706 73.80 20.66 49.62
CA PHE F 706 73.27 20.16 48.36
C PHE F 706 71.88 20.76 48.15
N VAL F 707 71.27 20.41 47.03
CA VAL F 707 69.94 20.92 46.70
C VAL F 707 68.89 19.92 47.16
N THR F 708 67.78 20.44 47.68
CA THR F 708 66.62 19.65 48.05
C THR F 708 65.43 20.10 47.19
N ILE F 709 64.85 19.17 46.46
CA ILE F 709 63.66 19.42 45.64
C ILE F 709 62.44 18.99 46.43
N THR F 710 61.54 19.93 46.68
CA THR F 710 60.45 19.70 47.63
C THR F 710 59.22 19.04 47.02
N ASP F 711 59.01 19.15 45.70
CA ASP F 711 57.75 18.72 45.10
C ASP F 711 57.98 17.97 43.80
N ALA F 712 58.99 17.10 43.78
CA ALA F 712 59.25 16.30 42.59
C ALA F 712 58.07 15.39 42.27
N ALA F 713 57.61 15.44 41.02
CA ALA F 713 56.45 14.67 40.59
C ALA F 713 56.71 14.19 39.16
N VAL F 714 55.91 13.20 38.74
CA VAL F 714 56.03 12.69 37.37
C VAL F 714 55.77 13.82 36.39
N GLY F 715 56.65 13.93 35.39
CA GLY F 715 56.63 15.03 34.45
C GLY F 715 57.82 15.93 34.65
N ASP F 716 58.14 16.24 35.91
CA ASP F 716 59.34 17.00 36.22
C ASP F 716 60.55 16.16 35.81
N LYS F 717 61.64 16.84 35.52
CA LYS F 717 62.89 16.21 35.08
C LYS F 717 64.02 16.65 35.99
N LEU F 718 65.13 15.92 35.93
CA LEU F 718 66.30 16.18 36.75
C LEU F 718 67.50 16.10 35.80
N ASP F 719 68.04 17.26 35.41
CA ASP F 719 69.10 17.34 34.41
C ASP F 719 70.45 17.25 35.11
N LEU F 720 71.19 16.18 34.85
CA LEU F 720 72.47 15.91 35.51
C LEU F 720 73.63 15.88 34.51
N VAL F 721 73.46 16.48 33.33
CA VAL F 721 74.57 16.56 32.39
C VAL F 721 75.75 17.33 32.98
N GLY F 722 75.48 18.32 33.82
CA GLY F 722 76.55 19.15 34.37
C GLY F 722 77.45 18.47 35.38
N ILE F 723 77.01 17.36 35.98
CA ILE F 723 77.77 16.72 37.05
C ILE F 723 78.34 15.35 36.68
N SER F 724 78.16 14.90 35.44
CA SER F 724 78.78 13.64 34.99
C SER F 724 80.26 13.90 34.72
N THR F 725 81.05 13.92 35.80
CA THR F 725 82.47 14.26 35.72
C THR F 725 83.20 13.35 34.74
N ASN F 726 82.85 12.06 34.71
CA ASN F 726 83.51 11.08 33.86
C ASN F 726 82.48 10.46 32.94
N GLY F 727 82.62 10.71 31.64
CA GLY F 727 81.70 10.17 30.66
C GLY F 727 80.30 10.74 30.81
N ALA F 728 79.31 9.89 30.53
CA ALA F 728 77.92 10.28 30.60
C ALA F 728 77.14 9.23 31.37
N ILE F 729 76.07 9.65 32.04
CA ILE F 729 75.22 8.71 32.74
C ILE F 729 74.50 7.84 31.72
N ALA F 730 74.61 6.52 31.89
CA ALA F 730 74.05 5.59 30.93
C ALA F 730 72.54 5.71 30.86
N ASP F 731 72.01 5.54 29.65
CA ASP F 731 70.57 5.61 29.47
C ASP F 731 69.90 4.39 30.07
N GLY F 732 68.59 4.46 30.23
CA GLY F 732 67.80 3.35 30.72
C GLY F 732 67.02 3.72 31.98
N ALA F 733 66.18 2.77 32.37
CA ALA F 733 65.45 2.88 33.63
C ALA F 733 66.41 2.84 34.81
N PHE F 734 66.00 3.50 35.90
CA PHE F 734 66.85 3.60 37.07
C PHE F 734 67.01 2.23 37.74
N GLY F 735 65.90 1.58 38.04
CA GLY F 735 65.93 0.27 38.65
C GLY F 735 65.58 0.33 40.13
N ALA F 736 65.90 -0.77 40.81
CA ALA F 736 65.59 -0.88 42.23
C ALA F 736 66.44 0.09 43.05
N ALA F 737 65.86 0.54 44.16
CA ALA F 737 66.57 1.40 45.10
C ALA F 737 67.65 0.61 45.83
N VAL F 738 68.67 1.34 46.29
CA VAL F 738 69.63 0.77 47.23
C VAL F 738 68.96 0.61 48.59
N THR F 739 69.02 -0.59 49.15
CA THR F 739 68.34 -0.92 50.41
C THR F 739 69.36 -1.39 51.44
N LEU F 740 69.29 -0.82 52.63
CA LEU F 740 70.17 -1.18 53.74
C LEU F 740 69.34 -1.52 54.96
N GLY F 741 70.04 -1.83 56.07
CA GLY F 741 69.39 -2.26 57.30
C GLY F 741 68.63 -1.14 58.00
N ALA F 742 67.87 -1.54 59.02
CA ALA F 742 66.94 -0.64 59.68
C ALA F 742 67.63 0.53 60.36
N ALA F 743 68.89 0.37 60.77
CA ALA F 743 69.61 1.44 61.46
C ALA F 743 70.70 2.04 60.57
N ALA F 744 70.61 1.85 59.26
CA ALA F 744 71.62 2.43 58.38
C ALA F 744 71.53 3.94 58.41
N THR F 745 72.70 4.59 58.42
CA THR F 745 72.77 6.05 58.44
C THR F 745 72.82 6.59 57.02
N LEU F 746 72.62 7.91 56.90
CA LEU F 746 72.72 8.53 55.58
C LEU F 746 74.11 8.34 55.00
N ALA F 747 75.14 8.45 55.84
CA ALA F 747 76.50 8.23 55.37
C ALA F 747 76.68 6.82 54.82
N GLN F 748 76.03 5.83 55.43
CA GLN F 748 76.16 4.47 54.95
C GLN F 748 75.40 4.26 53.65
N TYR F 749 74.22 4.88 53.51
CA TYR F 749 73.51 4.82 52.24
C TYR F 749 74.31 5.47 51.13
N LEU F 750 74.97 6.60 51.44
CA LEU F 750 75.78 7.29 50.44
C LEU F 750 76.96 6.41 50.01
N ASP F 751 77.60 5.75 50.99
CA ASP F 751 78.73 4.88 50.66
C ASP F 751 78.25 3.67 49.87
N ALA F 752 77.07 3.15 50.20
CA ALA F 752 76.52 2.04 49.42
C ALA F 752 76.19 2.50 48.01
N ALA F 753 75.65 3.72 47.87
CA ALA F 753 75.36 4.26 46.56
C ALA F 753 76.64 4.52 45.77
N ALA F 754 77.72 4.92 46.44
CA ALA F 754 78.98 5.23 45.78
C ALA F 754 79.97 4.08 45.87
N ALA F 755 79.49 2.86 46.14
CA ALA F 755 80.39 1.72 46.30
C ALA F 755 81.05 1.32 44.99
N GLY F 756 80.45 1.64 43.85
CA GLY F 756 80.95 1.22 42.57
C GLY F 756 82.11 2.05 42.05
N ASP F 757 82.46 1.77 40.80
CA ASP F 757 83.58 2.41 40.10
C ASP F 757 83.04 3.43 39.11
N GLY F 758 83.22 4.71 39.41
CA GLY F 758 82.83 5.80 38.54
C GLY F 758 83.96 6.47 37.77
N SER F 759 85.19 5.96 37.86
CA SER F 759 86.32 6.60 37.18
C SER F 759 86.17 6.56 35.67
N GLY F 760 85.65 5.46 35.12
CA GLY F 760 85.50 5.35 33.68
C GLY F 760 84.26 6.06 33.19
N THR F 761 83.12 5.76 33.81
CA THR F 761 81.86 6.40 33.48
C THR F 761 81.09 6.59 34.78
N SER F 762 80.61 7.82 35.01
CA SER F 762 79.88 8.10 36.23
C SER F 762 78.56 7.34 36.23
N VAL F 763 78.17 6.85 37.40
CA VAL F 763 76.98 6.04 37.55
C VAL F 763 76.03 6.74 38.51
N ALA F 764 74.73 6.58 38.26
CA ALA F 764 73.69 7.15 39.10
C ALA F 764 72.97 6.01 39.82
N LYS F 765 72.78 6.16 41.12
CA LYS F 765 71.98 5.25 41.92
C LYS F 765 71.12 6.07 42.86
N TRP F 766 70.14 5.42 43.48
CA TRP F 766 69.22 6.11 44.36
C TRP F 766 68.83 5.21 45.53
N PHE F 767 68.34 5.86 46.59
CA PHE F 767 67.89 5.15 47.78
C PHE F 767 66.89 6.04 48.50
N GLN F 768 66.27 5.49 49.53
CA GLN F 768 65.34 6.23 50.37
C GLN F 768 65.77 6.12 51.82
N PHE F 769 65.90 7.26 52.49
CA PHE F 769 66.38 7.31 53.86
C PHE F 769 65.64 8.40 54.60
N GLY F 770 65.27 8.12 55.84
CA GLY F 770 64.64 9.13 56.68
C GLY F 770 63.37 9.72 56.10
N GLY F 771 62.66 8.97 55.26
CA GLY F 771 61.43 9.47 54.68
C GLY F 771 61.61 10.35 53.46
N ASP F 772 62.81 10.49 52.94
CA ASP F 772 63.09 11.26 51.74
C ASP F 772 63.83 10.38 50.73
N THR F 773 63.90 10.85 49.50
CA THR F 773 64.56 10.13 48.42
C THR F 773 65.80 10.88 47.97
N TYR F 774 66.86 10.12 47.66
CA TYR F 774 68.15 10.67 47.30
C TYR F 774 68.62 10.07 45.98
N VAL F 775 69.28 10.89 45.17
CA VAL F 775 69.91 10.45 43.93
C VAL F 775 71.40 10.73 44.04
N VAL F 776 72.22 9.78 43.61
CA VAL F 776 73.66 9.87 43.78
C VAL F 776 74.34 9.73 42.42
N VAL F 777 75.38 10.52 42.21
CA VAL F 777 76.24 10.40 41.04
C VAL F 777 77.63 10.01 41.54
N ASP F 778 78.06 8.80 41.23
CA ASP F 778 79.36 8.28 41.65
C ASP F 778 80.38 8.59 40.57
N SER F 779 81.39 9.39 40.91
CA SER F 779 82.44 9.77 39.96
C SER F 779 83.82 9.42 40.49
N SER F 780 83.91 8.40 41.33
CA SER F 780 85.19 8.01 41.92
C SER F 780 85.25 6.51 42.10
N ALA F 781 86.47 5.97 42.03
CA ALA F 781 86.66 4.52 42.09
C ALA F 781 86.43 3.98 43.49
N GLY F 782 86.69 4.79 44.53
CA GLY F 782 86.57 4.30 45.89
C GLY F 782 85.16 3.87 46.23
N ALA F 783 85.06 3.03 47.25
CA ALA F 783 83.79 2.52 47.72
C ALA F 783 83.09 3.46 48.68
N THR F 784 83.73 4.56 49.06
CA THR F 784 83.14 5.55 49.95
C THR F 784 82.73 6.79 49.14
N PHE F 785 81.60 7.37 49.51
CA PHE F 785 81.13 8.59 48.88
C PHE F 785 82.16 9.70 49.06
N VAL F 786 82.52 10.34 47.96
CA VAL F 786 83.55 11.39 47.96
C VAL F 786 82.83 12.74 47.89
N SER F 787 82.95 13.50 48.97
CA SER F 787 82.31 14.81 49.03
C SER F 787 82.99 15.77 48.07
N GLY F 788 82.20 16.49 47.27
CA GLY F 788 82.74 17.41 46.30
C GLY F 788 83.11 16.78 44.98
N ALA F 789 83.24 15.46 44.91
CA ALA F 789 83.50 14.74 43.68
C ALA F 789 82.29 13.94 43.21
N ASP F 790 81.70 13.17 44.11
CA ASP F 790 80.39 12.57 43.88
C ASP F 790 79.30 13.49 44.43
N ALA F 791 78.13 13.43 43.81
CA ALA F 791 77.03 14.32 44.11
C ALA F 791 75.85 13.56 44.71
N VAL F 792 75.09 14.25 45.55
CA VAL F 792 73.85 13.73 46.10
C VAL F 792 72.76 14.80 45.94
N ILE F 793 71.60 14.38 45.45
CA ILE F 793 70.44 15.25 45.28
C ILE F 793 69.31 14.67 46.11
N LYS F 794 68.66 15.54 46.90
CA LYS F 794 67.62 15.10 47.82
C LYS F 794 66.26 15.56 47.30
N LEU F 795 65.30 14.63 47.32
CA LEU F 795 63.91 14.92 46.99
C LEU F 795 63.05 14.70 48.23
N THR F 796 62.28 15.72 48.60
CA THR F 796 61.45 15.62 49.79
C THR F 796 60.38 14.56 49.61
N GLY F 797 60.28 13.65 50.58
CA GLY F 797 59.29 12.59 50.53
C GLY F 797 59.78 11.34 49.84
N LEU F 798 58.91 10.34 49.80
CA LEU F 798 59.20 9.09 49.12
C LEU F 798 58.69 9.14 47.68
N VAL F 799 59.62 9.18 46.72
CA VAL F 799 59.30 9.17 45.31
C VAL F 799 59.93 7.92 44.70
N THR F 800 59.11 7.08 44.10
CA THR F 800 59.60 5.86 43.47
C THR F 800 60.30 6.19 42.16
N LEU F 801 61.58 5.83 42.07
CA LEU F 801 62.37 6.10 40.88
C LEU F 801 62.59 4.86 40.03
N THR F 802 61.94 3.74 40.36
CA THR F 802 62.25 2.47 39.71
C THR F 802 61.83 2.49 38.24
N THR F 803 60.65 3.00 37.92
CA THR F 803 60.18 3.01 36.54
C THR F 803 60.53 4.28 35.79
N SER F 804 61.23 5.23 36.43
CA SER F 804 61.65 6.47 35.77
C SER F 804 63.00 6.29 35.11
N ALA F 805 63.17 6.87 33.92
CA ALA F 805 64.32 6.57 33.07
C ALA F 805 65.17 7.80 32.80
N PHE F 806 66.47 7.55 32.62
CA PHE F 806 67.43 8.55 32.22
C PHE F 806 67.49 8.59 30.69
N ALA F 807 67.34 9.78 30.11
CA ALA F 807 67.47 9.97 28.67
C ALA F 807 68.51 11.06 28.42
N THR F 808 69.63 10.67 27.81
CA THR F 808 70.81 11.51 27.66
C THR F 808 71.05 12.34 28.92
N GLU F 809 71.29 11.60 30.02
CA GLU F 809 71.66 12.15 31.33
C GLU F 809 70.56 13.01 31.95
N VAL F 810 69.32 12.84 31.52
CA VAL F 810 68.18 13.55 32.11
C VAL F 810 67.19 12.52 32.61
N LEU F 811 66.85 12.59 33.90
CA LEU F 811 65.89 11.67 34.49
C LEU F 811 64.51 12.31 34.48
N THR F 812 63.54 11.64 33.83
CA THR F 812 62.16 12.10 33.82
C THR F 812 61.35 11.21 34.76
N LEU F 813 60.74 11.83 35.77
CA LEU F 813 60.01 11.07 36.77
C LEU F 813 58.78 10.42 36.14
N ALA F 814 58.63 9.12 36.34
CA ALA F 814 57.49 8.39 35.79
C ALA F 814 56.79 7.55 36.86
#